data_8D5A
#
_entry.id   8D5A
#
_cell.length_a   1.00
_cell.length_b   1.00
_cell.length_c   1.00
_cell.angle_alpha   90.00
_cell.angle_beta   90.00
_cell.angle_gamma   90.00
#
_symmetry.space_group_name_H-M   'P 1'
#
loop_
_entity.id
_entity.type
_entity.pdbx_description
1 polymer 'Spike glycoprotein'
2 branched alpha-D-mannopyranose-(1-4)-2-acetamido-2-deoxy-beta-D-glucopyranose-(1-4)-2-acetamido-2-deoxy-beta-D-glucopyranose
3 branched 2-acetamido-2-deoxy-beta-D-glucopyranose-(1-4)-2-acetamido-2-deoxy-beta-D-glucopyranose
4 branched 2-acetamido-2-deoxy-beta-D-glucopyranose-(1-4)-[alpha-L-fucopyranose-(1-6)]2-acetamido-2-deoxy-beta-D-glucopyranose
5 non-polymer 2-acetamido-2-deoxy-beta-D-glucopyranose
#
_entity_poly.entity_id   1
_entity_poly.type   'polypeptide(L)'
_entity_poly.pdbx_seq_one_letter_code
;MFVFLVLLPLVSSQCVNLITRTQSYTNSFTRGVYYPDKVFRSSVLHSTQDLFLPFFSNVTWFHAIHVSGTNGTKRFDNPV
LPFNDGVYFASTEKSNIIRGWIFGTTLDSKTQSLLIVNNATNVVIKVCEFQFCNDPFLDVYYHKNNKSWMESEFRVYSSA
NNCTFEYVSQPFLMDLEGKQGNFKNLREFVFKNIDGYFKIYSKHTPINLGRDLPQGFSALEPLVDLPIGINITRFQTLLA
LHRSYLTPGDSSSGWTAGAAAYYVGYLQPRTFLLKYNENGTITDAVDCALDPLSETKCTLKSFTVEKGIYQTSNFRVQPT
ESIVRFPNITNLCPFDEVFNATRFASVYAWNRKRISNCVADYSVLYNFAPFFAFKCYGVSPTKLNDLCFTNVYADSFVIR
GNEVSQIAPGQTGNIADYNYKLPDDFTGCVIAWNSNKLDSKVGGNYNYLYRLFRKSNLKPFERDISTEIYQAGNKPCNGV
AGFNCYFPLRSYGFRPTYGVGHQPYRVVVLSFELLHAPATVCGPKKSTNLVKNKCVNFNFNGLTGTGVLTESNKKFLPFQ
QFGRDIADTTDAVRDPQTLEILDITPCSFGGVSVITPGTNTSNQVAVLYQGVNCTEVPVAIHADQLTPTWRVYSTGSNVF
QTRAGCLIGAEYVNNSYECDIPIGAGICASYQTQTKSHRRARSVASQSIIAYTMSLGAENSVAYSNNSIAIPTNFTISVT
TEILPVSMTKTSVDCTMYICGDSTECSNLLLQYGSFCTQLKRALTGIAVEQDKNTQEVFAQVKQIYKTPPIKYFGGFNFS
QILPDPSKPSKRSFIEDLLFNKVTLADAGFIKQYGDCLGDIAARDLICAQKFNGLTVLPPLLTDEMIAQYTSALLAGTIT
SGWTFGAGAALQIPFAMQMAYRFNGIGVTQNVLYENQKLIANQFNSAIGKIQDSLSSTASALGKLQDVVNHNAQALNTLV
KQLSSKFGAISSVLNDILSRLDKVEAEVQIDRLITGRLQSLQTYVTQQLIRAAEIRASANLAATKMSECVLGQSKRVDFC
GKGYHLMSFPQSAPHGVVFLHVTYVPAQEKNFTTAPAICHDGKAHFPREGVFVSNGTHWFVTQRNFYEPQIITTDNTFVS
GNCDVVIGIVNNTVYDPLQPELDSFKEELDKYFKNHTSPDVDLGDISGINASVVNIQKEIDRLNEVAKNLNESLIDLQEL
GKYEQYIKWPWYIWLGFIAGLIAIVMVTIMLCCMTSCCSCLKGCCSCGSCCKFDEDDSEPVLKGVKLHYTSGGGSAWSHP
QFEKGGGSGGGSGGSSAWSHPQFEK
;
_entity_poly.pdbx_strand_id   A,B,C
#
loop_
_chem_comp.id
_chem_comp.type
_chem_comp.name
_chem_comp.formula
FUC L-saccharide, alpha linking alpha-L-fucopyranose 'C6 H12 O5'
MAN D-saccharide, alpha linking alpha-D-mannopyranose 'C6 H12 O6'
NAG D-saccharide, beta linking 2-acetamido-2-deoxy-beta-D-glucopyranose 'C8 H15 N O6'
#
# COMPACT_ATOMS: atom_id res chain seq x y z
N GLN A 14 -14.42 18.79 69.40
CA GLN A 14 -14.98 20.19 69.31
C GLN A 14 -15.54 20.42 67.90
N CYS A 15 -16.56 21.27 67.74
CA CYS A 15 -17.19 21.57 66.45
C CYS A 15 -17.68 23.05 66.34
N VAL A 16 -16.84 23.99 66.74
CA VAL A 16 -17.10 25.43 66.55
C VAL A 16 -16.92 25.77 65.07
N ASN A 17 -17.89 26.45 64.43
CA ASN A 17 -17.79 26.96 63.05
C ASN A 17 -17.64 28.50 63.06
N LEU A 18 -16.73 29.02 62.24
CA LEU A 18 -16.15 30.36 62.44
C LEU A 18 -15.69 31.09 61.15
N ILE A 19 -15.67 30.48 59.98
CA ILE A 19 -15.06 31.06 58.75
C ILE A 19 -16.14 31.54 57.79
N THR A 20 -15.94 32.76 57.31
CA THR A 20 -16.82 33.37 56.32
C THR A 20 -15.93 34.02 55.28
N ARG A 21 -16.04 33.55 54.05
CA ARG A 21 -15.26 34.06 52.94
C ARG A 21 -16.18 34.24 51.74
N THR A 22 -15.81 35.15 50.86
CA THR A 22 -16.59 35.41 49.65
C THR A 22 -15.76 35.12 48.41
N GLN A 23 -16.41 35.04 47.26
CA GLN A 23 -15.74 34.74 46.01
C GLN A 23 -16.02 35.76 44.88
N SER A 24 -15.11 35.86 43.92
CA SER A 24 -15.25 36.61 42.66
C SER A 24 -14.63 35.81 41.52
N TYR A 25 -14.96 36.09 40.26
CA TYR A 25 -14.32 35.42 39.12
C TYR A 25 -13.07 36.14 38.55
N THR A 26 -12.09 35.40 38.04
CA THR A 26 -10.88 35.95 37.44
C THR A 26 -10.34 35.07 36.29
N ASN A 27 -9.59 35.68 35.37
CA ASN A 27 -9.00 35.07 34.19
C ASN A 27 -7.69 34.30 34.51
N SER A 28 -7.67 32.97 34.41
CA SER A 28 -6.44 32.19 34.45
C SER A 28 -5.86 32.13 33.03
N PHE A 29 -5.08 33.15 32.68
CA PHE A 29 -4.58 33.37 31.32
C PHE A 29 -3.92 32.11 30.73
N THR A 30 -2.92 31.58 31.45
CA THR A 30 -1.94 30.60 30.94
C THR A 30 -1.61 29.52 31.98
N ARG A 31 -1.94 29.80 33.24
CA ARG A 31 -1.54 28.91 34.36
C ARG A 31 -2.12 27.50 34.51
N GLY A 32 -1.38 26.63 35.21
CA GLY A 32 -1.89 25.27 35.43
C GLY A 32 -1.48 24.23 34.41
N VAL A 33 -0.45 24.50 33.60
CA VAL A 33 0.21 23.44 32.82
C VAL A 33 1.32 22.81 33.68
N TYR A 34 1.62 21.53 33.47
CA TYR A 34 2.54 20.75 34.28
C TYR A 34 3.24 19.70 33.42
N TYR A 35 4.44 19.26 33.83
CA TYR A 35 5.16 18.17 33.14
C TYR A 35 4.33 16.86 33.22
N PRO A 36 3.81 16.31 32.11
CA PRO A 36 2.78 15.26 32.13
C PRO A 36 3.33 13.85 32.47
N ASP A 37 4.64 13.63 32.30
CA ASP A 37 5.35 12.36 32.55
C ASP A 37 6.83 12.64 32.91
N LYS A 38 7.50 11.69 33.61
CA LYS A 38 8.84 11.78 34.24
C LYS A 38 10.03 11.79 33.25
N VAL A 39 9.84 12.25 32.03
CA VAL A 39 10.80 12.11 30.92
C VAL A 39 11.47 13.46 30.64
N PHE A 40 12.74 13.47 30.24
CA PHE A 40 13.42 14.67 29.75
C PHE A 40 13.22 14.84 28.26
N ARG A 41 12.92 16.08 27.85
CA ARG A 41 12.74 16.46 26.44
C ARG A 41 13.17 17.93 26.24
N SER A 42 13.98 18.21 25.21
CA SER A 42 14.41 19.59 24.97
C SER A 42 14.34 20.00 23.50
N SER A 43 14.12 21.29 23.24
CA SER A 43 13.93 21.91 21.93
C SER A 43 12.79 21.37 21.04
N VAL A 44 12.12 20.28 21.42
CA VAL A 44 10.99 19.69 20.71
C VAL A 44 9.63 20.29 21.14
N LEU A 45 8.61 20.24 20.28
CA LEU A 45 7.23 20.58 20.62
C LEU A 45 6.46 19.25 20.73
N HIS A 46 5.80 18.98 21.85
CA HIS A 46 5.09 17.71 22.14
C HIS A 46 3.59 17.93 22.34
N SER A 47 2.73 17.15 21.66
CA SER A 47 1.29 17.18 21.89
C SER A 47 0.76 15.99 22.68
N THR A 48 -0.11 16.26 23.64
CA THR A 48 -0.57 15.28 24.63
C THR A 48 -1.98 15.58 25.11
N GLN A 49 -2.74 14.53 25.43
CA GLN A 49 -4.07 14.64 26.01
C GLN A 49 -4.00 14.26 27.48
N ASP A 50 -4.41 15.16 28.38
CA ASP A 50 -4.42 14.87 29.81
C ASP A 50 -5.41 15.79 30.54
N LEU A 51 -5.64 15.53 31.83
CA LEU A 51 -6.42 16.43 32.65
C LEU A 51 -5.65 17.73 32.89
N PHE A 52 -5.99 18.82 32.20
CA PHE A 52 -5.34 20.14 32.28
C PHE A 52 -6.33 21.26 32.59
N LEU A 53 -5.87 22.36 33.19
CA LEU A 53 -6.68 23.59 33.30
C LEU A 53 -6.61 24.32 31.94
N PRO A 54 -7.72 24.56 31.19
CA PRO A 54 -7.72 25.27 29.92
C PRO A 54 -7.16 26.70 30.01
N PHE A 55 -6.57 27.21 28.91
CA PHE A 55 -6.15 28.59 28.78
C PHE A 55 -7.32 29.57 28.83
N PHE A 56 -7.06 30.75 29.40
CA PHE A 56 -8.05 31.79 29.60
C PHE A 56 -9.36 31.31 30.27
N SER A 57 -9.27 30.21 31.03
CA SER A 57 -10.38 29.73 31.84
C SER A 57 -10.71 30.68 33.01
N ASN A 58 -11.80 30.38 33.72
CA ASN A 58 -12.38 31.17 34.80
C ASN A 58 -12.08 30.50 36.14
N VAL A 59 -11.29 31.17 36.97
CA VAL A 59 -10.93 30.73 38.35
C VAL A 59 -11.76 31.49 39.38
N THR A 60 -12.29 30.73 40.32
CA THR A 60 -13.00 31.25 41.46
C THR A 60 -11.97 31.77 42.45
N TRP A 61 -11.79 33.09 42.49
CA TRP A 61 -10.93 33.70 43.49
C TRP A 61 -11.73 33.79 44.80
N PHE A 62 -11.23 33.14 45.84
CA PHE A 62 -11.82 33.18 47.16
C PHE A 62 -11.07 34.18 48.04
N HIS A 63 -11.82 34.97 48.80
CA HIS A 63 -11.33 35.58 50.02
C HIS A 63 -11.97 34.85 51.23
N ALA A 64 -11.13 34.31 52.11
CA ALA A 64 -11.51 33.80 53.42
C ALA A 64 -11.16 34.84 54.49
N ILE A 65 -12.05 35.06 55.47
CA ILE A 65 -11.77 35.95 56.61
C ILE A 65 -12.53 35.42 57.85
N HIS A 66 -11.86 35.50 59.01
CA HIS A 66 -12.32 34.92 60.28
C HIS A 66 -13.19 35.90 61.11
N VAL A 67 -12.93 37.20 61.08
CA VAL A 67 -13.66 38.24 61.83
C VAL A 67 -13.51 38.16 63.37
N SER A 68 -13.17 37.00 63.94
CA SER A 68 -13.18 36.72 65.38
C SER A 68 -14.55 36.93 66.02
N ASP A 77 -22.32 29.26 55.43
CA ASP A 77 -21.55 30.43 54.97
C ASP A 77 -20.37 30.11 54.01
N ASN A 78 -19.33 29.40 54.45
CA ASN A 78 -18.26 28.89 53.56
C ASN A 78 -18.64 27.50 53.01
N PRO A 79 -18.82 27.36 51.69
CA PRO A 79 -19.22 26.08 51.10
C PRO A 79 -18.04 25.11 50.91
N VAL A 80 -18.24 23.83 51.19
CA VAL A 80 -17.31 22.77 50.74
C VAL A 80 -17.32 22.73 49.21
N LEU A 81 -16.13 22.64 48.60
CA LEU A 81 -15.94 22.81 47.15
C LEU A 81 -15.97 21.44 46.45
N PRO A 82 -16.53 21.31 45.24
CA PRO A 82 -16.54 20.02 44.54
C PRO A 82 -15.13 19.64 44.03
N PHE A 83 -14.91 18.39 43.63
CA PHE A 83 -13.65 17.88 43.12
C PHE A 83 -13.87 17.02 41.87
N ASN A 84 -14.54 17.58 40.86
CA ASN A 84 -14.83 16.88 39.60
C ASN A 84 -13.53 16.70 38.78
N ASP A 85 -13.14 15.44 38.54
CA ASP A 85 -11.92 14.96 37.86
C ASP A 85 -10.56 15.40 38.44
N GLY A 86 -10.38 16.69 38.76
CA GLY A 86 -9.15 17.22 39.35
C GLY A 86 -9.20 18.75 39.51
N VAL A 87 -8.23 19.29 40.22
CA VAL A 87 -8.24 20.72 40.64
C VAL A 87 -6.92 21.41 40.35
N TYR A 88 -6.94 22.69 39.96
CA TYR A 88 -5.81 23.58 40.09
C TYR A 88 -6.13 24.51 41.25
N PHE A 89 -5.20 24.62 42.17
CA PHE A 89 -5.30 25.43 43.38
C PHE A 89 -4.09 26.36 43.42
N ALA A 90 -4.23 27.62 43.81
CA ALA A 90 -3.08 28.51 43.96
C ALA A 90 -3.29 29.53 45.05
N SER A 91 -2.22 30.02 45.67
CA SER A 91 -2.28 31.00 46.76
C SER A 91 -0.97 31.79 46.88
N THR A 92 -1.04 32.92 47.56
CA THR A 92 0.06 33.86 47.69
C THR A 92 0.08 34.49 49.09
N GLU A 93 -0.42 33.79 50.10
CA GLU A 93 -0.63 34.34 51.44
C GLU A 93 0.52 33.96 52.42
N LYS A 94 0.92 34.94 53.25
CA LYS A 94 2.00 34.85 54.21
C LYS A 94 1.64 34.11 55.49
N SER A 95 2.63 33.86 56.34
CA SER A 95 2.51 33.13 57.63
C SER A 95 2.02 31.68 57.47
N ASN A 96 2.08 31.15 56.25
CA ASN A 96 1.73 29.77 55.89
C ASN A 96 0.28 29.39 56.26
N ILE A 97 -0.58 30.40 56.40
CA ILE A 97 -1.92 30.29 56.99
C ILE A 97 -2.81 29.20 56.39
N ILE A 98 -2.72 28.94 55.08
CA ILE A 98 -3.35 27.73 54.49
C ILE A 98 -2.39 26.56 54.77
N ARG A 99 -2.61 25.89 55.90
CA ARG A 99 -1.75 24.79 56.30
C ARG A 99 -2.03 23.46 55.62
N GLY A 100 -3.17 23.35 54.92
CA GLY A 100 -3.46 22.11 54.27
C GLY A 100 -4.66 22.08 53.34
N TRP A 101 -4.98 20.89 52.86
CA TRP A 101 -6.13 20.59 52.03
C TRP A 101 -6.75 19.27 52.49
N ILE A 102 -8.07 19.22 52.45
CA ILE A 102 -8.85 18.05 52.90
C ILE A 102 -9.78 17.65 51.76
N PHE A 103 -9.87 16.37 51.43
CA PHE A 103 -10.67 15.86 50.31
C PHE A 103 -11.54 14.69 50.80
N GLY A 104 -12.76 14.57 50.26
CA GLY A 104 -13.69 13.54 50.69
C GLY A 104 -14.65 13.04 49.63
N THR A 105 -15.24 11.88 49.88
CA THR A 105 -16.38 11.31 49.18
C THR A 105 -17.66 11.40 50.01
N THR A 106 -17.60 11.26 51.34
CA THR A 106 -18.75 11.39 52.25
C THR A 106 -18.53 12.22 53.52
N LEU A 107 -17.29 12.66 53.85
CA LEU A 107 -16.90 13.49 55.01
C LEU A 107 -17.09 12.84 56.42
N ASP A 108 -17.92 11.80 56.53
CA ASP A 108 -18.47 11.28 57.78
C ASP A 108 -18.01 9.86 58.16
N SER A 109 -16.72 9.54 57.96
CA SER A 109 -16.01 8.29 58.36
C SER A 109 -16.48 6.97 57.73
N LYS A 110 -17.57 6.93 56.95
CA LYS A 110 -18.09 5.68 56.35
C LYS A 110 -17.08 5.02 55.39
N THR A 111 -16.30 5.86 54.70
CA THR A 111 -15.12 5.48 53.90
C THR A 111 -13.93 6.25 54.43
N GLN A 112 -12.70 5.78 54.15
CA GLN A 112 -11.55 6.64 54.32
C GLN A 112 -11.72 7.98 53.58
N SER A 113 -10.96 8.99 54.02
CA SER A 113 -10.97 10.37 53.55
C SER A 113 -9.57 10.99 53.66
N LEU A 114 -9.26 11.98 52.82
CA LEU A 114 -7.87 12.39 52.58
C LEU A 114 -7.54 13.71 53.27
N LEU A 115 -6.44 13.76 54.02
CA LEU A 115 -5.92 14.98 54.63
C LEU A 115 -4.43 15.22 54.37
N ILE A 116 -4.10 16.43 53.98
CA ILE A 116 -2.77 16.99 54.05
C ILE A 116 -2.75 18.06 55.14
N VAL A 117 -1.74 17.99 56.02
CA VAL A 117 -1.41 19.03 56.97
C VAL A 117 0.07 19.35 56.93
N ASN A 118 0.36 20.63 56.96
CA ASN A 118 1.71 21.18 57.00
C ASN A 118 1.99 21.93 58.30
N ASN A 119 3.23 21.89 58.76
CA ASN A 119 3.76 22.79 59.79
C ASN A 119 5.18 23.23 59.44
N ALA A 120 5.78 24.14 60.21
CA ALA A 120 7.05 24.82 59.83
C ALA A 120 8.25 23.86 59.52
N THR A 121 8.18 22.58 59.89
CA THR A 121 9.25 21.61 59.56
C THR A 121 8.78 20.26 59.01
N ASN A 122 7.47 20.01 58.83
CA ASN A 122 6.92 18.77 58.29
C ASN A 122 5.67 18.95 57.42
N VAL A 123 5.43 17.94 56.58
CA VAL A 123 4.12 17.58 55.96
C VAL A 123 3.69 16.26 56.57
N VAL A 124 2.41 16.10 56.89
CA VAL A 124 1.76 14.80 57.05
C VAL A 124 0.62 14.65 56.04
N ILE A 125 0.65 13.54 55.31
CA ILE A 125 -0.45 13.13 54.44
C ILE A 125 -1.06 11.88 55.09
N LYS A 126 -2.36 11.91 55.36
CA LYS A 126 -3.05 10.86 56.12
C LYS A 126 -4.43 10.52 55.55
N VAL A 127 -4.79 9.23 55.50
CA VAL A 127 -5.97 8.72 54.80
C VAL A 127 -6.75 7.72 55.64
N CYS A 128 -7.78 8.20 56.32
CA CYS A 128 -8.46 7.48 57.39
C CYS A 128 -9.96 7.76 57.41
N GLU A 129 -10.70 6.89 58.07
CA GLU A 129 -12.13 7.04 58.40
C GLU A 129 -12.35 8.16 59.44
N PHE A 130 -12.11 9.39 59.02
CA PHE A 130 -12.35 10.60 59.80
C PHE A 130 -13.80 11.01 59.70
N GLN A 131 -14.38 11.46 60.81
CA GLN A 131 -15.51 12.38 60.80
C GLN A 131 -14.93 13.80 60.92
N PHE A 132 -14.86 14.51 59.80
CA PHE A 132 -14.48 15.93 59.88
C PHE A 132 -15.60 16.75 60.52
N CYS A 133 -15.33 17.96 61.02
CA CYS A 133 -16.39 18.84 61.54
C CYS A 133 -17.21 19.49 60.40
N ASN A 134 -17.00 20.78 60.14
CA ASN A 134 -17.66 21.60 59.09
C ASN A 134 -16.72 22.75 58.72
N ASP A 135 -16.06 23.37 59.72
CA ASP A 135 -14.86 24.22 59.51
C ASP A 135 -13.60 23.53 60.03
N PRO A 136 -12.91 22.69 59.22
CA PRO A 136 -11.69 22.07 59.68
C PRO A 136 -10.47 23.00 59.55
N PHE A 137 -9.78 23.26 60.66
CA PHE A 137 -8.51 23.98 60.68
C PHE A 137 -7.64 23.51 61.85
N LEU A 138 -6.34 23.84 61.89
CA LEU A 138 -5.52 23.61 63.09
C LEU A 138 -5.63 24.79 64.04
N ASP A 139 -5.81 24.51 65.33
CA ASP A 139 -5.97 25.52 66.37
C ASP A 139 -4.63 25.90 67.04
N VAL A 140 -3.65 26.35 66.24
CA VAL A 140 -2.28 26.63 66.72
C VAL A 140 -2.21 27.77 67.73
N TYR A 141 -1.53 27.56 68.86
CA TYR A 141 -1.23 28.64 69.81
C TYR A 141 0.02 28.39 70.67
N TYR A 142 0.49 29.44 71.37
CA TYR A 142 1.55 29.33 72.35
C TYR A 142 0.97 28.78 73.67
N HIS A 143 1.11 27.48 73.88
CA HIS A 143 0.54 26.79 75.04
C HIS A 143 1.44 26.98 76.28
N LYS A 144 1.02 27.82 77.23
CA LYS A 144 1.82 28.23 78.40
C LYS A 144 2.33 27.04 79.26
N ASN A 145 1.51 25.98 79.37
CA ASN A 145 1.90 24.72 80.05
C ASN A 145 3.08 23.97 79.40
N ASN A 146 3.22 24.07 78.08
CA ASN A 146 4.35 23.51 77.30
C ASN A 146 5.34 24.56 76.74
N LYS A 147 5.13 25.85 77.06
CA LYS A 147 5.98 27.01 76.78
C LYS A 147 6.38 27.13 75.30
N SER A 148 5.47 26.74 74.40
CA SER A 148 5.80 26.57 72.98
C SER A 148 4.58 26.62 72.05
N TRP A 149 4.77 26.85 70.74
CA TRP A 149 3.74 26.87 69.71
C TRP A 149 3.36 25.47 69.20
N MET A 150 2.09 25.11 69.32
CA MET A 150 1.51 23.90 68.72
C MET A 150 -0.04 23.95 68.67
N GLU A 151 -0.68 23.04 67.95
CA GLU A 151 -2.14 22.93 68.00
C GLU A 151 -2.68 22.67 69.43
N SER A 152 -3.66 23.46 69.85
CA SER A 152 -4.36 23.32 71.13
C SER A 152 -5.03 21.96 71.32
N GLU A 153 -5.80 21.55 70.32
CA GLU A 153 -6.80 20.48 70.35
C GLU A 153 -7.24 20.24 68.89
N PHE A 154 -7.44 19.00 68.47
CA PHE A 154 -7.82 18.69 67.08
C PHE A 154 -9.22 19.23 66.75
N ARG A 155 -9.27 20.23 65.86
CA ARG A 155 -10.53 20.83 65.47
C ARG A 155 -10.99 20.40 64.07
N VAL A 156 -10.12 19.66 63.38
CA VAL A 156 -10.41 19.17 62.02
C VAL A 156 -11.39 18.00 62.05
N TYR A 157 -11.21 17.05 62.96
CA TYR A 157 -12.07 15.88 63.09
C TYR A 157 -12.32 15.58 64.56
N SER A 158 -13.43 14.88 64.81
CA SER A 158 -13.79 14.38 66.15
C SER A 158 -13.10 13.06 66.45
N SER A 159 -12.98 12.15 65.47
CA SER A 159 -12.42 10.81 65.59
C SER A 159 -11.81 10.31 64.28
N ALA A 160 -10.92 9.32 64.39
CA ALA A 160 -10.35 8.56 63.29
C ALA A 160 -10.48 7.04 63.53
N ASN A 161 -11.25 6.30 62.70
CA ASN A 161 -11.56 4.89 63.01
C ASN A 161 -10.48 3.90 62.54
N ASN A 162 -10.09 3.95 61.26
CA ASN A 162 -9.06 3.12 60.65
C ASN A 162 -8.52 3.78 59.37
N CYS A 163 -7.34 3.39 58.90
CA CYS A 163 -6.63 4.04 57.80
C CYS A 163 -6.24 3.07 56.69
N THR A 164 -6.10 3.61 55.47
CA THR A 164 -5.44 2.86 54.33
C THR A 164 -4.08 3.42 53.91
N PHE A 165 -3.76 4.67 54.22
CA PHE A 165 -2.46 5.28 53.95
C PHE A 165 -2.05 6.38 54.92
N GLU A 166 -0.75 6.56 55.09
CA GLU A 166 -0.15 7.61 55.88
C GLU A 166 1.31 7.79 55.48
N TYR A 167 1.75 9.04 55.30
CA TYR A 167 3.11 9.42 54.91
C TYR A 167 3.50 10.75 55.55
N VAL A 168 4.79 10.92 55.83
CA VAL A 168 5.34 12.11 56.48
C VAL A 168 6.65 12.51 55.78
N SER A 169 6.86 13.83 55.64
CA SER A 169 7.99 14.40 54.88
C SER A 169 8.34 15.83 55.36
N GLN A 170 9.23 16.51 54.64
CA GLN A 170 9.57 17.94 54.80
C GLN A 170 8.55 18.86 54.07
N PRO A 171 8.42 20.16 54.47
CA PRO A 171 7.35 21.08 54.01
C PRO A 171 7.15 21.19 52.50
N PHE A 172 5.89 21.18 52.05
CA PHE A 172 5.53 21.53 50.67
C PHE A 172 5.86 23.02 50.29
N LEU A 173 6.12 23.89 51.26
CA LEU A 173 6.30 25.32 51.05
C LEU A 173 7.37 25.97 51.91
N MET A 174 7.88 27.11 51.43
CA MET A 174 8.78 28.02 52.13
C MET A 174 8.77 29.41 51.47
N ASP A 175 9.20 30.43 52.21
CA ASP A 175 9.15 31.84 51.78
C ASP A 175 10.22 32.18 50.71
N LEU A 176 10.03 33.25 49.95
CA LEU A 176 11.07 33.73 49.05
C LEU A 176 12.29 34.34 49.79
N GLU A 177 13.50 34.01 49.33
CA GLU A 177 14.74 34.32 50.07
C GLU A 177 15.10 35.81 50.10
N GLY A 178 15.39 36.34 51.27
CA GLY A 178 15.86 37.70 51.50
C GLY A 178 14.79 38.80 51.53
N LYS A 179 13.57 38.54 51.00
CA LYS A 179 12.40 39.42 50.90
C LYS A 179 12.62 40.73 50.08
N GLN A 180 11.52 41.31 49.60
CA GLN A 180 11.50 42.66 48.97
C GLN A 180 10.12 43.30 49.23
N GLY A 181 10.03 44.62 49.32
CA GLY A 181 8.80 45.30 49.70
C GLY A 181 7.67 45.18 48.67
N ASN A 182 6.50 44.69 49.11
CA ASN A 182 5.35 44.27 48.26
C ASN A 182 5.64 43.20 47.19
N PHE A 183 6.84 42.59 47.20
CA PHE A 183 7.16 41.42 46.38
C PHE A 183 6.46 40.16 46.97
N LYS A 184 6.14 39.18 46.15
CA LYS A 184 5.30 38.00 46.45
C LYS A 184 5.93 36.69 45.94
N ASN A 185 5.49 35.59 46.54
CA ASN A 185 5.62 34.25 45.93
C ASN A 185 4.20 33.76 45.59
N LEU A 186 3.98 33.29 44.36
CA LEU A 186 2.76 32.56 43.99
C LEU A 186 3.06 31.05 43.98
N ARG A 187 2.36 30.34 44.90
CA ARG A 187 2.43 28.87 45.15
C ARG A 187 1.24 28.16 44.50
N GLU A 188 1.53 27.19 43.60
CA GLU A 188 0.56 26.59 42.68
C GLU A 188 0.58 25.10 42.77
N PHE A 189 -0.61 24.49 42.78
CA PHE A 189 -0.75 23.05 43.01
C PHE A 189 -1.81 22.43 42.10
N VAL A 190 -1.51 21.26 41.54
CA VAL A 190 -2.43 20.53 40.64
C VAL A 190 -2.67 19.12 41.19
N PHE A 191 -3.94 18.80 41.43
CA PHE A 191 -4.42 17.56 42.03
C PHE A 191 -5.16 16.67 41.07
N LYS A 192 -4.69 15.43 40.94
CA LYS A 192 -5.41 14.39 40.18
C LYS A 192 -5.85 13.27 41.15
N ASN A 193 -7.12 12.89 41.12
CA ASN A 193 -7.57 11.61 41.67
C ASN A 193 -8.10 10.67 40.57
N ILE A 194 -7.26 10.36 39.58
CA ILE A 194 -7.63 9.59 38.39
C ILE A 194 -7.15 8.14 38.63
N ASP A 195 -8.03 7.18 38.36
CA ASP A 195 -7.98 5.75 38.71
C ASP A 195 -7.82 5.43 40.22
N GLY A 196 -8.07 6.37 41.13
CA GLY A 196 -7.88 6.28 42.59
C GLY A 196 -6.46 6.42 43.05
N TYR A 197 -5.49 6.40 42.14
CA TYR A 197 -4.10 6.74 42.44
C TYR A 197 -3.96 8.28 42.44
N PHE A 198 -3.65 8.86 43.60
CA PHE A 198 -3.61 10.30 43.77
C PHE A 198 -2.27 10.89 43.34
N LYS A 199 -2.26 12.05 42.66
CA LYS A 199 -1.02 12.73 42.27
C LYS A 199 -1.06 14.24 42.56
N ILE A 200 0.08 14.80 42.96
CA ILE A 200 0.25 16.23 43.23
C ILE A 200 1.42 16.73 42.38
N TYR A 201 1.21 17.82 41.64
CA TYR A 201 2.23 18.56 40.91
C TYR A 201 2.22 20.00 41.42
N SER A 202 3.37 20.69 41.47
CA SER A 202 3.43 22.03 42.04
C SER A 202 4.59 22.92 41.58
N LYS A 203 4.47 24.20 41.88
CA LYS A 203 5.48 25.24 41.55
C LYS A 203 5.42 26.39 42.54
N HIS A 204 6.55 27.03 42.77
CA HIS A 204 6.68 28.33 43.47
C HIS A 204 7.28 29.34 42.49
N THR A 205 6.86 30.61 42.57
CA THR A 205 7.26 31.64 41.59
C THR A 205 7.46 32.99 42.26
N PRO A 206 8.64 33.62 42.13
CA PRO A 206 8.85 34.98 42.61
C PRO A 206 8.24 36.02 41.65
N ILE A 207 7.32 36.84 42.14
CA ILE A 207 6.50 37.79 41.37
C ILE A 207 6.33 39.14 42.10
N ASN A 208 6.10 40.27 41.41
CA ASN A 208 5.97 41.58 42.07
C ASN A 208 4.69 42.29 41.60
N LEU A 209 3.71 42.47 42.51
CA LEU A 209 2.32 42.82 42.28
C LEU A 209 1.58 41.90 41.27
N GLY A 210 1.89 42.04 39.98
CA GLY A 210 1.46 41.12 38.91
C GLY A 210 -0.04 41.02 38.67
N ARG A 211 -0.83 42.00 39.09
CA ARG A 211 -2.30 41.90 39.21
C ARG A 211 -2.76 40.66 40.02
N ASP A 212 -2.05 40.37 41.10
CA ASP A 212 -2.25 39.26 42.05
C ASP A 212 -2.25 37.82 41.50
N LEU A 213 -2.36 37.62 40.20
CA LEU A 213 -2.25 36.36 39.41
C LEU A 213 -1.68 36.67 37.99
N PRO A 214 -0.35 36.78 37.84
CA PRO A 214 0.25 37.39 36.66
C PRO A 214 0.06 36.59 35.37
N GLN A 215 -0.10 37.31 34.26
CA GLN A 215 0.10 36.74 32.92
C GLN A 215 1.60 36.59 32.69
N GLY A 216 2.00 35.40 32.27
CA GLY A 216 3.37 34.92 32.13
C GLY A 216 3.38 33.41 31.89
N PHE A 217 4.47 32.74 32.23
CA PHE A 217 4.56 31.28 32.10
C PHE A 217 5.50 30.64 33.15
N SER A 218 5.09 29.47 33.61
CA SER A 218 5.83 28.50 34.45
C SER A 218 4.99 27.22 34.63
N ALA A 219 5.57 26.06 34.32
CA ALA A 219 4.95 24.76 34.44
C ALA A 219 5.10 24.18 35.86
N LEU A 220 4.17 23.32 36.30
CA LEU A 220 4.20 22.65 37.59
C LEU A 220 4.86 21.28 37.48
N GLU A 221 5.55 20.86 38.53
CA GLU A 221 6.43 19.68 38.55
C GLU A 221 5.91 18.61 39.54
N PRO A 222 6.02 17.30 39.24
CA PRO A 222 5.41 16.24 40.05
C PRO A 222 6.07 16.17 41.41
N LEU A 223 5.34 16.51 42.46
CA LEU A 223 5.83 16.61 43.84
C LEU A 223 5.58 15.32 44.63
N VAL A 224 4.42 14.68 44.39
CA VAL A 224 3.96 13.49 45.17
C VAL A 224 3.08 12.57 44.30
N ASP A 225 3.07 11.28 44.62
CA ASP A 225 2.42 10.24 43.84
C ASP A 225 2.05 9.11 44.81
N LEU A 226 0.75 8.90 45.13
CA LEU A 226 0.32 8.04 46.24
C LEU A 226 -0.77 7.01 45.84
N PRO A 227 -0.63 5.72 46.20
CA PRO A 227 -1.51 4.61 45.78
C PRO A 227 -2.80 4.54 46.61
N ILE A 228 -3.52 5.67 46.71
CA ILE A 228 -4.59 5.84 47.72
C ILE A 228 -5.80 4.92 47.48
N GLY A 229 -6.30 4.75 46.25
CA GLY A 229 -7.38 3.82 45.88
C GLY A 229 -8.79 4.21 46.29
N ILE A 230 -9.06 5.50 46.51
CA ILE A 230 -10.39 5.95 47.01
C ILE A 230 -11.09 6.89 46.04
N ASN A 231 -12.42 6.83 46.01
CA ASN A 231 -13.24 7.88 45.42
C ASN A 231 -13.12 9.20 46.20
N ILE A 232 -13.29 10.33 45.49
CA ILE A 232 -13.34 11.68 46.03
C ILE A 232 -14.36 12.46 45.21
N THR A 233 -14.99 13.49 45.80
CA THR A 233 -16.03 14.28 45.13
C THR A 233 -16.06 15.73 45.62
N ARG A 234 -15.47 16.05 46.77
CA ARG A 234 -15.44 17.40 47.34
C ARG A 234 -14.17 17.60 48.14
N PHE A 235 -13.83 18.85 48.43
CA PHE A 235 -12.62 19.25 49.16
C PHE A 235 -12.82 20.61 49.88
N GLN A 236 -11.96 20.87 50.85
CA GLN A 236 -12.01 22.07 51.67
C GLN A 236 -10.59 22.51 52.05
N THR A 237 -10.40 23.78 52.37
CA THR A 237 -9.10 24.42 52.56
C THR A 237 -8.78 24.69 54.03
N LEU A 238 -7.67 24.19 54.54
CA LEU A 238 -7.37 24.11 55.96
C LEU A 238 -6.61 25.39 56.38
N LEU A 239 -7.29 26.24 57.17
CA LEU A 239 -6.86 27.63 57.43
C LEU A 239 -6.57 27.90 58.93
N ALA A 240 -5.31 27.66 59.33
CA ALA A 240 -4.92 27.46 60.72
C ALA A 240 -4.50 28.73 61.48
N LEU A 241 -5.48 29.44 62.03
CA LEU A 241 -5.30 30.66 62.86
C LEU A 241 -4.51 30.45 64.17
N HIS A 242 -4.02 31.57 64.77
CA HIS A 242 -3.03 31.57 65.89
C HIS A 242 -3.57 31.66 67.32
N ARG A 243 -4.90 31.64 67.46
CA ARG A 243 -5.61 31.71 68.73
C ARG A 243 -4.97 32.53 69.86
N SER A 244 -5.09 33.86 69.76
CA SER A 244 -4.55 34.78 70.78
C SER A 244 -5.29 34.73 72.13
N TYR A 245 -4.74 35.47 73.11
CA TYR A 245 -5.29 35.58 74.46
C TYR A 245 -6.74 36.10 74.45
N SER A 253 -7.54 35.69 75.45
CA SER A 253 -9.01 35.77 75.54
C SER A 253 -9.82 34.97 74.50
N GLY A 254 -9.19 34.52 73.42
CA GLY A 254 -9.78 33.63 72.41
C GLY A 254 -9.55 34.09 70.97
N TRP A 255 -9.19 33.14 70.09
CA TRP A 255 -9.11 33.32 68.62
C TRP A 255 -8.26 34.50 68.11
N THR A 256 -8.24 34.70 66.79
CA THR A 256 -7.62 35.87 66.18
C THR A 256 -8.10 36.06 64.74
N ALA A 257 -8.34 37.31 64.36
CA ALA A 257 -8.89 37.71 63.06
C ALA A 257 -7.85 37.66 61.91
N GLY A 258 -7.67 36.49 61.29
CA GLY A 258 -6.94 36.33 60.03
C GLY A 258 -7.77 36.34 58.74
N ALA A 259 -7.13 36.53 57.60
CA ALA A 259 -7.72 36.49 56.27
C ALA A 259 -6.76 35.89 55.23
N ALA A 260 -7.28 35.21 54.20
CA ALA A 260 -6.47 34.59 53.15
C ALA A 260 -7.10 34.60 51.75
N ALA A 261 -6.29 34.92 50.74
CA ALA A 261 -6.63 34.86 49.33
C ALA A 261 -6.10 33.58 48.64
N TYR A 262 -6.99 32.86 47.97
CA TYR A 262 -6.64 31.70 47.12
C TYR A 262 -7.58 31.51 45.92
N TYR A 263 -7.11 30.82 44.88
CA TYR A 263 -7.82 30.63 43.62
C TYR A 263 -8.09 29.14 43.38
N VAL A 264 -9.24 28.81 42.80
CA VAL A 264 -9.53 27.43 42.41
C VAL A 264 -10.06 27.34 40.98
N GLY A 265 -9.63 26.34 40.22
CA GLY A 265 -10.15 26.01 38.91
C GLY A 265 -10.12 24.51 38.64
N TYR A 266 -11.01 24.07 37.76
CA TYR A 266 -11.15 22.66 37.47
C TYR A 266 -10.47 22.21 36.20
N LEU A 267 -9.74 21.11 36.32
CA LEU A 267 -9.04 20.50 35.19
C LEU A 267 -10.06 19.75 34.29
N GLN A 268 -9.77 19.67 33.00
CA GLN A 268 -10.60 19.00 31.99
C GLN A 268 -9.73 18.15 31.07
N PRO A 269 -10.26 17.14 30.36
CA PRO A 269 -9.49 16.29 29.45
C PRO A 269 -9.14 17.03 28.15
N ARG A 270 -8.27 18.04 28.29
CA ARG A 270 -7.82 18.91 27.18
C ARG A 270 -6.52 18.53 26.48
N THR A 271 -6.45 18.71 25.15
CA THR A 271 -5.24 18.39 24.39
C THR A 271 -4.36 19.65 24.38
N PHE A 272 -3.09 19.50 24.74
CA PHE A 272 -2.09 20.58 24.77
C PHE A 272 -0.99 20.29 23.75
N LEU A 273 -0.41 21.36 23.20
CA LEU A 273 0.87 21.38 22.53
C LEU A 273 1.86 22.14 23.42
N LEU A 274 2.96 21.49 23.79
CA LEU A 274 3.93 21.94 24.79
C LEU A 274 5.28 22.26 24.14
N LYS A 275 5.86 23.45 24.37
CA LYS A 275 7.18 23.83 23.85
C LYS A 275 8.23 23.61 24.91
N TYR A 276 9.07 22.59 24.75
CA TYR A 276 10.28 22.46 25.57
C TYR A 276 11.39 23.34 25.01
N ASN A 277 12.01 24.16 25.85
CA ASN A 277 13.20 24.94 25.48
C ASN A 277 14.48 24.08 25.49
N GLU A 278 15.62 24.67 25.16
CA GLU A 278 16.92 23.97 25.10
C GLU A 278 17.42 23.47 26.45
N ASN A 279 17.06 24.11 27.57
CA ASN A 279 17.29 23.58 28.92
C ASN A 279 16.46 22.30 29.18
N GLY A 280 15.43 22.01 28.38
CA GLY A 280 14.47 20.96 28.55
C GLY A 280 13.33 21.29 29.53
N THR A 281 12.84 22.53 29.50
CA THR A 281 11.79 23.03 30.40
C THR A 281 10.62 23.54 29.56
N ILE A 282 9.37 23.35 29.99
CA ILE A 282 8.20 23.81 29.24
C ILE A 282 8.11 25.33 29.37
N THR A 283 8.57 26.01 28.32
CA THR A 283 8.63 27.48 28.31
C THR A 283 7.37 28.13 27.73
N ASP A 284 6.58 27.36 26.97
CA ASP A 284 5.30 27.81 26.43
C ASP A 284 4.37 26.65 26.11
N ALA A 285 3.08 26.90 25.98
CA ALA A 285 2.12 25.92 25.52
C ALA A 285 0.91 26.60 24.85
N VAL A 286 0.18 25.81 24.07
CA VAL A 286 -1.11 26.20 23.45
C VAL A 286 -2.04 25.02 23.49
N ASP A 287 -3.32 25.23 23.76
CA ASP A 287 -4.29 24.13 23.85
C ASP A 287 -5.30 24.11 22.67
N CYS A 288 -5.57 22.91 22.15
CA CYS A 288 -6.21 22.71 20.86
C CYS A 288 -7.74 22.80 21.01
N ALA A 289 -8.18 23.86 21.71
CA ALA A 289 -9.58 24.19 21.94
C ALA A 289 -9.83 25.67 22.29
N LEU A 290 -8.82 26.50 22.54
CA LEU A 290 -9.05 27.91 22.94
C LEU A 290 -9.78 28.73 21.87
N ASP A 291 -9.34 28.65 20.63
CA ASP A 291 -9.79 29.42 19.48
C ASP A 291 -9.40 28.71 18.16
N PRO A 292 -9.94 29.08 16.98
CA PRO A 292 -9.59 28.40 15.73
C PRO A 292 -8.14 28.58 15.33
N LEU A 293 -7.46 29.64 15.80
CA LEU A 293 -6.03 29.77 15.55
C LEU A 293 -5.27 28.68 16.29
N SER A 294 -5.56 28.49 17.56
CA SER A 294 -4.96 27.43 18.41
C SER A 294 -5.20 26.02 17.89
N GLU A 295 -6.39 25.80 17.30
CA GLU A 295 -6.68 24.56 16.57
C GLU A 295 -5.72 24.38 15.38
N THR A 296 -5.48 25.41 14.55
CA THR A 296 -4.48 25.29 13.50
C THR A 296 -3.04 25.18 14.00
N LYS A 297 -2.64 25.82 15.11
CA LYS A 297 -1.31 25.67 15.69
C LYS A 297 -1.03 24.21 16.07
N CYS A 298 -2.00 23.49 16.66
CA CYS A 298 -1.85 22.06 16.93
C CYS A 298 -1.91 21.19 15.67
N THR A 299 -2.69 21.60 14.68
CA THR A 299 -2.81 20.85 13.41
C THR A 299 -1.52 20.90 12.56
N LEU A 300 -0.81 22.02 12.63
CA LEU A 300 0.52 22.24 12.00
C LEU A 300 1.68 21.86 12.92
N LYS A 301 1.42 21.65 14.22
CA LYS A 301 2.43 21.48 15.27
C LYS A 301 3.43 22.65 15.31
N SER A 302 2.93 23.87 15.21
CA SER A 302 3.78 25.07 15.17
C SER A 302 3.17 26.20 15.95
N PHE A 303 4.00 26.97 16.66
CA PHE A 303 3.56 28.14 17.42
C PHE A 303 3.48 29.40 16.56
N THR A 304 3.99 29.34 15.33
CA THR A 304 3.79 30.35 14.30
C THR A 304 3.15 29.76 13.05
N VAL A 305 2.06 30.35 12.58
CA VAL A 305 1.39 29.98 11.33
C VAL A 305 1.47 31.11 10.32
N GLU A 306 1.92 30.81 9.10
CA GLU A 306 2.03 31.75 7.98
C GLU A 306 0.69 32.04 7.31
N LYS A 307 0.66 33.04 6.42
CA LYS A 307 -0.58 33.41 5.73
C LYS A 307 -1.13 32.27 4.88
N GLY A 308 -2.40 31.90 5.07
CA GLY A 308 -3.07 30.85 4.29
C GLY A 308 -4.41 30.40 4.81
N ILE A 309 -4.96 29.33 4.23
CA ILE A 309 -6.20 28.65 4.63
C ILE A 309 -5.88 27.20 4.98
N TYR A 310 -6.31 26.74 6.16
CA TYR A 310 -5.90 25.44 6.73
C TYR A 310 -7.12 24.62 7.13
N GLN A 311 -7.15 23.34 6.76
CA GLN A 311 -8.14 22.37 7.28
C GLN A 311 -8.05 22.23 8.79
N THR A 312 -9.19 22.00 9.45
CA THR A 312 -9.28 21.67 10.86
C THR A 312 -10.38 20.64 11.15
N SER A 313 -10.44 20.10 12.37
CA SER A 313 -11.40 19.07 12.74
C SER A 313 -12.86 19.48 12.52
N ASN A 314 -13.68 18.58 11.98
CA ASN A 314 -15.08 18.88 11.63
C ASN A 314 -15.89 19.39 12.81
N PHE A 315 -16.79 20.34 12.58
CA PHE A 315 -17.90 20.57 13.49
C PHE A 315 -18.96 19.48 13.34
N ARG A 316 -19.56 19.08 14.46
CA ARG A 316 -20.62 18.07 14.49
C ARG A 316 -21.66 18.35 15.59
N VAL A 317 -22.90 18.62 15.22
CA VAL A 317 -23.95 18.87 16.20
C VAL A 317 -24.08 17.62 17.05
N GLN A 318 -23.81 17.73 18.36
CA GLN A 318 -23.92 16.58 19.24
C GLN A 318 -25.33 16.45 19.80
N PRO A 319 -25.80 15.22 20.10
CA PRO A 319 -27.16 14.94 20.55
C PRO A 319 -27.48 15.55 21.93
N THR A 320 -28.75 15.94 22.08
CA THR A 320 -29.28 16.58 23.27
C THR A 320 -29.78 15.61 24.33
N GLU A 321 -30.31 14.44 23.93
CA GLU A 321 -30.76 13.36 24.82
C GLU A 321 -30.75 12.00 24.12
N SER A 322 -30.86 10.92 24.89
CA SER A 322 -31.16 9.57 24.41
C SER A 322 -32.65 9.36 24.10
N ILE A 323 -32.98 8.40 23.25
CA ILE A 323 -34.36 7.96 22.93
C ILE A 323 -34.37 6.45 22.82
N VAL A 324 -34.96 5.76 23.79
CA VAL A 324 -34.96 4.30 23.78
C VAL A 324 -36.35 3.81 23.45
N ARG A 325 -36.43 3.04 22.38
CA ARG A 325 -37.70 2.55 21.89
C ARG A 325 -37.94 1.06 21.73
N PHE A 326 -37.87 0.29 22.82
CA PHE A 326 -38.29 -1.11 22.74
C PHE A 326 -39.80 -1.21 22.60
N PRO A 327 -40.36 -2.32 22.12
CA PRO A 327 -41.80 -2.55 22.25
C PRO A 327 -42.15 -2.58 23.74
N ASN A 328 -43.24 -1.91 24.09
CA ASN A 328 -43.89 -1.89 25.41
C ASN A 328 -44.60 -3.23 25.68
N ILE A 329 -43.79 -4.27 25.77
CA ILE A 329 -44.14 -5.61 26.27
C ILE A 329 -44.36 -5.53 27.79
N THR A 330 -45.38 -6.22 28.29
CA THR A 330 -45.86 -6.13 29.67
C THR A 330 -45.16 -7.07 30.67
N ASN A 331 -44.87 -8.29 30.25
CA ASN A 331 -44.78 -9.43 31.19
C ASN A 331 -43.44 -10.12 31.13
N LEU A 332 -42.92 -10.64 32.24
CA LEU A 332 -41.62 -11.34 32.27
C LEU A 332 -41.67 -12.66 31.54
N CYS A 333 -40.59 -13.02 30.86
CA CYS A 333 -40.45 -14.29 30.12
C CYS A 333 -40.49 -15.52 31.08
N PRO A 334 -40.87 -16.70 30.57
CA PRO A 334 -40.93 -17.94 31.35
C PRO A 334 -39.58 -18.58 31.74
N PHE A 335 -38.45 -17.85 31.77
CA PHE A 335 -37.16 -18.38 32.21
C PHE A 335 -37.29 -19.07 33.58
N ASP A 336 -38.18 -18.57 34.46
CA ASP A 336 -38.29 -19.10 35.83
C ASP A 336 -38.93 -20.51 35.94
N GLU A 337 -39.47 -21.03 34.84
CA GLU A 337 -39.93 -22.42 34.76
C GLU A 337 -38.78 -23.30 34.26
N VAL A 338 -38.17 -22.94 33.13
CA VAL A 338 -37.13 -23.78 32.51
C VAL A 338 -35.84 -23.82 33.34
N PHE A 339 -35.59 -22.83 34.22
CA PHE A 339 -34.50 -22.91 35.19
C PHE A 339 -34.94 -23.47 36.56
N ASN A 340 -36.20 -23.89 36.74
CA ASN A 340 -36.64 -24.47 38.00
C ASN A 340 -37.86 -25.39 37.84
N ALA A 341 -37.66 -26.57 37.24
CA ALA A 341 -38.66 -27.64 37.14
C ALA A 341 -38.08 -29.01 37.47
N THR A 342 -38.89 -29.82 38.15
CA THR A 342 -38.60 -31.18 38.62
C THR A 342 -37.51 -31.98 37.90
N ARG A 343 -37.76 -32.37 36.65
CA ARG A 343 -36.80 -33.17 35.90
C ARG A 343 -36.44 -32.62 34.52
N PHE A 344 -35.15 -32.55 34.24
CA PHE A 344 -34.64 -32.10 32.95
C PHE A 344 -34.74 -33.18 31.88
N ALA A 345 -34.81 -32.77 30.62
CA ALA A 345 -34.90 -33.72 29.52
C ALA A 345 -33.53 -34.33 29.19
N SER A 346 -33.57 -35.51 28.57
CA SER A 346 -32.35 -36.23 28.19
C SER A 346 -31.64 -35.58 27.00
N VAL A 347 -30.32 -35.67 26.98
CA VAL A 347 -29.50 -35.06 25.94
C VAL A 347 -29.73 -35.70 24.56
N TYR A 348 -30.16 -36.98 24.47
CA TYR A 348 -30.41 -37.55 23.13
C TYR A 348 -31.64 -36.95 22.42
N ALA A 349 -32.52 -36.29 23.19
CA ALA A 349 -33.80 -35.76 22.73
C ALA A 349 -34.08 -34.38 23.33
N TRP A 350 -33.05 -33.51 23.32
CA TRP A 350 -33.03 -32.18 23.95
C TRP A 350 -34.30 -31.36 23.69
N ASN A 351 -34.84 -30.75 24.74
CA ASN A 351 -36.11 -30.02 24.69
C ASN A 351 -35.88 -28.60 24.20
N ARG A 352 -36.76 -28.12 23.33
CA ARG A 352 -36.63 -26.77 22.80
C ARG A 352 -37.85 -25.88 23.00
N LYS A 353 -37.72 -24.88 23.87
CA LYS A 353 -38.80 -23.92 24.14
C LYS A 353 -38.55 -22.61 23.40
N ARG A 354 -39.59 -22.03 22.81
CA ARG A 354 -39.47 -20.74 22.13
C ARG A 354 -39.92 -19.60 23.05
N ILE A 355 -38.99 -18.73 23.43
CA ILE A 355 -39.29 -17.59 24.34
C ILE A 355 -39.71 -16.41 23.43
N SER A 356 -40.89 -15.84 23.63
CA SER A 356 -41.46 -14.81 22.79
C SER A 356 -42.51 -13.96 23.55
N ASN A 357 -42.78 -12.74 23.08
CA ASN A 357 -43.82 -11.86 23.57
C ASN A 357 -43.70 -11.49 25.05
N CYS A 358 -42.44 -11.32 25.52
CA CYS A 358 -42.12 -11.17 26.94
C CYS A 358 -40.81 -10.38 27.20
N VAL A 359 -40.54 -9.99 28.45
CA VAL A 359 -39.36 -9.22 28.89
C VAL A 359 -38.37 -10.15 29.57
N ALA A 360 -37.15 -10.19 29.07
CA ALA A 360 -36.05 -11.05 29.49
C ALA A 360 -35.25 -10.40 30.64
N ASP A 361 -35.89 -10.08 31.76
CA ASP A 361 -35.18 -9.69 32.97
C ASP A 361 -34.40 -10.89 33.55
N TYR A 362 -33.10 -10.98 33.25
CA TYR A 362 -32.25 -12.05 33.75
C TYR A 362 -31.79 -11.89 35.20
N SER A 363 -31.90 -10.70 35.80
CA SER A 363 -31.38 -10.41 37.14
C SER A 363 -32.03 -11.30 38.22
N VAL A 364 -33.34 -11.54 38.09
CA VAL A 364 -34.11 -12.40 39.01
C VAL A 364 -33.71 -13.88 38.87
N LEU A 365 -33.20 -14.30 37.69
CA LEU A 365 -32.62 -15.63 37.55
C LEU A 365 -31.26 -15.71 38.25
N TYR A 366 -30.37 -14.74 38.05
CA TYR A 366 -29.00 -14.75 38.60
C TYR A 366 -29.03 -14.70 40.13
N ASN A 367 -29.97 -13.95 40.72
CA ASN A 367 -30.17 -13.90 42.19
C ASN A 367 -31.03 -15.08 42.71
N PHE A 368 -31.80 -15.80 41.86
CA PHE A 368 -32.49 -17.01 42.26
C PHE A 368 -31.54 -18.20 42.43
N ALA A 369 -30.64 -18.47 41.48
CA ALA A 369 -29.79 -19.65 41.50
C ALA A 369 -28.36 -19.33 41.01
N PRO A 370 -27.31 -19.88 41.66
CA PRO A 370 -25.96 -19.93 41.09
C PRO A 370 -25.89 -20.76 39.80
N PHE A 371 -24.76 -20.65 39.10
CA PHE A 371 -24.39 -21.44 37.94
C PHE A 371 -22.87 -21.54 37.85
N PHE A 372 -22.40 -22.62 37.25
CA PHE A 372 -20.96 -22.84 37.08
C PHE A 372 -20.45 -22.30 35.74
N ALA A 373 -21.30 -22.37 34.71
CA ALA A 373 -20.92 -21.90 33.38
C ALA A 373 -21.81 -20.72 32.96
N PHE A 374 -21.24 -19.76 32.21
CA PHE A 374 -21.92 -18.52 31.81
C PHE A 374 -21.34 -17.91 30.51
N LYS A 375 -20.92 -18.75 29.57
CA LYS A 375 -20.14 -18.37 28.38
C LYS A 375 -21.05 -17.89 27.24
N CYS A 376 -21.01 -16.60 26.93
CA CYS A 376 -21.65 -16.04 25.73
C CYS A 376 -20.76 -15.99 24.49
N TYR A 377 -21.38 -15.97 23.32
CA TYR A 377 -20.79 -16.00 21.98
C TYR A 377 -21.52 -15.01 21.06
N GLY A 378 -20.78 -14.08 20.47
CA GLY A 378 -21.29 -12.97 19.64
C GLY A 378 -21.97 -11.85 20.43
N VAL A 379 -21.98 -11.95 21.77
CA VAL A 379 -22.53 -10.98 22.73
C VAL A 379 -21.75 -11.03 24.04
N SER A 380 -21.67 -9.91 24.76
CA SER A 380 -21.16 -9.82 26.14
C SER A 380 -22.32 -9.82 27.15
N PRO A 381 -22.23 -10.59 28.24
CA PRO A 381 -23.22 -10.60 29.32
C PRO A 381 -23.55 -9.23 29.91
N THR A 382 -22.58 -8.32 29.82
CA THR A 382 -22.71 -6.94 30.32
C THR A 382 -23.78 -6.17 29.58
N LYS A 383 -23.96 -6.42 28.27
CA LYS A 383 -24.81 -5.60 27.37
C LYS A 383 -26.30 -5.99 27.35
N LEU A 384 -26.63 -7.17 27.88
CA LEU A 384 -27.95 -7.82 27.81
C LEU A 384 -29.14 -7.02 28.40
N ASN A 385 -28.86 -5.96 29.17
CA ASN A 385 -29.82 -4.97 29.65
C ASN A 385 -30.45 -4.12 28.50
N ASP A 386 -29.61 -3.66 27.56
CA ASP A 386 -29.96 -2.65 26.54
C ASP A 386 -30.19 -3.24 25.14
N LEU A 387 -30.70 -4.48 25.09
CA LEU A 387 -30.63 -5.34 23.92
C LEU A 387 -31.94 -6.12 23.73
N CYS A 388 -32.20 -6.62 22.53
CA CYS A 388 -33.43 -7.34 22.21
C CYS A 388 -33.16 -8.39 21.10
N PHE A 389 -34.03 -9.39 20.99
CA PHE A 389 -33.79 -10.61 20.24
C PHE A 389 -34.99 -10.95 19.36
N THR A 390 -34.71 -11.51 18.18
CA THR A 390 -35.69 -11.67 17.10
C THR A 390 -36.67 -12.83 17.34
N ASN A 391 -36.20 -14.07 17.25
CA ASN A 391 -36.80 -15.25 17.88
C ASN A 391 -35.76 -15.95 18.74
N VAL A 392 -36.13 -16.33 19.96
CA VAL A 392 -35.24 -16.94 20.96
C VAL A 392 -35.71 -18.35 21.22
N TYR A 393 -34.79 -19.30 21.29
CA TYR A 393 -35.01 -20.68 21.70
C TYR A 393 -34.03 -21.06 22.78
N ALA A 394 -34.52 -21.69 23.84
CA ALA A 394 -33.73 -22.40 24.80
C ALA A 394 -33.68 -23.88 24.35
N ASP A 395 -32.46 -24.39 24.21
CA ASP A 395 -32.18 -25.83 24.14
C ASP A 395 -31.86 -26.30 25.55
N SER A 396 -32.46 -27.40 26.01
CA SER A 396 -32.41 -27.84 27.39
C SER A 396 -32.21 -29.35 27.53
N PHE A 397 -31.31 -29.78 28.42
CA PHE A 397 -30.94 -31.17 28.73
C PHE A 397 -30.07 -31.29 30.00
N VAL A 398 -29.75 -32.53 30.40
CA VAL A 398 -28.84 -32.87 31.51
C VAL A 398 -27.69 -33.73 30.98
N ILE A 399 -26.48 -33.46 31.46
CA ILE A 399 -25.23 -34.05 30.89
C ILE A 399 -24.12 -34.18 31.94
N ARG A 400 -23.21 -35.15 31.77
CA ARG A 400 -21.99 -35.23 32.57
C ARG A 400 -21.10 -34.00 32.38
N GLY A 401 -20.60 -33.43 33.48
CA GLY A 401 -19.86 -32.12 33.46
C GLY A 401 -18.67 -32.03 32.48
N ASN A 402 -17.97 -33.12 32.17
CA ASN A 402 -16.94 -33.15 31.12
C ASN A 402 -17.46 -32.60 29.77
N GLU A 403 -18.68 -32.96 29.39
CA GLU A 403 -19.21 -32.72 28.06
C GLU A 403 -19.68 -31.27 27.88
N VAL A 404 -19.64 -30.42 28.89
CA VAL A 404 -19.92 -28.98 28.78
C VAL A 404 -18.95 -28.31 27.82
N SER A 405 -17.70 -28.78 27.81
CA SER A 405 -16.68 -28.44 26.80
C SER A 405 -17.09 -28.70 25.34
N GLN A 406 -18.02 -29.64 25.13
CA GLN A 406 -18.54 -30.02 23.81
C GLN A 406 -19.71 -29.10 23.35
N ILE A 407 -20.17 -28.18 24.21
CA ILE A 407 -21.25 -27.22 23.91
C ILE A 407 -20.73 -25.91 23.26
N ALA A 408 -19.40 -25.74 23.17
CA ALA A 408 -18.77 -24.61 22.47
C ALA A 408 -19.06 -24.59 20.95
N PRO A 409 -19.11 -23.41 20.30
CA PRO A 409 -19.58 -23.26 18.92
C PRO A 409 -18.89 -24.20 17.93
N GLY A 410 -19.63 -25.08 17.25
CA GLY A 410 -19.12 -26.05 16.25
C GLY A 410 -18.10 -27.09 16.78
N GLN A 411 -17.90 -27.24 18.09
CA GLN A 411 -16.93 -28.22 18.64
C GLN A 411 -17.32 -29.68 18.30
N THR A 412 -16.34 -30.59 18.16
CA THR A 412 -16.54 -32.02 17.85
C THR A 412 -16.18 -32.94 19.04
N GLY A 413 -17.08 -33.89 19.30
CA GLY A 413 -17.01 -34.87 20.37
C GLY A 413 -18.32 -35.66 20.41
N ASN A 414 -18.36 -36.74 21.18
CA ASN A 414 -19.45 -37.74 21.08
C ASN A 414 -20.88 -37.15 21.16
N ILE A 415 -21.12 -36.18 22.06
CA ILE A 415 -22.45 -35.56 22.17
C ILE A 415 -22.74 -34.56 21.04
N ALA A 416 -21.69 -33.87 20.58
CA ALA A 416 -21.75 -32.81 19.57
C ALA A 416 -21.75 -33.35 18.12
N ASP A 417 -21.34 -34.61 17.92
CA ASP A 417 -21.31 -35.28 16.62
C ASP A 417 -22.63 -36.01 16.30
N TYR A 418 -23.38 -36.51 17.32
CA TYR A 418 -24.52 -37.43 17.14
C TYR A 418 -25.81 -37.07 17.92
N ASN A 419 -25.84 -36.01 18.74
CA ASN A 419 -26.96 -35.78 19.65
C ASN A 419 -27.48 -34.33 19.58
N TYR A 420 -26.57 -33.38 19.83
CA TYR A 420 -26.83 -31.94 19.98
C TYR A 420 -25.62 -31.15 19.44
N LYS A 421 -25.56 -31.11 18.10
CA LYS A 421 -24.64 -30.24 17.41
C LYS A 421 -25.21 -28.84 17.41
N LEU A 422 -24.39 -27.84 17.73
CA LEU A 422 -24.64 -26.42 17.46
C LEU A 422 -23.52 -25.88 16.54
N PRO A 423 -23.83 -24.92 15.64
CA PRO A 423 -22.92 -24.51 14.57
C PRO A 423 -21.76 -23.64 15.12
N ASP A 424 -20.82 -23.33 14.25
CA ASP A 424 -19.77 -22.33 14.42
C ASP A 424 -20.38 -20.91 14.48
N ASP A 425 -21.44 -20.63 13.71
CA ASP A 425 -22.13 -19.31 13.68
C ASP A 425 -23.26 -19.18 14.68
N PHE A 426 -23.32 -20.07 15.68
CA PHE A 426 -24.25 -19.89 16.82
C PHE A 426 -23.87 -18.64 17.63
N THR A 427 -24.80 -17.70 17.72
CA THR A 427 -24.78 -16.54 18.61
C THR A 427 -25.71 -16.84 19.76
N GLY A 428 -25.29 -16.60 20.99
CA GLY A 428 -26.06 -17.04 22.14
C GLY A 428 -25.21 -17.18 23.40
N CYS A 429 -25.78 -17.74 24.45
CA CYS A 429 -25.15 -18.00 25.75
C CYS A 429 -25.41 -19.42 26.27
N VAL A 430 -24.40 -20.00 26.89
CA VAL A 430 -24.49 -21.30 27.55
C VAL A 430 -24.45 -21.10 29.06
N ILE A 431 -25.43 -21.68 29.75
CA ILE A 431 -25.55 -21.61 31.20
C ILE A 431 -25.79 -23.02 31.74
N ALA A 432 -25.02 -23.37 32.76
CA ALA A 432 -25.06 -24.71 33.34
C ALA A 432 -24.69 -24.74 34.83
N TRP A 433 -25.26 -25.72 35.54
CA TRP A 433 -25.08 -25.87 36.97
C TRP A 433 -25.22 -27.34 37.42
N ASN A 434 -24.62 -27.69 38.54
CA ASN A 434 -24.69 -29.06 39.07
C ASN A 434 -26.11 -29.41 39.58
N SER A 435 -26.55 -30.63 39.25
CA SER A 435 -27.88 -31.19 39.55
C SER A 435 -27.83 -32.36 40.51
N ASN A 436 -26.68 -32.81 41.04
CA ASN A 436 -26.71 -33.99 41.93
C ASN A 436 -27.55 -33.79 43.21
N LYS A 437 -27.74 -32.53 43.62
CA LYS A 437 -28.58 -32.09 44.76
C LYS A 437 -30.08 -32.19 44.47
N LEU A 438 -30.46 -32.65 43.28
CA LEU A 438 -31.83 -32.56 42.74
C LEU A 438 -32.22 -33.75 41.86
N ASP A 439 -31.32 -34.22 40.99
CA ASP A 439 -31.64 -35.33 40.10
C ASP A 439 -30.93 -36.65 40.40
N SER A 440 -29.72 -36.58 40.95
CA SER A 440 -28.95 -37.79 41.25
C SER A 440 -29.58 -38.64 42.37
N LYS A 441 -29.39 -39.97 42.34
CA LYS A 441 -30.06 -40.89 43.28
C LYS A 441 -29.11 -41.94 43.83
N VAL A 442 -29.17 -42.26 45.11
CA VAL A 442 -28.23 -43.21 45.74
C VAL A 442 -28.39 -44.65 45.22
N GLY A 443 -29.56 -45.00 44.67
CA GLY A 443 -29.77 -46.25 43.89
C GLY A 443 -29.41 -46.14 42.39
N GLY A 444 -28.85 -45.01 41.95
CA GLY A 444 -28.65 -44.64 40.56
C GLY A 444 -29.86 -44.08 39.84
N ASN A 445 -29.63 -43.18 38.89
CA ASN A 445 -30.69 -42.70 37.98
C ASN A 445 -30.31 -43.11 36.54
N TYR A 446 -31.32 -43.51 35.78
CA TYR A 446 -31.17 -44.06 34.43
C TYR A 446 -32.12 -43.45 33.38
N ASN A 447 -32.80 -42.35 33.71
CA ASN A 447 -33.72 -41.68 32.80
C ASN A 447 -33.05 -40.79 31.73
N TYR A 448 -31.84 -40.31 32.02
CA TYR A 448 -31.12 -39.43 31.11
C TYR A 448 -30.30 -40.23 30.06
N LEU A 449 -30.99 -40.75 29.03
CA LEU A 449 -30.36 -41.45 27.90
C LEU A 449 -29.44 -40.50 27.10
N TYR A 450 -28.41 -41.12 26.53
CA TYR A 450 -27.51 -40.47 25.60
C TYR A 450 -27.05 -41.46 24.52
N ARG A 451 -26.45 -40.89 23.48
CA ARG A 451 -25.98 -41.67 22.35
C ARG A 451 -24.48 -41.46 22.18
N LEU A 452 -23.84 -42.43 21.56
CA LEU A 452 -22.39 -42.39 21.32
C LEU A 452 -21.97 -42.84 19.93
N PHE A 453 -22.90 -43.41 19.16
CA PHE A 453 -22.70 -43.95 17.78
C PHE A 453 -23.85 -43.60 16.83
N ARG A 454 -23.57 -43.35 15.55
CA ARG A 454 -24.56 -43.10 14.51
C ARG A 454 -23.95 -43.38 13.13
N LYS A 455 -24.80 -43.54 12.10
CA LYS A 455 -24.38 -43.71 10.70
C LYS A 455 -23.61 -42.52 10.12
N SER A 456 -23.88 -41.31 10.57
CA SER A 456 -23.20 -40.06 10.13
C SER A 456 -23.25 -38.98 11.24
N ASN A 457 -22.31 -38.04 11.19
CA ASN A 457 -22.30 -36.83 12.03
C ASN A 457 -23.50 -35.93 11.61
N LEU A 458 -24.38 -35.59 12.57
CA LEU A 458 -25.64 -34.93 12.31
C LEU A 458 -25.47 -33.43 12.04
N LYS A 459 -26.51 -32.78 11.51
CA LYS A 459 -26.45 -31.36 11.11
C LYS A 459 -26.74 -30.47 12.32
N PRO A 460 -26.25 -29.22 12.36
CA PRO A 460 -26.48 -28.31 13.49
C PRO A 460 -27.95 -28.00 13.81
N PHE A 461 -28.32 -28.02 15.09
CA PHE A 461 -29.70 -27.93 15.59
C PHE A 461 -30.68 -28.97 14.97
N GLU A 462 -30.21 -30.16 14.62
CA GLU A 462 -31.03 -31.32 14.26
C GLU A 462 -31.06 -32.36 15.42
N ARG A 463 -32.21 -32.99 15.64
CA ARG A 463 -32.33 -34.00 16.69
C ARG A 463 -32.72 -35.37 16.13
N ASP A 464 -32.11 -36.43 16.67
CA ASP A 464 -32.40 -37.79 16.21
C ASP A 464 -32.94 -38.68 17.33
N ILE A 465 -34.24 -38.64 17.56
CA ILE A 465 -34.90 -39.47 18.60
C ILE A 465 -35.13 -40.94 18.18
N SER A 466 -34.73 -41.37 16.97
CA SER A 466 -35.04 -42.72 16.47
C SER A 466 -34.30 -43.81 17.23
N THR A 467 -35.03 -44.79 17.77
CA THR A 467 -34.47 -45.92 18.56
C THR A 467 -34.03 -47.08 17.68
N GLU A 468 -33.90 -46.89 16.37
CA GLU A 468 -33.50 -47.96 15.43
C GLU A 468 -32.07 -48.43 15.72
N ILE A 469 -31.84 -49.74 15.70
CA ILE A 469 -30.54 -50.34 16.09
C ILE A 469 -29.40 -49.96 15.13
N TYR A 470 -28.21 -49.69 15.68
CA TYR A 470 -27.03 -49.31 14.90
C TYR A 470 -25.97 -50.41 14.81
N GLN A 471 -25.52 -50.63 13.58
CA GLN A 471 -24.57 -51.68 13.16
C GLN A 471 -23.12 -51.23 13.45
N ALA A 472 -22.74 -51.15 14.73
CA ALA A 472 -21.39 -50.81 15.13
C ALA A 472 -20.39 -52.00 14.96
N GLY A 473 -20.91 -53.24 14.87
CA GLY A 473 -20.23 -54.41 14.30
C GLY A 473 -20.35 -54.43 12.77
N ASN A 474 -19.40 -55.08 12.10
CA ASN A 474 -19.34 -55.08 10.62
C ASN A 474 -20.51 -55.80 9.91
N LYS A 475 -20.91 -56.97 10.43
CA LYS A 475 -22.10 -57.70 9.96
C LYS A 475 -23.40 -56.98 10.33
N PRO A 476 -24.52 -57.18 9.62
CA PRO A 476 -25.77 -56.50 9.95
C PRO A 476 -26.35 -56.92 11.31
N CYS A 477 -27.20 -56.06 11.88
CA CYS A 477 -27.90 -56.30 13.14
C CYS A 477 -29.38 -55.92 12.98
N ASN A 478 -30.28 -56.76 13.50
CA ASN A 478 -31.73 -56.72 13.32
C ASN A 478 -32.49 -57.12 14.61
N GLY A 479 -33.67 -56.53 14.85
CA GLY A 479 -34.33 -56.60 16.15
C GLY A 479 -33.59 -55.77 17.23
N VAL A 480 -33.78 -56.09 18.51
CA VAL A 480 -33.05 -55.45 19.61
C VAL A 480 -31.62 -56.00 19.80
N ALA A 481 -31.36 -57.24 19.39
CA ALA A 481 -30.08 -57.91 19.50
C ALA A 481 -29.08 -57.52 18.39
N GLY A 482 -27.80 -57.85 18.59
CA GLY A 482 -26.82 -57.78 17.53
C GLY A 482 -25.39 -57.84 18.02
N PHE A 483 -24.50 -58.39 17.19
CA PHE A 483 -23.08 -58.56 17.47
C PHE A 483 -22.39 -57.19 17.55
N ASN A 484 -21.98 -56.80 18.78
CA ASN A 484 -21.47 -55.45 19.05
C ASN A 484 -22.38 -54.31 18.51
N CYS A 485 -23.71 -54.42 18.69
CA CYS A 485 -24.72 -53.49 18.22
C CYS A 485 -25.59 -52.92 19.37
N TYR A 486 -25.97 -51.65 19.21
CA TYR A 486 -26.69 -50.85 20.19
C TYR A 486 -27.33 -49.65 19.50
N PHE A 487 -28.11 -48.76 20.16
CA PHE A 487 -28.71 -47.48 19.54
C PHE A 487 -28.24 -46.30 20.43
N PRO A 488 -29.14 -45.69 21.33
CA PRO A 488 -28.49 -45.00 22.43
C PRO A 488 -27.78 -46.01 23.33
N LEU A 489 -26.72 -45.60 24.02
CA LEU A 489 -26.07 -46.44 25.03
C LEU A 489 -26.69 -46.20 26.43
N ARG A 490 -26.25 -46.98 27.39
CA ARG A 490 -26.84 -46.89 28.71
C ARG A 490 -26.78 -45.50 29.29
N SER A 491 -27.87 -45.06 29.92
CA SER A 491 -27.89 -43.77 30.62
C SER A 491 -26.80 -43.76 31.68
N TYR A 492 -26.01 -42.68 31.70
CA TYR A 492 -24.95 -42.50 32.68
C TYR A 492 -25.52 -42.49 34.10
N GLY A 493 -25.14 -43.53 34.85
CA GLY A 493 -25.67 -43.74 36.22
C GLY A 493 -25.22 -42.64 37.18
N PHE A 494 -26.17 -41.89 37.70
CA PHE A 494 -25.91 -40.78 38.63
C PHE A 494 -26.23 -41.18 40.10
N ARG A 495 -25.19 -41.03 40.92
CA ARG A 495 -25.21 -41.24 42.37
C ARG A 495 -24.73 -39.90 42.97
N PRO A 496 -25.26 -39.50 44.14
CA PRO A 496 -24.89 -38.18 44.65
C PRO A 496 -23.42 -37.95 45.05
N THR A 497 -22.85 -38.92 45.76
CA THR A 497 -21.44 -38.86 46.19
C THR A 497 -20.43 -39.44 45.14
N TYR A 498 -20.93 -40.16 44.12
CA TYR A 498 -20.09 -40.86 43.15
C TYR A 498 -19.37 -39.91 42.18
N GLY A 499 -20.15 -39.06 41.49
CA GLY A 499 -19.62 -38.10 40.51
C GLY A 499 -19.05 -36.84 41.18
N VAL A 500 -17.81 -36.44 40.83
CA VAL A 500 -17.13 -35.17 41.20
C VAL A 500 -16.42 -34.57 39.97
N GLY A 501 -17.01 -33.54 39.37
CA GLY A 501 -16.76 -33.15 37.99
C GLY A 501 -17.36 -34.09 36.93
N HIS A 502 -18.16 -35.06 37.38
CA HIS A 502 -18.61 -36.24 36.63
C HIS A 502 -20.09 -36.68 36.94
N GLN A 503 -20.75 -35.94 37.85
CA GLN A 503 -22.18 -36.01 38.17
C GLN A 503 -23.08 -35.29 37.14
N PRO A 504 -24.43 -35.29 37.24
CA PRO A 504 -25.29 -34.65 36.26
C PRO A 504 -25.26 -33.13 36.47
N TYR A 505 -24.92 -32.40 35.40
CA TYR A 505 -25.11 -30.96 35.32
C TYR A 505 -26.29 -30.66 34.40
N ARG A 506 -27.20 -29.79 34.84
CA ARG A 506 -28.27 -29.22 33.99
C ARG A 506 -27.70 -28.12 33.10
N VAL A 507 -28.10 -28.14 31.83
CA VAL A 507 -27.63 -27.23 30.80
C VAL A 507 -28.82 -26.59 30.12
N VAL A 508 -28.74 -25.27 29.92
CA VAL A 508 -29.67 -24.53 29.02
C VAL A 508 -28.79 -23.70 28.09
N VAL A 509 -29.07 -23.75 26.78
CA VAL A 509 -28.38 -22.92 25.78
C VAL A 509 -29.37 -21.97 25.13
N LEU A 510 -29.15 -20.66 25.21
CA LEU A 510 -29.97 -19.65 24.61
C LEU A 510 -29.39 -19.27 23.25
N SER A 511 -30.04 -19.72 22.17
CA SER A 511 -29.56 -19.61 20.78
C SER A 511 -30.23 -18.49 19.96
N PHE A 512 -30.21 -17.25 20.48
CA PHE A 512 -30.84 -16.10 19.85
C PHE A 512 -30.16 -15.54 18.58
N GLU A 513 -30.93 -14.76 17.82
CA GLU A 513 -30.53 -13.84 16.74
C GLU A 513 -30.97 -12.43 17.14
N LEU A 514 -30.25 -11.39 16.70
CA LEU A 514 -30.46 -10.01 17.16
C LEU A 514 -30.23 -8.97 16.05
N LEU A 515 -30.92 -7.84 16.18
CA LEU A 515 -30.78 -6.59 15.38
C LEU A 515 -31.12 -6.70 13.87
N HIS A 516 -31.85 -7.72 13.42
CA HIS A 516 -32.07 -7.96 11.98
C HIS A 516 -33.54 -8.15 11.58
N ALA A 517 -34.48 -8.16 12.52
CA ALA A 517 -35.90 -8.48 12.27
C ALA A 517 -36.86 -7.88 13.32
N PRO A 518 -38.18 -7.84 13.11
CA PRO A 518 -39.15 -7.43 14.13
C PRO A 518 -38.98 -8.30 15.40
N ALA A 519 -38.56 -7.67 16.50
CA ALA A 519 -38.12 -8.39 17.70
C ALA A 519 -39.27 -8.71 18.66
N THR A 520 -39.12 -9.76 19.47
CA THR A 520 -40.19 -10.27 20.34
C THR A 520 -39.77 -10.56 21.79
N VAL A 521 -38.47 -10.40 22.14
CA VAL A 521 -37.93 -10.65 23.47
C VAL A 521 -36.87 -9.61 23.81
N CYS A 522 -37.15 -8.68 24.71
CA CYS A 522 -36.26 -7.53 24.98
C CYS A 522 -35.81 -7.49 26.43
N GLY A 523 -34.62 -6.95 26.67
CA GLY A 523 -34.08 -6.65 28.00
C GLY A 523 -34.96 -5.69 28.83
N PRO A 524 -34.67 -5.58 30.13
CA PRO A 524 -35.49 -4.84 31.09
C PRO A 524 -35.47 -3.32 31.00
N LYS A 525 -34.64 -2.71 30.14
CA LYS A 525 -34.55 -1.24 30.01
C LYS A 525 -35.88 -0.66 29.54
N LYS A 526 -36.44 0.33 30.24
CA LYS A 526 -37.69 1.00 29.85
C LYS A 526 -37.53 1.96 28.68
N SER A 527 -38.56 2.05 27.85
CA SER A 527 -38.63 3.01 26.74
C SER A 527 -38.88 4.45 27.18
N THR A 528 -38.51 5.42 26.36
CA THR A 528 -38.87 6.84 26.51
C THR A 528 -40.05 7.16 25.59
N ASN A 529 -40.59 8.36 25.64
CA ASN A 529 -41.30 8.96 24.53
C ASN A 529 -40.41 9.08 23.31
N LEU A 530 -40.95 9.36 22.13
CA LEU A 530 -40.22 9.74 20.92
C LEU A 530 -39.92 11.26 20.91
N VAL A 531 -38.88 11.66 20.17
CA VAL A 531 -38.74 13.03 19.68
C VAL A 531 -38.21 13.01 18.24
N LYS A 532 -38.43 14.09 17.48
CA LYS A 532 -38.14 14.24 16.04
C LYS A 532 -37.48 15.56 15.73
N ASN A 533 -36.86 15.71 14.57
CA ASN A 533 -36.20 16.94 14.12
C ASN A 533 -35.06 17.49 15.03
N LYS A 534 -34.63 16.71 16.03
CA LYS A 534 -33.58 17.06 17.01
C LYS A 534 -32.58 15.92 17.10
N CYS A 535 -31.31 16.24 17.37
CA CYS A 535 -30.23 15.24 17.41
C CYS A 535 -30.30 14.41 18.70
N VAL A 536 -30.34 13.09 18.61
CA VAL A 536 -30.54 12.18 19.76
C VAL A 536 -29.72 10.89 19.72
N ASN A 537 -29.32 10.36 20.89
CA ASN A 537 -28.75 9.03 21.02
C ASN A 537 -29.86 7.96 20.92
N PHE A 538 -30.37 7.67 19.73
CA PHE A 538 -31.48 6.73 19.59
C PHE A 538 -31.06 5.28 19.87
N ASN A 539 -32.02 4.45 20.27
CA ASN A 539 -31.91 3.01 20.43
C ASN A 539 -33.26 2.35 20.10
N PHE A 540 -33.40 1.69 18.96
CA PHE A 540 -34.60 0.97 18.52
C PHE A 540 -34.33 -0.51 18.52
N ASN A 541 -35.07 -1.28 19.29
CA ASN A 541 -34.85 -2.71 19.46
C ASN A 541 -33.40 -3.10 19.82
N GLY A 542 -32.64 -2.21 20.47
CA GLY A 542 -31.21 -2.45 20.80
C GLY A 542 -30.24 -1.80 19.80
N LEU A 543 -30.72 -1.30 18.65
CA LEU A 543 -29.88 -0.67 17.61
C LEU A 543 -29.50 0.76 18.00
N THR A 544 -28.47 0.93 18.80
CA THR A 544 -28.03 2.27 19.23
C THR A 544 -27.46 3.07 18.06
N GLY A 545 -27.60 4.38 18.06
CA GLY A 545 -26.87 5.27 17.17
C GLY A 545 -26.94 6.72 17.64
N THR A 546 -26.58 7.64 16.77
CA THR A 546 -26.76 9.09 16.94
C THR A 546 -27.21 9.69 15.61
N GLY A 547 -28.31 10.43 15.65
CA GLY A 547 -28.89 11.07 14.48
C GLY A 547 -30.14 11.89 14.78
N VAL A 548 -30.74 12.43 13.74
CA VAL A 548 -32.07 13.09 13.75
C VAL A 548 -33.10 12.14 13.16
N LEU A 549 -34.31 12.15 13.68
CA LEU A 549 -35.41 11.30 13.21
C LEU A 549 -36.50 12.16 12.55
N THR A 550 -37.07 11.66 11.46
CA THR A 550 -38.07 12.34 10.62
C THR A 550 -39.11 11.30 10.13
N GLU A 551 -40.34 11.70 9.83
CA GLU A 551 -41.28 10.78 9.20
C GLU A 551 -40.91 10.43 7.76
N SER A 552 -40.77 9.15 7.46
CA SER A 552 -40.54 8.65 6.10
C SER A 552 -41.74 8.70 5.16
N ASN A 553 -41.44 8.85 3.88
CA ASN A 553 -42.32 8.46 2.80
C ASN A 553 -42.23 6.97 2.38
N LYS A 554 -41.19 6.26 2.83
CA LYS A 554 -40.90 4.84 2.57
C LYS A 554 -42.00 3.89 3.11
N LYS A 555 -42.21 2.72 2.50
CA LYS A 555 -43.38 1.85 2.75
C LYS A 555 -42.98 0.40 3.05
N PHE A 556 -42.36 0.23 4.20
CA PHE A 556 -41.94 -1.08 4.66
C PHE A 556 -43.10 -2.09 4.65
N LEU A 557 -42.86 -3.30 4.15
CA LEU A 557 -43.79 -4.42 4.29
C LEU A 557 -43.79 -4.92 5.74
N PRO A 558 -44.86 -5.56 6.23
CA PRO A 558 -45.04 -5.90 7.64
C PRO A 558 -43.88 -6.69 8.28
N PHE A 559 -43.10 -7.45 7.48
CA PHE A 559 -41.94 -8.23 7.91
C PHE A 559 -40.66 -7.42 8.07
N GLN A 560 -40.63 -6.16 7.66
CA GLN A 560 -39.38 -5.37 7.66
C GLN A 560 -39.37 -4.48 8.89
N GLN A 561 -38.27 -4.50 9.62
CA GLN A 561 -38.03 -3.63 10.80
C GLN A 561 -37.03 -2.49 10.56
N PHE A 562 -36.05 -2.73 9.71
CA PHE A 562 -34.97 -1.80 9.42
C PHE A 562 -34.87 -1.61 7.91
N GLY A 563 -34.59 -0.38 7.49
CA GLY A 563 -34.25 -0.02 6.11
C GLY A 563 -32.82 0.51 6.03
N ARG A 564 -32.18 0.34 4.88
CA ARG A 564 -30.73 0.27 4.78
C ARG A 564 -30.21 0.95 3.51
N ASP A 565 -28.95 1.36 3.55
CA ASP A 565 -28.28 2.01 2.39
C ASP A 565 -27.04 1.30 1.87
N ILE A 566 -26.33 1.93 0.92
CA ILE A 566 -25.20 1.34 0.19
C ILE A 566 -24.03 0.98 1.12
N ALA A 567 -23.88 1.63 2.29
CA ALA A 567 -22.87 1.33 3.30
C ALA A 567 -23.36 0.34 4.37
N ASP A 568 -24.51 -0.30 4.17
CA ASP A 568 -25.22 -1.22 5.05
C ASP A 568 -25.55 -0.68 6.45
N THR A 569 -25.32 0.59 6.72
CA THR A 569 -25.86 1.26 7.89
C THR A 569 -27.40 1.43 7.80
N THR A 570 -28.08 1.42 8.95
CA THR A 570 -29.53 1.61 9.00
C THR A 570 -29.91 3.05 8.70
N ASP A 571 -30.64 3.20 7.61
CA ASP A 571 -31.14 4.47 7.08
C ASP A 571 -32.54 4.81 7.62
N ALA A 572 -33.35 3.81 7.96
CA ALA A 572 -34.72 4.00 8.44
C ALA A 572 -35.15 2.87 9.35
N VAL A 573 -36.13 3.11 10.19
CA VAL A 573 -36.54 2.19 11.23
C VAL A 573 -38.04 2.23 11.48
N ARG A 574 -38.66 1.11 11.82
CA ARG A 574 -40.07 1.10 12.17
C ARG A 574 -40.23 1.12 13.69
N ASP A 575 -40.79 2.21 14.21
CA ASP A 575 -41.00 2.48 15.63
C ASP A 575 -41.86 1.42 16.30
N PRO A 576 -41.29 0.55 17.17
CA PRO A 576 -41.95 -0.69 17.58
C PRO A 576 -43.19 -0.49 18.46
N GLN A 577 -43.37 0.69 19.05
CA GLN A 577 -44.52 1.02 19.89
C GLN A 577 -45.72 1.53 19.10
N THR A 578 -45.57 1.78 17.79
CA THR A 578 -46.66 2.38 17.00
C THR A 578 -46.64 2.02 15.51
N LEU A 579 -45.63 1.26 15.06
CA LEU A 579 -45.38 0.81 13.70
C LEU A 579 -45.17 1.93 12.66
N GLU A 580 -44.80 3.15 13.10
CA GLU A 580 -44.46 4.29 12.23
C GLU A 580 -43.07 4.13 11.62
N ILE A 581 -42.85 4.57 10.37
CA ILE A 581 -41.53 4.51 9.78
C ILE A 581 -40.84 5.87 9.86
N LEU A 582 -39.68 5.86 10.50
CA LEU A 582 -38.76 6.99 10.72
C LEU A 582 -37.49 6.88 9.89
N ASP A 583 -37.16 7.93 9.13
CA ASP A 583 -35.85 8.11 8.51
C ASP A 583 -34.83 8.55 9.61
N ILE A 584 -33.62 7.98 9.57
CA ILE A 584 -32.49 8.35 10.40
C ILE A 584 -31.44 9.02 9.51
N THR A 585 -31.01 10.21 9.84
CA THR A 585 -29.86 10.85 9.15
C THR A 585 -28.90 11.41 10.20
N PRO A 586 -27.58 11.45 9.94
CA PRO A 586 -26.62 11.91 10.95
C PRO A 586 -26.84 13.40 11.24
N CYS A 587 -26.67 13.84 12.50
CA CYS A 587 -26.83 15.23 12.84
C CYS A 587 -25.85 16.13 12.04
N SER A 588 -26.26 17.35 11.72
CA SER A 588 -25.53 18.22 10.79
C SER A 588 -24.07 18.43 11.18
N PHE A 589 -23.19 18.43 10.18
CA PHE A 589 -21.76 18.43 10.28
C PHE A 589 -21.12 18.90 8.97
N GLY A 590 -19.84 19.25 9.06
CA GLY A 590 -19.03 19.50 7.86
C GLY A 590 -17.57 19.77 8.24
N GLY A 591 -16.71 19.85 7.23
CA GLY A 591 -15.37 20.34 7.40
C GLY A 591 -15.34 21.80 7.81
N VAL A 592 -14.25 22.24 8.42
CA VAL A 592 -14.03 23.62 8.86
C VAL A 592 -12.61 24.04 8.49
N SER A 593 -12.46 25.08 7.67
CA SER A 593 -11.14 25.61 7.29
C SER A 593 -10.91 26.98 7.91
N VAL A 594 -9.73 27.25 8.43
CA VAL A 594 -9.44 28.53 9.12
C VAL A 594 -8.50 29.39 8.27
N ILE A 595 -8.83 30.65 8.09
CA ILE A 595 -8.16 31.59 7.19
C ILE A 595 -7.42 32.57 8.06
N THR A 596 -6.11 32.67 7.91
CA THR A 596 -5.24 33.51 8.73
C THR A 596 -4.28 34.33 7.88
N PRO A 597 -3.97 35.59 8.23
CA PRO A 597 -2.75 36.24 7.82
C PRO A 597 -1.56 35.59 8.52
N GLY A 598 -0.35 36.08 8.26
CA GLY A 598 0.85 35.67 9.00
C GLY A 598 0.67 35.98 10.50
N THR A 599 1.01 35.02 11.36
CA THR A 599 0.79 35.15 12.82
C THR A 599 1.60 36.33 13.39
N ASN A 600 2.75 36.66 12.79
CA ASN A 600 3.51 37.88 13.10
C ASN A 600 2.81 39.17 12.66
N THR A 601 1.95 39.09 11.66
CA THR A 601 1.14 40.21 11.18
C THR A 601 -0.13 40.39 12.03
N SER A 602 -0.91 39.31 12.31
CA SER A 602 -2.02 39.38 13.31
C SER A 602 -2.48 37.98 13.78
N ASN A 603 -3.09 37.94 14.97
CA ASN A 603 -3.74 36.74 15.50
C ASN A 603 -5.21 36.57 15.06
N GLN A 604 -5.86 37.58 14.51
CA GLN A 604 -7.28 37.44 14.12
C GLN A 604 -7.42 36.57 12.86
N VAL A 605 -8.46 35.75 12.83
CA VAL A 605 -8.71 34.76 11.76
C VAL A 605 -10.19 34.71 11.40
N ALA A 606 -10.48 34.25 10.20
CA ALA A 606 -11.84 33.97 9.74
C ALA A 606 -12.01 32.45 9.58
N VAL A 607 -13.24 31.95 9.58
CA VAL A 607 -13.54 30.51 9.57
C VAL A 607 -14.55 30.22 8.48
N LEU A 608 -14.32 29.17 7.70
CA LEU A 608 -15.20 28.70 6.63
C LEU A 608 -15.77 27.34 6.97
N TYR A 609 -17.08 27.27 7.13
CA TYR A 609 -17.83 26.02 7.31
C TYR A 609 -18.16 25.42 5.92
N GLN A 610 -17.50 24.32 5.56
CA GLN A 610 -17.54 23.76 4.20
C GLN A 610 -18.94 23.26 3.84
N GLY A 611 -19.46 23.68 2.67
CA GLY A 611 -20.73 23.24 2.08
C GLY A 611 -21.99 23.65 2.84
N VAL A 612 -21.83 24.44 3.89
CA VAL A 612 -22.86 24.78 4.86
C VAL A 612 -23.57 26.10 4.57
N ASN A 613 -24.90 26.08 4.70
CA ASN A 613 -25.73 27.29 4.63
C ASN A 613 -25.56 28.13 5.93
N CYS A 614 -25.40 29.45 5.84
CA CYS A 614 -25.37 30.34 7.00
C CYS A 614 -26.67 30.43 7.81
N THR A 615 -27.76 29.77 7.41
CA THR A 615 -28.92 29.56 8.31
C THR A 615 -28.67 28.44 9.34
N GLU A 616 -27.64 27.64 9.13
CA GLU A 616 -27.34 26.42 9.87
C GLU A 616 -26.21 26.62 10.87
N VAL A 617 -25.22 27.48 10.61
CA VAL A 617 -24.20 27.79 11.63
C VAL A 617 -24.75 28.46 12.90
N PRO A 618 -25.78 29.33 12.85
CA PRO A 618 -26.51 29.79 14.04
C PRO A 618 -27.23 28.67 14.79
N VAL A 619 -27.49 27.51 14.19
CA VAL A 619 -28.03 26.30 14.85
C VAL A 619 -26.88 25.48 15.47
N ALA A 620 -25.70 25.48 14.82
CA ALA A 620 -24.40 25.13 15.40
C ALA A 620 -23.85 26.13 16.46
N ILE A 621 -24.73 26.66 17.33
CA ILE A 621 -24.39 27.66 18.36
C ILE A 621 -23.56 27.02 19.52
N GLN A 625 -24.28 20.80 22.31
CA GLN A 625 -22.83 20.88 22.23
C GLN A 625 -22.36 20.69 20.79
N LEU A 626 -21.12 21.12 20.50
CA LEU A 626 -20.41 20.88 19.24
C LEU A 626 -18.91 20.58 19.44
N THR A 627 -18.29 19.94 18.44
CA THR A 627 -16.87 19.55 18.49
C THR A 627 -15.88 20.72 18.68
N PRO A 628 -15.93 21.82 17.89
CA PRO A 628 -15.19 23.04 18.20
C PRO A 628 -15.85 23.82 19.37
N THR A 629 -15.15 23.87 20.51
CA THR A 629 -15.65 24.47 21.77
C THR A 629 -15.46 26.01 21.82
N TRP A 630 -14.73 26.61 20.88
CA TRP A 630 -14.61 28.06 20.65
C TRP A 630 -15.89 28.67 20.04
N ARG A 631 -17.00 28.51 20.73
CA ARG A 631 -18.36 29.04 20.41
C ARG A 631 -18.37 30.52 20.02
N VAL A 632 -17.43 31.34 20.52
CA VAL A 632 -17.40 32.82 20.35
C VAL A 632 -17.48 33.28 18.89
N TYR A 633 -17.00 32.50 17.91
CA TYR A 633 -17.11 32.86 16.49
C TYR A 633 -18.55 32.89 15.97
N SER A 634 -19.47 32.18 16.64
CA SER A 634 -20.92 32.30 16.44
C SER A 634 -21.48 33.74 16.65
N THR A 635 -20.80 34.62 17.38
CA THR A 635 -21.17 36.05 17.55
C THR A 635 -21.22 36.79 16.22
N GLY A 636 -20.51 36.32 15.20
CA GLY A 636 -20.78 36.63 13.80
C GLY A 636 -20.80 38.12 13.45
N SER A 637 -21.99 38.68 13.20
CA SER A 637 -22.32 40.03 12.68
C SER A 637 -21.81 40.35 11.26
N ASN A 638 -20.71 39.72 10.86
CA ASN A 638 -20.09 39.80 9.52
C ASN A 638 -20.17 38.46 8.75
N VAL A 639 -21.17 37.63 9.05
CA VAL A 639 -21.41 36.34 8.41
C VAL A 639 -21.74 36.56 6.94
N PHE A 640 -21.10 35.79 6.07
CA PHE A 640 -21.27 35.87 4.63
C PHE A 640 -21.37 34.47 3.99
N GLN A 641 -22.28 34.29 3.05
CA GLN A 641 -22.44 33.03 2.37
C GLN A 641 -21.58 33.01 1.09
N THR A 642 -20.57 32.13 1.04
CA THR A 642 -19.95 31.75 -0.24
C THR A 642 -20.60 30.48 -0.74
N ARG A 643 -20.55 30.16 -2.02
CA ARG A 643 -21.00 28.82 -2.48
C ARG A 643 -20.10 27.69 -2.00
N ALA A 644 -18.88 28.00 -1.54
CA ALA A 644 -17.99 26.99 -0.95
C ALA A 644 -18.40 26.63 0.49
N GLY A 645 -19.10 27.52 1.19
CA GLY A 645 -19.50 27.40 2.58
C GLY A 645 -19.89 28.71 3.23
N CYS A 646 -20.40 28.67 4.43
CA CYS A 646 -20.60 29.86 5.23
C CYS A 646 -19.25 30.38 5.80
N LEU A 647 -18.93 31.65 5.54
CA LEU A 647 -17.69 32.32 5.92
C LEU A 647 -17.95 33.36 7.00
N ILE A 648 -17.18 33.26 8.10
CA ILE A 648 -17.44 33.99 9.35
C ILE A 648 -16.15 34.66 9.79
N GLY A 649 -16.20 35.92 10.22
CA GLY A 649 -15.08 36.69 10.68
C GLY A 649 -14.37 37.50 9.61
N ALA A 650 -14.80 37.43 8.35
CA ALA A 650 -14.31 38.19 7.22
C ALA A 650 -15.42 39.06 6.63
N GLU A 651 -15.16 40.36 6.47
CA GLU A 651 -16.18 41.25 5.92
C GLU A 651 -16.16 41.30 4.38
N TYR A 652 -17.30 41.03 3.73
CA TYR A 652 -17.36 41.07 2.28
C TYR A 652 -17.28 42.54 1.75
N VAL A 653 -16.52 42.74 0.66
CA VAL A 653 -16.34 44.08 0.02
C VAL A 653 -16.46 43.98 -1.52
N ASN A 654 -17.14 44.97 -2.12
CA ASN A 654 -17.52 44.93 -3.55
C ASN A 654 -16.33 45.06 -4.49
N ASN A 655 -15.37 45.92 -4.16
CA ASN A 655 -14.20 46.19 -4.99
C ASN A 655 -13.23 45.00 -4.97
N SER A 656 -13.00 44.39 -6.13
CA SER A 656 -12.10 43.25 -6.34
C SER A 656 -10.62 43.59 -6.20
N TYR A 657 -9.82 42.59 -5.81
CA TYR A 657 -8.36 42.60 -5.74
C TYR A 657 -7.79 41.35 -6.41
N GLU A 658 -6.47 41.26 -6.49
CA GLU A 658 -5.79 39.99 -6.75
C GLU A 658 -6.14 38.97 -5.67
N CYS A 659 -6.19 37.68 -5.98
CA CYS A 659 -6.46 36.63 -5.00
C CYS A 659 -5.31 36.46 -4.01
N ASP A 660 -5.52 36.81 -2.73
CA ASP A 660 -4.47 36.72 -1.73
C ASP A 660 -4.47 35.37 -1.01
N ILE A 661 -5.58 34.99 -0.38
CA ILE A 661 -5.88 33.64 0.13
C ILE A 661 -7.09 33.08 -0.64
N PRO A 662 -7.04 31.92 -1.29
CA PRO A 662 -8.15 31.40 -2.07
C PRO A 662 -9.23 30.74 -1.22
N ILE A 663 -10.52 31.09 -1.41
CA ILE A 663 -11.61 30.46 -0.67
C ILE A 663 -12.27 29.39 -1.53
N GLY A 664 -12.64 29.72 -2.78
CA GLY A 664 -13.42 28.84 -3.66
C GLY A 664 -14.54 29.57 -4.39
N ALA A 665 -14.99 29.02 -5.50
CA ALA A 665 -16.13 29.57 -6.24
C ALA A 665 -16.01 31.08 -6.51
N GLY A 666 -14.85 31.54 -6.90
CA GLY A 666 -14.54 32.92 -7.24
C GLY A 666 -14.19 33.83 -6.09
N ILE A 667 -14.33 33.38 -4.83
CA ILE A 667 -13.99 34.20 -3.67
C ILE A 667 -12.53 33.99 -3.25
N CYS A 668 -11.93 35.08 -2.78
CA CYS A 668 -10.67 35.11 -2.08
C CYS A 668 -10.78 36.05 -0.86
N ALA A 669 -9.83 35.96 0.06
CA ALA A 669 -9.79 36.70 1.31
C ALA A 669 -8.39 37.26 1.57
N SER A 670 -8.30 38.40 2.23
CA SER A 670 -7.06 39.11 2.48
C SER A 670 -7.12 39.92 3.76
N TYR A 671 -5.98 40.29 4.34
CA TYR A 671 -5.89 41.17 5.49
C TYR A 671 -5.43 42.57 5.09
N GLN A 672 -6.32 43.56 5.09
CA GLN A 672 -5.98 44.97 4.93
C GLN A 672 -7.12 45.88 5.38
N THR A 673 -6.77 47.15 5.54
CA THR A 673 -7.71 48.22 5.88
C THR A 673 -8.48 48.61 4.63
N GLN A 674 -9.82 48.58 4.71
CA GLN A 674 -10.63 48.97 3.56
C GLN A 674 -10.61 50.50 3.46
N THR A 675 -10.97 51.13 4.58
CA THR A 675 -11.00 52.58 4.81
C THR A 675 -11.43 53.35 3.59
N LYS A 676 -12.30 52.73 2.79
CA LYS A 676 -12.76 53.42 1.57
C LYS A 676 -13.28 54.85 1.86
N SER A 677 -14.09 55.02 2.91
CA SER A 677 -14.51 56.31 3.45
C SER A 677 -13.45 56.94 4.37
N VAL A 684 -9.15 57.60 11.99
CA VAL A 684 -9.02 56.26 12.59
C VAL A 684 -9.21 55.17 11.53
N ALA A 685 -8.29 54.21 11.52
CA ALA A 685 -8.34 53.10 10.58
C ALA A 685 -7.45 51.96 11.06
N SER A 686 -8.01 50.75 11.07
CA SER A 686 -7.26 49.58 11.52
C SER A 686 -7.25 48.49 10.46
N GLN A 687 -6.63 47.36 10.78
CA GLN A 687 -6.56 46.23 9.86
C GLN A 687 -7.62 45.18 10.16
N SER A 688 -8.08 44.50 9.13
CA SER A 688 -9.10 43.47 9.28
C SER A 688 -9.11 42.47 8.12
N ILE A 689 -9.75 41.30 8.31
CA ILE A 689 -9.95 40.32 7.23
C ILE A 689 -11.15 40.67 6.35
N ILE A 690 -10.93 40.71 5.04
CA ILE A 690 -11.91 41.02 4.00
C ILE A 690 -12.05 39.86 3.03
N ALA A 691 -13.23 39.68 2.45
CA ALA A 691 -13.52 38.70 1.42
C ALA A 691 -14.08 39.40 0.20
N TYR A 692 -13.71 38.97 -1.00
CA TYR A 692 -14.06 39.64 -2.23
C TYR A 692 -14.06 38.64 -3.39
N THR A 693 -14.84 38.90 -4.44
CA THR A 693 -14.79 38.15 -5.70
C THR A 693 -13.52 38.57 -6.43
N MET A 694 -12.61 37.63 -6.71
CA MET A 694 -11.29 37.97 -7.23
C MET A 694 -11.37 38.66 -8.59
N SER A 695 -10.47 39.61 -8.85
CA SER A 695 -10.28 40.20 -10.16
C SER A 695 -9.50 39.25 -11.07
N LEU A 696 -9.84 39.19 -12.36
CA LEU A 696 -9.10 38.40 -13.33
C LEU A 696 -7.91 39.15 -13.94
N GLY A 697 -7.99 40.47 -13.98
CA GLY A 697 -6.96 41.40 -14.43
C GLY A 697 -7.57 42.77 -14.76
N ALA A 698 -6.76 43.74 -15.16
CA ALA A 698 -7.29 44.96 -15.72
C ALA A 698 -8.00 44.69 -17.05
N GLU A 699 -9.05 45.42 -17.37
CA GLU A 699 -9.86 45.23 -18.59
C GLU A 699 -9.61 46.34 -19.59
N ASN A 700 -9.41 46.03 -20.88
CA ASN A 700 -9.36 47.02 -21.93
C ASN A 700 -9.88 46.52 -23.28
N SER A 701 -10.46 47.42 -24.08
CA SER A 701 -10.80 47.11 -25.47
C SER A 701 -9.59 47.37 -26.35
N VAL A 702 -9.34 46.45 -27.27
CA VAL A 702 -8.31 46.66 -28.31
C VAL A 702 -8.87 47.64 -29.34
N ALA A 703 -8.05 48.60 -29.79
CA ALA A 703 -8.51 49.68 -30.62
C ALA A 703 -8.71 49.30 -32.10
N TYR A 704 -9.21 48.09 -32.38
CA TYR A 704 -9.33 47.56 -33.72
C TYR A 704 -10.23 48.36 -34.64
N SER A 705 -9.84 48.48 -35.90
CA SER A 705 -10.59 49.03 -37.01
C SER A 705 -10.05 48.49 -38.30
N ASN A 706 -10.88 48.26 -39.32
CA ASN A 706 -10.47 47.51 -40.53
C ASN A 706 -9.53 48.28 -41.47
N ASN A 707 -8.88 49.35 -41.00
CA ASN A 707 -7.75 49.99 -41.66
C ASN A 707 -6.67 50.51 -40.70
N SER A 708 -6.65 50.11 -39.42
CA SER A 708 -5.69 50.63 -38.44
C SER A 708 -4.71 49.55 -38.02
N ILE A 709 -3.44 49.92 -37.89
CA ILE A 709 -2.41 49.05 -37.30
C ILE A 709 -1.59 49.78 -36.26
N ALA A 710 -1.10 49.10 -35.22
CA ALA A 710 -0.14 49.71 -34.28
C ALA A 710 1.19 49.03 -34.49
N ILE A 711 2.28 49.79 -34.55
CA ILE A 711 3.64 49.29 -34.75
C ILE A 711 4.56 49.89 -33.66
N PRO A 712 5.40 49.05 -33.02
CA PRO A 712 6.28 49.51 -31.96
C PRO A 712 7.36 50.42 -32.53
N THR A 713 7.52 51.63 -32.00
CA THR A 713 8.60 52.51 -32.39
C THR A 713 9.89 52.26 -31.64
N ASN A 714 9.87 51.47 -30.57
CA ASN A 714 10.99 51.12 -29.73
C ASN A 714 10.90 49.67 -29.23
N PHE A 715 11.85 49.24 -28.42
CA PHE A 715 11.84 47.95 -27.76
C PHE A 715 12.40 48.02 -26.36
N THR A 716 12.15 47.00 -25.55
CA THR A 716 12.96 46.72 -24.36
C THR A 716 13.53 45.32 -24.43
N ILE A 717 14.84 45.16 -24.28
CA ILE A 717 15.42 43.87 -23.89
C ILE A 717 15.08 43.65 -22.43
N SER A 718 14.61 42.47 -22.08
CA SER A 718 14.31 42.14 -20.69
C SER A 718 14.83 40.76 -20.35
N VAL A 719 15.12 40.53 -19.08
CA VAL A 719 15.64 39.26 -18.58
C VAL A 719 14.71 38.75 -17.48
N THR A 720 14.37 37.46 -17.54
CA THR A 720 13.44 36.81 -16.63
C THR A 720 14.08 35.50 -16.17
N THR A 721 13.99 35.16 -14.88
CA THR A 721 14.31 33.85 -14.36
C THR A 721 13.18 32.88 -14.68
N GLU A 722 13.52 31.64 -14.98
CA GLU A 722 12.65 30.47 -14.80
C GLU A 722 13.37 29.36 -14.00
N ILE A 723 12.76 28.93 -12.89
CA ILE A 723 13.36 28.01 -11.95
C ILE A 723 12.71 26.65 -12.09
N LEU A 724 13.50 25.59 -12.29
CA LEU A 724 13.02 24.22 -12.49
C LEU A 724 13.79 23.27 -11.58
N PRO A 725 13.13 22.42 -10.79
CA PRO A 725 13.78 21.33 -10.08
C PRO A 725 14.17 20.23 -11.05
N VAL A 726 15.28 19.56 -10.79
CA VAL A 726 15.91 18.57 -11.68
C VAL A 726 16.10 17.23 -11.01
N SER A 727 16.24 17.22 -9.70
CA SER A 727 16.50 16.02 -8.94
C SER A 727 16.06 16.21 -7.50
N MET A 728 15.91 15.12 -6.76
CA MET A 728 15.60 15.12 -5.34
C MET A 728 16.59 14.22 -4.61
N THR A 729 16.73 14.44 -3.29
CA THR A 729 17.69 13.73 -2.46
C THR A 729 17.59 12.24 -2.68
N LYS A 730 18.71 11.55 -3.01
CA LYS A 730 18.73 10.10 -3.11
C LYS A 730 18.65 9.57 -1.70
N THR A 731 17.72 8.66 -1.44
CA THR A 731 17.64 7.96 -0.14
C THR A 731 17.62 6.46 -0.30
N SER A 732 18.08 5.76 0.74
CA SER A 732 18.04 4.31 0.87
C SER A 732 17.69 3.93 2.30
N VAL A 733 17.31 2.66 2.54
CA VAL A 733 16.95 2.13 3.87
C VAL A 733 17.55 0.75 4.03
N ASP A 734 17.97 0.38 5.25
CA ASP A 734 18.01 -1.02 5.66
C ASP A 734 16.64 -1.34 6.31
N CYS A 735 15.75 -2.01 5.58
CA CYS A 735 14.39 -2.23 6.10
C CYS A 735 14.41 -3.07 7.35
N THR A 736 15.35 -4.00 7.48
CA THR A 736 15.51 -4.79 8.72
C THR A 736 15.80 -3.86 9.88
N MET A 737 16.68 -2.89 9.70
CA MET A 737 17.00 -1.98 10.79
C MET A 737 15.89 -0.98 11.07
N TYR A 738 15.20 -0.49 10.04
CA TYR A 738 14.06 0.38 10.29
C TYR A 738 12.96 -0.37 11.05
N ILE A 739 12.52 -1.53 10.54
CA ILE A 739 11.48 -2.32 11.19
C ILE A 739 11.89 -2.75 12.59
N CYS A 740 13.14 -3.18 12.80
CA CYS A 740 13.64 -3.54 14.12
C CYS A 740 15.18 -3.67 14.21
N GLY A 741 15.86 -2.61 14.66
CA GLY A 741 17.31 -2.65 14.82
C GLY A 741 17.77 -3.60 15.90
N ASP A 742 18.82 -4.38 15.60
CA ASP A 742 19.45 -5.32 16.54
C ASP A 742 18.47 -6.20 17.33
N SER A 743 17.59 -6.91 16.60
CA SER A 743 16.70 -7.92 17.17
C SER A 743 16.56 -9.10 16.22
N THR A 744 17.26 -10.18 16.52
CA THR A 744 17.23 -11.44 15.75
C THR A 744 15.84 -12.08 15.71
N GLU A 745 15.17 -12.05 16.83
CA GLU A 745 13.87 -12.68 17.06
C GLU A 745 12.73 -11.86 16.45
N CYS A 746 12.93 -10.58 16.21
CA CYS A 746 12.12 -9.82 15.26
C CYS A 746 12.48 -10.15 13.79
N SER A 747 13.77 -10.24 13.44
CA SER A 747 14.20 -10.57 12.09
C SER A 747 13.61 -11.89 11.60
N ASN A 748 13.54 -12.90 12.45
CA ASN A 748 12.91 -14.19 12.16
C ASN A 748 11.40 -14.11 11.84
N LEU A 749 10.70 -13.13 12.39
CA LEU A 749 9.31 -12.78 12.03
C LEU A 749 9.27 -12.05 10.68
N LEU A 750 10.11 -11.03 10.48
CA LEU A 750 10.17 -10.30 9.21
C LEU A 750 10.45 -11.23 8.03
N LEU A 751 11.34 -12.20 8.18
CA LEU A 751 11.56 -13.25 7.16
C LEU A 751 10.33 -14.09 6.78
N GLN A 752 9.26 -14.09 7.57
CA GLN A 752 8.02 -14.78 7.16
C GLN A 752 7.26 -13.99 6.07
N TYR A 753 7.52 -12.70 5.93
CA TYR A 753 6.92 -11.87 4.88
C TYR A 753 7.68 -11.97 3.56
N GLY A 754 8.99 -12.12 3.65
CA GLY A 754 9.84 -12.39 2.49
C GLY A 754 10.25 -11.13 1.73
N SER A 755 10.02 -11.09 0.42
CA SER A 755 10.69 -10.18 -0.49
C SER A 755 10.30 -8.70 -0.40
N PHE A 756 9.32 -8.31 0.42
CA PHE A 756 8.93 -6.92 0.59
C PHE A 756 10.12 -6.02 0.94
N CYS A 757 11.00 -6.40 1.84
CA CYS A 757 12.17 -5.58 2.14
C CYS A 757 13.09 -5.41 0.93
N THR A 758 13.28 -6.43 0.11
CA THR A 758 14.05 -6.33 -1.15
C THR A 758 13.34 -5.50 -2.22
N GLN A 759 12.03 -5.61 -2.40
CA GLN A 759 11.25 -4.78 -3.29
C GLN A 759 11.35 -3.29 -2.94
N LEU A 760 11.27 -2.93 -1.65
CA LEU A 760 11.35 -1.53 -1.29
C LEU A 760 12.77 -0.98 -1.50
N LYS A 761 13.78 -1.74 -1.12
CA LYS A 761 15.19 -1.39 -1.28
C LYS A 761 15.58 -1.27 -2.77
N ARG A 762 14.99 -2.10 -3.60
CA ARG A 762 15.22 -2.04 -5.04
C ARG A 762 14.51 -0.82 -5.65
N ALA A 763 13.28 -0.56 -5.22
CA ALA A 763 12.50 0.57 -5.72
C ALA A 763 13.12 1.92 -5.35
N LEU A 764 13.63 2.08 -4.13
CA LEU A 764 14.42 3.24 -3.72
C LEU A 764 15.72 3.31 -4.50
N THR A 765 16.35 2.18 -4.82
CA THR A 765 17.55 2.20 -5.67
C THR A 765 17.18 2.67 -7.08
N GLY A 766 16.06 2.21 -7.61
CA GLY A 766 15.59 2.61 -8.92
C GLY A 766 15.26 4.11 -9.00
N ILE A 767 14.82 4.71 -7.91
CA ILE A 767 14.66 6.18 -7.81
C ILE A 767 16.03 6.86 -7.74
N ALA A 768 16.91 6.32 -6.89
CA ALA A 768 18.20 6.91 -6.58
C ALA A 768 19.10 7.00 -7.82
N VAL A 769 19.25 5.95 -8.62
CA VAL A 769 20.04 6.02 -9.85
C VAL A 769 19.46 6.99 -10.86
N GLU A 770 18.14 7.23 -10.85
CA GLU A 770 17.47 8.14 -11.79
C GLU A 770 17.80 9.61 -11.46
N GLN A 771 18.05 9.98 -10.19
CA GLN A 771 18.42 11.37 -9.86
C GLN A 771 19.73 11.82 -10.52
N ASP A 772 20.70 10.91 -10.69
CA ASP A 772 21.94 11.21 -11.40
C ASP A 772 21.77 11.23 -12.93
N LYS A 773 20.88 10.38 -13.46
CA LYS A 773 20.45 10.45 -14.86
C LYS A 773 19.78 11.77 -15.19
N ASN A 774 18.84 12.21 -14.37
CA ASN A 774 18.16 13.50 -14.55
C ASN A 774 19.14 14.66 -14.53
N THR A 775 20.07 14.68 -13.57
CA THR A 775 21.07 15.74 -13.44
C THR A 775 22.02 15.74 -14.63
N GLN A 776 22.44 14.57 -15.11
CA GLN A 776 23.30 14.41 -16.30
C GLN A 776 22.58 14.85 -17.58
N GLU A 777 21.32 14.51 -17.79
CA GLU A 777 20.60 14.91 -18.99
C GLU A 777 20.30 16.41 -19.06
N VAL A 778 20.12 17.08 -17.93
CA VAL A 778 19.94 18.53 -17.94
C VAL A 778 21.27 19.21 -18.22
N PHE A 779 22.36 18.87 -17.53
CA PHE A 779 23.61 19.63 -17.60
C PHE A 779 24.63 19.14 -18.60
N ALA A 780 24.75 17.84 -18.80
CA ALA A 780 25.77 17.25 -19.69
C ALA A 780 25.40 17.26 -21.18
N GLN A 781 24.84 18.39 -21.62
CA GLN A 781 24.46 18.65 -23.02
C GLN A 781 25.73 18.92 -23.87
N VAL A 782 26.72 19.59 -23.29
CA VAL A 782 28.06 19.85 -23.86
C VAL A 782 28.97 18.64 -23.80
N LYS A 783 29.62 18.40 -24.96
CA LYS A 783 30.65 17.36 -25.16
C LYS A 783 32.04 17.75 -24.64
N GLN A 784 32.29 19.05 -24.44
CA GLN A 784 33.57 19.67 -24.08
C GLN A 784 33.34 20.82 -23.11
N ILE A 785 34.34 21.11 -22.30
CA ILE A 785 34.31 22.20 -21.33
C ILE A 785 34.88 23.43 -22.01
N TYR A 786 34.02 24.20 -22.66
CA TYR A 786 34.40 25.47 -23.27
C TYR A 786 34.82 26.48 -22.21
N LYS A 787 35.81 27.31 -22.55
CA LYS A 787 36.29 28.43 -21.76
C LYS A 787 36.22 29.72 -22.59
N THR A 788 35.84 30.81 -21.92
CA THR A 788 35.91 32.16 -22.50
C THR A 788 37.37 32.59 -22.69
N PRO A 789 37.66 33.52 -23.60
CA PRO A 789 38.98 34.13 -23.69
C PRO A 789 39.41 34.84 -22.41
N PRO A 790 40.70 35.09 -22.22
CA PRO A 790 41.18 35.77 -21.02
C PRO A 790 40.70 37.20 -20.97
N ILE A 791 40.86 37.98 -22.05
CA ILE A 791 40.21 39.29 -22.21
C ILE A 791 38.69 39.16 -22.37
N LYS A 792 37.93 40.05 -21.70
CA LYS A 792 36.47 39.95 -21.64
C LYS A 792 35.80 41.24 -22.06
N TYR A 793 35.44 41.27 -23.33
CA TYR A 793 34.57 42.26 -23.95
C TYR A 793 33.70 41.63 -25.03
N PHE A 794 32.38 41.57 -24.78
CA PHE A 794 31.41 40.91 -25.66
C PHE A 794 30.51 41.94 -26.30
N GLY A 795 31.04 42.81 -27.16
CA GLY A 795 30.25 43.87 -27.81
C GLY A 795 29.64 44.90 -26.85
N GLY A 796 30.10 44.94 -25.59
CA GLY A 796 29.50 45.75 -24.52
C GLY A 796 28.52 45.05 -23.60
N PHE A 797 28.13 43.82 -23.87
CA PHE A 797 27.24 43.07 -22.98
C PHE A 797 28.04 42.48 -21.82
N ASN A 798 27.56 42.66 -20.60
CA ASN A 798 28.40 42.51 -19.40
C ASN A 798 28.03 41.26 -18.60
N PHE A 799 28.57 40.11 -18.98
CA PHE A 799 28.29 38.83 -18.33
C PHE A 799 29.01 38.58 -16.99
N SER A 800 29.73 39.53 -16.39
CA SER A 800 30.52 39.31 -15.18
C SER A 800 29.71 38.84 -13.97
N GLN A 801 28.39 39.05 -13.97
CA GLN A 801 27.49 38.56 -12.93
C GLN A 801 27.09 37.10 -13.12
N ILE A 802 27.36 36.48 -14.26
CA ILE A 802 26.88 35.10 -14.56
C ILE A 802 28.00 34.17 -15.03
N LEU A 803 29.12 34.70 -15.52
CA LEU A 803 30.36 33.92 -15.70
C LEU A 803 31.01 33.60 -14.34
N PRO A 804 31.84 32.53 -14.25
CA PRO A 804 32.41 32.06 -13.02
C PRO A 804 33.39 33.05 -12.39
N ASP A 805 33.43 33.08 -11.05
CA ASP A 805 34.43 33.79 -10.22
C ASP A 805 35.68 32.89 -10.07
N PRO A 806 36.87 33.29 -10.55
CA PRO A 806 38.10 32.62 -10.22
C PRO A 806 38.46 32.64 -8.74
N SER A 807 37.98 33.64 -7.99
CA SER A 807 38.39 33.93 -6.61
C SER A 807 37.68 33.12 -5.50
N LYS A 808 37.04 32.00 -5.83
CA LYS A 808 36.27 31.17 -4.89
C LYS A 808 36.65 29.67 -4.93
N PRO A 809 36.64 28.94 -3.79
CA PRO A 809 37.00 27.53 -3.75
C PRO A 809 36.21 26.61 -4.71
N SER A 810 34.91 26.88 -4.83
CA SER A 810 34.09 26.37 -5.94
C SER A 810 33.90 27.55 -6.90
N LYS A 811 34.07 27.30 -8.20
CA LYS A 811 34.12 28.34 -9.23
C LYS A 811 32.73 28.71 -9.74
N ARG A 812 31.84 29.02 -8.80
CA ARG A 812 30.48 29.42 -9.16
C ARG A 812 30.43 30.92 -9.45
N SER A 813 29.49 31.31 -10.30
CA SER A 813 29.27 32.70 -10.68
C SER A 813 28.63 33.52 -9.56
N PHE A 814 28.64 34.85 -9.69
CA PHE A 814 28.10 35.73 -8.67
C PHE A 814 26.63 35.46 -8.42
N ILE A 815 25.82 35.30 -9.47
CA ILE A 815 24.41 34.97 -9.27
C ILE A 815 24.24 33.55 -8.72
N GLU A 816 25.04 32.53 -9.09
CA GLU A 816 24.85 31.18 -8.52
C GLU A 816 25.02 31.14 -7.01
N ASP A 817 25.84 31.99 -6.42
CA ASP A 817 25.92 32.03 -4.96
C ASP A 817 24.67 32.58 -4.29
N LEU A 818 23.90 33.42 -4.96
CA LEU A 818 22.58 33.82 -4.49
C LEU A 818 21.63 32.62 -4.53
N LEU A 819 21.69 31.82 -5.59
CA LEU A 819 20.83 30.65 -5.72
C LEU A 819 21.18 29.58 -4.65
N PHE A 820 22.46 29.40 -4.34
CA PHE A 820 22.91 28.49 -3.29
C PHE A 820 22.57 28.99 -1.89
N ASN A 821 22.85 30.23 -1.57
CA ASN A 821 22.66 30.75 -0.23
C ASN A 821 21.19 30.87 0.19
N LYS A 822 20.22 30.73 -0.72
CA LYS A 822 18.78 30.79 -0.41
C LYS A 822 18.03 29.44 -0.41
N VAL A 823 18.65 28.32 -0.78
CA VAL A 823 18.04 26.99 -0.69
C VAL A 823 18.83 26.15 0.33
N THR A 824 18.14 25.58 1.33
CA THR A 824 18.78 24.97 2.49
C THR A 824 17.96 23.77 2.99
N GLY A 829 24.15 14.95 1.44
CA GLY A 829 24.37 13.50 1.65
C GLY A 829 25.84 13.13 1.97
N PHE A 830 26.69 14.11 2.26
CA PHE A 830 28.10 13.94 2.59
C PHE A 830 28.39 13.28 3.97
N ILE A 831 29.60 12.74 4.13
CA ILE A 831 30.05 12.02 5.33
C ILE A 831 29.78 12.77 6.65
N LYS A 832 29.17 12.05 7.60
CA LYS A 832 28.96 12.45 9.01
C LYS A 832 29.75 11.51 9.90
N GLN A 833 30.37 12.00 11.00
CA GLN A 833 31.40 11.21 11.70
C GLN A 833 30.84 10.29 12.80
N TYR A 834 29.60 10.48 13.26
CA TYR A 834 28.86 9.87 14.38
C TYR A 834 29.49 10.14 15.76
N GLY A 835 30.79 10.47 15.83
CA GLY A 835 31.38 11.22 16.95
C GLY A 835 30.80 12.64 17.08
N ASP A 836 30.16 13.17 16.03
CA ASP A 836 29.37 14.40 16.08
C ASP A 836 27.95 14.11 16.64
N CYS A 837 27.34 12.99 16.25
CA CYS A 837 26.01 12.58 16.73
C CYS A 837 25.97 12.26 18.23
N LEU A 838 27.05 11.84 18.89
CA LEU A 838 27.03 11.54 20.33
C LEU A 838 27.11 12.80 21.23
N GLY A 839 26.39 13.85 20.85
CA GLY A 839 26.26 15.14 21.53
C GLY A 839 25.05 15.91 21.02
N ASP A 840 25.03 17.23 21.30
CA ASP A 840 23.89 18.13 21.04
C ASP A 840 23.40 18.19 19.57
N ILE A 841 24.26 17.86 18.59
CA ILE A 841 23.88 17.84 17.15
C ILE A 841 22.75 16.84 16.88
N ALA A 842 22.84 15.61 17.41
CA ALA A 842 21.73 14.64 17.25
C ALA A 842 20.45 15.04 18.03
N ALA A 843 20.52 15.97 19.01
CA ALA A 843 19.31 16.45 19.68
C ALA A 843 18.59 17.53 18.85
N ARG A 844 19.31 18.49 18.28
CA ARG A 844 18.68 19.56 17.50
C ARG A 844 18.49 19.30 16.00
N ASP A 845 19.27 18.39 15.44
CA ASP A 845 19.21 18.07 14.02
C ASP A 845 18.58 16.68 13.82
N LEU A 846 17.45 16.60 13.12
CA LEU A 846 16.74 15.35 12.92
C LEU A 846 17.48 14.36 11.99
N ILE A 847 18.42 14.83 11.15
CA ILE A 847 19.15 13.98 10.21
C ILE A 847 19.86 12.84 10.94
N CYS A 848 20.43 13.09 12.12
CA CYS A 848 21.05 11.98 12.86
C CYS A 848 20.02 10.98 13.40
N ALA A 849 18.81 11.41 13.79
CA ALA A 849 17.75 10.47 14.20
C ALA A 849 17.26 9.62 13.06
N GLN A 850 17.14 10.20 11.87
CA GLN A 850 16.82 9.43 10.66
C GLN A 850 17.95 8.41 10.48
N LYS A 851 19.24 8.81 10.58
CA LYS A 851 20.37 7.89 10.37
C LYS A 851 20.41 6.74 11.36
N PHE A 852 20.09 7.00 12.62
CA PHE A 852 20.00 5.98 13.69
C PHE A 852 18.78 5.05 13.54
N ASN A 853 17.95 5.21 12.48
CA ASN A 853 16.91 4.28 12.11
C ASN A 853 17.07 3.69 10.69
N GLY A 854 18.29 3.70 10.16
CA GLY A 854 18.62 3.04 8.89
C GLY A 854 18.33 3.91 7.66
N LEU A 855 17.46 4.91 7.79
CA LEU A 855 17.11 5.86 6.74
C LEU A 855 18.35 6.65 6.36
N THR A 856 18.76 6.59 5.10
CA THR A 856 20.07 7.09 4.72
C THR A 856 19.93 7.99 3.50
N VAL A 857 20.69 9.10 3.49
CA VAL A 857 20.75 10.04 2.37
C VAL A 857 22.08 9.87 1.64
N LEU A 858 22.01 9.75 0.31
CA LEU A 858 23.15 9.46 -0.56
C LEU A 858 23.60 10.69 -1.32
N PRO A 859 24.91 10.93 -1.53
CA PRO A 859 25.32 12.09 -2.25
C PRO A 859 25.10 11.91 -3.76
N PRO A 860 24.87 13.00 -4.49
CA PRO A 860 24.72 12.96 -5.92
C PRO A 860 26.05 12.62 -6.60
N LEU A 861 25.98 12.04 -7.81
CA LEU A 861 27.19 11.66 -8.57
C LEU A 861 28.01 12.87 -9.01
N LEU A 862 27.35 13.96 -9.38
CA LEU A 862 27.99 15.20 -9.84
C LEU A 862 27.99 16.22 -8.71
N THR A 863 29.16 16.67 -8.28
CA THR A 863 29.24 17.68 -7.20
C THR A 863 28.74 19.03 -7.68
N ASP A 864 28.42 19.92 -6.75
CA ASP A 864 28.08 21.32 -7.06
C ASP A 864 29.17 22.12 -7.78
N GLU A 865 30.44 21.68 -7.69
CA GLU A 865 31.52 22.15 -8.57
C GLU A 865 31.40 21.56 -9.99
N MET A 866 31.22 20.24 -10.15
CA MET A 866 31.11 19.65 -11.49
C MET A 866 29.89 20.14 -12.26
N ILE A 867 28.79 20.43 -11.58
CA ILE A 867 27.65 21.10 -12.20
C ILE A 867 27.93 22.53 -12.57
N ALA A 868 28.71 23.25 -11.77
CA ALA A 868 29.11 24.61 -12.11
C ALA A 868 30.09 24.62 -13.29
N GLN A 869 30.88 23.57 -13.49
CA GLN A 869 31.71 23.46 -14.70
C GLN A 869 30.86 23.20 -15.93
N TYR A 870 29.93 22.24 -15.90
CA TYR A 870 29.03 22.01 -17.04
C TYR A 870 28.25 23.29 -17.42
N THR A 871 27.77 24.02 -16.41
CA THR A 871 27.06 25.27 -16.61
C THR A 871 27.95 26.37 -17.18
N SER A 872 29.20 26.49 -16.73
CA SER A 872 30.14 27.44 -17.25
C SER A 872 30.56 27.10 -18.68
N ALA A 873 30.66 25.81 -19.02
CA ALA A 873 30.87 25.38 -20.39
C ALA A 873 29.68 25.67 -21.29
N LEU A 874 28.43 25.45 -20.86
CA LEU A 874 27.26 25.86 -21.63
C LEU A 874 27.26 27.38 -21.86
N LEU A 875 27.50 28.18 -20.82
CA LEU A 875 27.52 29.64 -20.89
C LEU A 875 28.68 30.18 -21.74
N ALA A 876 29.88 29.62 -21.61
CA ALA A 876 31.00 30.02 -22.46
C ALA A 876 30.79 29.62 -23.91
N GLY A 877 30.10 28.50 -24.17
CA GLY A 877 29.74 28.09 -25.50
C GLY A 877 28.80 29.06 -26.17
N THR A 878 27.72 29.44 -25.50
CA THR A 878 26.76 30.43 -26.01
C THR A 878 27.39 31.79 -26.28
N ILE A 879 28.02 32.43 -25.30
CA ILE A 879 28.48 33.83 -25.51
C ILE A 879 29.65 33.95 -26.46
N THR A 880 30.37 32.85 -26.75
CA THR A 880 31.43 32.88 -27.76
C THR A 880 31.07 32.31 -29.11
N SER A 881 29.99 31.55 -29.25
CA SER A 881 29.71 30.81 -30.50
C SER A 881 28.22 30.61 -30.83
N GLY A 882 27.27 31.24 -30.12
CA GLY A 882 25.88 31.21 -30.49
C GLY A 882 25.28 29.81 -30.34
N TRP A 883 24.49 29.35 -31.31
CA TRP A 883 24.01 27.95 -31.32
C TRP A 883 25.00 26.94 -31.92
N THR A 884 26.12 27.36 -32.50
CA THR A 884 26.96 26.51 -33.36
C THR A 884 27.54 25.33 -32.61
N PHE A 885 27.93 25.53 -31.36
CA PHE A 885 28.46 24.46 -30.47
C PHE A 885 27.42 23.37 -30.16
N GLY A 886 26.13 23.68 -30.34
CA GLY A 886 25.03 22.75 -30.20
C GLY A 886 24.90 21.85 -31.41
N ALA A 887 25.06 22.38 -32.60
CA ALA A 887 24.92 21.63 -33.84
C ALA A 887 26.18 20.82 -34.19
N GLY A 888 27.39 21.32 -33.84
CA GLY A 888 28.64 20.73 -34.35
C GLY A 888 29.83 21.21 -33.52
N ALA A 889 30.96 21.51 -34.14
CA ALA A 889 32.03 22.22 -33.50
C ALA A 889 31.60 23.64 -33.06
N ALA A 890 32.23 24.22 -32.02
CA ALA A 890 32.00 25.62 -31.68
C ALA A 890 32.72 26.51 -32.67
N LEU A 891 31.99 27.39 -33.33
CA LEU A 891 32.50 28.35 -34.29
C LEU A 891 32.40 29.76 -33.71
N GLN A 892 33.53 30.43 -33.48
CA GLN A 892 33.48 31.76 -32.90
C GLN A 892 32.79 32.75 -33.85
N ILE A 893 32.07 33.73 -33.29
CA ILE A 893 31.49 34.87 -34.00
C ILE A 893 31.45 36.05 -33.01
N PRO A 894 31.71 37.31 -33.41
CA PRO A 894 31.64 38.42 -32.46
C PRO A 894 30.26 38.55 -31.83
N PHE A 895 30.16 38.90 -30.55
CA PHE A 895 28.85 38.83 -29.90
C PHE A 895 27.82 39.81 -30.49
N ALA A 896 28.24 40.99 -30.95
CA ALA A 896 27.33 41.90 -31.62
C ALA A 896 26.80 41.30 -32.93
N MET A 897 27.50 40.40 -33.60
CA MET A 897 26.98 39.71 -34.78
C MET A 897 26.13 38.50 -34.42
N GLN A 898 26.43 37.87 -33.29
CA GLN A 898 25.56 36.84 -32.74
C GLN A 898 24.18 37.40 -32.44
N MET A 899 24.11 38.57 -31.80
CA MET A 899 22.84 39.26 -31.57
C MET A 899 22.20 39.70 -32.88
N ALA A 900 22.96 40.06 -33.90
CA ALA A 900 22.40 40.36 -35.21
C ALA A 900 21.72 39.17 -35.90
N TYR A 901 22.28 37.98 -35.75
CA TYR A 901 21.65 36.79 -36.30
C TYR A 901 20.36 36.50 -35.51
N ARG A 902 20.38 36.78 -34.21
CA ARG A 902 19.22 36.57 -33.33
C ARG A 902 18.09 37.55 -33.58
N PHE A 903 18.40 38.80 -33.92
CA PHE A 903 17.38 39.74 -34.36
C PHE A 903 16.73 39.31 -35.69
N ASN A 904 17.49 38.81 -36.70
CA ASN A 904 16.88 38.23 -37.89
C ASN A 904 15.98 37.02 -37.53
N GLY A 905 16.30 36.27 -36.49
CA GLY A 905 15.49 35.14 -36.04
C GLY A 905 14.09 35.54 -35.58
N ILE A 906 13.95 36.71 -34.96
CA ILE A 906 12.65 37.27 -34.54
C ILE A 906 12.01 38.15 -35.62
N GLY A 907 12.57 38.20 -36.83
CA GLY A 907 12.01 38.97 -37.93
C GLY A 907 12.28 40.48 -37.79
N VAL A 908 13.33 40.90 -37.09
CA VAL A 908 13.81 42.27 -37.01
C VAL A 908 15.11 42.40 -37.79
N THR A 909 15.22 43.35 -38.70
CA THR A 909 16.40 43.46 -39.59
C THR A 909 17.62 43.85 -38.77
N GLN A 910 18.77 43.25 -39.08
CA GLN A 910 19.98 43.39 -38.25
C GLN A 910 20.54 44.81 -38.14
N ASN A 911 20.17 45.72 -39.03
CA ASN A 911 20.59 47.12 -38.83
C ASN A 911 19.95 47.73 -37.59
N VAL A 912 18.79 47.23 -37.15
CA VAL A 912 18.12 47.67 -35.92
C VAL A 912 18.93 47.32 -34.70
N LEU A 913 19.79 46.30 -34.73
CA LEU A 913 20.74 46.08 -33.65
C LEU A 913 21.85 47.11 -33.72
N TYR A 914 22.66 47.15 -34.79
CA TYR A 914 23.90 47.92 -34.80
C TYR A 914 23.66 49.42 -34.61
N GLU A 915 22.62 49.95 -35.22
CA GLU A 915 22.25 51.36 -35.06
C GLU A 915 21.78 51.72 -33.63
N ASN A 916 21.56 50.70 -32.79
CA ASN A 916 21.07 50.83 -31.41
C ASN A 916 21.93 50.03 -30.42
N GLN A 917 23.17 49.62 -30.76
CA GLN A 917 23.87 48.59 -29.99
C GLN A 917 24.13 48.99 -28.55
N LYS A 918 24.50 50.24 -28.30
CA LYS A 918 24.81 50.69 -26.96
C LYS A 918 23.57 50.73 -26.07
N LEU A 919 22.42 51.08 -26.62
CA LEU A 919 21.12 50.95 -25.94
C LEU A 919 20.77 49.51 -25.63
N ILE A 920 20.90 48.59 -26.57
CA ILE A 920 20.59 47.17 -26.40
C ILE A 920 21.50 46.56 -25.32
N ALA A 921 22.80 46.90 -25.31
CA ALA A 921 23.70 46.54 -24.26
C ALA A 921 23.28 47.15 -22.91
N ASN A 922 22.95 48.45 -22.83
CA ASN A 922 22.52 49.03 -21.55
C ASN A 922 21.20 48.47 -21.03
N GLN A 923 20.24 48.17 -21.88
CA GLN A 923 19.00 47.49 -21.47
C GLN A 923 19.27 46.09 -20.94
N PHE A 924 20.14 45.34 -21.61
CA PHE A 924 20.57 44.03 -21.09
C PHE A 924 21.37 44.13 -19.77
N ASN A 925 22.38 44.98 -19.71
CA ASN A 925 23.23 45.19 -18.52
C ASN A 925 22.40 45.62 -17.30
N SER A 926 21.45 46.55 -17.47
CA SER A 926 20.58 46.96 -16.37
C SER A 926 19.51 45.92 -16.02
N ALA A 927 19.03 45.10 -16.97
CA ALA A 927 18.09 44.01 -16.68
C ALA A 927 18.77 42.90 -15.86
N ILE A 928 20.00 42.51 -16.19
CA ILE A 928 20.80 41.61 -15.34
C ILE A 928 21.05 42.22 -13.97
N GLY A 929 21.22 43.54 -13.88
CA GLY A 929 21.38 44.21 -12.59
C GLY A 929 20.12 44.11 -11.73
N LYS A 930 18.90 44.04 -12.31
CA LYS A 930 17.70 43.76 -11.52
C LYS A 930 17.66 42.32 -11.01
N ILE A 931 18.16 41.33 -11.78
CA ILE A 931 17.99 39.92 -11.38
C ILE A 931 18.65 39.64 -10.05
N GLN A 932 19.90 40.07 -9.86
CA GLN A 932 20.62 39.84 -8.62
C GLN A 932 19.93 40.51 -7.41
N ASP A 933 19.33 41.69 -7.59
CA ASP A 933 18.60 42.39 -6.51
C ASP A 933 17.28 41.76 -6.20
N SER A 934 16.56 41.30 -7.23
CA SER A 934 15.34 40.52 -7.02
C SER A 934 15.63 39.23 -6.24
N LEU A 935 16.68 38.52 -6.59
CA LEU A 935 17.20 37.38 -5.86
C LEU A 935 17.67 37.75 -4.43
N SER A 936 18.28 38.93 -4.23
CA SER A 936 18.67 39.41 -2.90
C SER A 936 17.50 39.86 -2.01
N SER A 937 16.28 40.02 -2.58
CA SER A 937 15.16 40.72 -1.90
C SER A 937 13.90 39.85 -1.74
N THR A 938 13.38 39.24 -2.83
CA THR A 938 12.23 38.37 -2.75
C THR A 938 12.64 37.02 -2.20
N ALA A 939 12.35 36.82 -0.90
CA ALA A 939 12.77 35.65 -0.16
C ALA A 939 12.22 34.34 -0.76
N SER A 940 10.93 34.34 -1.12
CA SER A 940 10.19 33.18 -1.60
C SER A 940 10.45 32.75 -3.06
N ALA A 941 11.28 33.45 -3.87
CA ALA A 941 11.39 33.15 -5.31
C ALA A 941 11.82 31.70 -5.69
N LEU A 942 12.82 31.14 -4.98
CA LEU A 942 13.25 29.74 -5.17
C LEU A 942 12.38 28.69 -4.46
N GLY A 943 11.14 29.02 -4.05
CA GLY A 943 10.21 28.05 -3.46
C GLY A 943 10.02 26.78 -4.25
N LYS A 944 10.07 26.83 -5.57
CA LYS A 944 9.97 25.62 -6.41
C LYS A 944 11.07 24.61 -6.14
N LEU A 945 12.24 25.01 -5.65
CA LEU A 945 13.31 24.14 -5.19
C LEU A 945 13.24 23.86 -3.67
N GLN A 946 13.00 24.89 -2.84
CA GLN A 946 12.87 24.73 -1.40
C GLN A 946 11.70 23.81 -1.02
N ASP A 947 10.62 23.76 -1.79
CA ASP A 947 9.54 22.79 -1.65
C ASP A 947 10.02 21.36 -1.79
N VAL A 948 10.94 21.09 -2.72
CA VAL A 948 11.48 19.72 -2.91
C VAL A 948 12.30 19.29 -1.71
N VAL A 949 13.15 20.17 -1.22
CA VAL A 949 13.95 19.93 0.00
C VAL A 949 13.07 19.76 1.23
N ASN A 950 12.05 20.61 1.38
CA ASN A 950 11.07 20.52 2.45
C ASN A 950 10.35 19.17 2.41
N HIS A 951 9.75 18.78 1.28
CA HIS A 951 8.97 17.53 1.21
C HIS A 951 9.84 16.27 1.39
N ASN A 952 11.03 16.23 0.82
CA ASN A 952 11.94 15.11 0.99
C ASN A 952 12.60 15.02 2.39
N ALA A 953 12.53 16.07 3.23
CA ALA A 953 12.86 16.00 4.66
C ALA A 953 11.63 15.60 5.47
N GLN A 954 10.50 16.26 5.20
CA GLN A 954 9.24 16.00 5.88
C GLN A 954 8.80 14.54 5.78
N ALA A 955 8.98 13.86 4.64
CA ALA A 955 8.64 12.45 4.51
C ALA A 955 9.56 11.54 5.34
N LEU A 956 10.83 11.88 5.55
CA LEU A 956 11.71 11.12 6.44
C LEU A 956 11.36 11.33 7.90
N ASN A 957 11.12 12.57 8.33
CA ASN A 957 10.69 12.84 9.70
C ASN A 957 9.35 12.20 10.03
N THR A 958 8.41 12.18 9.08
CA THR A 958 7.18 11.40 9.23
C THR A 958 7.48 9.90 9.38
N LEU A 959 8.35 9.33 8.54
CA LEU A 959 8.72 7.92 8.64
C LEU A 959 9.43 7.56 9.96
N VAL A 960 10.19 8.48 10.55
CA VAL A 960 10.79 8.37 11.89
C VAL A 960 9.73 8.44 12.98
N LYS A 961 8.74 9.32 12.91
CA LYS A 961 7.66 9.41 13.92
C LYS A 961 6.75 8.18 13.92
N GLN A 962 6.65 7.43 12.82
CA GLN A 962 5.95 6.15 12.83
C GLN A 962 6.56 5.13 13.79
N LEU A 963 7.80 5.31 14.21
CA LEU A 963 8.44 4.46 15.23
C LEU A 963 7.91 4.74 16.64
N SER A 964 7.14 5.82 16.84
CA SER A 964 6.23 6.00 18.00
C SER A 964 4.91 5.22 17.95
N SER A 965 4.43 4.86 16.75
CA SER A 965 3.10 4.24 16.61
C SER A 965 3.05 2.85 17.26
N LYS A 966 1.97 2.58 17.99
CA LYS A 966 1.77 1.30 18.66
C LYS A 966 1.13 0.23 17.80
N PHE A 967 0.35 0.58 16.78
CA PHE A 967 -0.46 -0.33 15.98
C PHE A 967 -1.33 -1.32 16.79
N GLY A 968 -1.68 -0.85 18.00
CA GLY A 968 -2.47 -1.57 19.01
C GLY A 968 -1.68 -2.52 19.91
N ALA A 969 -0.36 -2.60 19.76
CA ALA A 969 0.49 -3.36 20.67
C ALA A 969 0.63 -2.71 22.07
N ILE A 970 1.08 -3.47 23.06
CA ILE A 970 1.33 -2.98 24.42
C ILE A 970 2.37 -1.86 24.50
N SER A 971 3.25 -1.72 23.50
CA SER A 971 4.20 -0.60 23.41
C SER A 971 4.68 -0.43 21.97
N SER A 972 5.25 0.71 21.67
CA SER A 972 6.06 0.93 20.47
C SER A 972 7.51 0.50 20.66
N VAL A 973 8.02 0.42 21.89
CA VAL A 973 9.36 -0.05 22.21
C VAL A 973 9.48 -1.56 22.17
N LEU A 974 10.04 -2.08 21.10
CA LEU A 974 10.16 -3.50 20.88
C LEU A 974 10.95 -4.22 21.98
N ASN A 975 11.99 -3.59 22.54
CA ASN A 975 12.75 -4.13 23.67
C ASN A 975 11.88 -4.35 24.93
N ASP A 976 10.84 -3.52 25.13
CA ASP A 976 9.88 -3.67 26.23
C ASP A 976 8.92 -4.82 25.95
N ILE A 977 8.42 -5.00 24.72
CA ILE A 977 7.66 -6.21 24.36
C ILE A 977 8.51 -7.46 24.57
N LEU A 978 9.80 -7.43 24.25
CA LEU A 978 10.70 -8.56 24.45
C LEU A 978 11.10 -8.78 25.91
N SER A 979 11.01 -7.76 26.76
CA SER A 979 11.27 -7.87 28.17
C SER A 979 10.04 -8.28 28.99
N ARG A 980 8.87 -7.73 28.64
CA ARG A 980 7.63 -7.96 29.36
C ARG A 980 6.71 -9.10 28.90
N LEU A 981 7.13 -9.79 27.86
CA LEU A 981 6.50 -11.00 27.31
C LEU A 981 7.59 -11.98 26.85
N ASP A 982 7.19 -13.19 26.50
CA ASP A 982 8.10 -14.16 25.88
C ASP A 982 7.42 -14.95 24.74
N LYS A 983 8.25 -15.49 23.83
CA LYS A 983 7.91 -16.28 22.64
C LYS A 983 6.44 -16.26 22.24
N VAL A 984 5.63 -17.22 22.70
CA VAL A 984 4.28 -17.45 22.13
C VAL A 984 3.32 -16.26 22.32
N GLU A 985 3.42 -15.59 23.45
CA GLU A 985 2.65 -14.41 23.79
C GLU A 985 3.27 -13.15 23.18
N ALA A 986 4.60 -13.06 23.15
CA ALA A 986 5.29 -11.93 22.57
C ALA A 986 5.12 -11.81 21.05
N GLU A 987 5.25 -12.91 20.30
CA GLU A 987 5.34 -12.85 18.85
C GLU A 987 4.09 -12.30 18.17
N VAL A 988 2.90 -12.33 18.81
CA VAL A 988 1.69 -11.62 18.32
C VAL A 988 1.83 -10.11 18.50
N GLN A 989 2.30 -9.67 19.65
CA GLN A 989 2.50 -8.23 19.97
C GLN A 989 3.60 -7.62 19.10
N ILE A 990 4.64 -8.40 18.72
CA ILE A 990 5.67 -7.94 17.77
C ILE A 990 5.12 -7.91 16.35
N ASP A 991 4.34 -8.89 15.88
CA ASP A 991 3.83 -8.95 14.51
C ASP A 991 2.87 -7.79 14.14
N ARG A 992 2.30 -7.13 15.14
CA ARG A 992 1.64 -5.83 15.00
C ARG A 992 2.63 -4.74 14.58
N LEU A 993 3.76 -4.59 15.23
CA LEU A 993 4.80 -3.64 14.86
C LEU A 993 5.41 -4.00 13.50
N ILE A 994 5.61 -5.30 13.17
CA ILE A 994 6.06 -5.69 11.79
C ILE A 994 5.06 -5.18 10.76
N THR A 995 3.78 -5.48 10.95
CA THR A 995 2.73 -5.06 10.00
C THR A 995 2.67 -3.54 9.83
N GLY A 996 2.67 -2.79 10.94
CA GLY A 996 2.59 -1.34 10.93
C GLY A 996 3.83 -0.64 10.39
N ARG A 997 5.00 -1.09 10.81
CA ARG A 997 6.23 -0.49 10.33
C ARG A 997 6.33 -0.69 8.82
N LEU A 998 6.21 -1.94 8.39
CA LEU A 998 6.20 -2.27 6.97
C LEU A 998 5.19 -1.42 6.20
N GLN A 999 3.98 -1.18 6.72
CA GLN A 999 3.01 -0.31 6.05
C GLN A 999 3.54 1.13 5.95
N SER A 1000 4.29 1.58 6.96
CA SER A 1000 4.87 2.93 7.00
C SER A 1000 5.94 3.13 5.97
N LEU A 1001 6.79 2.13 5.78
CA LEU A 1001 7.81 2.10 4.73
C LEU A 1001 7.18 2.00 3.35
N GLN A 1002 6.27 1.06 3.13
CA GLN A 1002 5.63 0.94 1.83
C GLN A 1002 4.82 2.19 1.41
N THR A 1003 4.31 2.96 2.37
CA THR A 1003 3.66 4.24 2.10
C THR A 1003 4.68 5.30 1.70
N TYR A 1004 5.81 5.39 2.39
CA TYR A 1004 6.90 6.31 2.05
C TYR A 1004 7.44 6.03 0.64
N VAL A 1005 7.74 4.77 0.30
CA VAL A 1005 8.26 4.41 -1.02
C VAL A 1005 7.24 4.69 -2.12
N THR A 1006 5.96 4.42 -1.90
CA THR A 1006 4.91 4.76 -2.88
C THR A 1006 4.82 6.26 -3.11
N GLN A 1007 4.95 7.11 -2.10
CA GLN A 1007 5.00 8.56 -2.26
C GLN A 1007 6.28 8.98 -2.97
N GLN A 1008 7.43 8.38 -2.66
CA GLN A 1008 8.66 8.74 -3.34
C GLN A 1008 8.70 8.34 -4.80
N LEU A 1009 8.11 7.22 -5.21
CA LEU A 1009 7.94 6.87 -6.62
C LEU A 1009 7.09 7.90 -7.36
N ILE A 1010 6.03 8.40 -6.71
CA ILE A 1010 5.16 9.40 -7.30
C ILE A 1010 5.82 10.76 -7.34
N ARG A 1011 6.67 11.10 -6.39
CA ARG A 1011 7.40 12.35 -6.50
C ARG A 1011 8.46 12.17 -7.58
N ALA A 1012 9.18 11.06 -7.57
CA ALA A 1012 10.15 10.79 -8.64
C ALA A 1012 9.56 10.94 -10.03
N ALA A 1013 8.34 10.44 -10.27
CA ALA A 1013 7.71 10.67 -11.58
C ALA A 1013 7.47 12.16 -11.88
N GLU A 1014 7.20 12.99 -10.86
CA GLU A 1014 7.04 14.43 -11.03
C GLU A 1014 8.37 15.15 -11.26
N ILE A 1015 9.41 14.83 -10.49
CA ILE A 1015 10.72 15.45 -10.66
C ILE A 1015 11.37 15.01 -11.98
N ARG A 1016 11.16 13.76 -12.45
CA ARG A 1016 11.57 13.34 -13.78
C ARG A 1016 10.88 14.16 -14.86
N ALA A 1017 9.58 14.41 -14.81
CA ALA A 1017 8.91 15.20 -15.81
C ALA A 1017 9.44 16.64 -15.85
N SER A 1018 9.81 17.19 -14.69
CA SER A 1018 10.52 18.46 -14.61
C SER A 1018 11.94 18.42 -15.15
N ALA A 1019 12.71 17.37 -14.93
CA ALA A 1019 14.03 17.21 -15.52
C ALA A 1019 13.98 17.07 -17.02
N ASN A 1020 13.00 16.35 -17.60
CA ASN A 1020 12.79 16.24 -19.05
C ASN A 1020 12.42 17.60 -19.64
N LEU A 1021 11.61 18.42 -18.97
CA LEU A 1021 11.37 19.82 -19.38
C LEU A 1021 12.66 20.68 -19.27
N ALA A 1022 13.38 20.63 -18.15
CA ALA A 1022 14.62 21.36 -18.01
C ALA A 1022 15.69 20.97 -19.03
N ALA A 1023 15.77 19.70 -19.45
CA ALA A 1023 16.64 19.26 -20.53
C ALA A 1023 16.19 19.79 -21.88
N THR A 1024 14.89 19.80 -22.11
CA THR A 1024 14.27 20.37 -23.30
C THR A 1024 14.50 21.87 -23.40
N LYS A 1025 14.36 22.61 -22.30
CA LYS A 1025 14.71 24.04 -22.28
C LYS A 1025 16.22 24.28 -22.41
N MET A 1026 17.08 23.43 -21.85
CA MET A 1026 18.51 23.53 -22.09
C MET A 1026 18.83 23.35 -23.57
N SER A 1027 18.24 22.35 -24.19
CA SER A 1027 18.45 22.06 -25.61
C SER A 1027 17.94 23.21 -26.49
N GLU A 1028 16.74 23.72 -26.29
CA GLU A 1028 16.08 24.61 -27.23
C GLU A 1028 16.27 26.11 -26.88
N CYS A 1029 16.42 26.49 -25.62
CA CYS A 1029 16.65 27.87 -25.23
C CYS A 1029 18.13 28.23 -25.08
N VAL A 1030 18.99 27.32 -24.59
CA VAL A 1030 20.40 27.64 -24.35
C VAL A 1030 21.28 27.28 -25.57
N LEU A 1031 21.12 26.07 -26.11
CA LEU A 1031 21.83 25.58 -27.31
C LEU A 1031 21.26 26.13 -28.64
N GLY A 1032 20.25 26.99 -28.58
CA GLY A 1032 19.45 27.38 -29.73
C GLY A 1032 18.85 28.79 -29.63
N GLN A 1033 17.81 29.00 -30.43
CA GLN A 1033 16.83 30.07 -30.22
C GLN A 1033 15.46 29.50 -30.54
N SER A 1034 14.43 29.84 -29.75
CA SER A 1034 13.13 29.20 -29.90
C SER A 1034 12.08 30.06 -30.56
N LYS A 1035 11.36 29.55 -31.55
CA LYS A 1035 10.16 30.18 -32.13
C LYS A 1035 8.86 29.82 -31.39
N ARG A 1036 8.98 29.02 -30.32
CA ARG A 1036 7.84 28.62 -29.53
C ARG A 1036 7.44 29.74 -28.58
N VAL A 1037 6.28 30.34 -28.82
CA VAL A 1037 5.79 31.46 -27.98
C VAL A 1037 5.68 31.07 -26.53
N ASP A 1038 6.07 31.99 -25.65
CA ASP A 1038 6.20 31.89 -24.20
C ASP A 1038 7.02 30.72 -23.63
N PHE A 1039 7.60 29.87 -24.50
CA PHE A 1039 8.36 28.70 -24.02
C PHE A 1039 9.65 29.11 -23.33
N CYS A 1040 10.54 29.84 -24.01
CA CYS A 1040 11.78 30.37 -23.45
C CYS A 1040 11.58 31.79 -22.89
N GLY A 1041 10.63 31.94 -21.97
CA GLY A 1041 10.21 33.20 -21.37
C GLY A 1041 9.23 34.05 -22.19
N LYS A 1042 8.69 35.07 -21.55
CA LYS A 1042 7.73 36.01 -22.13
C LYS A 1042 8.40 37.03 -23.05
N GLY A 1043 7.85 37.24 -24.24
CA GLY A 1043 8.43 38.08 -25.30
C GLY A 1043 8.80 37.31 -26.55
N TYR A 1044 9.68 37.88 -27.38
CA TYR A 1044 10.31 37.14 -28.47
C TYR A 1044 11.70 36.69 -28.00
N HIS A 1045 11.99 35.40 -28.09
CA HIS A 1045 13.20 34.80 -27.54
C HIS A 1045 14.43 35.21 -28.33
N LEU A 1046 15.45 35.74 -27.67
CA LEU A 1046 16.79 35.90 -28.20
C LEU A 1046 17.62 34.70 -27.76
N MET A 1047 17.93 34.59 -26.48
CA MET A 1047 18.88 33.61 -25.95
C MET A 1047 18.68 33.37 -24.46
N SER A 1048 19.26 32.31 -23.91
CA SER A 1048 19.11 32.05 -22.49
C SER A 1048 20.41 31.64 -21.84
N PHE A 1049 20.60 31.96 -20.58
CA PHE A 1049 21.79 31.59 -19.82
C PHE A 1049 21.38 30.66 -18.69
N PRO A 1050 21.94 29.43 -18.61
CA PRO A 1050 21.66 28.54 -17.50
C PRO A 1050 22.49 28.92 -16.29
N GLN A 1051 21.95 28.74 -15.10
CA GLN A 1051 22.60 28.89 -13.81
C GLN A 1051 22.22 27.66 -12.93
N SER A 1052 23.17 27.12 -12.19
CA SER A 1052 22.87 25.97 -11.31
C SER A 1052 22.36 26.41 -9.95
N ALA A 1053 21.55 25.57 -9.34
CA ALA A 1053 20.98 25.79 -8.03
C ALA A 1053 20.88 24.45 -7.31
N PRO A 1054 20.85 24.39 -5.96
CA PRO A 1054 20.68 23.14 -5.25
C PRO A 1054 19.45 22.38 -5.72
N HIS A 1055 19.64 21.15 -6.20
CA HIS A 1055 18.59 20.29 -6.78
C HIS A 1055 17.89 20.79 -8.04
N GLY A 1056 18.36 21.85 -8.72
CA GLY A 1056 17.63 22.42 -9.84
C GLY A 1056 18.48 23.25 -10.80
N VAL A 1057 17.81 23.87 -11.77
CA VAL A 1057 18.40 24.80 -12.75
C VAL A 1057 17.59 26.08 -12.77
N VAL A 1058 18.26 27.20 -12.93
CA VAL A 1058 17.60 28.50 -13.13
C VAL A 1058 18.04 28.99 -14.51
N PHE A 1059 17.10 29.26 -15.40
CA PHE A 1059 17.35 29.85 -16.72
C PHE A 1059 17.10 31.34 -16.67
N LEU A 1060 18.07 32.11 -17.12
CA LEU A 1060 17.91 33.52 -17.39
C LEU A 1060 17.55 33.68 -18.87
N HIS A 1061 16.26 33.75 -19.19
CA HIS A 1061 15.83 33.94 -20.57
C HIS A 1061 15.91 35.42 -20.93
N VAL A 1062 16.49 35.75 -22.08
CA VAL A 1062 16.61 37.11 -22.60
C VAL A 1062 15.65 37.27 -23.74
N THR A 1063 14.74 38.23 -23.67
CA THR A 1063 13.70 38.42 -24.69
C THR A 1063 13.61 39.86 -25.18
N TYR A 1064 13.37 40.02 -26.48
CA TYR A 1064 13.07 41.28 -27.11
C TYR A 1064 11.56 41.51 -26.95
N VAL A 1065 11.16 42.63 -26.35
CA VAL A 1065 9.74 43.00 -26.16
C VAL A 1065 9.43 44.31 -26.91
N PRO A 1066 8.42 44.35 -27.81
CA PRO A 1066 7.89 45.57 -28.41
C PRO A 1066 7.57 46.66 -27.39
N ALA A 1067 7.84 47.93 -27.69
CA ALA A 1067 7.51 49.06 -26.82
C ALA A 1067 7.21 50.35 -27.62
N GLN A 1068 6.52 51.31 -27.00
CA GLN A 1068 6.26 52.65 -27.49
C GLN A 1068 5.63 52.68 -28.88
N GLU A 1069 4.54 51.97 -29.07
CA GLU A 1069 3.84 51.89 -30.35
C GLU A 1069 3.12 53.17 -30.72
N LYS A 1070 2.89 53.34 -32.02
CA LYS A 1070 2.05 54.37 -32.59
C LYS A 1070 1.06 53.74 -33.56
N ASN A 1071 -0.11 54.35 -33.67
CA ASN A 1071 -1.13 53.97 -34.68
C ASN A 1071 -0.69 54.48 -36.06
N PHE A 1072 -1.04 53.72 -37.09
CA PHE A 1072 -0.91 54.05 -38.50
C PHE A 1072 -2.18 53.62 -39.23
N THR A 1073 -2.51 54.29 -40.32
CA THR A 1073 -3.46 53.74 -41.29
C THR A 1073 -2.71 52.72 -42.12
N THR A 1074 -3.33 51.64 -42.56
CA THR A 1074 -2.70 50.59 -43.36
C THR A 1074 -3.57 50.12 -44.53
N ALA A 1075 -2.98 49.36 -45.43
CA ALA A 1075 -3.66 48.86 -46.64
C ALA A 1075 -3.09 47.48 -46.98
N PRO A 1076 -3.87 46.55 -47.54
CA PRO A 1076 -3.38 45.23 -47.84
C PRO A 1076 -2.53 45.19 -49.12
N ALA A 1077 -2.73 46.16 -50.02
CA ALA A 1077 -2.06 46.30 -51.29
C ALA A 1077 -1.98 47.79 -51.70
N ILE A 1078 -1.08 48.12 -52.61
CA ILE A 1078 -1.00 49.43 -53.28
C ILE A 1078 -1.36 49.21 -54.75
N CYS A 1079 -2.31 49.95 -55.26
CA CYS A 1079 -2.61 49.99 -56.67
C CYS A 1079 -1.83 51.12 -57.34
N HIS A 1080 -1.17 50.79 -58.45
CA HIS A 1080 -0.32 51.74 -59.22
C HIS A 1080 -0.78 51.83 -60.68
N ASP A 1081 -0.01 51.40 -61.69
CA ASP A 1081 -0.46 51.25 -63.09
C ASP A 1081 -1.51 50.13 -63.25
N GLY A 1082 -2.63 50.20 -62.55
CA GLY A 1082 -3.71 49.20 -62.59
C GLY A 1082 -3.37 47.79 -62.04
N LYS A 1083 -2.09 47.57 -61.62
CA LYS A 1083 -1.51 46.39 -61.03
C LYS A 1083 -1.47 46.50 -59.51
N ALA A 1084 -1.78 45.43 -58.80
CA ALA A 1084 -1.74 45.42 -57.34
C ALA A 1084 -0.36 45.00 -56.79
N HIS A 1085 0.23 45.81 -55.92
CA HIS A 1085 1.53 45.61 -55.30
C HIS A 1085 1.37 45.20 -53.86
N PHE A 1086 2.09 44.16 -53.42
CA PHE A 1086 2.10 43.68 -52.04
C PHE A 1086 3.52 43.76 -51.48
N PRO A 1087 3.76 43.96 -50.19
CA PRO A 1087 5.12 44.09 -49.68
C PRO A 1087 5.88 42.75 -49.70
N ARG A 1088 7.20 42.74 -49.98
CA ARG A 1088 8.00 41.50 -49.94
C ARG A 1088 8.25 41.04 -48.49
N GLU A 1089 8.78 41.96 -47.67
CA GLU A 1089 8.89 41.82 -46.23
C GLU A 1089 8.46 43.14 -45.61
N GLY A 1090 7.67 43.08 -44.54
CA GLY A 1090 7.06 44.23 -43.89
C GLY A 1090 5.61 44.45 -44.27
N VAL A 1091 5.09 45.62 -43.94
CA VAL A 1091 3.70 45.99 -44.13
C VAL A 1091 3.58 47.43 -44.57
N PHE A 1092 2.54 47.78 -45.34
CA PHE A 1092 2.34 49.17 -45.72
C PHE A 1092 1.77 50.01 -44.56
N VAL A 1093 2.23 51.24 -44.41
CA VAL A 1093 1.63 52.19 -43.45
C VAL A 1093 1.57 53.58 -44.06
N SER A 1094 0.54 54.30 -43.69
CA SER A 1094 0.40 55.72 -43.92
C SER A 1094 0.62 56.47 -42.61
N ASN A 1095 1.47 57.50 -42.62
CA ASN A 1095 1.60 58.41 -41.48
C ASN A 1095 0.42 59.42 -41.39
N GLY A 1096 -0.53 59.39 -42.32
CA GLY A 1096 -1.63 60.35 -42.48
C GLY A 1096 -1.63 61.07 -43.83
N THR A 1097 -0.47 61.33 -44.38
CA THR A 1097 -0.26 62.10 -45.62
C THR A 1097 0.57 61.38 -46.67
N HIS A 1098 1.41 60.42 -46.26
CA HIS A 1098 2.32 59.69 -47.14
C HIS A 1098 2.35 58.21 -46.81
N TRP A 1099 2.53 57.36 -47.83
CA TRP A 1099 2.60 55.89 -47.69
C TRP A 1099 4.06 55.38 -47.68
N PHE A 1100 4.36 54.36 -46.88
CA PHE A 1100 5.67 53.73 -46.70
C PHE A 1100 5.53 52.20 -46.57
N VAL A 1101 6.63 51.44 -46.65
CA VAL A 1101 6.71 50.07 -46.14
C VAL A 1101 7.53 50.11 -44.86
N THR A 1102 7.14 49.39 -43.83
CA THR A 1102 8.00 49.18 -42.65
C THR A 1102 8.04 47.69 -42.29
N GLN A 1103 9.17 47.18 -41.78
CA GLN A 1103 9.19 45.83 -41.20
C GLN A 1103 8.13 45.67 -40.09
N ARG A 1104 7.53 44.49 -39.94
CA ARG A 1104 6.33 44.30 -39.13
C ARG A 1104 6.53 44.66 -37.66
N ASN A 1105 7.68 44.32 -37.06
CA ASN A 1105 7.92 44.34 -35.59
C ASN A 1105 8.79 45.50 -35.07
N PHE A 1106 9.03 46.54 -35.88
CA PHE A 1106 9.74 47.75 -35.49
C PHE A 1106 9.49 48.85 -36.53
N TYR A 1107 9.01 50.02 -36.12
CA TYR A 1107 8.77 51.11 -37.07
C TYR A 1107 10.07 51.68 -37.60
N GLU A 1108 10.33 51.43 -38.87
CA GLU A 1108 11.42 51.94 -39.67
C GLU A 1108 10.94 52.12 -41.12
N PRO A 1109 10.36 53.27 -41.48
CA PRO A 1109 9.65 53.44 -42.75
C PRO A 1109 10.61 53.66 -43.92
N GLN A 1110 10.24 53.16 -45.10
CA GLN A 1110 10.96 53.37 -46.35
C GLN A 1110 9.97 53.65 -47.47
N ILE A 1111 10.42 54.35 -48.50
CA ILE A 1111 9.62 54.68 -49.69
C ILE A 1111 9.18 53.38 -50.36
N ILE A 1112 7.98 53.37 -50.93
CA ILE A 1112 7.42 52.20 -51.60
C ILE A 1112 8.04 52.10 -52.97
N THR A 1113 8.70 50.98 -53.25
CA THR A 1113 9.48 50.80 -54.49
C THR A 1113 9.22 49.42 -55.07
N THR A 1114 9.59 49.28 -56.33
CA THR A 1114 9.55 48.00 -57.08
C THR A 1114 10.48 46.93 -56.50
N ASP A 1115 11.39 47.30 -55.60
CA ASP A 1115 12.21 46.39 -54.79
C ASP A 1115 11.61 46.05 -53.44
N ASN A 1116 10.92 46.97 -52.75
CA ASN A 1116 10.18 46.68 -51.53
C ASN A 1116 8.92 45.83 -51.75
N THR A 1117 8.39 45.77 -52.96
CA THR A 1117 7.08 45.16 -53.28
C THR A 1117 7.11 44.16 -54.44
N PHE A 1118 6.14 43.25 -54.50
CA PHE A 1118 5.94 42.33 -55.61
C PHE A 1118 4.53 42.47 -56.17
N VAL A 1119 4.35 42.29 -57.45
CA VAL A 1119 3.06 42.41 -58.11
C VAL A 1119 2.33 41.08 -58.20
N SER A 1120 1.01 41.11 -58.10
CA SER A 1120 0.18 40.04 -58.63
C SER A 1120 -1.21 40.55 -59.01
N GLY A 1121 -1.52 40.49 -60.29
CA GLY A 1121 -2.85 40.80 -60.81
C GLY A 1121 -3.23 42.28 -60.79
N ASN A 1122 -4.48 42.55 -61.13
CA ASN A 1122 -5.07 43.87 -61.22
C ASN A 1122 -5.75 44.32 -59.91
N CYS A 1123 -6.09 45.60 -59.81
CA CYS A 1123 -6.55 46.18 -58.57
C CYS A 1123 -7.98 45.81 -58.16
N ASP A 1124 -8.83 45.28 -59.03
CA ASP A 1124 -10.24 45.08 -58.72
C ASP A 1124 -10.53 43.79 -57.93
N VAL A 1125 -9.54 42.91 -57.67
CA VAL A 1125 -9.79 41.68 -56.89
C VAL A 1125 -9.52 41.81 -55.37
N VAL A 1126 -8.77 42.82 -54.94
CA VAL A 1126 -8.35 42.99 -53.53
C VAL A 1126 -9.28 43.97 -52.81
N ILE A 1127 -9.85 43.58 -51.67
CA ILE A 1127 -10.69 44.46 -50.85
C ILE A 1127 -9.82 45.48 -50.11
N GLY A 1128 -10.18 46.76 -50.10
CA GLY A 1128 -9.42 47.75 -49.34
C GLY A 1128 -8.10 48.23 -49.93
N ILE A 1129 -7.74 47.79 -51.13
CA ILE A 1129 -6.55 48.31 -51.84
C ILE A 1129 -6.62 49.82 -52.06
N VAL A 1130 -5.59 50.56 -51.65
CA VAL A 1130 -5.48 52.01 -51.82
C VAL A 1130 -4.73 52.35 -53.08
N ASN A 1131 -4.75 53.60 -53.52
CA ASN A 1131 -3.93 54.07 -54.63
C ASN A 1131 -2.72 54.85 -54.12
N ASN A 1132 -1.53 54.55 -54.65
CA ASN A 1132 -0.33 55.36 -54.49
C ASN A 1132 0.66 55.11 -55.64
N THR A 1133 1.58 56.03 -55.89
CA THR A 1133 2.73 55.77 -56.75
C THR A 1133 3.64 54.72 -56.15
N VAL A 1134 4.26 53.88 -56.98
CA VAL A 1134 5.39 53.02 -56.62
C VAL A 1134 6.63 53.43 -57.41
N TYR A 1135 7.73 53.70 -56.72
CA TYR A 1135 8.95 54.13 -57.33
C TYR A 1135 9.71 52.99 -58.02
N ASP A 1136 10.42 53.30 -59.10
CA ASP A 1136 11.25 52.35 -59.81
C ASP A 1136 12.71 52.84 -59.80
N PRO A 1137 13.57 52.26 -58.94
CA PRO A 1137 14.94 52.70 -58.75
C PRO A 1137 15.79 52.72 -60.02
N LEU A 1138 15.42 52.00 -61.09
CA LEU A 1138 16.09 52.08 -62.39
C LEU A 1138 15.78 53.39 -63.15
N GLN A 1139 14.58 53.97 -62.99
CA GLN A 1139 14.04 54.96 -63.92
C GLN A 1139 14.81 56.28 -63.85
N PRO A 1140 15.07 56.87 -62.67
CA PRO A 1140 15.94 58.04 -62.54
C PRO A 1140 17.33 57.85 -63.14
N GLU A 1141 18.01 56.71 -62.93
CA GLU A 1141 19.35 56.51 -63.50
C GLU A 1141 19.29 56.36 -65.03
N LEU A 1142 18.32 55.64 -65.61
CA LEU A 1142 18.13 55.58 -67.04
C LEU A 1142 17.68 56.93 -67.66
N ASP A 1143 16.95 57.77 -66.92
CA ASP A 1143 16.55 59.12 -67.38
C ASP A 1143 17.67 60.15 -67.20
N SER A 1144 18.54 60.02 -66.19
CA SER A 1144 19.79 60.82 -66.12
C SER A 1144 20.74 60.43 -67.25
N PHE A 1145 20.70 59.16 -67.68
CA PHE A 1145 21.33 58.71 -68.92
C PHE A 1145 20.62 59.25 -70.17
N LYS A 1146 19.29 59.46 -70.16
CA LYS A 1146 18.58 60.18 -71.25
C LYS A 1146 19.04 61.64 -71.37
N GLU A 1147 19.26 62.36 -70.26
CA GLU A 1147 19.82 63.74 -70.32
C GLU A 1147 21.27 63.76 -70.88
N GLU A 1148 22.09 62.77 -70.54
CA GLU A 1148 23.43 62.53 -71.13
C GLU A 1148 23.41 62.25 -72.65
N LEU A 1149 22.45 61.43 -73.09
CA LEU A 1149 22.12 61.13 -74.48
C LEU A 1149 21.63 62.36 -75.24
N ASP A 1150 20.76 63.17 -74.63
CA ASP A 1150 20.21 64.41 -75.16
C ASP A 1150 21.26 65.50 -75.31
N LYS A 1151 22.11 65.76 -74.30
CA LYS A 1151 23.29 66.63 -74.46
C LYS A 1151 24.24 66.21 -75.58
N TYR A 1152 24.48 64.91 -75.76
CA TYR A 1152 25.25 64.41 -76.92
C TYR A 1152 24.59 64.77 -78.25
N PHE A 1153 23.27 64.62 -78.41
CA PHE A 1153 22.58 65.10 -79.61
C PHE A 1153 22.61 66.62 -79.84
N LYS A 1154 22.37 67.43 -78.80
CA LYS A 1154 22.39 68.90 -78.91
C LYS A 1154 23.80 69.40 -79.26
N ASN A 1155 24.85 68.87 -78.62
CA ASN A 1155 26.23 69.17 -78.99
C ASN A 1155 26.53 68.75 -80.45
N HIS A 1156 26.13 67.53 -80.81
CA HIS A 1156 26.37 66.95 -82.13
C HIS A 1156 25.67 67.72 -83.30
N THR A 1157 24.77 68.68 -83.02
CA THR A 1157 24.36 69.61 -84.06
C THR A 1157 25.50 70.49 -84.61
N SER A 1158 26.53 70.76 -83.80
CA SER A 1158 27.64 71.68 -84.13
C SER A 1158 28.72 71.12 -85.12
N PRO A 1159 29.20 69.85 -85.04
CA PRO A 1159 30.11 69.34 -86.06
C PRO A 1159 29.44 69.14 -87.42
N GLN B 14 -57.79 -47.33 7.42
CA GLN B 14 -58.13 -47.57 6.00
C GLN B 14 -57.52 -46.47 5.15
N CYS B 15 -57.05 -46.80 3.95
CA CYS B 15 -56.60 -45.83 2.94
C CYS B 15 -56.93 -46.40 1.53
N VAL B 16 -57.04 -45.50 0.53
CA VAL B 16 -57.39 -45.85 -0.84
C VAL B 16 -56.44 -45.19 -1.82
N ASN B 17 -55.96 -45.95 -2.80
CA ASN B 17 -55.13 -45.44 -3.90
C ASN B 17 -55.94 -44.70 -4.96
N LEU B 18 -55.64 -43.41 -5.18
CA LEU B 18 -56.37 -42.46 -6.06
C LEU B 18 -55.39 -41.59 -6.91
N ILE B 19 -55.84 -40.41 -7.33
CA ILE B 19 -54.98 -39.23 -7.68
C ILE B 19 -53.77 -39.60 -8.60
N THR B 20 -54.11 -40.11 -9.78
CA THR B 20 -53.12 -40.47 -10.77
C THR B 20 -52.53 -39.19 -11.33
N ARG B 21 -51.25 -39.23 -11.71
CA ARG B 21 -50.59 -38.05 -12.24
C ARG B 21 -50.07 -38.25 -13.64
N THR B 22 -50.10 -37.18 -14.41
CA THR B 22 -49.60 -37.22 -15.78
C THR B 22 -48.73 -36.00 -15.99
N GLN B 23 -47.49 -36.08 -15.54
CA GLN B 23 -46.57 -34.96 -15.70
C GLN B 23 -46.32 -34.58 -17.16
N SER B 24 -46.00 -33.32 -17.31
CA SER B 24 -45.55 -32.65 -18.52
C SER B 24 -44.46 -31.64 -18.15
N TYR B 25 -43.70 -31.10 -19.09
CA TYR B 25 -42.62 -30.14 -18.81
C TYR B 25 -42.99 -28.74 -19.31
N THR B 26 -42.65 -27.71 -18.53
CA THR B 26 -42.78 -26.29 -18.95
C THR B 26 -41.60 -25.47 -18.47
N ASN B 27 -41.45 -24.25 -18.97
CA ASN B 27 -40.28 -23.43 -18.80
C ASN B 27 -40.57 -22.30 -17.79
N SER B 28 -39.93 -22.32 -16.61
CA SER B 28 -40.21 -21.30 -15.59
C SER B 28 -39.36 -20.07 -15.91
N PHE B 29 -39.88 -19.16 -16.74
CA PHE B 29 -39.11 -18.08 -17.34
C PHE B 29 -38.27 -17.27 -16.33
N THR B 30 -38.96 -16.64 -15.41
CA THR B 30 -38.46 -15.62 -14.50
C THR B 30 -38.90 -15.79 -13.05
N ARG B 31 -39.72 -16.81 -12.82
CA ARG B 31 -40.50 -17.03 -11.59
C ARG B 31 -39.63 -17.28 -10.37
N GLY B 32 -40.20 -17.16 -9.17
CA GLY B 32 -39.62 -17.70 -7.93
C GLY B 32 -38.50 -16.89 -7.33
N VAL B 33 -38.37 -15.62 -7.70
CA VAL B 33 -37.54 -14.66 -6.94
C VAL B 33 -38.24 -14.36 -5.61
N TYR B 34 -37.53 -14.08 -4.52
CA TYR B 34 -38.14 -13.79 -3.24
C TYR B 34 -37.30 -12.81 -2.46
N TYR B 35 -37.91 -12.04 -1.57
CA TYR B 35 -37.18 -11.10 -0.73
C TYR B 35 -36.25 -11.87 0.20
N PRO B 36 -34.93 -11.76 0.03
CA PRO B 36 -33.98 -12.67 0.66
C PRO B 36 -33.76 -12.43 2.16
N ASP B 37 -34.14 -11.27 2.69
CA ASP B 37 -33.93 -10.85 4.09
C ASP B 37 -34.98 -9.82 4.58
N LYS B 38 -35.20 -9.71 5.90
CA LYS B 38 -36.16 -8.80 6.58
C LYS B 38 -35.73 -7.32 6.61
N VAL B 39 -35.08 -6.84 5.57
CA VAL B 39 -34.52 -5.49 5.44
C VAL B 39 -35.20 -4.78 4.27
N PHE B 40 -35.39 -3.47 4.40
CA PHE B 40 -35.92 -2.62 3.36
C PHE B 40 -34.78 -1.95 2.59
N ARG B 41 -34.92 -1.92 1.27
CA ARG B 41 -33.96 -1.30 0.35
C ARG B 41 -34.67 -0.76 -0.89
N SER B 42 -34.30 0.44 -1.36
CA SER B 42 -34.93 1.00 -2.58
C SER B 42 -33.92 1.74 -3.42
N SER B 43 -34.19 1.86 -4.73
CA SER B 43 -33.29 2.50 -5.69
C SER B 43 -31.88 1.88 -5.78
N VAL B 44 -31.75 0.56 -5.64
CA VAL B 44 -30.45 -0.09 -5.58
C VAL B 44 -30.49 -1.44 -6.30
N LEU B 45 -29.36 -1.85 -6.86
CA LEU B 45 -29.18 -3.18 -7.47
C LEU B 45 -28.30 -3.97 -6.47
N HIS B 46 -28.87 -5.02 -5.88
CA HIS B 46 -28.27 -5.75 -4.75
C HIS B 46 -27.90 -7.17 -5.15
N SER B 47 -26.68 -7.59 -4.84
CA SER B 47 -26.12 -8.90 -5.22
C SER B 47 -26.15 -9.88 -4.03
N THR B 48 -26.71 -11.08 -4.22
CA THR B 48 -27.03 -12.06 -3.17
C THR B 48 -26.80 -13.51 -3.59
N GLN B 49 -26.29 -14.34 -2.69
CA GLN B 49 -26.01 -15.74 -2.91
C GLN B 49 -26.94 -16.53 -1.98
N ASP B 50 -27.83 -17.38 -2.52
CA ASP B 50 -28.82 -18.11 -1.72
C ASP B 50 -29.44 -19.25 -2.53
N LEU B 51 -30.25 -20.09 -1.92
CA LEU B 51 -31.03 -21.09 -2.64
C LEU B 51 -32.18 -20.42 -3.42
N PHE B 52 -32.04 -20.21 -4.71
CA PHE B 52 -33.03 -19.63 -5.62
C PHE B 52 -33.48 -20.63 -6.69
N LEU B 53 -34.65 -20.41 -7.29
CA LEU B 53 -34.98 -21.10 -8.52
C LEU B 53 -34.27 -20.46 -9.73
N PRO B 54 -33.42 -21.16 -10.49
CA PRO B 54 -32.78 -20.62 -11.70
C PRO B 54 -33.79 -20.16 -12.77
N PHE B 55 -33.45 -19.07 -13.45
CA PHE B 55 -34.21 -18.58 -14.59
C PHE B 55 -34.26 -19.63 -15.71
N PHE B 56 -35.35 -19.62 -16.48
CA PHE B 56 -35.60 -20.45 -17.65
C PHE B 56 -35.31 -21.95 -17.42
N SER B 57 -35.57 -22.45 -16.22
CA SER B 57 -35.35 -23.84 -15.84
C SER B 57 -36.66 -24.64 -16.04
N ASN B 58 -36.52 -25.93 -16.36
CA ASN B 58 -37.62 -26.90 -16.38
C ASN B 58 -38.33 -26.91 -15.04
N VAL B 59 -39.66 -26.84 -15.08
CA VAL B 59 -40.49 -27.23 -13.94
C VAL B 59 -41.49 -28.28 -14.39
N THR B 60 -41.73 -29.25 -13.52
CA THR B 60 -42.62 -30.35 -13.83
C THR B 60 -44.06 -29.89 -13.64
N TRP B 61 -44.85 -29.80 -14.71
CA TRP B 61 -46.26 -29.48 -14.66
C TRP B 61 -47.08 -30.77 -14.54
N PHE B 62 -47.55 -31.08 -13.33
CA PHE B 62 -48.42 -32.21 -13.06
C PHE B 62 -49.88 -31.83 -13.25
N HIS B 63 -50.60 -32.57 -14.08
CA HIS B 63 -52.04 -32.72 -13.87
C HIS B 63 -52.27 -33.82 -12.83
N ALA B 64 -53.33 -33.71 -12.04
CA ALA B 64 -53.79 -34.70 -11.08
C ALA B 64 -55.34 -34.86 -11.14
N ILE B 65 -55.81 -36.11 -11.09
CA ILE B 65 -57.24 -36.42 -11.26
C ILE B 65 -57.69 -37.67 -10.52
N HIS B 66 -58.95 -37.67 -10.06
CA HIS B 66 -59.52 -38.82 -9.32
C HIS B 66 -59.99 -39.98 -10.20
N VAL B 67 -60.47 -39.72 -11.41
CA VAL B 67 -61.03 -40.67 -12.40
C VAL B 67 -62.44 -41.25 -12.02
N SER B 68 -62.78 -41.27 -10.71
CA SER B 68 -63.91 -41.99 -10.10
C SER B 68 -63.80 -43.51 -10.16
N ASP B 77 -48.91 -45.38 -9.25
CA ASP B 77 -49.04 -44.34 -10.28
C ASP B 77 -48.37 -43.00 -9.93
N ASN B 78 -48.57 -42.46 -8.74
CA ASN B 78 -47.89 -41.25 -8.26
C ASN B 78 -46.80 -41.65 -7.23
N PRO B 79 -45.52 -41.58 -7.58
CA PRO B 79 -44.44 -41.71 -6.61
C PRO B 79 -44.26 -40.42 -5.76
N VAL B 80 -43.77 -40.58 -4.53
CA VAL B 80 -43.34 -39.47 -3.67
C VAL B 80 -42.28 -38.59 -4.40
N LEU B 81 -42.36 -37.27 -4.26
CA LEU B 81 -41.42 -36.33 -4.86
C LEU B 81 -40.19 -36.10 -3.99
N PRO B 82 -38.99 -35.81 -4.53
CA PRO B 82 -37.81 -35.41 -3.75
C PRO B 82 -37.92 -33.97 -3.23
N PHE B 83 -37.07 -33.60 -2.26
CA PHE B 83 -37.00 -32.24 -1.68
C PHE B 83 -35.53 -31.84 -1.50
N ASN B 84 -34.79 -31.77 -2.60
CA ASN B 84 -33.36 -31.43 -2.57
C ASN B 84 -33.13 -29.91 -2.70
N ASP B 85 -32.27 -29.36 -1.84
CA ASP B 85 -32.11 -27.92 -1.53
C ASP B 85 -33.38 -27.21 -1.00
N GLY B 86 -34.47 -27.25 -1.75
CA GLY B 86 -35.76 -26.65 -1.52
C GLY B 86 -36.64 -26.76 -2.75
N VAL B 87 -37.87 -26.29 -2.63
CA VAL B 87 -38.86 -26.39 -3.72
C VAL B 87 -39.57 -25.05 -3.95
N TYR B 88 -39.57 -24.54 -5.18
CA TYR B 88 -40.62 -23.64 -5.64
C TYR B 88 -41.84 -24.52 -6.00
N PHE B 89 -42.95 -24.30 -5.32
CA PHE B 89 -44.24 -24.95 -5.63
C PHE B 89 -45.23 -23.88 -6.09
N ALA B 90 -45.91 -24.08 -7.23
CA ALA B 90 -46.87 -23.09 -7.71
C ALA B 90 -48.11 -23.75 -8.30
N SER B 91 -49.27 -23.12 -8.20
CA SER B 91 -50.54 -23.64 -8.71
C SER B 91 -51.38 -22.51 -9.28
N THR B 92 -52.12 -22.79 -10.34
CA THR B 92 -53.19 -21.91 -10.85
C THR B 92 -54.55 -22.47 -10.48
N GLU B 93 -54.61 -23.60 -9.78
CA GLU B 93 -55.87 -24.31 -9.55
C GLU B 93 -56.77 -23.59 -8.55
N LYS B 94 -58.07 -23.49 -8.85
CA LYS B 94 -59.06 -22.75 -8.08
C LYS B 94 -59.78 -23.61 -7.07
N SER B 95 -60.74 -23.01 -6.37
CA SER B 95 -61.71 -23.68 -5.48
C SER B 95 -61.11 -24.48 -4.30
N ASN B 96 -59.81 -24.25 -3.98
CA ASN B 96 -59.09 -24.88 -2.89
C ASN B 96 -59.06 -26.42 -2.94
N ILE B 97 -59.05 -26.97 -4.16
CA ILE B 97 -58.95 -28.41 -4.42
C ILE B 97 -57.63 -29.01 -3.89
N ILE B 98 -56.60 -28.18 -3.73
CA ILE B 98 -55.27 -28.47 -3.18
C ILE B 98 -55.16 -27.84 -1.78
N ARG B 99 -54.77 -28.62 -0.77
CA ARG B 99 -54.79 -28.03 0.58
C ARG B 99 -53.52 -27.94 1.41
N GLY B 100 -52.46 -28.63 1.02
CA GLY B 100 -51.23 -28.57 1.82
C GLY B 100 -50.25 -29.63 1.39
N TRP B 101 -49.31 -29.99 2.26
CA TRP B 101 -48.12 -30.76 1.91
C TRP B 101 -47.68 -31.66 3.05
N ILE B 102 -47.11 -32.81 2.69
CA ILE B 102 -46.37 -33.71 3.57
C ILE B 102 -44.92 -33.52 3.22
N PHE B 103 -44.07 -33.32 4.22
CA PHE B 103 -42.62 -33.27 4.05
C PHE B 103 -41.95 -34.24 5.00
N GLY B 104 -40.87 -34.93 4.60
CA GLY B 104 -40.13 -35.76 5.55
C GLY B 104 -39.00 -36.55 4.94
N THR B 105 -38.25 -37.27 5.78
CA THR B 105 -37.19 -38.19 5.32
C THR B 105 -37.66 -39.63 5.02
N THR B 106 -38.66 -40.13 5.77
CA THR B 106 -39.04 -41.57 5.73
C THR B 106 -40.56 -41.81 5.70
N LEU B 107 -41.38 -40.89 6.21
CA LEU B 107 -42.85 -40.88 6.10
C LEU B 107 -43.59 -42.08 6.76
N ASP B 108 -42.90 -42.93 7.52
CA ASP B 108 -43.43 -44.15 8.11
C ASP B 108 -43.11 -44.24 9.61
N SER B 109 -43.15 -43.12 10.33
CA SER B 109 -43.01 -42.97 11.80
C SER B 109 -41.66 -43.36 12.43
N LYS B 110 -40.77 -44.05 11.70
CA LYS B 110 -39.42 -44.43 12.17
C LYS B 110 -38.55 -43.21 12.46
N THR B 111 -38.85 -42.09 11.81
CA THR B 111 -38.26 -40.75 12.03
C THR B 111 -39.40 -39.75 11.92
N GLN B 112 -39.27 -38.58 12.55
CA GLN B 112 -40.27 -37.54 12.42
C GLN B 112 -40.42 -37.02 10.97
N SER B 113 -41.52 -36.33 10.73
CA SER B 113 -41.98 -35.81 9.44
C SER B 113 -43.04 -34.75 9.72
N LEU B 114 -43.35 -33.90 8.75
CA LEU B 114 -44.18 -32.72 8.94
C LEU B 114 -45.41 -32.75 8.05
N LEU B 115 -46.50 -32.22 8.60
CA LEU B 115 -47.70 -31.86 7.85
C LEU B 115 -47.90 -30.33 7.89
N ILE B 116 -48.23 -29.79 6.71
CA ILE B 116 -48.97 -28.54 6.53
C ILE B 116 -50.36 -28.97 6.08
N VAL B 117 -51.39 -28.57 6.80
CA VAL B 117 -52.79 -28.76 6.41
C VAL B 117 -53.50 -27.42 6.44
N ASN B 118 -54.21 -27.10 5.36
CA ASN B 118 -54.96 -25.86 5.19
C ASN B 118 -56.43 -26.18 4.89
N ASN B 119 -57.36 -25.49 5.55
CA ASN B 119 -58.78 -25.66 5.33
C ASN B 119 -59.44 -24.32 5.01
N ALA B 120 -60.78 -24.31 5.00
CA ALA B 120 -61.57 -23.12 4.68
C ALA B 120 -61.35 -21.93 5.64
N THR B 121 -60.74 -22.14 6.82
CA THR B 121 -60.60 -21.12 7.85
C THR B 121 -59.17 -20.93 8.39
N ASN B 122 -58.38 -22.00 8.61
CA ASN B 122 -57.04 -21.85 9.16
C ASN B 122 -56.02 -22.86 8.65
N VAL B 123 -54.78 -22.72 9.09
CA VAL B 123 -53.69 -23.67 8.83
C VAL B 123 -53.23 -24.33 10.13
N VAL B 124 -52.97 -25.64 10.07
CA VAL B 124 -52.28 -26.43 11.07
C VAL B 124 -50.93 -26.81 10.52
N ILE B 125 -49.88 -26.58 11.31
CA ILE B 125 -48.54 -27.11 11.02
C ILE B 125 -48.12 -27.97 12.23
N LYS B 126 -47.67 -29.19 11.98
CA LYS B 126 -47.27 -30.16 13.00
C LYS B 126 -46.15 -31.08 12.52
N VAL B 127 -45.10 -31.29 13.33
CA VAL B 127 -44.07 -32.31 13.02
C VAL B 127 -44.13 -33.43 14.06
N CYS B 128 -44.24 -34.64 13.54
CA CYS B 128 -44.54 -35.85 14.31
C CYS B 128 -43.93 -37.09 13.68
N GLU B 129 -43.84 -38.16 14.45
CA GLU B 129 -43.70 -39.52 13.93
C GLU B 129 -45.01 -40.00 13.28
N PHE B 130 -45.39 -39.37 12.15
CA PHE B 130 -46.52 -39.81 11.34
C PHE B 130 -46.20 -41.11 10.62
N GLN B 131 -47.16 -42.03 10.59
CA GLN B 131 -47.22 -43.08 9.58
C GLN B 131 -48.14 -42.60 8.45
N PHE B 132 -47.60 -42.24 7.27
CA PHE B 132 -48.40 -41.94 6.07
C PHE B 132 -48.61 -43.25 5.30
N CYS B 133 -49.83 -43.50 4.82
CA CYS B 133 -50.13 -44.77 4.14
C CYS B 133 -49.53 -44.91 2.72
N ASN B 134 -50.01 -44.15 1.72
CA ASN B 134 -49.45 -44.10 0.36
C ASN B 134 -49.96 -42.89 -0.44
N ASP B 135 -51.29 -42.69 -0.52
CA ASP B 135 -51.91 -41.53 -1.15
C ASP B 135 -52.57 -40.62 -0.11
N PRO B 136 -51.83 -39.71 0.54
CA PRO B 136 -52.43 -38.78 1.45
C PRO B 136 -53.32 -37.79 0.72
N PHE B 137 -54.62 -37.79 1.08
CA PHE B 137 -55.63 -36.82 0.68
C PHE B 137 -56.57 -36.55 1.85
N LEU B 138 -57.20 -35.38 1.83
CA LEU B 138 -58.07 -34.91 2.89
C LEU B 138 -59.54 -35.10 2.50
N ASP B 139 -60.30 -35.75 3.39
CA ASP B 139 -61.63 -36.28 3.07
C ASP B 139 -62.75 -35.43 3.71
N VAL B 140 -62.88 -34.17 3.29
CA VAL B 140 -64.00 -33.28 3.72
C VAL B 140 -65.33 -33.77 3.13
N TYR B 141 -66.36 -33.87 3.98
CA TYR B 141 -67.69 -34.35 3.58
C TYR B 141 -68.82 -33.63 4.32
N TYR B 142 -70.03 -33.67 3.75
CA TYR B 142 -71.24 -33.25 4.44
C TYR B 142 -71.67 -34.31 5.47
N HIS B 143 -71.40 -34.02 6.74
CA HIS B 143 -71.77 -34.91 7.84
C HIS B 143 -73.16 -34.54 8.38
N LYS B 144 -74.20 -35.24 7.91
CA LYS B 144 -75.62 -35.02 8.28
C LYS B 144 -75.87 -34.88 9.77
N ASN B 145 -75.29 -35.78 10.57
CA ASN B 145 -75.46 -35.82 12.03
C ASN B 145 -74.92 -34.56 12.75
N ASN B 146 -74.00 -33.83 12.12
CA ASN B 146 -73.40 -32.60 12.64
C ASN B 146 -73.79 -31.36 11.81
N LYS B 147 -74.61 -31.53 10.76
CA LYS B 147 -75.13 -30.51 9.84
C LYS B 147 -74.04 -29.62 9.21
N SER B 148 -72.89 -30.19 8.92
CA SER B 148 -71.69 -29.41 8.54
C SER B 148 -70.77 -30.16 7.59
N TRP B 149 -70.09 -29.37 6.75
CA TRP B 149 -68.93 -29.79 5.97
C TRP B 149 -67.72 -29.89 6.88
N MET B 150 -67.16 -31.09 7.05
CA MET B 150 -65.99 -31.36 7.88
C MET B 150 -65.25 -32.62 7.43
N GLU B 151 -63.96 -32.73 7.75
CA GLU B 151 -63.15 -33.91 7.51
C GLU B 151 -63.63 -35.08 8.38
N SER B 152 -64.53 -35.93 7.87
CA SER B 152 -65.16 -36.99 8.66
C SER B 152 -64.15 -38.04 9.18
N GLU B 153 -63.09 -38.26 8.42
CA GLU B 153 -61.89 -38.97 8.82
C GLU B 153 -60.65 -38.42 8.07
N PHE B 154 -59.47 -38.47 8.72
CA PHE B 154 -58.19 -38.14 8.10
C PHE B 154 -57.51 -39.41 7.60
N ARG B 155 -57.51 -39.63 6.29
CA ARG B 155 -56.75 -40.70 5.64
C ARG B 155 -55.22 -40.50 5.72
N VAL B 156 -54.75 -39.25 5.77
CA VAL B 156 -53.36 -38.92 5.44
C VAL B 156 -52.32 -39.65 6.31
N TYR B 157 -52.46 -39.58 7.63
CA TYR B 157 -51.68 -40.34 8.61
C TYR B 157 -52.58 -41.40 9.28
N SER B 158 -52.13 -42.65 9.29
CA SER B 158 -52.79 -43.70 10.08
C SER B 158 -52.36 -43.68 11.54
N SER B 159 -51.18 -43.14 11.86
CA SER B 159 -50.68 -42.93 13.21
C SER B 159 -49.91 -41.62 13.33
N ALA B 160 -49.91 -41.05 14.55
CA ALA B 160 -49.15 -39.84 14.89
C ALA B 160 -48.48 -40.01 16.27
N ASN B 161 -47.34 -40.69 16.31
CA ASN B 161 -46.89 -41.42 17.50
C ASN B 161 -46.13 -40.55 18.53
N ASN B 162 -45.32 -39.60 18.08
CA ASN B 162 -44.58 -38.63 18.92
C ASN B 162 -44.48 -37.27 18.20
N CYS B 163 -45.28 -36.29 18.63
CA CYS B 163 -45.41 -35.00 17.96
C CYS B 163 -44.71 -33.98 18.84
N THR B 164 -43.96 -33.06 18.22
CA THR B 164 -42.90 -32.30 18.91
C THR B 164 -42.95 -30.79 18.69
N PHE B 165 -43.79 -30.31 17.77
CA PHE B 165 -44.15 -28.91 17.55
C PHE B 165 -45.53 -28.87 16.90
N GLU B 166 -46.33 -27.86 17.26
CA GLU B 166 -47.70 -27.64 16.77
C GLU B 166 -47.95 -26.14 16.60
N TYR B 167 -48.91 -25.82 15.73
CA TYR B 167 -49.17 -24.44 15.29
C TYR B 167 -50.62 -24.25 14.90
N VAL B 168 -51.07 -22.99 14.91
CA VAL B 168 -52.33 -22.52 14.28
C VAL B 168 -52.12 -21.13 13.65
N SER B 169 -52.83 -20.78 12.58
CA SER B 169 -52.54 -19.59 11.78
C SER B 169 -53.74 -19.01 11.02
N GLN B 170 -53.49 -18.14 10.03
CA GLN B 170 -54.50 -17.49 9.21
C GLN B 170 -54.07 -17.20 7.77
N PRO B 171 -52.78 -16.93 7.44
CA PRO B 171 -52.24 -16.89 6.07
C PRO B 171 -52.30 -18.19 5.21
N PHE B 172 -51.32 -18.42 4.33
CA PHE B 172 -51.29 -19.54 3.33
C PHE B 172 -52.31 -19.38 2.20
N LEU B 173 -52.59 -18.13 1.85
CA LEU B 173 -53.03 -17.70 0.50
C LEU B 173 -54.37 -18.29 0.06
N MET B 174 -55.45 -17.85 0.70
CA MET B 174 -56.81 -18.38 0.52
C MET B 174 -57.36 -18.16 -0.90
N ASP B 175 -57.80 -16.94 -1.22
CA ASP B 175 -58.48 -16.57 -2.49
C ASP B 175 -58.42 -15.04 -2.75
N LEU B 176 -58.76 -14.59 -3.96
CA LEU B 176 -59.04 -13.17 -4.22
C LEU B 176 -60.40 -12.71 -3.66
N GLU B 177 -60.67 -11.39 -3.65
CA GLU B 177 -61.99 -10.82 -3.31
C GLU B 177 -62.69 -10.25 -4.56
N GLY B 178 -63.98 -10.52 -4.72
CA GLY B 178 -64.86 -10.01 -5.80
C GLY B 178 -65.03 -10.95 -7.00
N LYS B 179 -63.97 -11.68 -7.44
CA LYS B 179 -63.94 -12.60 -8.62
C LYS B 179 -64.11 -11.86 -9.96
N GLN B 180 -63.73 -12.48 -11.07
CA GLN B 180 -63.95 -11.98 -12.44
C GLN B 180 -64.09 -13.18 -13.40
N GLY B 181 -64.90 -13.05 -14.47
CA GLY B 181 -65.31 -14.15 -15.35
C GLY B 181 -64.11 -14.80 -16.01
N ASN B 182 -63.85 -16.05 -15.64
CA ASN B 182 -62.72 -16.89 -16.09
C ASN B 182 -61.30 -16.31 -15.78
N PHE B 183 -61.23 -15.24 -14.97
CA PHE B 183 -60.02 -14.71 -14.37
C PHE B 183 -59.54 -15.68 -13.25
N LYS B 184 -58.23 -15.71 -12.96
CA LYS B 184 -57.62 -16.67 -12.02
C LYS B 184 -56.43 -16.07 -11.25
N ASN B 185 -56.00 -16.72 -10.19
CA ASN B 185 -54.86 -16.30 -9.40
C ASN B 185 -53.82 -17.41 -9.27
N LEU B 186 -52.61 -17.14 -9.79
CA LEU B 186 -51.51 -18.07 -9.68
C LEU B 186 -50.87 -17.85 -8.31
N ARG B 187 -50.76 -18.94 -7.58
CA ARG B 187 -50.28 -19.02 -6.20
C ARG B 187 -48.86 -19.58 -6.24
N GLU B 188 -47.89 -18.82 -5.78
CA GLU B 188 -46.51 -19.23 -5.68
C GLU B 188 -46.10 -19.41 -4.22
N PHE B 189 -45.40 -20.49 -3.92
CA PHE B 189 -44.75 -20.72 -2.64
C PHE B 189 -43.30 -21.16 -2.87
N VAL B 190 -42.38 -20.81 -1.96
CA VAL B 190 -41.04 -21.37 -1.84
C VAL B 190 -40.91 -21.99 -0.47
N PHE B 191 -40.46 -23.24 -0.41
CA PHE B 191 -40.15 -23.99 0.80
C PHE B 191 -38.62 -24.20 0.84
N LYS B 192 -37.94 -23.63 1.85
CA LYS B 192 -36.50 -23.78 2.05
C LYS B 192 -36.22 -24.44 3.41
N ASN B 193 -35.55 -25.58 3.46
CA ASN B 193 -35.06 -26.22 4.69
C ASN B 193 -33.57 -25.91 4.84
N ILE B 194 -33.15 -25.28 5.92
CA ILE B 194 -31.77 -24.84 6.12
C ILE B 194 -31.38 -24.83 7.60
N ASP B 195 -30.33 -25.59 7.95
CA ASP B 195 -29.80 -25.87 9.30
C ASP B 195 -30.87 -25.93 10.43
N GLY B 196 -31.88 -26.77 10.26
CA GLY B 196 -32.92 -27.03 11.25
C GLY B 196 -34.10 -26.08 11.24
N TYR B 197 -34.12 -25.07 10.38
CA TYR B 197 -35.28 -24.20 10.16
C TYR B 197 -35.95 -24.50 8.82
N PHE B 198 -37.27 -24.63 8.83
CA PHE B 198 -38.04 -24.76 7.59
C PHE B 198 -38.75 -23.43 7.32
N LYS B 199 -38.37 -22.77 6.23
CA LYS B 199 -38.79 -21.39 5.91
C LYS B 199 -39.77 -21.42 4.74
N ILE B 200 -40.85 -20.65 4.84
CA ILE B 200 -41.81 -20.55 3.72
C ILE B 200 -41.92 -19.08 3.30
N TYR B 201 -41.98 -18.87 1.99
CA TYR B 201 -42.24 -17.59 1.33
C TYR B 201 -43.41 -17.79 0.34
N SER B 202 -44.20 -16.78 -0.01
CA SER B 202 -45.32 -16.92 -0.94
C SER B 202 -45.75 -15.64 -1.64
N LYS B 203 -46.57 -15.76 -2.71
CA LYS B 203 -47.11 -14.66 -3.47
C LYS B 203 -48.42 -15.04 -4.17
N HIS B 204 -49.42 -14.14 -4.07
CA HIS B 204 -50.56 -14.07 -4.99
C HIS B 204 -50.18 -13.37 -6.29
N THR B 205 -50.70 -13.87 -7.41
CA THR B 205 -50.59 -13.27 -8.76
C THR B 205 -51.90 -13.26 -9.51
N PRO B 206 -52.63 -12.14 -9.55
CA PRO B 206 -53.75 -12.01 -10.48
C PRO B 206 -53.27 -12.23 -11.93
N ILE B 207 -53.83 -13.19 -12.67
CA ILE B 207 -53.51 -13.45 -14.07
C ILE B 207 -54.80 -13.67 -14.90
N ASN B 208 -54.81 -13.16 -16.13
CA ASN B 208 -55.95 -13.22 -17.04
C ASN B 208 -55.94 -14.52 -17.87
N LEU B 209 -56.63 -14.49 -19.01
CA LEU B 209 -56.69 -15.59 -19.97
C LEU B 209 -55.40 -15.73 -20.83
N GLY B 210 -54.35 -14.92 -20.57
CA GLY B 210 -53.02 -14.99 -21.17
C GLY B 210 -52.19 -16.23 -20.78
N ARG B 211 -52.70 -17.44 -21.06
CA ARG B 211 -52.04 -18.72 -20.77
C ARG B 211 -51.85 -18.99 -19.25
N ASP B 212 -50.61 -19.15 -18.80
CA ASP B 212 -50.24 -19.62 -17.45
C ASP B 212 -48.79 -19.21 -17.11
N LEU B 213 -48.37 -19.35 -15.83
CA LEU B 213 -46.96 -19.26 -15.41
C LEU B 213 -46.16 -18.11 -16.08
N PRO B 214 -46.63 -16.86 -16.00
CA PRO B 214 -46.34 -15.85 -17.00
C PRO B 214 -44.92 -15.31 -16.97
N GLN B 215 -44.40 -15.04 -18.17
CA GLN B 215 -43.07 -14.48 -18.44
C GLN B 215 -42.89 -13.01 -18.01
N GLY B 216 -43.78 -12.43 -17.18
CA GLY B 216 -43.55 -11.16 -16.49
C GLY B 216 -42.55 -11.29 -15.33
N PHE B 217 -42.85 -10.67 -14.20
CA PHE B 217 -42.02 -10.75 -13.00
C PHE B 217 -42.84 -10.55 -11.70
N SER B 218 -42.41 -11.16 -10.58
CA SER B 218 -42.97 -10.96 -9.24
C SER B 218 -41.99 -11.51 -8.22
N ALA B 219 -42.09 -11.13 -6.95
CA ALA B 219 -41.22 -11.64 -5.88
C ALA B 219 -42.03 -12.14 -4.66
N LEU B 220 -41.60 -13.20 -3.99
CA LEU B 220 -42.29 -13.82 -2.86
C LEU B 220 -41.91 -13.14 -1.54
N GLU B 221 -42.91 -12.82 -0.71
CA GLU B 221 -42.70 -12.31 0.65
C GLU B 221 -42.47 -13.47 1.64
N PRO B 222 -41.68 -13.29 2.70
CA PRO B 222 -41.58 -14.24 3.78
C PRO B 222 -42.94 -14.47 4.46
N LEU B 223 -43.21 -15.71 4.82
CA LEU B 223 -44.49 -16.16 5.38
C LEU B 223 -44.39 -16.77 6.79
N VAL B 224 -43.45 -17.69 7.02
CA VAL B 224 -43.16 -18.24 8.34
C VAL B 224 -41.75 -18.85 8.43
N ASP B 225 -41.18 -18.87 9.63
CA ASP B 225 -39.91 -19.50 10.01
C ASP B 225 -40.13 -20.59 11.08
N LEU B 226 -40.09 -21.87 10.71
CA LEU B 226 -40.50 -22.96 11.60
C LEU B 226 -39.24 -23.66 12.19
N PRO B 227 -39.08 -23.68 13.53
CA PRO B 227 -37.86 -24.11 14.21
C PRO B 227 -37.73 -25.65 14.35
N ILE B 228 -38.21 -26.43 13.37
CA ILE B 228 -38.57 -27.86 13.51
C ILE B 228 -37.42 -28.83 13.81
N GLY B 229 -36.19 -28.57 13.33
CA GLY B 229 -35.00 -29.39 13.68
C GLY B 229 -35.02 -30.82 13.13
N ILE B 230 -35.67 -31.04 11.99
CA ILE B 230 -35.80 -32.37 11.40
C ILE B 230 -35.29 -32.43 9.94
N ASN B 231 -34.90 -33.64 9.52
CA ASN B 231 -34.49 -33.99 8.18
C ASN B 231 -35.69 -34.09 7.21
N ILE B 232 -35.73 -33.23 6.19
CA ILE B 232 -36.66 -33.34 5.07
C ILE B 232 -35.85 -33.84 3.87
N THR B 233 -36.30 -34.90 3.22
CA THR B 233 -35.63 -35.46 2.04
C THR B 233 -36.60 -35.57 0.87
N ARG B 234 -37.91 -35.66 1.13
CA ARG B 234 -39.01 -35.92 0.18
C ARG B 234 -40.28 -35.18 0.56
N PHE B 235 -41.22 -35.08 -0.35
CA PHE B 235 -42.49 -34.41 -0.12
C PHE B 235 -43.64 -34.93 -1.03
N GLN B 236 -44.88 -34.59 -0.67
CA GLN B 236 -46.14 -34.89 -1.36
C GLN B 236 -47.14 -33.74 -1.17
N THR B 237 -48.22 -33.67 -1.92
CA THR B 237 -49.24 -32.63 -1.78
C THR B 237 -50.66 -33.18 -1.66
N LEU B 238 -51.45 -32.53 -0.82
CA LEU B 238 -52.80 -32.93 -0.45
C LEU B 238 -53.83 -32.47 -1.46
N LEU B 239 -54.47 -33.39 -2.16
CA LEU B 239 -55.77 -33.14 -2.76
C LEU B 239 -56.91 -33.29 -1.75
N ALA B 240 -58.04 -32.66 -2.05
CA ALA B 240 -59.21 -32.67 -1.16
C ALA B 240 -60.56 -32.76 -1.88
N LEU B 241 -60.78 -33.87 -2.59
CA LEU B 241 -62.03 -34.16 -3.27
C LEU B 241 -63.19 -34.36 -2.26
N HIS B 242 -64.22 -33.52 -2.33
CA HIS B 242 -65.19 -33.29 -1.23
C HIS B 242 -66.31 -34.32 -1.05
N ARG B 243 -65.99 -35.57 -1.36
CA ARG B 243 -66.86 -36.77 -1.23
C ARG B 243 -68.37 -36.79 -1.64
N SER B 244 -68.84 -35.73 -2.29
CA SER B 244 -70.23 -35.60 -2.77
C SER B 244 -70.75 -36.85 -3.48
N TYR B 245 -71.94 -37.31 -3.07
CA TYR B 245 -72.69 -38.44 -3.62
C TYR B 245 -73.38 -38.10 -4.94
N SER B 253 -69.00 -41.52 0.73
CA SER B 253 -68.50 -42.54 -0.22
C SER B 253 -68.54 -42.04 -1.68
N GLY B 254 -69.08 -40.85 -1.91
CA GLY B 254 -69.46 -40.38 -3.24
C GLY B 254 -68.31 -40.01 -4.17
N TRP B 255 -67.32 -39.32 -3.58
CA TRP B 255 -66.10 -38.81 -4.23
C TRP B 255 -66.27 -38.34 -5.69
N THR B 256 -67.05 -37.30 -5.88
CA THR B 256 -67.21 -36.64 -7.18
C THR B 256 -65.86 -36.23 -7.72
N ALA B 257 -65.58 -36.57 -8.98
CA ALA B 257 -64.24 -36.54 -9.55
C ALA B 257 -63.70 -35.11 -9.87
N GLY B 258 -62.96 -34.55 -8.92
CA GLY B 258 -62.17 -33.33 -9.12
C GLY B 258 -60.92 -33.57 -9.98
N ALA B 259 -60.37 -32.45 -10.48
CA ALA B 259 -59.13 -32.40 -11.25
C ALA B 259 -58.35 -31.13 -10.88
N ALA B 260 -57.01 -31.21 -10.90
CA ALA B 260 -56.11 -30.16 -10.41
C ALA B 260 -54.79 -30.15 -11.19
N ALA B 261 -54.08 -29.03 -11.19
CA ALA B 261 -52.76 -29.01 -11.82
C ALA B 261 -51.82 -28.02 -11.12
N TYR B 262 -50.54 -28.39 -10.99
CA TYR B 262 -49.53 -27.62 -10.29
C TYR B 262 -48.13 -27.87 -10.86
N TYR B 263 -47.22 -26.96 -10.59
CA TYR B 263 -45.85 -26.84 -11.09
C TYR B 263 -44.83 -27.02 -9.95
N VAL B 264 -43.78 -27.81 -10.13
CA VAL B 264 -42.75 -28.04 -9.10
C VAL B 264 -41.39 -27.73 -9.68
N GLY B 265 -40.59 -26.91 -9.04
CA GLY B 265 -39.22 -26.63 -9.49
C GLY B 265 -38.23 -26.61 -8.34
N TYR B 266 -37.27 -27.52 -8.35
CA TYR B 266 -36.26 -27.61 -7.28
C TYR B 266 -35.28 -26.42 -7.31
N LEU B 267 -35.04 -25.79 -6.16
CA LEU B 267 -34.11 -24.64 -6.03
C LEU B 267 -32.64 -25.09 -6.17
N GLN B 268 -31.68 -24.17 -6.28
CA GLN B 268 -30.23 -24.45 -6.31
C GLN B 268 -29.50 -23.32 -5.58
N PRO B 269 -28.30 -23.60 -5.04
CA PRO B 269 -27.45 -22.55 -4.53
C PRO B 269 -26.98 -21.70 -5.71
N ARG B 270 -27.34 -20.42 -5.67
CA ARG B 270 -27.12 -19.54 -6.79
C ARG B 270 -26.87 -18.08 -6.45
N THR B 271 -26.21 -17.36 -7.36
CA THR B 271 -26.02 -15.90 -7.18
C THR B 271 -26.93 -15.11 -8.11
N PHE B 272 -27.62 -14.14 -7.55
CA PHE B 272 -28.60 -13.28 -8.24
C PHE B 272 -28.25 -11.81 -8.01
N LEU B 273 -28.60 -10.98 -8.98
CA LEU B 273 -28.61 -9.53 -8.81
C LEU B 273 -30.06 -9.06 -8.86
N LEU B 274 -30.49 -8.31 -7.84
CA LEU B 274 -31.86 -7.90 -7.60
C LEU B 274 -32.04 -6.39 -7.72
N LYS B 275 -32.97 -5.92 -8.55
CA LYS B 275 -33.34 -4.52 -8.72
C LYS B 275 -34.51 -4.13 -7.83
N TYR B 276 -34.24 -3.38 -6.77
CA TYR B 276 -35.25 -2.73 -5.95
C TYR B 276 -35.63 -1.37 -6.56
N ASN B 277 -36.92 -1.18 -6.87
CA ASN B 277 -37.44 0.13 -7.36
C ASN B 277 -37.41 1.22 -6.27
N GLU B 278 -37.84 2.45 -6.58
CA GLU B 278 -37.86 3.54 -5.62
C GLU B 278 -38.92 3.38 -4.52
N ASN B 279 -39.88 2.48 -4.68
CA ASN B 279 -40.83 2.04 -3.64
C ASN B 279 -40.26 0.90 -2.77
N GLY B 280 -39.14 0.29 -3.17
CA GLY B 280 -38.49 -0.79 -2.42
C GLY B 280 -39.08 -2.18 -2.71
N THR B 281 -39.86 -2.37 -3.76
CA THR B 281 -40.18 -3.71 -4.22
C THR B 281 -39.14 -4.20 -5.21
N ILE B 282 -38.75 -5.47 -5.17
CA ILE B 282 -37.94 -6.09 -6.23
C ILE B 282 -38.79 -6.23 -7.49
N THR B 283 -38.38 -5.55 -8.55
CA THR B 283 -39.12 -5.41 -9.81
C THR B 283 -38.45 -6.13 -10.98
N ASP B 284 -37.15 -6.42 -10.86
CA ASP B 284 -36.39 -7.26 -11.79
C ASP B 284 -35.18 -7.95 -11.15
N ALA B 285 -34.68 -9.00 -11.77
CA ALA B 285 -33.51 -9.74 -11.35
C ALA B 285 -32.80 -10.46 -12.49
N VAL B 286 -31.51 -10.75 -12.31
CA VAL B 286 -30.69 -11.54 -13.25
C VAL B 286 -29.92 -12.64 -12.53
N ASP B 287 -29.93 -13.83 -13.12
CA ASP B 287 -29.25 -15.04 -12.63
C ASP B 287 -27.84 -15.02 -13.16
N CYS B 288 -26.85 -14.82 -12.30
CA CYS B 288 -25.42 -14.65 -12.67
C CYS B 288 -24.77 -15.91 -13.29
N ALA B 289 -25.53 -16.90 -13.73
CA ALA B 289 -25.06 -18.14 -14.32
C ALA B 289 -25.90 -18.61 -15.51
N LEU B 290 -26.95 -17.88 -15.90
CA LEU B 290 -27.85 -18.27 -16.98
C LEU B 290 -27.20 -18.34 -18.36
N ASP B 291 -26.43 -17.31 -18.72
CA ASP B 291 -25.74 -17.15 -19.99
C ASP B 291 -24.54 -16.21 -19.83
N PRO B 292 -23.57 -16.11 -20.77
CA PRO B 292 -22.44 -15.22 -20.59
C PRO B 292 -22.81 -13.74 -20.43
N LEU B 293 -23.89 -13.27 -21.05
CA LEU B 293 -24.34 -11.90 -20.88
C LEU B 293 -24.73 -11.64 -19.43
N SER B 294 -25.50 -12.52 -18.82
CA SER B 294 -25.92 -12.36 -17.42
C SER B 294 -24.72 -12.29 -16.48
N GLU B 295 -23.68 -13.08 -16.71
CA GLU B 295 -22.46 -12.96 -15.98
C GLU B 295 -21.80 -11.59 -16.12
N THR B 296 -21.77 -10.99 -17.32
CA THR B 296 -21.28 -9.61 -17.45
C THR B 296 -22.18 -8.61 -16.71
N LYS B 297 -23.51 -8.78 -16.73
CA LYS B 297 -24.42 -7.87 -16.01
C LYS B 297 -24.07 -7.83 -14.54
N CYS B 298 -23.87 -8.99 -13.94
CA CYS B 298 -23.47 -9.13 -12.55
C CYS B 298 -22.08 -8.59 -12.30
N THR B 299 -21.14 -8.87 -13.17
CA THR B 299 -19.73 -8.43 -13.03
C THR B 299 -19.60 -6.91 -13.10
N LEU B 300 -20.52 -6.26 -13.85
CA LEU B 300 -20.60 -4.79 -13.94
C LEU B 300 -21.53 -4.18 -12.88
N LYS B 301 -22.28 -5.01 -12.16
CA LYS B 301 -23.44 -4.63 -11.29
C LYS B 301 -24.41 -3.70 -12.02
N SER B 302 -24.80 -4.05 -13.26
CA SER B 302 -25.64 -3.20 -14.12
C SER B 302 -26.57 -4.06 -14.97
N PHE B 303 -27.80 -3.62 -15.22
CA PHE B 303 -28.74 -4.37 -16.06
C PHE B 303 -28.54 -4.07 -17.54
N THR B 304 -27.78 -3.02 -17.87
CA THR B 304 -27.48 -2.61 -19.25
C THR B 304 -25.96 -2.57 -19.43
N VAL B 305 -25.44 -3.37 -20.38
CA VAL B 305 -24.02 -3.45 -20.71
C VAL B 305 -23.79 -2.70 -22.00
N GLU B 306 -22.84 -1.76 -22.04
CA GLU B 306 -22.44 -0.99 -23.23
C GLU B 306 -21.72 -1.89 -24.24
N LYS B 307 -21.62 -1.51 -25.52
CA LYS B 307 -20.79 -2.20 -26.51
C LYS B 307 -19.36 -2.32 -25.99
N GLY B 308 -18.80 -3.53 -25.98
CA GLY B 308 -17.41 -3.76 -25.62
C GLY B 308 -17.03 -5.21 -25.36
N ILE B 309 -15.77 -5.43 -24.98
CA ILE B 309 -15.26 -6.71 -24.50
C ILE B 309 -14.98 -6.66 -23.00
N TYR B 310 -15.58 -7.57 -22.24
CA TYR B 310 -15.40 -7.55 -20.79
C TYR B 310 -14.97 -8.89 -20.19
N GLN B 311 -13.86 -8.86 -19.46
CA GLN B 311 -13.36 -10.06 -18.77
C GLN B 311 -14.36 -10.46 -17.67
N THR B 312 -14.61 -11.77 -17.53
CA THR B 312 -15.50 -12.30 -16.48
C THR B 312 -14.84 -13.45 -15.71
N SER B 313 -15.61 -14.26 -14.97
CA SER B 313 -15.09 -15.30 -14.11
C SER B 313 -14.39 -16.39 -14.92
N ASN B 314 -13.20 -16.76 -14.49
CA ASN B 314 -12.34 -17.71 -15.21
C ASN B 314 -12.99 -19.08 -15.26
N PHE B 315 -12.92 -19.75 -16.41
CA PHE B 315 -13.43 -21.10 -16.55
C PHE B 315 -12.40 -22.07 -16.00
N ARG B 316 -12.90 -23.19 -15.48
CA ARG B 316 -12.03 -24.21 -14.90
C ARG B 316 -12.70 -25.59 -14.81
N VAL B 317 -12.09 -26.56 -15.49
CA VAL B 317 -12.58 -27.95 -15.48
C VAL B 317 -12.44 -28.52 -14.06
N GLN B 318 -13.51 -29.15 -13.60
CA GLN B 318 -13.61 -29.70 -12.24
C GLN B 318 -13.16 -31.18 -12.18
N PRO B 319 -12.76 -31.69 -11.00
CA PRO B 319 -12.40 -33.09 -10.80
C PRO B 319 -13.58 -34.05 -10.92
N THR B 320 -13.39 -35.15 -11.64
CA THR B 320 -14.39 -36.18 -11.87
C THR B 320 -14.50 -37.19 -10.74
N GLU B 321 -13.38 -37.51 -10.07
CA GLU B 321 -13.35 -38.39 -8.90
C GLU B 321 -12.27 -38.03 -7.88
N SER B 322 -12.41 -38.62 -6.70
CA SER B 322 -11.43 -38.51 -5.63
C SER B 322 -10.51 -39.73 -5.60
N ILE B 323 -9.22 -39.51 -5.39
CA ILE B 323 -8.15 -40.55 -5.38
C ILE B 323 -7.40 -40.47 -4.06
N VAL B 324 -7.26 -41.59 -3.34
CA VAL B 324 -6.52 -41.65 -2.07
C VAL B 324 -5.42 -42.69 -2.18
N ARG B 325 -4.20 -42.25 -1.90
CA ARG B 325 -3.01 -43.10 -1.97
C ARG B 325 -2.18 -43.10 -0.68
N PHE B 326 -2.43 -44.12 0.14
CA PHE B 326 -1.74 -44.36 1.41
C PHE B 326 -0.92 -45.67 1.26
N PRO B 327 0.21 -45.85 1.97
CA PRO B 327 1.03 -47.04 1.82
C PRO B 327 0.25 -48.33 2.15
N ASN B 328 0.67 -49.45 1.55
CA ASN B 328 0.07 -50.79 1.79
C ASN B 328 0.48 -51.44 3.13
N ILE B 329 0.10 -50.78 4.23
CA ILE B 329 0.40 -51.14 5.61
C ILE B 329 -0.89 -51.67 6.26
N THR B 330 -0.78 -52.80 6.98
CA THR B 330 -1.95 -53.64 7.30
C THR B 330 -2.07 -54.06 8.77
N ASN B 331 -1.36 -53.40 9.71
CA ASN B 331 -1.40 -53.69 11.16
C ASN B 331 -1.72 -52.45 12.01
N LEU B 332 -2.50 -52.62 13.08
CA LEU B 332 -2.74 -51.52 14.04
C LEU B 332 -1.49 -51.13 14.84
N CYS B 333 -1.22 -49.84 14.98
CA CYS B 333 -0.10 -49.30 15.74
C CYS B 333 -0.21 -49.70 17.23
N PRO B 334 0.85 -50.27 17.83
CA PRO B 334 0.82 -50.85 19.17
C PRO B 334 0.97 -49.79 20.30
N PHE B 335 0.23 -48.67 20.22
CA PHE B 335 0.25 -47.69 21.33
C PHE B 335 -0.64 -48.03 22.52
N ASP B 336 -1.28 -49.21 22.48
CA ASP B 336 -1.97 -49.85 23.62
C ASP B 336 -1.03 -49.88 24.84
N GLU B 337 0.21 -50.38 24.71
CA GLU B 337 1.23 -50.45 25.76
C GLU B 337 1.94 -49.10 26.07
N VAL B 338 1.40 -47.96 25.63
CA VAL B 338 1.70 -46.65 26.21
C VAL B 338 0.47 -45.96 26.79
N PHE B 339 -0.75 -46.36 26.43
CA PHE B 339 -1.95 -45.89 27.13
C PHE B 339 -2.40 -46.78 28.29
N ASN B 340 -2.02 -48.06 28.26
CA ASN B 340 -2.22 -49.06 29.29
C ASN B 340 -0.93 -49.86 29.45
N ALA B 341 0.02 -49.27 30.16
CA ALA B 341 1.18 -49.97 30.74
C ALA B 341 1.00 -50.30 32.25
N THR B 342 1.89 -51.14 32.79
CA THR B 342 1.90 -51.45 34.23
C THR B 342 2.25 -50.21 35.05
N ARG B 343 3.32 -49.52 34.62
CA ARG B 343 3.79 -48.29 35.23
C ARG B 343 4.58 -47.39 34.25
N PHE B 344 4.38 -46.07 34.35
CA PHE B 344 5.07 -45.06 33.53
C PHE B 344 6.42 -44.72 34.17
N ALA B 345 7.15 -43.81 33.53
CA ALA B 345 8.41 -43.27 34.04
C ALA B 345 8.21 -42.19 35.13
N SER B 346 9.23 -42.05 35.96
CA SER B 346 9.46 -40.76 36.65
C SER B 346 9.73 -39.65 35.64
N VAL B 347 9.15 -38.46 35.85
CA VAL B 347 9.30 -37.39 34.86
C VAL B 347 10.73 -36.94 34.66
N TYR B 348 11.62 -36.98 35.67
CA TYR B 348 13.02 -36.64 35.44
C TYR B 348 13.70 -37.54 34.37
N ALA B 349 13.27 -38.80 34.23
CA ALA B 349 13.77 -39.78 33.29
C ALA B 349 12.66 -40.25 32.32
N TRP B 350 11.82 -39.31 31.87
CA TRP B 350 10.64 -39.56 31.01
C TRP B 350 10.95 -40.48 29.81
N ASN B 351 10.10 -41.47 29.59
CA ASN B 351 10.29 -42.45 28.51
C ASN B 351 9.83 -42.00 27.13
N ARG B 352 10.61 -42.37 26.11
CA ARG B 352 10.31 -42.04 24.72
C ARG B 352 10.24 -43.31 23.87
N LYS B 353 9.22 -43.45 23.03
CA LYS B 353 9.07 -44.64 22.20
C LYS B 353 8.63 -44.35 20.76
N ARG B 354 9.15 -45.09 19.79
CA ARG B 354 8.80 -44.84 18.39
C ARG B 354 7.70 -45.73 17.79
N ILE B 355 6.75 -45.08 17.12
CA ILE B 355 5.65 -45.76 16.44
C ILE B 355 5.97 -45.78 14.93
N SER B 356 5.96 -46.94 14.28
CA SER B 356 6.38 -47.04 12.87
C SER B 356 5.71 -48.20 12.12
N ASN B 357 5.58 -48.08 10.81
CA ASN B 357 5.17 -49.13 9.91
C ASN B 357 3.81 -49.74 10.30
N CYS B 358 2.83 -48.90 10.59
CA CYS B 358 1.53 -49.31 11.16
C CYS B 358 0.39 -48.28 10.88
N VAL B 359 -0.85 -48.69 11.14
CA VAL B 359 -2.07 -47.89 10.99
C VAL B 359 -2.46 -47.29 12.33
N ALA B 360 -2.50 -45.97 12.40
CA ALA B 360 -2.72 -45.25 13.64
C ALA B 360 -4.21 -44.89 13.82
N ASP B 361 -5.04 -45.87 14.21
CA ASP B 361 -6.40 -45.57 14.66
C ASP B 361 -6.43 -45.04 16.11
N TYR B 362 -6.53 -43.73 16.25
CA TYR B 362 -6.66 -43.07 17.55
C TYR B 362 -7.97 -43.46 18.30
N SER B 363 -9.06 -43.69 17.57
CA SER B 363 -10.43 -43.69 18.07
C SER B 363 -10.63 -44.89 19.02
N VAL B 364 -10.27 -46.11 18.60
CA VAL B 364 -10.45 -47.32 19.39
C VAL B 364 -9.65 -47.27 20.69
N LEU B 365 -8.49 -46.61 20.72
CA LEU B 365 -7.73 -46.47 21.95
C LEU B 365 -8.40 -45.53 22.98
N TYR B 366 -9.19 -44.54 22.55
CA TYR B 366 -9.98 -43.71 23.49
C TYR B 366 -11.31 -44.37 23.91
N ASN B 367 -11.79 -45.37 23.16
CA ASN B 367 -12.91 -46.21 23.63
C ASN B 367 -12.40 -47.29 24.61
N PHE B 368 -11.12 -47.72 24.46
CA PHE B 368 -10.42 -48.61 25.38
C PHE B 368 -9.94 -47.90 26.68
N ALA B 369 -9.54 -46.62 26.58
CA ALA B 369 -9.02 -45.84 27.71
C ALA B 369 -9.32 -44.33 27.50
N PRO B 370 -10.48 -43.82 27.96
CA PRO B 370 -10.85 -42.40 27.85
C PRO B 370 -9.78 -41.46 28.42
N PHE B 371 -9.40 -40.44 27.65
CA PHE B 371 -8.65 -39.30 28.18
C PHE B 371 -9.52 -38.37 29.02
N PHE B 372 -8.91 -37.56 29.90
CA PHE B 372 -9.59 -36.47 30.62
C PHE B 372 -9.13 -35.07 30.15
N ALA B 373 -7.94 -34.97 29.55
CA ALA B 373 -7.42 -33.80 28.87
C ALA B 373 -6.70 -34.18 27.57
N PHE B 374 -6.83 -33.34 26.53
CA PHE B 374 -6.33 -33.60 25.17
C PHE B 374 -6.19 -32.31 24.36
N LYS B 375 -4.97 -31.96 23.96
CA LYS B 375 -4.66 -30.71 23.27
C LYS B 375 -3.65 -30.90 22.14
N CYS B 376 -3.99 -30.51 20.93
CA CYS B 376 -3.15 -30.71 19.73
C CYS B 376 -2.72 -29.37 19.13
N TYR B 377 -1.46 -29.29 18.70
CA TYR B 377 -0.72 -28.03 18.47
C TYR B 377 -0.36 -27.70 17.00
N GLY B 378 -0.80 -28.53 16.04
CA GLY B 378 -0.64 -28.31 14.61
C GLY B 378 -1.49 -29.21 13.72
N VAL B 379 -2.42 -29.95 14.34
CA VAL B 379 -3.38 -30.85 13.67
C VAL B 379 -4.71 -30.75 14.44
N SER B 380 -5.87 -30.79 13.78
CA SER B 380 -7.15 -30.77 14.50
C SER B 380 -7.51 -32.16 14.99
N PRO B 381 -8.16 -32.28 16.16
CA PRO B 381 -8.64 -33.54 16.66
C PRO B 381 -9.53 -34.34 15.70
N THR B 382 -10.14 -33.69 14.70
CA THR B 382 -10.84 -34.37 13.60
C THR B 382 -9.90 -35.13 12.69
N LYS B 383 -8.77 -34.52 12.30
CA LYS B 383 -7.98 -34.91 11.11
C LYS B 383 -7.03 -36.09 11.28
N LEU B 384 -6.89 -36.62 12.50
CA LEU B 384 -5.92 -37.67 12.77
C LEU B 384 -6.06 -38.92 11.86
N ASN B 385 -7.26 -39.19 11.36
CA ASN B 385 -7.63 -40.41 10.65
C ASN B 385 -7.37 -40.37 9.13
N ASP B 386 -7.09 -39.21 8.54
CA ASP B 386 -6.78 -39.07 7.10
C ASP B 386 -5.56 -38.19 6.81
N LEU B 387 -4.64 -38.13 7.77
CA LEU B 387 -3.25 -37.68 7.62
C LEU B 387 -2.30 -38.90 7.62
N CYS B 388 -1.01 -38.62 7.50
CA CYS B 388 0.10 -39.54 7.74
C CYS B 388 1.21 -38.80 8.49
N PHE B 389 2.11 -39.53 9.14
CA PHE B 389 3.20 -38.94 9.93
C PHE B 389 4.52 -39.61 9.58
N THR B 390 5.57 -38.83 9.44
CA THR B 390 6.86 -39.24 8.90
C THR B 390 7.71 -39.94 9.95
N ASN B 391 7.62 -39.48 11.18
CA ASN B 391 7.95 -40.22 12.37
C ASN B 391 7.05 -39.83 13.54
N VAL B 392 6.78 -40.78 14.43
CA VAL B 392 5.94 -40.54 15.60
C VAL B 392 6.66 -40.99 16.85
N TYR B 393 6.73 -40.11 17.85
CA TYR B 393 7.39 -40.45 19.12
C TYR B 393 6.56 -40.19 20.40
N ALA B 394 6.00 -41.26 20.97
CA ALA B 394 5.25 -41.22 22.21
C ALA B 394 6.21 -41.02 23.37
N ASP B 395 6.14 -39.86 24.02
CA ASP B 395 6.74 -39.67 25.34
C ASP B 395 5.70 -40.07 26.41
N SER B 396 6.13 -40.68 27.52
CA SER B 396 5.19 -41.00 28.58
C SER B 396 5.84 -40.91 29.95
N PHE B 397 5.15 -40.26 30.90
CA PHE B 397 5.64 -39.92 32.23
C PHE B 397 4.50 -39.54 33.16
N VAL B 398 4.75 -39.51 34.47
CA VAL B 398 3.78 -39.06 35.48
C VAL B 398 4.14 -37.73 36.15
N ILE B 399 3.11 -36.90 36.34
CA ILE B 399 3.17 -35.55 36.92
C ILE B 399 2.01 -35.35 37.92
N ARG B 400 2.02 -34.23 38.63
CA ARG B 400 0.88 -33.90 39.48
C ARG B 400 -0.09 -33.06 38.62
N GLY B 401 -1.38 -33.39 38.65
CA GLY B 401 -2.44 -32.70 37.88
C GLY B 401 -2.30 -31.17 37.86
N ASN B 402 -1.66 -30.58 38.88
CA ASN B 402 -1.26 -29.19 38.92
C ASN B 402 -0.27 -28.77 37.79
N GLU B 403 0.44 -29.73 37.18
CA GLU B 403 1.51 -29.45 36.23
C GLU B 403 1.08 -29.50 34.75
N VAL B 404 -0.08 -30.07 34.40
CA VAL B 404 -0.54 -30.26 33.00
C VAL B 404 -0.50 -28.98 32.18
N SER B 405 -0.83 -27.83 32.81
CA SER B 405 -0.79 -26.50 32.16
C SER B 405 0.62 -26.02 31.78
N GLN B 406 1.67 -26.57 32.40
CA GLN B 406 3.06 -26.30 32.05
C GLN B 406 3.61 -27.17 30.92
N ILE B 407 2.95 -28.28 30.56
CA ILE B 407 3.37 -29.14 29.41
C ILE B 407 3.06 -28.51 28.02
N ALA B 408 2.32 -27.42 27.97
CA ALA B 408 2.19 -26.61 26.77
C ALA B 408 3.52 -25.91 26.36
N PRO B 409 3.74 -25.65 25.05
CA PRO B 409 4.95 -25.01 24.52
C PRO B 409 5.31 -23.66 25.16
N GLY B 410 6.57 -23.52 25.56
CA GLY B 410 7.11 -22.23 26.03
C GLY B 410 6.68 -21.76 27.43
N GLN B 411 5.93 -22.54 28.21
CA GLN B 411 5.50 -22.16 29.56
C GLN B 411 6.65 -22.15 30.58
N THR B 412 6.33 -21.76 31.82
CA THR B 412 7.26 -21.73 32.98
C THR B 412 6.75 -22.63 34.10
N GLY B 413 7.65 -23.34 34.78
CA GLY B 413 7.36 -24.23 35.92
C GLY B 413 8.27 -25.47 35.92
N ASN B 414 8.63 -25.99 37.09
CA ASN B 414 9.79 -26.87 37.30
C ASN B 414 9.82 -28.09 36.38
N ILE B 415 8.70 -28.75 36.07
CA ILE B 415 8.69 -29.90 35.15
C ILE B 415 9.11 -29.44 33.75
N ALA B 416 8.46 -28.41 33.24
CA ALA B 416 8.73 -27.82 31.93
C ALA B 416 10.05 -27.02 31.87
N ASP B 417 10.74 -26.84 32.99
CA ASP B 417 12.00 -26.08 33.12
C ASP B 417 13.20 -27.00 33.31
N TYR B 418 13.02 -28.19 33.87
CA TYR B 418 14.11 -29.06 34.30
C TYR B 418 13.97 -30.55 33.98
N ASN B 419 12.77 -31.01 33.57
CA ASN B 419 12.48 -32.44 33.40
C ASN B 419 12.08 -32.76 31.93
N TYR B 420 10.97 -32.19 31.48
CA TYR B 420 10.49 -32.43 30.12
C TYR B 420 10.06 -31.16 29.40
N LYS B 421 11.01 -30.52 28.73
CA LYS B 421 10.74 -29.31 27.96
C LYS B 421 10.66 -29.64 26.47
N LEU B 422 9.47 -29.47 25.90
CA LEU B 422 9.19 -29.57 24.47
C LEU B 422 9.45 -28.26 23.71
N PRO B 423 9.68 -28.27 22.38
CA PRO B 423 9.90 -27.09 21.59
C PRO B 423 8.77 -26.04 21.70
N ASP B 424 9.17 -24.78 21.68
CA ASP B 424 8.23 -23.65 21.64
C ASP B 424 7.38 -23.64 20.36
N ASP B 425 7.77 -24.42 19.35
CA ASP B 425 7.12 -24.55 18.06
C ASP B 425 6.75 -26.02 17.71
N PHE B 426 6.65 -26.91 18.70
CA PHE B 426 6.46 -28.34 18.44
C PHE B 426 5.11 -28.64 17.76
N THR B 427 5.10 -29.67 16.92
CA THR B 427 3.89 -30.24 16.34
C THR B 427 3.60 -31.59 16.99
N GLY B 428 2.35 -31.80 17.43
CA GLY B 428 1.94 -32.97 18.18
C GLY B 428 0.70 -32.70 19.04
N CYS B 429 0.40 -33.62 19.94
CA CYS B 429 -0.69 -33.59 20.90
C CYS B 429 -0.21 -33.94 22.31
N VAL B 430 -0.73 -33.25 23.32
CA VAL B 430 -0.53 -33.55 24.76
C VAL B 430 -1.80 -34.21 25.30
N ILE B 431 -1.70 -35.38 25.93
CA ILE B 431 -2.82 -36.15 26.47
C ILE B 431 -2.57 -36.47 27.95
N ALA B 432 -3.60 -36.33 28.79
CA ALA B 432 -3.46 -36.57 30.24
C ALA B 432 -4.73 -37.13 30.86
N TRP B 433 -4.55 -37.97 31.88
CA TRP B 433 -5.66 -38.44 32.71
C TRP B 433 -5.18 -38.86 34.12
N ASN B 434 -6.07 -38.73 35.13
CA ASN B 434 -5.77 -39.18 36.48
C ASN B 434 -5.60 -40.70 36.53
N SER B 435 -4.65 -41.18 37.33
CA SER B 435 -4.49 -42.63 37.62
C SER B 435 -4.18 -42.97 39.08
N ASN B 436 -4.49 -42.09 40.04
CA ASN B 436 -4.36 -42.40 41.49
C ASN B 436 -5.01 -43.75 41.89
N LYS B 437 -6.14 -44.12 41.29
CA LYS B 437 -6.75 -45.43 41.60
C LYS B 437 -5.96 -46.67 41.07
N LEU B 438 -4.97 -46.44 40.20
CA LEU B 438 -4.12 -47.46 39.60
C LEU B 438 -2.70 -47.48 40.17
N ASP B 439 -2.14 -46.36 40.61
CA ASP B 439 -0.74 -46.29 41.08
C ASP B 439 -0.44 -45.21 42.16
N SER B 440 -1.43 -44.58 42.82
CA SER B 440 -1.21 -43.96 44.13
C SER B 440 -1.27 -45.00 45.25
N LYS B 441 -0.74 -44.72 46.46
CA LYS B 441 -0.70 -45.64 47.60
C LYS B 441 -0.91 -44.92 48.94
N VAL B 442 -1.60 -45.51 49.90
CA VAL B 442 -1.85 -44.94 51.24
C VAL B 442 -0.56 -44.72 52.04
N GLY B 443 0.51 -45.48 51.76
CA GLY B 443 1.88 -45.25 52.24
C GLY B 443 2.69 -44.24 51.41
N GLY B 444 2.12 -43.62 50.38
CA GLY B 444 2.80 -42.76 49.38
C GLY B 444 3.49 -43.59 48.31
N ASN B 445 3.08 -43.48 47.05
CA ASN B 445 3.80 -44.14 45.96
C ASN B 445 5.05 -43.31 45.54
N TYR B 446 6.14 -43.42 46.31
CA TYR B 446 7.44 -42.79 46.05
C TYR B 446 8.18 -43.39 44.86
N ASN B 447 7.47 -43.82 43.80
CA ASN B 447 8.08 -44.34 42.57
C ASN B 447 8.15 -43.31 41.45
N TYR B 448 7.60 -42.11 41.65
CA TYR B 448 7.60 -41.03 40.68
C TYR B 448 8.36 -39.82 41.18
N LEU B 449 9.44 -39.45 40.52
CA LEU B 449 10.40 -38.44 40.94
C LEU B 449 10.54 -37.33 39.88
N TYR B 450 10.81 -36.13 40.35
CA TYR B 450 11.03 -34.95 39.53
C TYR B 450 12.23 -34.15 40.03
N ARG B 451 12.95 -33.52 39.11
CA ARG B 451 14.03 -32.56 39.34
C ARG B 451 13.47 -31.14 39.57
N LEU B 452 13.80 -30.51 40.67
CA LEU B 452 13.63 -29.04 40.85
C LEU B 452 14.93 -28.27 40.56
N PHE B 453 16.08 -28.88 40.83
CA PHE B 453 17.38 -28.20 40.76
C PHE B 453 18.17 -28.50 39.47
N ARG B 454 18.68 -27.40 38.89
CA ARG B 454 19.54 -27.36 37.68
C ARG B 454 20.15 -25.95 37.49
N LYS B 455 21.39 -25.84 36.97
CA LYS B 455 22.01 -24.50 36.78
C LYS B 455 21.52 -23.76 35.51
N SER B 456 20.75 -24.42 34.65
CA SER B 456 20.10 -23.84 33.46
C SER B 456 18.88 -24.68 33.11
N ASN B 457 17.95 -24.12 32.33
CA ASN B 457 16.93 -24.95 31.65
C ASN B 457 17.55 -25.68 30.44
N LEU B 458 17.37 -27.00 30.38
CA LEU B 458 17.52 -27.80 29.15
C LEU B 458 16.56 -27.30 28.07
N LYS B 459 16.92 -27.47 26.79
CA LYS B 459 16.12 -27.02 25.64
C LYS B 459 15.09 -28.04 25.13
N PRO B 460 14.90 -28.12 23.80
CA PRO B 460 13.86 -29.10 23.36
C PRO B 460 14.34 -30.56 23.50
N PHE B 461 13.52 -31.38 24.12
CA PHE B 461 13.58 -32.84 24.20
C PHE B 461 14.88 -33.51 24.71
N GLU B 462 15.77 -32.83 25.45
CA GLU B 462 16.73 -33.56 26.31
C GLU B 462 16.08 -34.15 27.59
N ARG B 463 16.92 -34.88 28.33
CA ARG B 463 16.58 -35.49 29.60
C ARG B 463 17.85 -35.73 30.41
N ASP B 464 17.78 -35.66 31.73
CA ASP B 464 18.93 -35.91 32.60
C ASP B 464 18.59 -37.07 33.55
N ILE B 465 18.98 -38.29 33.15
CA ILE B 465 18.72 -39.50 33.95
C ILE B 465 19.64 -39.59 35.16
N SER B 466 20.57 -38.67 35.37
CA SER B 466 21.66 -38.68 36.34
C SER B 466 21.57 -37.59 37.38
N THR B 467 22.09 -37.90 38.57
CA THR B 467 22.33 -36.93 39.67
C THR B 467 23.74 -37.12 40.23
N GLU B 468 24.46 -36.02 40.47
CA GLU B 468 25.82 -36.07 40.99
C GLU B 468 26.11 -34.92 41.93
N ILE B 469 25.31 -34.87 42.99
CA ILE B 469 25.39 -33.90 44.12
C ILE B 469 25.24 -32.44 43.59
N TYR B 470 24.01 -31.95 43.45
CA TYR B 470 23.75 -30.55 43.18
C TYR B 470 24.25 -29.67 44.36
N GLN B 471 24.50 -28.39 44.13
CA GLN B 471 25.01 -27.48 45.14
C GLN B 471 24.22 -26.16 45.20
N ALA B 472 23.89 -25.78 46.44
CA ALA B 472 22.97 -24.68 46.80
C ALA B 472 23.52 -23.87 48.00
N GLY B 473 24.85 -23.84 48.13
CA GLY B 473 25.59 -23.17 49.21
C GLY B 473 26.96 -22.69 48.74
N ASN B 474 27.51 -21.63 49.34
CA ASN B 474 28.62 -20.88 48.75
C ASN B 474 29.94 -21.68 48.69
N LYS B 475 30.08 -22.73 49.51
CA LYS B 475 31.21 -23.67 49.50
C LYS B 475 30.91 -24.96 48.72
N PRO B 476 31.84 -25.53 47.92
CA PRO B 476 31.64 -26.76 47.17
C PRO B 476 31.07 -27.94 48.00
N CYS B 477 29.83 -28.34 47.71
CA CYS B 477 29.18 -29.47 48.36
C CYS B 477 29.74 -30.79 47.78
N ASN B 478 30.91 -31.17 48.29
CA ASN B 478 31.66 -32.35 47.87
C ASN B 478 31.29 -33.59 48.71
N GLY B 479 31.33 -34.76 48.09
CA GLY B 479 30.90 -36.01 48.73
C GLY B 479 29.37 -36.12 48.85
N VAL B 480 28.90 -37.11 49.61
CA VAL B 480 27.44 -37.45 49.72
C VAL B 480 26.54 -36.37 50.31
N ALA B 481 27.08 -35.33 50.95
CA ALA B 481 26.31 -34.21 51.49
C ALA B 481 27.16 -32.93 51.58
N GLY B 482 26.52 -31.77 51.71
CA GLY B 482 27.21 -30.49 52.04
C GLY B 482 26.19 -29.48 52.59
N PHE B 483 26.66 -28.36 53.18
CA PHE B 483 25.77 -27.40 53.88
C PHE B 483 24.71 -26.81 52.93
N ASN B 484 23.44 -26.85 53.38
CA ASN B 484 22.26 -26.46 52.61
C ASN B 484 22.13 -27.13 51.21
N CYS B 485 22.76 -28.31 50.96
CA CYS B 485 22.80 -28.97 49.66
C CYS B 485 21.95 -30.26 49.57
N TYR B 486 21.36 -30.44 48.40
CA TYR B 486 20.32 -31.44 48.07
C TYR B 486 20.59 -32.15 46.73
N PHE B 487 19.87 -33.21 46.38
CA PHE B 487 19.88 -33.83 45.04
C PHE B 487 18.70 -33.29 44.18
N PRO B 488 17.57 -33.99 43.96
CA PRO B 488 16.32 -33.31 43.57
C PRO B 488 15.65 -32.67 44.81
N LEU B 489 14.37 -32.30 44.68
CA LEU B 489 13.56 -31.88 45.83
C LEU B 489 13.11 -33.13 46.62
N ARG B 490 12.20 -33.90 46.01
CA ARG B 490 11.68 -35.19 46.53
C ARG B 490 10.64 -35.84 45.61
N SER B 491 10.57 -37.19 45.62
CA SER B 491 9.46 -37.84 44.96
C SER B 491 8.12 -37.44 45.60
N TYR B 492 7.09 -37.28 44.77
CA TYR B 492 5.76 -36.90 45.26
C TYR B 492 5.10 -37.98 46.12
N GLY B 493 4.66 -37.61 47.32
CA GLY B 493 4.12 -38.48 48.34
C GLY B 493 2.67 -38.90 48.12
N PHE B 494 2.29 -39.21 46.89
CA PHE B 494 0.91 -39.38 46.41
C PHE B 494 0.09 -40.38 47.23
N ARG B 495 -0.91 -39.81 47.93
CA ARG B 495 -1.92 -40.55 48.68
C ARG B 495 -3.14 -40.58 47.74
N PRO B 496 -3.94 -41.65 47.78
CA PRO B 496 -5.02 -41.70 46.80
C PRO B 496 -6.09 -40.64 46.98
N THR B 497 -6.76 -40.60 48.13
CA THR B 497 -7.93 -39.73 48.37
C THR B 497 -7.55 -38.25 48.65
N TYR B 498 -6.36 -38.02 49.21
CA TYR B 498 -5.83 -36.65 49.42
C TYR B 498 -5.41 -35.98 48.11
N GLY B 499 -4.87 -36.77 47.19
CA GLY B 499 -4.42 -36.30 45.88
C GLY B 499 -5.51 -35.79 44.96
N VAL B 500 -5.65 -34.46 44.89
CA VAL B 500 -6.33 -33.72 43.80
C VAL B 500 -5.43 -32.53 43.48
N GLY B 501 -5.14 -32.28 42.20
CA GLY B 501 -4.07 -31.35 41.81
C GLY B 501 -2.67 -31.93 42.10
N HIS B 502 -2.36 -32.15 43.37
CA HIS B 502 -1.22 -33.00 43.79
C HIS B 502 -1.56 -34.51 43.65
N GLN B 503 -1.89 -34.92 42.43
CA GLN B 503 -2.47 -36.22 42.09
C GLN B 503 -1.73 -36.82 40.89
N PRO B 504 -1.50 -38.15 40.82
CA PRO B 504 -0.90 -38.79 39.66
C PRO B 504 -1.73 -38.61 38.39
N TYR B 505 -1.24 -37.81 37.45
CA TYR B 505 -1.69 -37.81 36.08
C TYR B 505 -0.69 -38.56 35.21
N ARG B 506 -1.21 -39.56 34.50
CA ARG B 506 -0.45 -40.30 33.50
C ARG B 506 -0.56 -39.47 32.22
N VAL B 507 0.59 -38.96 31.76
CA VAL B 507 0.72 -38.07 30.61
C VAL B 507 1.34 -38.88 29.46
N VAL B 508 0.77 -38.80 28.27
CA VAL B 508 1.38 -39.22 27.00
C VAL B 508 1.48 -37.98 26.11
N VAL B 509 2.65 -37.67 25.55
CA VAL B 509 2.80 -36.58 24.59
C VAL B 509 3.20 -37.22 23.26
N LEU B 510 2.34 -37.12 22.25
CA LEU B 510 2.63 -37.57 20.91
C LEU B 510 3.24 -36.41 20.14
N SER B 511 4.51 -36.52 19.80
CA SER B 511 5.21 -35.57 18.93
C SER B 511 5.44 -36.23 17.59
N PHE B 512 5.17 -35.47 16.54
CA PHE B 512 5.28 -35.94 15.15
C PHE B 512 5.59 -34.87 14.11
N GLU B 513 6.04 -35.31 12.93
CA GLU B 513 6.27 -34.48 11.75
C GLU B 513 5.44 -35.04 10.60
N LEU B 514 5.03 -34.19 9.66
CA LEU B 514 4.10 -34.59 8.59
C LEU B 514 4.24 -33.78 7.31
N LEU B 515 3.91 -34.38 6.16
CA LEU B 515 3.90 -33.82 4.81
C LEU B 515 5.25 -33.39 4.19
N HIS B 516 6.38 -33.54 4.91
CA HIS B 516 7.73 -33.13 4.47
C HIS B 516 8.66 -34.25 3.99
N ALA B 517 8.25 -35.50 4.17
CA ALA B 517 9.11 -36.68 4.00
C ALA B 517 8.29 -37.96 3.71
N PRO B 518 8.92 -39.10 3.36
CA PRO B 518 8.24 -40.39 3.35
C PRO B 518 7.76 -40.78 4.77
N ALA B 519 6.69 -41.56 4.82
CA ALA B 519 5.91 -41.79 6.03
C ALA B 519 5.38 -43.22 6.16
N THR B 520 5.24 -43.70 7.40
CA THR B 520 4.89 -45.08 7.72
C THR B 520 3.82 -45.22 8.82
N VAL B 521 3.16 -44.13 9.23
CA VAL B 521 2.19 -44.08 10.34
C VAL B 521 0.89 -43.43 9.90
N CYS B 522 0.33 -43.88 8.79
CA CYS B 522 -0.91 -43.34 8.20
C CYS B 522 -2.17 -43.65 9.05
N GLY B 523 -3.16 -42.76 8.98
CA GLY B 523 -4.51 -43.04 9.42
C GLY B 523 -5.21 -44.19 8.67
N PRO B 524 -6.41 -44.61 9.14
CA PRO B 524 -7.11 -45.78 8.60
C PRO B 524 -7.67 -45.69 7.16
N LYS B 525 -7.55 -44.56 6.43
CA LYS B 525 -8.17 -44.39 5.09
C LYS B 525 -7.78 -45.48 4.06
N LYS B 526 -8.78 -45.93 3.28
CA LYS B 526 -8.66 -46.93 2.20
C LYS B 526 -8.04 -46.29 0.99
N SER B 527 -6.95 -46.85 0.49
CA SER B 527 -6.44 -46.43 -0.80
C SER B 527 -7.39 -46.82 -1.92
N THR B 528 -7.62 -45.91 -2.84
CA THR B 528 -8.37 -46.17 -4.08
C THR B 528 -7.43 -46.81 -5.10
N ASN B 529 -8.00 -47.31 -6.21
CA ASN B 529 -7.23 -47.47 -7.43
C ASN B 529 -6.64 -46.08 -7.82
N LEU B 530 -5.49 -46.10 -8.48
CA LEU B 530 -4.88 -44.93 -9.09
C LEU B 530 -5.50 -44.64 -10.47
N VAL B 531 -5.47 -43.39 -10.94
CA VAL B 531 -5.87 -42.99 -12.31
C VAL B 531 -4.94 -41.87 -12.80
N LYS B 532 -4.77 -41.81 -14.12
CA LYS B 532 -3.87 -40.92 -14.83
C LYS B 532 -4.61 -40.25 -15.97
N ASN B 533 -4.18 -39.08 -16.40
CA ASN B 533 -4.77 -38.32 -17.49
C ASN B 533 -6.24 -37.87 -17.35
N LYS B 534 -6.80 -38.00 -16.15
CA LYS B 534 -8.08 -37.38 -15.75
C LYS B 534 -7.92 -36.48 -14.54
N CYS B 535 -8.71 -35.41 -14.51
CA CYS B 535 -8.72 -34.45 -13.42
C CYS B 535 -9.39 -35.06 -12.18
N VAL B 536 -8.69 -35.06 -11.05
CA VAL B 536 -9.14 -35.69 -9.78
C VAL B 536 -8.81 -34.86 -8.54
N ASN B 537 -9.59 -35.03 -7.48
CA ASN B 537 -9.21 -34.66 -6.12
C ASN B 537 -8.27 -35.71 -5.54
N PHE B 538 -6.96 -35.54 -5.71
CA PHE B 538 -5.99 -36.49 -5.15
C PHE B 538 -5.75 -36.29 -3.64
N ASN B 539 -5.15 -37.30 -3.01
CA ASN B 539 -4.56 -37.28 -1.68
C ASN B 539 -3.44 -38.34 -1.63
N PHE B 540 -2.19 -37.92 -1.40
CA PHE B 540 -1.03 -38.79 -1.16
C PHE B 540 -0.49 -38.56 0.27
N ASN B 541 -0.46 -39.56 1.15
CA ASN B 541 0.01 -39.43 2.55
C ASN B 541 -0.66 -38.31 3.36
N GLY B 542 -1.87 -37.89 2.99
CA GLY B 542 -2.59 -36.75 3.56
C GLY B 542 -2.40 -35.44 2.76
N LEU B 543 -1.49 -35.36 1.76
CA LEU B 543 -1.34 -34.20 0.89
C LEU B 543 -2.51 -34.18 -0.12
N THR B 544 -3.68 -33.64 0.28
CA THR B 544 -4.83 -33.42 -0.61
C THR B 544 -4.57 -32.36 -1.69
N GLY B 545 -5.35 -32.38 -2.76
CA GLY B 545 -5.33 -31.35 -3.80
C GLY B 545 -6.15 -31.74 -5.02
N THR B 546 -6.11 -30.91 -6.05
CA THR B 546 -6.87 -31.10 -7.30
C THR B 546 -5.92 -31.01 -8.49
N GLY B 547 -5.96 -31.97 -9.42
CA GLY B 547 -5.09 -31.93 -10.58
C GLY B 547 -5.27 -33.13 -11.50
N VAL B 548 -4.59 -33.08 -12.64
CA VAL B 548 -4.44 -34.22 -13.53
C VAL B 548 -3.05 -34.81 -13.32
N LEU B 549 -2.99 -36.14 -13.30
CA LEU B 549 -1.75 -36.90 -13.02
C LEU B 549 -1.14 -37.49 -14.30
N THR B 550 0.20 -37.45 -14.38
CA THR B 550 0.97 -37.92 -15.56
C THR B 550 2.21 -38.73 -15.12
N GLU B 551 2.68 -39.71 -15.89
CA GLU B 551 3.94 -40.41 -15.67
C GLU B 551 5.17 -39.48 -15.81
N SER B 552 5.94 -39.22 -14.74
CA SER B 552 7.10 -38.33 -14.76
C SER B 552 8.34 -38.92 -15.45
N ASN B 553 9.12 -38.03 -16.04
CA ASN B 553 10.52 -38.29 -16.39
C ASN B 553 11.52 -37.96 -15.24
N LYS B 554 11.06 -37.19 -14.23
CA LYS B 554 11.84 -36.71 -13.07
C LYS B 554 12.42 -37.89 -12.27
N LYS B 555 13.64 -37.71 -11.74
CA LYS B 555 14.42 -38.75 -11.07
C LYS B 555 14.60 -38.44 -9.59
N PHE B 556 13.59 -38.74 -8.80
CA PHE B 556 13.72 -38.53 -7.37
C PHE B 556 14.56 -39.64 -6.75
N LEU B 557 15.51 -39.25 -5.89
CA LEU B 557 16.33 -40.20 -5.11
C LEU B 557 15.47 -40.86 -4.01
N PRO B 558 15.85 -42.06 -3.51
CA PRO B 558 15.01 -42.85 -2.61
C PRO B 558 14.58 -42.19 -1.28
N PHE B 559 15.33 -41.20 -0.81
CA PHE B 559 14.97 -40.37 0.34
C PHE B 559 13.94 -39.27 0.03
N GLN B 560 13.50 -39.11 -1.21
CA GLN B 560 12.60 -38.01 -1.63
C GLN B 560 11.19 -38.55 -1.92
N GLN B 561 10.18 -37.92 -1.37
CA GLN B 561 8.75 -38.28 -1.46
C GLN B 561 7.93 -37.25 -2.27
N PHE B 562 8.29 -35.99 -2.15
CA PHE B 562 7.65 -34.87 -2.83
C PHE B 562 8.62 -34.05 -3.66
N GLY B 563 8.13 -33.49 -4.76
CA GLY B 563 8.86 -32.61 -5.68
C GLY B 563 8.06 -31.32 -5.88
N ARG B 564 8.74 -30.17 -5.90
CA ARG B 564 8.14 -28.87 -5.57
C ARG B 564 8.50 -27.78 -6.58
N ASP B 565 7.61 -26.82 -6.86
CA ASP B 565 7.84 -25.69 -7.80
C ASP B 565 8.24 -24.41 -7.07
N ILE B 566 8.49 -23.33 -7.84
CA ILE B 566 8.95 -22.03 -7.35
C ILE B 566 7.95 -21.38 -6.39
N ALA B 567 6.64 -21.67 -6.52
CA ALA B 567 5.60 -21.27 -5.56
C ALA B 567 5.44 -22.20 -4.33
N ASP B 568 6.39 -23.11 -4.12
CA ASP B 568 6.46 -24.09 -3.05
C ASP B 568 5.27 -25.05 -3.01
N THR B 569 4.54 -25.20 -4.14
CA THR B 569 3.50 -26.23 -4.29
C THR B 569 4.08 -27.51 -4.84
N THR B 570 3.58 -28.64 -4.36
CA THR B 570 3.98 -29.96 -4.86
C THR B 570 3.59 -30.12 -6.31
N ASP B 571 4.55 -30.30 -7.20
CA ASP B 571 4.28 -30.49 -8.63
C ASP B 571 4.60 -31.93 -9.12
N ALA B 572 5.26 -32.75 -8.30
CA ALA B 572 5.33 -34.18 -8.52
C ALA B 572 5.43 -34.93 -7.19
N VAL B 573 5.00 -36.18 -7.15
CA VAL B 573 4.94 -36.97 -5.90
C VAL B 573 5.27 -38.45 -6.20
N ARG B 574 5.91 -39.15 -5.27
CA ARG B 574 6.18 -40.58 -5.46
C ARG B 574 5.02 -41.39 -4.85
N ASP B 575 4.35 -42.21 -5.66
CA ASP B 575 3.22 -43.01 -5.19
C ASP B 575 3.61 -43.99 -4.09
N PRO B 576 2.92 -44.04 -2.93
CA PRO B 576 3.31 -44.86 -1.79
C PRO B 576 3.00 -46.36 -1.94
N GLN B 577 2.44 -46.84 -3.06
CA GLN B 577 2.19 -48.26 -3.26
C GLN B 577 2.97 -48.86 -4.42
N THR B 578 3.07 -48.16 -5.55
CA THR B 578 4.01 -48.52 -6.63
C THR B 578 5.05 -47.41 -6.82
N LEU B 579 6.32 -47.74 -6.65
CA LEU B 579 7.36 -46.72 -6.52
C LEU B 579 7.73 -46.05 -7.86
N GLU B 580 6.87 -45.18 -8.36
CA GLU B 580 7.10 -44.29 -9.49
C GLU B 580 6.67 -42.88 -9.15
N ILE B 581 7.15 -41.92 -9.95
CA ILE B 581 6.89 -40.51 -9.74
C ILE B 581 5.80 -40.04 -10.70
N LEU B 582 4.81 -39.36 -10.13
CA LEU B 582 3.68 -38.80 -10.85
C LEU B 582 3.76 -37.28 -10.84
N ASP B 583 3.66 -36.66 -12.01
CA ASP B 583 3.48 -35.18 -12.11
C ASP B 583 2.04 -34.78 -11.81
N ILE B 584 1.88 -33.74 -11.01
CA ILE B 584 0.61 -33.08 -10.69
C ILE B 584 0.50 -31.84 -11.54
N THR B 585 -0.60 -31.66 -12.25
CA THR B 585 -0.84 -30.44 -13.08
C THR B 585 -2.25 -29.88 -12.76
N PRO B 586 -2.45 -28.56 -12.58
CA PRO B 586 -3.79 -28.05 -12.40
C PRO B 586 -4.65 -28.30 -13.63
N CYS B 587 -5.89 -28.77 -13.46
CA CYS B 587 -6.78 -29.16 -14.57
C CYS B 587 -7.11 -27.95 -15.43
N SER B 588 -7.40 -28.14 -16.73
CA SER B 588 -7.49 -27.04 -17.69
C SER B 588 -8.43 -25.93 -17.27
N PHE B 589 -7.98 -24.71 -17.51
CA PHE B 589 -8.61 -23.48 -17.02
C PHE B 589 -8.11 -22.28 -17.85
N GLY B 590 -8.76 -21.13 -17.71
CA GLY B 590 -8.29 -19.93 -18.37
C GLY B 590 -9.23 -18.75 -18.11
N GLY B 591 -8.81 -17.58 -18.55
CA GLY B 591 -9.64 -16.38 -18.62
C GLY B 591 -10.79 -16.53 -19.61
N VAL B 592 -11.88 -15.82 -19.31
CA VAL B 592 -13.02 -15.64 -20.23
C VAL B 592 -13.22 -14.15 -20.41
N SER B 593 -13.44 -13.76 -21.64
CA SER B 593 -14.00 -12.46 -21.99
C SER B 593 -15.24 -12.59 -22.85
N VAL B 594 -16.23 -11.75 -22.59
CA VAL B 594 -17.49 -11.75 -23.32
C VAL B 594 -17.54 -10.51 -24.17
N ILE B 595 -17.82 -10.69 -25.46
CA ILE B 595 -17.92 -9.67 -26.50
C ILE B 595 -19.40 -9.42 -26.75
N THR B 596 -19.79 -8.16 -26.67
CA THR B 596 -21.18 -7.76 -26.82
C THR B 596 -21.32 -6.44 -27.55
N PRO B 597 -22.30 -6.28 -28.45
CA PRO B 597 -22.86 -4.97 -28.81
C PRO B 597 -23.57 -4.38 -27.59
N GLY B 598 -24.11 -3.17 -27.69
CA GLY B 598 -24.88 -2.64 -26.55
C GLY B 598 -26.09 -3.52 -26.21
N THR B 599 -26.42 -3.63 -24.95
CA THR B 599 -27.58 -4.44 -24.51
C THR B 599 -28.87 -3.89 -25.10
N ASN B 600 -28.92 -2.57 -25.32
CA ASN B 600 -30.03 -1.90 -26.03
C ASN B 600 -30.12 -2.27 -27.52
N THR B 601 -29.06 -2.88 -28.06
CA THR B 601 -28.92 -3.19 -29.51
C THR B 601 -29.10 -4.67 -29.76
N SER B 602 -28.58 -5.54 -28.90
CA SER B 602 -28.86 -6.98 -28.90
C SER B 602 -28.48 -7.70 -27.60
N ASN B 603 -29.06 -8.87 -27.37
CA ASN B 603 -28.73 -9.77 -26.28
C ASN B 603 -27.76 -10.91 -26.67
N GLN B 604 -27.49 -11.16 -27.96
CA GLN B 604 -26.50 -12.19 -28.34
C GLN B 604 -25.07 -11.69 -28.17
N VAL B 605 -24.15 -12.61 -27.86
CA VAL B 605 -22.76 -12.35 -27.47
C VAL B 605 -21.82 -13.41 -28.04
N ALA B 606 -20.54 -13.09 -28.08
CA ALA B 606 -19.48 -14.02 -28.43
C ALA B 606 -18.54 -14.21 -27.27
N VAL B 607 -18.01 -15.40 -27.03
CA VAL B 607 -17.18 -15.74 -25.86
C VAL B 607 -15.75 -15.95 -26.33
N LEU B 608 -14.77 -15.32 -25.71
CA LEU B 608 -13.35 -15.55 -25.98
C LEU B 608 -12.75 -16.34 -24.83
N TYR B 609 -12.27 -17.54 -25.13
CA TYR B 609 -11.58 -18.36 -24.14
C TYR B 609 -10.09 -18.03 -24.29
N GLN B 610 -9.66 -16.97 -23.60
CA GLN B 610 -8.30 -16.46 -23.68
C GLN B 610 -7.21 -17.49 -23.39
N GLY B 611 -6.16 -17.47 -24.21
CA GLY B 611 -5.04 -18.38 -24.00
C GLY B 611 -5.38 -19.85 -24.23
N VAL B 612 -6.56 -20.22 -24.74
CA VAL B 612 -6.96 -21.63 -24.91
C VAL B 612 -6.99 -22.02 -26.36
N ASN B 613 -6.29 -23.10 -26.70
CA ASN B 613 -6.46 -23.78 -27.97
C ASN B 613 -7.77 -24.56 -28.01
N CYS B 614 -8.69 -24.24 -28.90
CA CYS B 614 -9.99 -24.93 -28.96
C CYS B 614 -10.03 -26.30 -29.59
N THR B 615 -8.92 -27.01 -29.60
CA THR B 615 -9.02 -28.47 -29.56
C THR B 615 -9.43 -28.91 -28.15
N GLU B 616 -9.17 -28.09 -27.12
CA GLU B 616 -9.54 -28.30 -25.73
C GLU B 616 -10.97 -27.86 -25.36
N VAL B 617 -11.51 -26.78 -25.94
CA VAL B 617 -12.85 -26.31 -25.54
C VAL B 617 -14.00 -27.32 -25.83
N PRO B 618 -13.98 -28.09 -26.93
CA PRO B 618 -14.87 -29.24 -27.11
C PRO B 618 -14.76 -30.32 -26.01
N VAL B 619 -13.61 -30.40 -25.33
CA VAL B 619 -13.42 -31.24 -24.12
C VAL B 619 -13.84 -30.50 -22.84
N ALA B 620 -13.82 -29.16 -22.84
CA ALA B 620 -14.52 -28.32 -21.85
C ALA B 620 -16.05 -28.29 -22.00
N ILE B 621 -16.65 -29.27 -22.67
CA ILE B 621 -18.08 -29.56 -22.69
C ILE B 621 -18.58 -29.95 -21.27
N HIS B 622 -19.79 -29.50 -20.90
CA HIS B 622 -20.33 -29.58 -19.53
C HIS B 622 -20.85 -30.98 -19.14
N ALA B 623 -20.22 -32.03 -19.66
CA ALA B 623 -20.54 -33.42 -19.30
C ALA B 623 -19.93 -33.76 -17.92
N ASP B 624 -18.62 -33.56 -17.75
CA ASP B 624 -17.99 -33.31 -16.44
C ASP B 624 -18.22 -31.83 -16.06
N GLN B 625 -18.17 -31.49 -14.77
CA GLN B 625 -18.51 -30.11 -14.32
C GLN B 625 -17.44 -29.07 -14.70
N LEU B 626 -17.90 -27.84 -14.92
CA LEU B 626 -17.08 -26.63 -15.08
C LEU B 626 -17.68 -25.46 -14.28
N THR B 627 -16.84 -24.53 -13.90
CA THR B 627 -17.28 -23.36 -13.13
C THR B 627 -18.38 -22.54 -13.83
N PRO B 628 -18.22 -22.02 -15.06
CA PRO B 628 -19.35 -21.44 -15.80
C PRO B 628 -20.28 -22.55 -16.33
N THR B 629 -21.57 -22.33 -16.12
CA THR B 629 -22.62 -23.31 -16.40
C THR B 629 -23.25 -23.16 -17.79
N TRP B 630 -22.96 -22.08 -18.53
CA TRP B 630 -23.60 -21.70 -19.79
C TRP B 630 -23.11 -22.47 -21.04
N ARG B 631 -23.30 -23.79 -21.02
CA ARG B 631 -22.82 -24.78 -22.00
C ARG B 631 -22.98 -24.40 -23.46
N VAL B 632 -24.11 -23.80 -23.83
CA VAL B 632 -24.66 -23.69 -25.19
C VAL B 632 -23.63 -23.27 -26.24
N TYR B 633 -22.75 -22.33 -25.88
CA TYR B 633 -21.72 -21.88 -26.81
C TYR B 633 -20.81 -23.01 -27.32
N SER B 634 -20.53 -23.97 -26.44
CA SER B 634 -19.67 -25.12 -26.76
C SER B 634 -20.12 -25.86 -28.02
N THR B 635 -21.38 -25.72 -28.44
CA THR B 635 -21.90 -26.27 -29.70
C THR B 635 -21.24 -25.70 -30.96
N GLY B 636 -20.61 -24.52 -30.88
CA GLY B 636 -19.75 -23.99 -31.92
C GLY B 636 -20.51 -23.63 -33.22
N SER B 637 -20.36 -24.44 -34.26
CA SER B 637 -20.74 -24.22 -35.67
C SER B 637 -20.02 -23.06 -36.38
N ASN B 638 -19.62 -22.02 -35.64
CA ASN B 638 -18.84 -20.86 -36.03
C ASN B 638 -17.55 -20.67 -35.21
N VAL B 639 -17.17 -21.69 -34.41
CA VAL B 639 -15.95 -21.66 -33.60
C VAL B 639 -14.72 -21.28 -34.45
N PHE B 640 -13.92 -20.35 -33.95
CA PHE B 640 -12.79 -19.77 -34.65
C PHE B 640 -11.61 -19.62 -33.72
N GLN B 641 -10.41 -19.76 -34.27
CA GLN B 641 -9.16 -19.71 -33.51
C GLN B 641 -8.40 -18.40 -33.75
N THR B 642 -7.95 -17.75 -32.70
CA THR B 642 -7.13 -16.52 -32.73
C THR B 642 -5.85 -16.74 -31.94
N ARG B 643 -4.81 -15.98 -32.24
CA ARG B 643 -3.57 -16.08 -31.47
C ARG B 643 -3.81 -15.78 -29.98
N ALA B 644 -4.83 -14.97 -29.70
CA ALA B 644 -5.24 -14.58 -28.34
C ALA B 644 -6.03 -15.68 -27.62
N GLY B 645 -6.60 -16.67 -28.31
CA GLY B 645 -7.40 -17.74 -27.74
C GLY B 645 -8.67 -17.95 -28.56
N CYS B 646 -9.48 -18.93 -28.18
CA CYS B 646 -10.60 -19.34 -29.00
C CYS B 646 -11.79 -18.38 -28.96
N LEU B 647 -12.30 -17.92 -30.10
CA LEU B 647 -13.49 -17.07 -30.19
C LEU B 647 -14.71 -17.88 -30.70
N ILE B 648 -15.82 -17.83 -29.96
CA ILE B 648 -17.01 -18.64 -30.19
C ILE B 648 -18.24 -17.75 -30.26
N GLY B 649 -19.15 -18.03 -31.18
CA GLY B 649 -20.38 -17.27 -31.33
C GLY B 649 -20.27 -16.08 -32.31
N ALA B 650 -19.10 -15.85 -32.92
CA ALA B 650 -18.79 -14.88 -33.94
C ALA B 650 -18.27 -15.55 -35.22
N GLU B 651 -18.86 -15.23 -36.37
CA GLU B 651 -18.36 -15.76 -37.65
C GLU B 651 -17.18 -14.95 -38.20
N TYR B 652 -16.09 -15.63 -38.52
CA TYR B 652 -14.92 -15.02 -39.16
C TYR B 652 -15.18 -14.81 -40.67
N VAL B 653 -14.79 -13.63 -41.18
CA VAL B 653 -14.94 -13.22 -42.59
C VAL B 653 -13.59 -12.82 -43.19
N ASN B 654 -13.41 -13.06 -44.49
CA ASN B 654 -12.23 -12.69 -45.28
C ASN B 654 -11.99 -11.18 -45.38
N ASN B 655 -13.04 -10.39 -45.36
CA ASN B 655 -13.02 -8.93 -45.40
C ASN B 655 -12.25 -8.30 -44.22
N SER B 656 -12.04 -6.99 -44.30
CA SER B 656 -11.45 -6.16 -43.25
C SER B 656 -12.15 -4.81 -43.12
N TYR B 657 -12.18 -4.30 -41.91
CA TYR B 657 -12.81 -3.03 -41.49
C TYR B 657 -11.96 -2.37 -40.41
N GLU B 658 -12.20 -1.09 -40.15
CA GLU B 658 -11.72 -0.44 -38.94
C GLU B 658 -12.15 -1.24 -37.70
N CYS B 659 -11.36 -1.21 -36.62
CA CYS B 659 -11.58 -2.08 -35.45
C CYS B 659 -12.72 -1.57 -34.57
N ASP B 660 -13.81 -2.32 -34.50
CA ASP B 660 -14.98 -1.94 -33.69
C ASP B 660 -14.83 -2.36 -32.22
N ILE B 661 -14.77 -3.68 -31.95
CA ILE B 661 -14.38 -4.24 -30.65
C ILE B 661 -13.05 -5.00 -30.79
N PRO B 662 -12.00 -4.68 -30.01
CA PRO B 662 -10.69 -5.31 -30.17
C PRO B 662 -10.62 -6.68 -29.49
N ILE B 663 -10.50 -7.79 -30.24
CA ILE B 663 -10.25 -9.12 -29.67
C ILE B 663 -8.79 -9.24 -29.23
N GLY B 664 -7.85 -8.84 -30.07
CA GLY B 664 -6.42 -8.96 -29.81
C GLY B 664 -5.71 -9.62 -31.01
N ALA B 665 -4.39 -9.46 -31.13
CA ALA B 665 -3.55 -10.10 -32.17
C ALA B 665 -4.16 -9.90 -33.58
N GLY B 666 -4.52 -8.66 -33.88
CA GLY B 666 -5.02 -8.23 -35.19
C GLY B 666 -6.50 -8.52 -35.47
N ILE B 667 -7.17 -9.35 -34.68
CA ILE B 667 -8.57 -9.63 -34.82
C ILE B 667 -9.39 -8.58 -34.06
N CYS B 668 -10.53 -8.21 -34.63
CA CYS B 668 -11.59 -7.41 -34.05
C CYS B 668 -12.96 -8.01 -34.37
N ALA B 669 -13.98 -7.62 -33.63
CA ALA B 669 -15.35 -8.10 -33.78
C ALA B 669 -16.34 -6.95 -33.85
N SER B 670 -17.45 -7.15 -34.56
CA SER B 670 -18.51 -6.18 -34.70
C SER B 670 -19.85 -6.87 -34.86
N TYR B 671 -20.95 -6.16 -34.62
CA TYR B 671 -22.31 -6.63 -34.87
C TYR B 671 -22.88 -5.94 -36.13
N GLN B 672 -23.15 -6.69 -37.19
CA GLN B 672 -23.67 -6.20 -38.46
C GLN B 672 -24.28 -7.32 -39.31
N THR B 673 -25.01 -6.95 -40.37
CA THR B 673 -25.51 -7.90 -41.38
C THR B 673 -24.36 -8.38 -42.26
N GLN B 674 -24.34 -9.69 -42.52
CA GLN B 674 -23.28 -10.29 -43.31
C GLN B 674 -23.88 -10.82 -44.57
N THR B 675 -24.51 -9.93 -45.32
CA THR B 675 -25.15 -10.31 -46.56
C THR B 675 -24.33 -10.02 -47.81
N LYS B 676 -23.07 -10.45 -47.84
CA LYS B 676 -22.27 -10.25 -49.07
C LYS B 676 -22.97 -10.79 -50.33
N SER B 677 -23.54 -11.99 -50.25
CA SER B 677 -24.42 -12.58 -51.27
C SER B 677 -25.87 -12.08 -51.17
N VAL B 684 -33.83 -11.96 -47.50
CA VAL B 684 -33.71 -12.19 -46.04
C VAL B 684 -32.28 -11.89 -45.57
N ALA B 685 -32.17 -11.11 -44.50
CA ALA B 685 -30.88 -10.75 -43.93
C ALA B 685 -31.05 -10.50 -42.44
N SER B 686 -29.97 -10.65 -41.68
CA SER B 686 -30.05 -10.44 -40.24
C SER B 686 -28.72 -10.09 -39.58
N GLN B 687 -28.77 -9.14 -38.65
CA GLN B 687 -27.60 -8.69 -37.90
C GLN B 687 -27.06 -9.86 -37.03
N SER B 688 -25.74 -10.07 -36.99
CA SER B 688 -25.07 -11.04 -36.11
C SER B 688 -23.63 -10.62 -35.81
N ILE B 689 -22.95 -11.25 -34.84
CA ILE B 689 -21.56 -10.95 -34.51
C ILE B 689 -20.66 -11.55 -35.60
N ILE B 690 -19.75 -10.73 -36.13
CA ILE B 690 -18.66 -11.16 -37.02
C ILE B 690 -17.32 -10.89 -36.39
N ALA B 691 -16.30 -11.62 -36.81
CA ALA B 691 -14.90 -11.35 -36.51
C ALA B 691 -14.10 -11.15 -37.78
N TYR B 692 -13.12 -10.26 -37.78
CA TYR B 692 -12.34 -9.93 -38.97
C TYR B 692 -10.94 -9.47 -38.57
N THR B 693 -9.97 -9.66 -39.44
CA THR B 693 -8.65 -9.03 -39.30
C THR B 693 -8.81 -7.54 -39.61
N MET B 694 -8.43 -6.65 -38.71
CA MET B 694 -8.68 -5.21 -38.89
C MET B 694 -7.84 -4.64 -40.05
N SER B 695 -8.41 -3.70 -40.81
CA SER B 695 -7.71 -2.96 -41.85
C SER B 695 -6.94 -1.82 -41.20
N LEU B 696 -5.72 -1.57 -41.65
CA LEU B 696 -4.92 -0.50 -41.07
C LEU B 696 -5.22 0.87 -41.68
N GLY B 697 -5.70 0.87 -42.91
CA GLY B 697 -6.08 2.03 -43.72
C GLY B 697 -6.34 1.59 -45.17
N ALA B 698 -6.81 2.51 -46.03
CA ALA B 698 -6.85 2.22 -47.47
C ALA B 698 -5.47 2.01 -48.09
N GLU B 699 -5.37 1.16 -49.10
CA GLU B 699 -4.15 0.94 -49.89
C GLU B 699 -3.90 2.14 -50.81
N ASN B 700 -2.65 2.55 -50.95
CA ASN B 700 -2.25 3.61 -51.86
C ASN B 700 -0.81 3.36 -52.36
N SER B 701 -0.55 3.58 -53.65
CA SER B 701 0.82 3.73 -54.18
C SER B 701 1.00 5.14 -54.74
N VAL B 702 2.01 5.83 -54.24
CA VAL B 702 2.36 7.19 -54.69
C VAL B 702 2.99 7.12 -56.08
N ALA B 703 2.54 7.93 -57.04
CA ALA B 703 3.07 7.97 -58.42
C ALA B 703 4.48 8.59 -58.59
N TYR B 704 5.43 8.27 -57.71
CA TYR B 704 6.76 8.84 -57.73
C TYR B 704 7.54 8.55 -59.03
N SER B 705 8.20 9.58 -59.55
CA SER B 705 9.12 9.47 -60.68
C SER B 705 10.15 10.60 -60.58
N ASN B 706 11.37 10.36 -61.02
CA ASN B 706 12.50 11.26 -60.79
C ASN B 706 12.48 12.58 -61.59
N ASN B 707 11.35 12.94 -62.17
CA ASN B 707 11.12 14.28 -62.76
C ASN B 707 9.67 14.79 -62.56
N SER B 708 8.84 14.12 -61.75
CA SER B 708 7.41 14.49 -61.58
C SER B 708 7.20 15.14 -60.23
N ILE B 709 6.44 16.22 -60.19
CA ILE B 709 6.00 16.86 -58.95
C ILE B 709 4.49 17.08 -58.98
N ALA B 710 3.82 16.90 -57.84
CA ALA B 710 2.41 17.24 -57.72
C ALA B 710 2.28 18.55 -56.92
N ILE B 711 1.51 19.51 -57.43
CA ILE B 711 1.31 20.81 -56.77
C ILE B 711 -0.19 21.10 -56.64
N PRO B 712 -0.66 21.52 -55.43
CA PRO B 712 -2.07 21.85 -55.19
C PRO B 712 -2.44 23.11 -55.95
N THR B 713 -3.51 23.05 -56.73
CA THR B 713 -4.04 24.22 -57.43
C THR B 713 -5.03 25.01 -56.58
N ASN B 714 -5.54 24.43 -55.47
CA ASN B 714 -6.51 25.02 -54.59
C ASN B 714 -6.14 24.70 -53.14
N PHE B 715 -6.92 25.18 -52.18
CA PHE B 715 -6.79 24.83 -50.76
C PHE B 715 -8.17 24.62 -50.16
N THR B 716 -8.19 24.02 -48.97
CA THR B 716 -9.33 24.00 -48.08
C THR B 716 -8.88 24.56 -46.75
N ILE B 717 -9.77 25.29 -46.08
CA ILE B 717 -9.60 25.70 -44.69
C ILE B 717 -10.45 24.76 -43.86
N SER B 718 -9.88 24.12 -42.85
CA SER B 718 -10.63 23.19 -42.02
C SER B 718 -10.44 23.52 -40.54
N VAL B 719 -11.52 23.33 -39.78
CA VAL B 719 -11.60 23.54 -38.33
C VAL B 719 -11.71 22.19 -37.66
N THR B 720 -10.89 21.92 -36.65
CA THR B 720 -10.94 20.64 -35.90
C THR B 720 -10.87 20.90 -34.43
N THR B 721 -11.71 20.20 -33.66
CA THR B 721 -11.69 20.25 -32.18
C THR B 721 -10.55 19.40 -31.64
N GLU B 722 -9.83 19.86 -30.63
CA GLU B 722 -8.99 19.00 -29.81
C GLU B 722 -9.39 19.14 -28.35
N ILE B 723 -9.67 18.02 -27.65
CA ILE B 723 -10.23 18.06 -26.29
C ILE B 723 -9.18 17.61 -25.29
N LEU B 724 -8.91 18.42 -24.29
CA LEU B 724 -7.95 18.11 -23.23
C LEU B 724 -8.57 18.29 -21.83
N PRO B 725 -8.42 17.33 -20.92
CA PRO B 725 -8.79 17.53 -19.51
C PRO B 725 -7.74 18.41 -18.86
N VAL B 726 -8.17 19.29 -17.98
CA VAL B 726 -7.33 20.27 -17.27
C VAL B 726 -7.32 20.06 -15.76
N SER B 727 -8.43 19.63 -15.19
CA SER B 727 -8.56 19.43 -13.74
C SER B 727 -9.47 18.24 -13.43
N MET B 728 -9.49 17.86 -12.16
CA MET B 728 -10.34 16.80 -11.62
C MET B 728 -11.01 17.26 -10.33
N THR B 729 -12.08 16.60 -9.88
CA THR B 729 -12.87 17.16 -8.77
C THR B 729 -12.06 17.19 -7.48
N LYS B 730 -11.78 18.40 -6.95
CA LYS B 730 -11.09 18.63 -5.69
C LYS B 730 -11.80 17.89 -4.56
N THR B 731 -11.18 16.91 -3.94
CA THR B 731 -11.83 16.10 -2.88
C THR B 731 -11.07 16.17 -1.58
N SER B 732 -11.79 16.18 -0.46
CA SER B 732 -11.23 16.06 0.89
C SER B 732 -12.00 14.98 1.64
N VAL B 733 -11.29 14.24 2.48
CA VAL B 733 -11.90 13.18 3.30
C VAL B 733 -11.54 13.40 4.77
N ASP B 734 -12.53 13.32 5.69
CA ASP B 734 -12.23 13.28 7.13
C ASP B 734 -12.00 11.81 7.54
N CYS B 735 -10.73 11.39 7.62
CA CYS B 735 -10.40 10.00 7.83
C CYS B 735 -10.90 9.53 9.19
N THR B 736 -10.79 10.34 10.26
CA THR B 736 -11.35 9.96 11.55
C THR B 736 -12.88 9.84 11.58
N MET B 737 -13.60 10.18 10.49
CA MET B 737 -15.06 10.03 10.37
C MET B 737 -15.41 8.96 9.33
N TYR B 738 -14.61 8.78 8.27
CA TYR B 738 -14.79 7.65 7.38
C TYR B 738 -14.46 6.35 8.12
N ILE B 739 -13.34 6.29 8.84
CA ILE B 739 -12.87 5.10 9.53
C ILE B 739 -13.79 4.78 10.72
N CYS B 740 -14.02 5.75 11.60
CA CYS B 740 -14.83 5.60 12.80
C CYS B 740 -16.13 6.37 12.66
N GLY B 741 -17.27 5.67 12.73
CA GLY B 741 -18.59 6.30 12.68
C GLY B 741 -18.97 7.14 13.91
N ASP B 742 -18.21 8.20 14.18
CA ASP B 742 -18.33 9.17 15.28
C ASP B 742 -18.17 8.60 16.70
N SER B 743 -17.95 7.32 16.87
CA SER B 743 -17.69 6.74 18.21
C SER B 743 -16.31 7.11 18.77
N THR B 744 -16.28 7.53 20.04
CA THR B 744 -15.07 7.91 20.74
C THR B 744 -14.05 6.78 20.89
N GLU B 745 -14.49 5.56 21.19
CA GLU B 745 -13.64 4.41 21.44
C GLU B 745 -12.93 3.91 20.19
N CYS B 746 -13.57 4.02 19.02
CA CYS B 746 -12.88 3.82 17.75
C CYS B 746 -11.90 4.95 17.48
N SER B 747 -12.24 6.19 17.80
CA SER B 747 -11.33 7.32 17.65
C SER B 747 -10.08 7.16 18.51
N ASN B 748 -10.19 6.55 19.69
CA ASN B 748 -9.03 6.29 20.55
C ASN B 748 -8.17 5.14 20.01
N LEU B 749 -8.77 4.11 19.40
CA LEU B 749 -8.00 3.08 18.69
C LEU B 749 -7.30 3.64 17.45
N LEU B 750 -7.92 4.58 16.73
CA LEU B 750 -7.30 5.13 15.53
C LEU B 750 -5.97 5.87 15.83
N LEU B 751 -5.83 6.52 16.99
CA LEU B 751 -4.57 7.15 17.39
C LEU B 751 -3.41 6.14 17.53
N GLN B 752 -3.71 4.85 17.78
CA GLN B 752 -2.65 3.83 17.80
C GLN B 752 -1.89 3.72 16.49
N TYR B 753 -2.50 4.15 15.38
CA TYR B 753 -1.85 4.08 14.07
C TYR B 753 -0.94 5.26 13.70
N GLY B 754 -0.79 6.23 14.61
CA GLY B 754 0.05 7.39 14.34
C GLY B 754 -0.51 8.37 13.32
N SER B 755 0.33 8.90 12.46
CA SER B 755 0.05 10.00 11.50
C SER B 755 -0.62 9.60 10.17
N PHE B 756 -1.00 8.34 9.95
CA PHE B 756 -1.61 7.92 8.69
C PHE B 756 -2.78 8.80 8.25
N CYS B 757 -3.70 9.08 9.16
CA CYS B 757 -4.83 9.96 8.86
C CYS B 757 -4.37 11.39 8.45
N THR B 758 -3.32 11.97 9.04
CA THR B 758 -2.83 13.28 8.56
C THR B 758 -2.12 13.24 7.20
N GLN B 759 -1.43 12.15 6.89
CA GLN B 759 -0.84 11.95 5.56
C GLN B 759 -1.92 11.87 4.48
N LEU B 760 -3.02 11.15 4.71
CA LEU B 760 -4.15 11.07 3.78
C LEU B 760 -4.72 12.49 3.57
N LYS B 761 -4.96 13.26 4.65
CA LYS B 761 -5.44 14.63 4.56
C LYS B 761 -4.49 15.48 3.74
N ARG B 762 -3.21 15.41 4.01
CA ARG B 762 -2.15 16.18 3.35
C ARG B 762 -2.05 15.84 1.88
N ALA B 763 -2.09 14.57 1.52
CA ALA B 763 -1.96 14.20 0.12
C ALA B 763 -3.15 14.65 -0.72
N LEU B 764 -4.37 14.47 -0.21
CA LEU B 764 -5.57 14.98 -0.86
C LEU B 764 -5.59 16.49 -0.91
N THR B 765 -5.08 17.18 0.08
CA THR B 765 -4.92 18.65 0.00
C THR B 765 -3.89 19.07 -1.06
N GLY B 766 -2.79 18.33 -1.18
CA GLY B 766 -1.79 18.50 -2.24
C GLY B 766 -2.35 18.35 -3.65
N ILE B 767 -3.33 17.48 -3.86
CA ILE B 767 -4.06 17.31 -5.12
C ILE B 767 -5.03 18.48 -5.30
N ALA B 768 -5.81 18.79 -4.27
CA ALA B 768 -6.86 19.82 -4.36
C ALA B 768 -6.31 21.21 -4.64
N VAL B 769 -5.21 21.61 -4.05
CA VAL B 769 -4.53 22.89 -4.35
C VAL B 769 -3.87 22.91 -5.72
N GLU B 770 -3.63 21.75 -6.34
CA GLU B 770 -3.05 21.64 -7.68
C GLU B 770 -4.07 21.86 -8.78
N GLN B 771 -5.34 21.49 -8.55
CA GLN B 771 -6.39 21.67 -9.56
C GLN B 771 -6.58 23.15 -9.96
N ASP B 772 -6.46 24.05 -8.98
CA ASP B 772 -6.47 25.49 -9.16
C ASP B 772 -5.16 26.06 -9.68
N LYS B 773 -4.08 25.31 -9.59
CA LYS B 773 -2.86 25.62 -10.34
C LYS B 773 -3.06 25.23 -11.80
N ASN B 774 -3.41 24.00 -12.12
CA ASN B 774 -3.66 23.57 -13.49
C ASN B 774 -4.64 24.46 -14.24
N THR B 775 -5.75 24.86 -13.63
CA THR B 775 -6.70 25.74 -14.32
C THR B 775 -6.13 27.13 -14.58
N GLN B 776 -5.29 27.65 -13.67
CA GLN B 776 -4.66 28.95 -13.83
C GLN B 776 -3.57 28.90 -14.90
N GLU B 777 -2.69 27.89 -14.87
CA GLU B 777 -1.64 27.69 -15.87
C GLU B 777 -2.23 27.61 -17.26
N VAL B 778 -3.37 26.94 -17.47
CA VAL B 778 -3.96 26.76 -18.81
C VAL B 778 -4.62 28.01 -19.30
N PHE B 779 -5.52 28.60 -18.54
CA PHE B 779 -6.33 29.72 -18.99
C PHE B 779 -5.77 31.11 -18.68
N ALA B 780 -5.14 31.34 -17.53
CA ALA B 780 -4.73 32.67 -17.10
C ALA B 780 -3.40 33.15 -17.76
N GLN B 781 -3.24 32.91 -19.06
CA GLN B 781 -2.06 33.40 -19.79
C GLN B 781 -2.10 34.93 -19.97
N VAL B 782 -3.30 35.52 -20.10
CA VAL B 782 -3.45 36.93 -20.45
C VAL B 782 -3.13 37.89 -19.30
N LYS B 783 -2.50 39.01 -19.64
CA LYS B 783 -2.14 40.11 -18.72
C LYS B 783 -3.33 41.03 -18.42
N GLN B 784 -4.34 41.03 -19.31
CA GLN B 784 -5.49 41.93 -19.36
C GLN B 784 -6.70 41.13 -19.79
N ILE B 785 -7.89 41.56 -19.45
CA ILE B 785 -9.08 41.05 -20.09
C ILE B 785 -9.31 41.88 -21.34
N TYR B 786 -9.09 41.30 -22.52
CA TYR B 786 -9.36 42.00 -23.76
C TYR B 786 -10.84 41.95 -24.14
N LYS B 787 -11.37 43.04 -24.70
CA LYS B 787 -12.71 43.16 -25.31
C LYS B 787 -12.61 43.40 -26.83
N THR B 788 -13.51 42.77 -27.57
CA THR B 788 -13.79 43.12 -28.96
C THR B 788 -14.48 44.48 -29.08
N PRO B 789 -14.34 45.20 -30.20
CA PRO B 789 -15.21 46.31 -30.56
C PRO B 789 -16.69 45.93 -30.61
N PRO B 790 -17.63 46.90 -30.56
CA PRO B 790 -19.05 46.67 -30.85
C PRO B 790 -19.32 46.35 -32.35
N ILE B 791 -18.48 46.85 -33.26
CA ILE B 791 -18.64 46.59 -34.69
C ILE B 791 -17.84 45.36 -35.06
N LYS B 792 -18.47 44.18 -34.96
CA LYS B 792 -17.77 42.84 -35.03
C LYS B 792 -17.58 42.41 -36.49
N TYR B 793 -16.80 43.19 -37.24
CA TYR B 793 -16.49 42.86 -38.62
C TYR B 793 -15.02 42.50 -38.76
N PHE B 794 -14.73 41.28 -39.22
CA PHE B 794 -13.38 40.69 -39.29
C PHE B 794 -13.14 40.12 -40.69
N GLY B 795 -13.09 40.97 -41.70
CA GLY B 795 -12.77 40.57 -43.07
C GLY B 795 -13.74 39.60 -43.73
N GLY B 796 -14.92 39.42 -43.13
CA GLY B 796 -15.94 38.45 -43.55
C GLY B 796 -15.90 37.15 -42.74
N PHE B 797 -14.92 36.93 -41.87
CA PHE B 797 -14.90 35.78 -40.98
C PHE B 797 -15.90 35.98 -39.84
N ASN B 798 -16.66 34.94 -39.47
CA ASN B 798 -17.83 35.06 -38.61
C ASN B 798 -17.59 34.38 -37.27
N PHE B 799 -16.91 35.07 -36.35
CA PHE B 799 -16.64 34.54 -35.02
C PHE B 799 -17.83 34.58 -34.04
N SER B 800 -19.02 35.02 -34.47
CA SER B 800 -20.17 35.14 -33.54
C SER B 800 -20.64 33.82 -32.93
N GLN B 801 -20.26 32.67 -33.51
CA GLN B 801 -20.51 31.35 -32.91
C GLN B 801 -19.55 30.98 -31.76
N ILE B 802 -18.45 31.73 -31.56
CA ILE B 802 -17.45 31.42 -30.53
C ILE B 802 -17.11 32.61 -29.61
N LEU B 803 -17.41 33.83 -30.03
CA LEU B 803 -17.33 34.99 -29.17
C LEU B 803 -18.34 34.91 -28.02
N PRO B 804 -18.14 35.64 -26.91
CA PRO B 804 -19.09 35.67 -25.81
C PRO B 804 -20.44 36.24 -26.24
N ASP B 805 -21.49 35.70 -25.64
CA ASP B 805 -22.88 36.10 -25.85
C ASP B 805 -23.41 36.90 -24.66
N PRO B 806 -23.74 38.21 -24.82
CA PRO B 806 -24.30 39.03 -23.75
C PRO B 806 -25.65 38.56 -23.19
N SER B 807 -26.41 37.74 -23.91
CA SER B 807 -27.81 37.44 -23.58
C SER B 807 -28.00 36.44 -22.40
N LYS B 808 -26.94 36.05 -21.71
CA LYS B 808 -26.94 35.07 -20.59
C LYS B 808 -26.15 35.54 -19.36
N PRO B 809 -26.55 35.14 -18.13
CA PRO B 809 -25.79 35.47 -16.92
C PRO B 809 -24.35 34.95 -16.97
N SER B 810 -24.17 33.71 -17.42
CA SER B 810 -22.87 33.14 -17.74
C SER B 810 -22.50 33.46 -19.18
N LYS B 811 -21.48 34.30 -19.43
CA LYS B 811 -21.16 34.87 -20.75
C LYS B 811 -20.48 33.92 -21.73
N ARG B 812 -20.78 32.63 -21.67
CA ARG B 812 -20.24 31.59 -22.55
C ARG B 812 -20.68 31.82 -23.98
N SER B 813 -19.89 31.33 -24.92
CA SER B 813 -20.21 31.38 -26.35
C SER B 813 -21.27 30.35 -26.72
N PHE B 814 -21.81 30.43 -27.93
CA PHE B 814 -22.76 29.42 -28.40
C PHE B 814 -22.11 28.03 -28.38
N ILE B 815 -20.85 27.88 -28.81
CA ILE B 815 -20.20 26.55 -28.80
C ILE B 815 -19.93 26.09 -27.38
N GLU B 816 -19.51 26.95 -26.45
CA GLU B 816 -19.30 26.57 -25.04
C GLU B 816 -20.59 26.09 -24.39
N ASP B 817 -21.75 26.66 -24.73
CA ASP B 817 -23.07 26.17 -24.28
C ASP B 817 -23.45 24.77 -24.85
N LEU B 818 -22.83 24.27 -25.93
CA LEU B 818 -22.92 22.87 -26.29
C LEU B 818 -22.00 22.09 -25.36
N LEU B 819 -20.72 22.44 -25.29
CA LEU B 819 -19.71 21.70 -24.49
C LEU B 819 -20.16 21.48 -23.04
N PHE B 820 -20.64 22.53 -22.40
CA PHE B 820 -21.11 22.54 -21.02
C PHE B 820 -22.31 21.59 -20.82
N ASN B 821 -23.09 21.31 -21.88
CA ASN B 821 -24.22 20.38 -21.84
C ASN B 821 -23.80 18.93 -22.16
N LYS B 822 -22.75 18.68 -22.95
CA LYS B 822 -22.31 17.29 -23.26
C LYS B 822 -21.73 16.58 -22.02
N VAL B 823 -20.93 17.27 -21.21
CA VAL B 823 -20.33 16.71 -19.99
C VAL B 823 -21.31 16.82 -18.83
N THR B 824 -22.01 15.74 -18.52
CA THR B 824 -23.01 15.71 -17.44
C THR B 824 -22.32 15.59 -16.07
N LEU B 825 -21.94 16.73 -15.49
CA LEU B 825 -21.12 16.79 -14.27
C LEU B 825 -21.87 16.22 -13.06
N ALA B 826 -21.15 15.58 -12.14
CA ALA B 826 -21.65 15.15 -10.81
C ALA B 826 -20.98 15.97 -9.69
N ASP B 827 -21.79 16.60 -8.84
CA ASP B 827 -21.43 17.50 -7.73
C ASP B 827 -20.35 18.57 -8.02
N ALA B 828 -20.81 19.76 -8.44
CA ALA B 828 -19.94 20.94 -8.53
C ALA B 828 -19.40 21.46 -7.17
N GLY B 829 -19.89 20.96 -6.03
CA GLY B 829 -19.42 21.34 -4.69
C GLY B 829 -20.28 22.39 -3.99
N PHE B 830 -21.30 22.98 -4.65
CA PHE B 830 -22.10 24.05 -4.06
C PHE B 830 -22.96 23.61 -2.89
N ILE B 831 -23.44 24.58 -2.10
CA ILE B 831 -24.04 24.39 -0.77
C ILE B 831 -25.14 23.29 -0.75
N LYS B 832 -25.01 22.36 0.20
CA LYS B 832 -25.97 21.27 0.46
C LYS B 832 -26.69 21.45 1.78
N GLN B 833 -27.80 22.17 1.76
CA GLN B 833 -28.42 22.81 2.94
C GLN B 833 -29.19 21.85 3.88
N TYR B 834 -28.85 20.55 3.91
CA TYR B 834 -29.43 19.44 4.69
C TYR B 834 -30.90 19.11 4.36
N GLY B 835 -31.77 20.12 4.16
CA GLY B 835 -33.17 20.00 3.69
C GLY B 835 -33.32 19.28 2.32
N ASP B 836 -32.23 19.25 1.55
CA ASP B 836 -32.05 18.53 0.30
C ASP B 836 -31.79 17.04 0.57
N CYS B 837 -30.87 16.76 1.50
CA CYS B 837 -30.40 15.41 1.79
C CYS B 837 -31.43 14.53 2.48
N LEU B 838 -32.12 15.01 3.52
CA LEU B 838 -33.11 14.17 4.25
C LEU B 838 -34.37 13.90 3.38
N GLY B 839 -35.05 12.79 3.64
CA GLY B 839 -36.18 12.29 2.85
C GLY B 839 -35.72 11.46 1.64
N ASP B 840 -36.22 11.81 0.46
CA ASP B 840 -36.16 10.99 -0.76
C ASP B 840 -34.76 10.93 -1.39
N ILE B 841 -34.04 12.04 -1.36
CA ILE B 841 -32.86 12.19 -2.21
C ILE B 841 -31.69 11.32 -1.72
N ALA B 842 -31.38 11.28 -0.42
CA ALA B 842 -30.33 10.37 0.09
C ALA B 842 -30.58 8.85 -0.19
N ALA B 843 -31.85 8.46 -0.43
CA ALA B 843 -32.15 7.09 -0.82
C ALA B 843 -31.75 6.75 -2.28
N ARG B 844 -31.58 7.75 -3.14
CA ARG B 844 -31.25 7.43 -4.54
C ARG B 844 -29.97 8.07 -5.08
N ASP B 845 -29.59 9.20 -4.50
CA ASP B 845 -28.42 9.94 -4.91
C ASP B 845 -27.23 9.60 -4.01
N LEU B 846 -26.16 9.04 -4.60
CA LEU B 846 -24.96 8.62 -3.90
C LEU B 846 -24.22 9.82 -3.30
N ILE B 847 -24.32 11.01 -3.89
CA ILE B 847 -23.54 12.19 -3.46
C ILE B 847 -23.90 12.52 -2.00
N CYS B 848 -25.13 12.28 -1.57
CA CYS B 848 -25.47 12.49 -0.18
C CYS B 848 -24.87 11.42 0.73
N ALA B 849 -24.90 10.14 0.34
CA ALA B 849 -24.28 9.05 1.09
C ALA B 849 -22.75 9.25 1.24
N GLN B 850 -22.10 9.71 0.18
CA GLN B 850 -20.72 10.15 0.26
C GLN B 850 -20.53 11.22 1.35
N LYS B 851 -21.36 12.26 1.33
CA LYS B 851 -21.29 13.37 2.26
C LYS B 851 -21.51 12.93 3.71
N PHE B 852 -22.51 12.07 3.94
CA PHE B 852 -22.81 11.49 5.26
C PHE B 852 -21.70 10.58 5.80
N ASN B 853 -20.76 10.18 4.95
CA ASN B 853 -19.56 9.42 5.35
C ASN B 853 -18.27 10.26 5.31
N GLY B 854 -18.39 11.59 5.27
CA GLY B 854 -17.24 12.50 5.41
C GLY B 854 -16.40 12.64 4.15
N LEU B 855 -16.77 12.01 3.02
CA LEU B 855 -16.23 12.28 1.67
C LEU B 855 -16.79 13.62 1.18
N THR B 856 -15.93 14.59 0.86
CA THR B 856 -16.34 15.96 0.56
C THR B 856 -15.76 16.43 -0.78
N VAL B 857 -16.56 16.95 -1.70
CA VAL B 857 -16.09 17.49 -2.99
C VAL B 857 -16.17 19.00 -2.98
N LEU B 858 -15.05 19.68 -3.19
CA LEU B 858 -14.86 21.12 -3.06
C LEU B 858 -15.10 21.81 -4.41
N PRO B 859 -15.50 23.08 -4.43
CA PRO B 859 -15.55 23.85 -5.66
C PRO B 859 -14.14 24.28 -6.13
N PRO B 860 -13.94 24.44 -7.45
CA PRO B 860 -12.75 25.07 -7.99
C PRO B 860 -12.66 26.55 -7.58
N LEU B 861 -11.46 27.13 -7.61
CA LEU B 861 -11.26 28.54 -7.28
C LEU B 861 -11.90 29.48 -8.29
N LEU B 862 -11.81 29.12 -9.58
CA LEU B 862 -12.30 29.87 -10.72
C LEU B 862 -13.62 29.24 -11.16
N THR B 863 -14.70 30.01 -11.09
CA THR B 863 -16.00 29.56 -11.59
C THR B 863 -15.99 29.37 -13.11
N ASP B 864 -16.93 28.63 -13.65
CA ASP B 864 -17.12 28.48 -15.10
C ASP B 864 -17.39 29.82 -15.80
N GLU B 865 -17.89 30.83 -15.08
CA GLU B 865 -18.00 32.19 -15.59
C GLU B 865 -16.63 32.89 -15.68
N MET B 866 -15.79 32.82 -14.65
CA MET B 866 -14.43 33.34 -14.72
C MET B 866 -13.52 32.62 -15.71
N ILE B 867 -13.70 31.31 -15.92
CA ILE B 867 -12.94 30.56 -16.95
C ILE B 867 -13.39 31.02 -18.33
N ALA B 868 -14.71 31.16 -18.55
CA ALA B 868 -15.24 31.71 -19.79
C ALA B 868 -14.81 33.15 -20.03
N GLN B 869 -14.63 33.95 -18.97
CA GLN B 869 -14.15 35.31 -19.12
C GLN B 869 -12.68 35.34 -19.57
N TYR B 870 -11.82 34.50 -18.99
CA TYR B 870 -10.45 34.38 -19.51
C TYR B 870 -10.41 33.85 -20.93
N THR B 871 -11.28 32.91 -21.26
CA THR B 871 -11.30 32.30 -22.58
C THR B 871 -11.73 33.30 -23.66
N SER B 872 -12.71 34.15 -23.34
CA SER B 872 -13.11 35.25 -24.20
C SER B 872 -12.05 36.33 -24.33
N ALA B 873 -11.19 36.49 -23.33
CA ALA B 873 -10.09 37.46 -23.40
C ALA B 873 -8.96 36.96 -24.30
N LEU B 874 -8.61 35.67 -24.26
CA LEU B 874 -7.69 35.01 -25.20
C LEU B 874 -8.20 35.14 -26.63
N LEU B 875 -9.48 34.84 -26.80
CA LEU B 875 -10.15 34.90 -28.10
C LEU B 875 -10.25 36.33 -28.60
N ALA B 876 -10.67 37.32 -27.82
CA ALA B 876 -10.74 38.71 -28.26
C ALA B 876 -9.37 39.29 -28.59
N GLY B 877 -8.34 38.93 -27.82
CA GLY B 877 -6.96 39.35 -28.12
C GLY B 877 -6.50 38.75 -29.46
N THR B 878 -6.75 37.47 -29.70
CA THR B 878 -6.39 36.79 -30.96
C THR B 878 -7.03 37.41 -32.19
N ILE B 879 -8.36 37.58 -32.23
CA ILE B 879 -8.99 38.06 -33.45
C ILE B 879 -8.80 39.57 -33.69
N THR B 880 -8.40 40.34 -32.66
CA THR B 880 -8.08 41.77 -32.84
C THR B 880 -6.59 42.10 -32.91
N SER B 881 -5.66 41.23 -32.53
CA SER B 881 -4.22 41.59 -32.48
C SER B 881 -3.25 40.43 -32.81
N GLY B 882 -3.77 39.27 -33.22
CA GLY B 882 -2.93 38.14 -33.63
C GLY B 882 -2.04 37.60 -32.50
N TRP B 883 -0.76 37.39 -32.76
CA TRP B 883 0.19 36.94 -31.73
C TRP B 883 0.74 38.07 -30.86
N THR B 884 0.54 39.34 -31.25
CA THR B 884 1.23 40.48 -30.59
C THR B 884 0.89 40.64 -29.11
N PHE B 885 -0.31 40.26 -28.67
CA PHE B 885 -0.73 40.28 -27.26
C PHE B 885 -0.05 39.21 -26.39
N GLY B 886 0.52 38.17 -27.00
CA GLY B 886 1.39 37.22 -26.33
C GLY B 886 2.76 37.83 -26.01
N ALA B 887 3.42 38.45 -27.00
CA ALA B 887 4.80 38.90 -26.85
C ALA B 887 4.96 40.26 -26.15
N GLY B 888 3.92 41.08 -26.12
CA GLY B 888 3.93 42.40 -25.52
C GLY B 888 2.55 42.98 -25.28
N ALA B 889 2.39 44.28 -25.47
CA ALA B 889 1.07 44.88 -25.55
C ALA B 889 0.34 44.38 -26.80
N ALA B 890 -1.00 44.37 -26.78
CA ALA B 890 -1.77 44.00 -27.96
C ALA B 890 -1.67 45.14 -28.99
N LEU B 891 -1.33 44.84 -30.23
CA LEU B 891 -1.18 45.80 -31.31
C LEU B 891 -2.29 45.48 -32.31
N GLN B 892 -3.25 46.39 -32.54
CA GLN B 892 -4.33 46.05 -33.46
C GLN B 892 -3.76 45.86 -34.88
N ILE B 893 -4.40 45.02 -35.68
CA ILE B 893 -4.19 44.87 -37.12
C ILE B 893 -5.52 44.46 -37.76
N PRO B 894 -5.83 44.78 -39.02
CA PRO B 894 -7.05 44.29 -39.64
C PRO B 894 -6.99 42.77 -39.79
N PHE B 895 -8.11 42.07 -39.60
CA PHE B 895 -8.07 40.60 -39.58
C PHE B 895 -7.62 39.98 -40.91
N ALA B 896 -7.98 40.58 -42.06
CA ALA B 896 -7.51 40.06 -43.32
C ALA B 896 -6.00 40.30 -43.54
N MET B 897 -5.39 41.27 -42.86
CA MET B 897 -3.94 41.41 -42.82
C MET B 897 -3.30 40.46 -41.82
N GLN B 898 -4.00 40.08 -40.76
CA GLN B 898 -3.47 39.06 -39.85
C GLN B 898 -3.43 37.69 -40.53
N MET B 899 -4.46 37.30 -41.28
CA MET B 899 -4.45 36.08 -42.07
C MET B 899 -3.38 36.09 -43.17
N ALA B 900 -3.04 37.25 -43.72
CA ALA B 900 -1.93 37.37 -44.67
C ALA B 900 -0.59 37.07 -44.01
N TYR B 901 -0.38 37.56 -42.80
CA TYR B 901 0.85 37.29 -42.08
C TYR B 901 0.94 35.79 -41.78
N ARG B 902 -0.22 35.16 -41.58
CA ARG B 902 -0.28 33.73 -41.31
C ARG B 902 0.10 32.96 -42.57
N PHE B 903 -0.61 33.24 -43.65
CA PHE B 903 -0.34 32.63 -44.95
C PHE B 903 1.13 32.72 -45.32
N ASN B 904 1.78 33.88 -45.16
CA ASN B 904 3.24 33.95 -45.32
C ASN B 904 3.93 32.97 -44.38
N GLY B 905 3.44 32.81 -43.14
CA GLY B 905 4.00 31.90 -42.14
C GLY B 905 3.98 30.44 -42.56
N ILE B 906 3.04 30.02 -43.41
CA ILE B 906 3.00 28.67 -43.97
C ILE B 906 3.60 28.58 -45.38
N GLY B 907 4.35 29.60 -45.80
CA GLY B 907 5.02 29.60 -47.08
C GLY B 907 4.04 29.76 -48.27
N VAL B 908 2.89 30.41 -48.09
CA VAL B 908 2.03 30.85 -49.19
C VAL B 908 2.05 32.36 -49.29
N THR B 909 2.26 32.95 -50.48
CA THR B 909 2.45 34.42 -50.58
C THR B 909 1.16 35.14 -50.28
N GLN B 910 1.20 36.29 -49.61
CA GLN B 910 -0.01 36.90 -49.09
C GLN B 910 -1.05 37.30 -50.15
N ASN B 911 -0.67 37.44 -51.41
CA ASN B 911 -1.65 37.67 -52.47
C ASN B 911 -2.61 36.50 -52.64
N VAL B 912 -2.19 35.25 -52.37
CA VAL B 912 -3.09 34.10 -52.40
C VAL B 912 -4.22 34.22 -51.41
N LEU B 913 -4.07 34.95 -50.30
CA LEU B 913 -5.21 35.30 -49.44
C LEU B 913 -6.08 36.33 -50.12
N TYR B 914 -5.58 37.53 -50.39
CA TYR B 914 -6.43 38.62 -50.87
C TYR B 914 -7.16 38.31 -52.19
N GLU B 915 -6.51 37.63 -53.13
CA GLU B 915 -7.16 37.20 -54.36
C GLU B 915 -8.23 36.12 -54.13
N ASN B 916 -8.38 35.61 -52.91
CA ASN B 916 -9.39 34.64 -52.53
C ASN B 916 -10.14 34.95 -51.22
N GLN B 917 -10.12 36.17 -50.71
CA GLN B 917 -10.55 36.46 -49.33
C GLN B 917 -12.01 36.05 -49.11
N LYS B 918 -12.89 36.24 -50.09
CA LYS B 918 -14.31 35.83 -49.99
C LYS B 918 -14.49 34.31 -49.87
N LEU B 919 -13.70 33.56 -50.62
CA LEU B 919 -13.67 32.12 -50.55
C LEU B 919 -13.14 31.67 -49.19
N ILE B 920 -12.01 32.23 -48.75
CA ILE B 920 -11.35 31.79 -47.49
C ILE B 920 -12.26 32.10 -46.28
N ALA B 921 -12.98 33.21 -46.29
CA ALA B 921 -14.01 33.44 -45.32
C ALA B 921 -15.15 32.43 -45.43
N ASN B 922 -15.75 32.19 -46.60
CA ASN B 922 -16.83 31.19 -46.75
C ASN B 922 -16.44 29.77 -46.37
N GLN B 923 -15.19 29.37 -46.60
CA GLN B 923 -14.62 28.13 -46.13
C GLN B 923 -14.54 28.08 -44.63
N PHE B 924 -14.00 29.09 -43.98
CA PHE B 924 -13.93 29.14 -42.52
C PHE B 924 -15.32 29.20 -41.88
N ASN B 925 -16.21 30.07 -42.37
CA ASN B 925 -17.57 30.22 -41.86
C ASN B 925 -18.35 28.89 -41.98
N SER B 926 -18.26 28.17 -43.11
CA SER B 926 -18.94 26.88 -43.27
C SER B 926 -18.25 25.78 -42.46
N ALA B 927 -16.91 25.80 -42.34
CA ALA B 927 -16.20 24.81 -41.51
C ALA B 927 -16.57 24.95 -40.03
N ILE B 928 -16.54 26.15 -39.43
CA ILE B 928 -16.96 26.34 -38.04
C ILE B 928 -18.44 26.05 -37.87
N GLY B 929 -19.28 26.17 -38.90
CA GLY B 929 -20.69 25.70 -38.85
C GLY B 929 -20.81 24.19 -38.59
N LYS B 930 -20.00 23.35 -39.22
CA LYS B 930 -19.97 21.91 -38.90
C LYS B 930 -19.57 21.56 -37.45
N ILE B 931 -18.85 22.42 -36.74
CA ILE B 931 -18.56 22.22 -35.31
C ILE B 931 -19.85 22.21 -34.47
N GLN B 932 -20.85 23.00 -34.84
CA GLN B 932 -22.14 23.00 -34.13
C GLN B 932 -22.79 21.61 -34.18
N ASP B 933 -22.75 20.97 -35.35
CA ASP B 933 -23.33 19.67 -35.63
C ASP B 933 -22.48 18.53 -35.07
N SER B 934 -21.15 18.64 -35.19
CA SER B 934 -20.20 17.68 -34.61
C SER B 934 -20.39 17.60 -33.07
N LEU B 935 -20.80 18.70 -32.45
CA LEU B 935 -21.16 18.73 -31.02
C LEU B 935 -22.65 18.41 -30.73
N SER B 936 -23.59 18.81 -31.58
CA SER B 936 -25.02 18.64 -31.33
C SER B 936 -25.51 17.22 -31.59
N SER B 937 -24.97 16.57 -32.63
CA SER B 937 -25.55 15.35 -33.20
C SER B 937 -25.13 14.11 -32.40
N THR B 938 -23.84 13.93 -32.09
CA THR B 938 -23.37 12.76 -31.35
C THR B 938 -23.36 13.00 -29.84
N ALA B 939 -23.55 11.94 -29.06
CA ALA B 939 -23.41 12.01 -27.60
C ALA B 939 -21.93 11.94 -27.14
N SER B 940 -21.07 11.27 -27.93
CA SER B 940 -19.76 10.77 -27.48
C SER B 940 -18.57 11.73 -27.68
N ALA B 941 -18.78 12.90 -28.28
CA ALA B 941 -17.71 13.84 -28.69
C ALA B 941 -16.76 14.28 -27.55
N LEU B 942 -17.29 14.47 -26.33
CA LEU B 942 -16.49 14.89 -25.17
C LEU B 942 -16.12 13.74 -24.21
N GLY B 943 -16.05 12.52 -24.72
CA GLY B 943 -15.67 11.36 -23.92
C GLY B 943 -14.40 11.55 -23.06
N LYS B 944 -13.36 12.23 -23.55
CA LYS B 944 -12.13 12.49 -22.79
C LYS B 944 -12.33 13.33 -21.52
N LEU B 945 -13.40 14.13 -21.43
CA LEU B 945 -13.72 14.87 -20.22
C LEU B 945 -14.73 14.12 -19.36
N GLN B 946 -15.73 13.50 -20.01
CA GLN B 946 -16.67 12.66 -19.26
C GLN B 946 -15.97 11.55 -18.48
N ASP B 947 -14.90 10.99 -19.03
CA ASP B 947 -14.13 9.96 -18.35
C ASP B 947 -13.50 10.45 -17.04
N VAL B 948 -13.16 11.75 -16.93
CA VAL B 948 -12.59 12.30 -15.67
C VAL B 948 -13.66 12.28 -14.60
N VAL B 949 -14.84 12.79 -14.91
CA VAL B 949 -16.01 12.80 -14.03
C VAL B 949 -16.40 11.38 -13.65
N ASN B 950 -16.48 10.45 -14.60
CA ASN B 950 -16.82 9.06 -14.33
C ASN B 950 -15.82 8.38 -13.41
N HIS B 951 -14.53 8.65 -13.52
CA HIS B 951 -13.52 8.05 -12.64
C HIS B 951 -13.55 8.67 -11.21
N ASN B 952 -13.75 9.99 -11.06
CA ASN B 952 -13.91 10.60 -9.75
C ASN B 952 -15.20 10.15 -9.05
N ALA B 953 -16.29 9.92 -9.79
CA ALA B 953 -17.51 9.29 -9.27
C ALA B 953 -17.35 7.81 -8.91
N GLN B 954 -16.83 6.98 -9.82
CA GLN B 954 -16.68 5.56 -9.53
C GLN B 954 -15.67 5.29 -8.41
N ALA B 955 -14.63 6.10 -8.23
CA ALA B 955 -13.71 5.95 -7.11
C ALA B 955 -14.38 6.24 -5.77
N LEU B 956 -15.15 7.34 -5.66
CA LEU B 956 -15.87 7.64 -4.42
C LEU B 956 -17.04 6.67 -4.18
N ASN B 957 -17.77 6.25 -5.22
CA ASN B 957 -18.79 5.23 -5.07
C ASN B 957 -18.18 3.88 -4.62
N THR B 958 -16.99 3.51 -5.07
CA THR B 958 -16.28 2.35 -4.55
C THR B 958 -15.90 2.56 -3.08
N LEU B 959 -15.37 3.73 -2.74
CA LEU B 959 -14.89 4.00 -1.40
C LEU B 959 -16.04 3.96 -0.36
N VAL B 960 -17.22 4.43 -0.72
CA VAL B 960 -18.38 4.36 0.16
C VAL B 960 -19.00 2.96 0.23
N LYS B 961 -18.92 2.09 -0.80
CA LYS B 961 -19.25 0.65 -0.72
C LYS B 961 -18.29 -0.13 0.20
N GLN B 962 -17.01 0.25 0.29
CA GLN B 962 -16.05 -0.45 1.15
C GLN B 962 -16.43 -0.38 2.64
N LEU B 963 -17.27 0.57 3.05
CA LEU B 963 -17.81 0.59 4.42
C LEU B 963 -18.72 -0.64 4.74
N SER B 964 -19.20 -1.33 3.70
CA SER B 964 -20.00 -2.55 3.86
C SER B 964 -19.14 -3.79 4.09
N SER B 965 -17.83 -3.79 3.77
CA SER B 965 -16.89 -4.92 3.97
C SER B 965 -16.65 -5.16 5.44
N LYS B 966 -16.64 -6.44 5.85
CA LYS B 966 -16.51 -6.87 7.25
C LYS B 966 -15.08 -6.99 7.74
N PHE B 967 -14.12 -7.18 6.86
CA PHE B 967 -12.71 -7.34 7.15
C PHE B 967 -12.41 -8.43 8.22
N GLY B 968 -13.32 -9.40 8.41
CA GLY B 968 -13.19 -10.41 9.46
C GLY B 968 -13.93 -10.14 10.77
N ALA B 969 -14.52 -8.97 10.99
CA ALA B 969 -15.35 -8.67 12.12
C ALA B 969 -16.74 -9.36 12.05
N ILE B 970 -17.46 -9.45 13.16
CA ILE B 970 -18.80 -10.03 13.25
C ILE B 970 -19.89 -9.22 12.58
N SER B 971 -19.67 -7.92 12.42
CA SER B 971 -20.51 -7.00 11.64
C SER B 971 -19.65 -5.91 11.02
N SER B 972 -20.01 -5.36 9.88
CA SER B 972 -19.41 -4.15 9.31
C SER B 972 -20.01 -2.88 9.91
N VAL B 973 -21.16 -2.97 10.63
CA VAL B 973 -21.76 -1.79 11.21
C VAL B 973 -21.14 -1.59 12.60
N LEU B 974 -20.39 -0.50 12.75
CA LEU B 974 -19.57 -0.30 13.96
C LEU B 974 -20.40 -0.18 15.25
N ASN B 975 -21.64 0.31 15.13
CA ASN B 975 -22.57 0.34 16.26
C ASN B 975 -23.06 -1.05 16.67
N ASP B 976 -23.09 -2.08 15.82
CA ASP B 976 -23.44 -3.44 16.30
C ASP B 976 -22.38 -3.96 17.25
N ILE B 977 -21.09 -3.75 16.90
CA ILE B 977 -19.97 -4.15 17.74
C ILE B 977 -20.07 -3.48 19.11
N LEU B 978 -20.39 -2.20 19.09
CA LEU B 978 -20.49 -1.37 20.28
C LEU B 978 -21.80 -1.55 21.06
N SER B 979 -22.85 -2.06 20.42
CA SER B 979 -24.04 -2.55 21.11
C SER B 979 -23.82 -3.88 21.81
N ARG B 980 -23.09 -4.81 21.17
CA ARG B 980 -23.13 -6.23 21.56
C ARG B 980 -21.98 -6.65 22.48
N LEU B 981 -20.84 -5.97 22.50
CA LEU B 981 -19.63 -6.45 23.15
C LEU B 981 -19.08 -5.43 24.15
N ASP B 982 -18.35 -5.89 25.16
CA ASP B 982 -17.60 -5.00 26.06
C ASP B 982 -16.17 -4.79 25.59
N LYS B 983 -15.46 -3.83 26.21
CA LYS B 983 -14.24 -3.23 25.69
C LYS B 983 -13.14 -4.21 25.31
N VAL B 984 -13.01 -5.29 26.07
CA VAL B 984 -11.89 -6.23 25.94
C VAL B 984 -11.91 -6.99 24.61
N GLU B 985 -13.07 -7.22 24.01
CA GLU B 985 -13.24 -7.92 22.70
C GLU B 985 -13.95 -7.08 21.65
N ALA B 986 -14.68 -6.04 22.04
CA ALA B 986 -15.11 -4.97 21.15
C ALA B 986 -13.90 -4.36 20.45
N GLU B 987 -12.84 -3.98 21.17
CA GLU B 987 -11.66 -3.39 20.52
C GLU B 987 -10.96 -4.35 19.54
N VAL B 988 -11.03 -5.67 19.78
CA VAL B 988 -10.40 -6.66 18.89
C VAL B 988 -11.21 -6.82 17.61
N GLN B 989 -12.52 -6.56 17.62
CA GLN B 989 -13.37 -6.50 16.42
C GLN B 989 -13.22 -5.16 15.71
N ILE B 990 -13.27 -4.02 16.44
CA ILE B 990 -13.14 -2.69 15.87
C ILE B 990 -11.82 -2.57 15.09
N ASP B 991 -10.73 -3.09 15.62
CA ASP B 991 -9.43 -2.97 14.99
C ASP B 991 -9.33 -3.67 13.60
N ARG B 992 -10.24 -4.59 13.34
CA ARG B 992 -10.29 -5.26 12.04
C ARG B 992 -10.83 -4.26 11.01
N LEU B 993 -11.85 -3.49 11.42
CA LEU B 993 -12.49 -2.47 10.62
C LEU B 993 -11.60 -1.23 10.48
N ILE B 994 -10.91 -0.80 11.54
CA ILE B 994 -9.90 0.27 11.41
C ILE B 994 -8.86 -0.13 10.39
N THR B 995 -8.38 -1.36 10.43
CA THR B 995 -7.33 -1.81 9.51
C THR B 995 -7.81 -1.83 8.06
N GLY B 996 -8.96 -2.44 7.76
CA GLY B 996 -9.48 -2.53 6.39
C GLY B 996 -9.96 -1.18 5.81
N ARG B 997 -10.58 -0.36 6.65
CA ARG B 997 -11.02 0.96 6.21
C ARG B 997 -9.79 1.81 5.89
N LEU B 998 -8.83 1.85 6.81
CA LEU B 998 -7.59 2.59 6.59
C LEU B 998 -6.85 2.15 5.31
N GLN B 999 -6.78 0.85 5.04
CA GLN B 999 -6.28 0.34 3.75
C GLN B 999 -7.10 0.83 2.55
N SER B 1000 -8.42 0.94 2.69
CA SER B 1000 -9.31 1.45 1.66
C SER B 1000 -9.03 2.91 1.33
N LEU B 1001 -8.81 3.75 2.34
CA LEU B 1001 -8.35 5.12 2.12
C LEU B 1001 -6.97 5.16 1.48
N GLN B 1002 -6.03 4.35 1.98
CA GLN B 1002 -4.68 4.30 1.43
C GLN B 1002 -4.69 3.92 -0.05
N THR B 1003 -5.60 3.04 -0.47
CA THR B 1003 -5.80 2.70 -1.86
C THR B 1003 -6.36 3.87 -2.66
N TYR B 1004 -7.42 4.53 -2.20
CA TYR B 1004 -8.03 5.71 -2.82
C TYR B 1004 -7.05 6.85 -2.99
N VAL B 1005 -6.34 7.26 -1.96
CA VAL B 1005 -5.39 8.35 -2.02
C VAL B 1005 -4.22 8.02 -2.94
N THR B 1006 -3.74 6.77 -2.97
CA THR B 1006 -2.70 6.35 -3.94
C THR B 1006 -3.23 6.42 -5.37
N GLN B 1007 -4.42 5.90 -5.64
CA GLN B 1007 -5.08 6.02 -6.94
C GLN B 1007 -5.31 7.47 -7.36
N GLN B 1008 -5.74 8.34 -6.44
CA GLN B 1008 -5.95 9.77 -6.75
C GLN B 1008 -4.65 10.50 -7.02
N LEU B 1009 -3.57 10.21 -6.28
CA LEU B 1009 -2.26 10.78 -6.59
C LEU B 1009 -1.73 10.31 -7.96
N ILE B 1010 -1.96 9.05 -8.35
CA ILE B 1010 -1.61 8.51 -9.65
C ILE B 1010 -2.40 9.12 -10.79
N ARG B 1011 -3.68 9.40 -10.60
CA ARG B 1011 -4.46 10.08 -11.62
C ARG B 1011 -4.09 11.55 -11.67
N ALA B 1012 -4.00 12.20 -10.53
CA ALA B 1012 -3.65 13.63 -10.48
C ALA B 1012 -2.36 13.95 -11.24
N ALA B 1013 -1.35 13.09 -11.15
CA ALA B 1013 -0.11 13.23 -11.89
C ALA B 1013 -0.24 13.02 -13.41
N GLU B 1014 -1.30 12.37 -13.89
CA GLU B 1014 -1.66 12.26 -15.31
C GLU B 1014 -2.46 13.48 -15.78
N ILE B 1015 -3.42 13.96 -14.99
CA ILE B 1015 -4.14 15.21 -15.30
C ILE B 1015 -3.19 16.42 -15.29
N ARG B 1016 -2.19 16.49 -14.40
CA ARG B 1016 -1.11 17.51 -14.46
C ARG B 1016 -0.35 17.46 -15.75
N ALA B 1017 -0.08 16.29 -16.32
CA ALA B 1017 0.59 16.20 -17.63
C ALA B 1017 -0.30 16.75 -18.74
N SER B 1018 -1.61 16.49 -18.70
CA SER B 1018 -2.57 17.04 -19.61
C SER B 1018 -2.77 18.54 -19.46
N ALA B 1019 -2.78 19.07 -18.25
CA ALA B 1019 -2.77 20.51 -18.02
C ALA B 1019 -1.49 21.18 -18.53
N ASN B 1020 -0.31 20.59 -18.33
CA ASN B 1020 0.91 21.19 -18.87
C ASN B 1020 0.90 21.14 -20.43
N LEU B 1021 0.37 20.09 -21.05
CA LEU B 1021 0.20 20.04 -22.48
C LEU B 1021 -0.79 21.11 -22.95
N ALA B 1022 -1.93 21.25 -22.29
CA ALA B 1022 -2.93 22.25 -22.62
C ALA B 1022 -2.43 23.70 -22.47
N ALA B 1023 -1.59 23.97 -21.47
CA ALA B 1023 -0.96 25.28 -21.30
C ALA B 1023 0.09 25.56 -22.39
N THR B 1024 0.76 24.52 -22.86
CA THR B 1024 1.67 24.56 -23.99
C THR B 1024 0.91 24.79 -25.31
N LYS B 1025 -0.22 24.13 -25.53
CA LYS B 1025 -1.04 24.41 -26.73
C LYS B 1025 -1.62 25.82 -26.68
N MET B 1026 -2.02 26.31 -25.52
CA MET B 1026 -2.48 27.67 -25.38
C MET B 1026 -1.38 28.68 -25.68
N SER B 1027 -0.17 28.44 -25.20
CA SER B 1027 0.99 29.28 -25.48
C SER B 1027 1.40 29.27 -26.96
N GLU B 1028 1.41 28.12 -27.62
CA GLU B 1028 2.03 27.96 -28.95
C GLU B 1028 1.02 27.96 -30.11
N CYS B 1029 -0.19 27.41 -29.92
CA CYS B 1029 -1.22 27.47 -30.95
C CYS B 1029 -2.08 28.75 -30.86
N VAL B 1030 -2.45 29.21 -29.66
CA VAL B 1030 -3.34 30.37 -29.47
C VAL B 1030 -2.58 31.69 -29.47
N LEU B 1031 -1.62 31.87 -28.57
CA LEU B 1031 -0.83 33.09 -28.46
C LEU B 1031 0.20 33.29 -29.59
N GLY B 1032 0.30 32.34 -30.52
CA GLY B 1032 1.31 32.37 -31.61
C GLY B 1032 0.80 31.73 -32.91
N GLN B 1033 1.72 31.27 -33.75
CA GLN B 1033 1.46 30.32 -34.82
C GLN B 1033 2.57 29.28 -34.81
N SER B 1034 2.24 28.00 -34.87
CA SER B 1034 3.22 26.93 -34.70
C SER B 1034 3.62 26.26 -36.02
N LYS B 1035 4.92 26.10 -36.22
CA LYS B 1035 5.50 25.26 -37.28
C LYS B 1035 5.47 23.77 -36.97
N ARG B 1036 5.15 23.41 -35.72
CA ARG B 1036 5.12 22.03 -35.29
C ARG B 1036 4.12 21.22 -36.09
N VAL B 1037 4.61 20.20 -36.78
CA VAL B 1037 3.70 19.37 -37.58
C VAL B 1037 2.71 18.57 -36.69
N ASP B 1038 1.43 18.55 -37.07
CA ASP B 1038 0.30 17.96 -36.34
C ASP B 1038 0.13 18.34 -34.86
N PHE B 1039 0.91 19.29 -34.34
CA PHE B 1039 0.77 19.69 -32.94
C PHE B 1039 -0.53 20.45 -32.72
N CYS B 1040 -0.77 21.46 -33.53
CA CYS B 1040 -2.03 22.20 -33.53
C CYS B 1040 -3.03 21.71 -34.60
N GLY B 1041 -3.32 20.41 -34.62
CA GLY B 1041 -4.23 19.77 -35.60
C GLY B 1041 -3.65 19.57 -37.01
N LYS B 1042 -4.26 18.70 -37.81
CA LYS B 1042 -3.74 18.26 -39.11
C LYS B 1042 -3.92 19.34 -40.18
N GLY B 1043 -2.93 19.50 -41.06
CA GLY B 1043 -2.81 20.61 -41.98
C GLY B 1043 -1.69 21.57 -41.59
N TYR B 1044 -1.44 22.57 -42.44
CA TYR B 1044 -0.54 23.67 -42.05
C TYR B 1044 -1.31 24.64 -41.13
N HIS B 1045 -0.83 24.84 -39.92
CA HIS B 1045 -1.57 25.58 -38.93
C HIS B 1045 -1.60 27.10 -39.19
N LEU B 1046 -2.81 27.68 -39.23
CA LEU B 1046 -3.02 29.11 -39.29
C LEU B 1046 -3.18 29.72 -37.91
N MET B 1047 -4.16 29.28 -37.13
CA MET B 1047 -4.49 29.85 -35.81
C MET B 1047 -5.44 28.92 -35.06
N SER B 1048 -5.64 29.16 -33.77
CA SER B 1048 -6.58 28.37 -32.96
C SER B 1048 -7.34 29.22 -31.96
N PHE B 1049 -8.55 28.78 -31.62
CA PHE B 1049 -9.46 29.43 -30.71
C PHE B 1049 -9.76 28.54 -29.52
N PRO B 1050 -9.51 28.96 -28.28
CA PRO B 1050 -9.79 28.18 -27.08
C PRO B 1050 -11.26 28.33 -26.76
N GLN B 1051 -11.88 27.25 -26.31
CA GLN B 1051 -13.23 27.23 -25.75
C GLN B 1051 -13.19 26.39 -24.48
N SER B 1052 -13.84 26.84 -23.41
CA SER B 1052 -13.80 26.12 -22.15
C SER B 1052 -14.79 24.97 -22.11
N ALA B 1053 -14.55 23.99 -21.27
CA ALA B 1053 -15.49 22.88 -21.02
C ALA B 1053 -15.38 22.42 -19.56
N PRO B 1054 -16.38 21.73 -18.99
CA PRO B 1054 -16.29 21.25 -17.62
C PRO B 1054 -15.08 20.34 -17.43
N HIS B 1055 -14.18 20.74 -16.51
CA HIS B 1055 -12.91 20.07 -16.29
C HIS B 1055 -11.95 20.02 -17.48
N GLY B 1056 -12.09 20.91 -18.46
CA GLY B 1056 -11.23 20.83 -19.65
C GLY B 1056 -11.11 22.10 -20.46
N VAL B 1057 -10.41 21.99 -21.58
CA VAL B 1057 -10.40 22.98 -22.67
C VAL B 1057 -10.59 22.28 -24.01
N VAL B 1058 -11.34 22.86 -24.93
CA VAL B 1058 -11.48 22.38 -26.32
C VAL B 1058 -10.86 23.45 -27.18
N PHE B 1059 -9.85 23.12 -27.99
CA PHE B 1059 -9.26 24.06 -28.95
C PHE B 1059 -9.90 23.81 -30.31
N LEU B 1060 -10.41 24.86 -30.93
CA LEU B 1060 -10.72 24.86 -32.35
C LEU B 1060 -9.48 25.26 -33.11
N HIS B 1061 -8.78 24.30 -33.71
CA HIS B 1061 -7.59 24.60 -34.55
C HIS B 1061 -8.03 24.84 -35.98
N VAL B 1062 -7.50 25.87 -36.62
CA VAL B 1062 -7.79 26.25 -38.01
C VAL B 1062 -6.55 26.00 -38.84
N THR B 1063 -6.69 25.21 -39.90
CA THR B 1063 -5.54 24.81 -40.70
C THR B 1063 -5.81 24.98 -42.19
N TYR B 1064 -4.78 25.35 -42.94
CA TYR B 1064 -4.73 25.31 -44.37
C TYR B 1064 -4.37 23.89 -44.82
N VAL B 1065 -5.24 23.24 -45.58
CA VAL B 1065 -5.04 21.88 -46.10
C VAL B 1065 -5.07 21.94 -47.62
N PRO B 1066 -3.97 21.62 -48.32
CA PRO B 1066 -3.95 21.67 -49.78
C PRO B 1066 -4.98 20.81 -50.51
N ALA B 1067 -5.40 21.21 -51.72
CA ALA B 1067 -6.43 20.47 -52.46
C ALA B 1067 -6.28 20.63 -53.97
N GLN B 1068 -6.97 19.79 -54.73
CA GLN B 1068 -6.93 19.81 -56.19
C GLN B 1068 -5.51 19.88 -56.80
N GLU B 1069 -4.61 18.96 -56.47
CA GLU B 1069 -3.32 18.87 -57.11
C GLU B 1069 -3.34 18.40 -58.55
N LYS B 1070 -2.35 18.90 -59.29
CA LYS B 1070 -2.06 18.51 -60.68
C LYS B 1070 -0.66 17.96 -60.77
N ASN B 1071 -0.44 16.97 -61.63
CA ASN B 1071 0.91 16.57 -62.04
C ASN B 1071 1.58 17.64 -62.91
N PHE B 1072 2.85 17.88 -62.64
CA PHE B 1072 3.78 18.66 -63.44
C PHE B 1072 5.11 17.92 -63.67
N THR B 1073 5.76 18.16 -64.78
CA THR B 1073 7.18 17.82 -64.93
C THR B 1073 8.00 18.89 -64.23
N THR B 1074 9.14 18.53 -63.68
CA THR B 1074 10.04 19.42 -62.91
C THR B 1074 11.50 19.13 -63.16
N ALA B 1075 12.34 20.06 -62.73
CA ALA B 1075 13.78 20.00 -62.82
C ALA B 1075 14.41 20.74 -61.65
N PRO B 1076 15.61 20.34 -61.19
CA PRO B 1076 16.24 20.99 -60.06
C PRO B 1076 16.87 22.35 -60.42
N ALA B 1077 17.12 22.61 -61.70
CA ALA B 1077 17.78 23.80 -62.21
C ALA B 1077 17.45 24.01 -63.70
N ILE B 1078 17.56 25.24 -64.18
CA ILE B 1078 17.45 25.63 -65.59
C ILE B 1078 18.83 26.07 -66.11
N CYS B 1079 19.21 25.68 -67.32
CA CYS B 1079 20.46 26.07 -67.95
C CYS B 1079 20.17 27.10 -69.06
N HIS B 1080 20.91 28.22 -69.07
CA HIS B 1080 20.72 29.28 -70.05
C HIS B 1080 22.01 29.68 -70.76
N ASP B 1081 22.71 30.71 -70.29
CA ASP B 1081 24.00 31.16 -70.83
C ASP B 1081 25.16 30.19 -70.40
N GLY B 1082 24.96 28.86 -70.51
CA GLY B 1082 25.84 27.84 -69.93
C GLY B 1082 25.94 27.81 -68.41
N LYS B 1083 25.34 28.80 -67.73
CA LYS B 1083 25.15 28.90 -66.28
C LYS B 1083 23.90 28.19 -65.81
N ALA B 1084 23.92 27.62 -64.62
CA ALA B 1084 22.77 26.96 -63.98
C ALA B 1084 22.03 27.91 -63.06
N HIS B 1085 20.71 27.95 -63.21
CA HIS B 1085 19.79 28.83 -62.46
C HIS B 1085 18.94 28.00 -61.52
N PHE B 1086 18.79 28.41 -60.28
CA PHE B 1086 17.97 27.75 -59.24
C PHE B 1086 16.86 28.67 -58.74
N PRO B 1087 15.67 28.18 -58.32
CA PRO B 1087 14.58 29.05 -57.87
C PRO B 1087 14.99 29.92 -56.69
N ARG B 1088 14.58 31.17 -56.61
CA ARG B 1088 14.91 31.94 -55.41
C ARG B 1088 14.04 31.35 -54.35
N GLU B 1089 12.75 31.49 -54.54
CA GLU B 1089 11.77 30.83 -53.66
C GLU B 1089 10.80 30.08 -54.59
N GLY B 1090 10.25 28.96 -54.16
CA GLY B 1090 9.46 28.09 -55.01
C GLY B 1090 10.25 27.01 -55.75
N VAL B 1091 9.66 26.47 -56.81
CA VAL B 1091 10.14 25.33 -57.58
C VAL B 1091 9.89 25.54 -59.06
N PHE B 1092 10.71 24.97 -59.94
CA PHE B 1092 10.45 24.98 -61.38
C PHE B 1092 9.43 23.92 -61.77
N VAL B 1093 8.59 24.23 -62.75
CA VAL B 1093 7.60 23.28 -63.27
C VAL B 1093 7.38 23.49 -64.73
N SER B 1094 6.94 22.45 -65.40
CA SER B 1094 6.45 22.53 -66.75
C SER B 1094 5.10 21.90 -66.94
N ASN B 1095 4.22 22.61 -67.65
CA ASN B 1095 2.96 22.08 -68.10
C ASN B 1095 3.04 21.11 -69.27
N GLY B 1096 4.22 20.91 -69.83
CA GLY B 1096 4.52 20.02 -70.95
C GLY B 1096 5.12 20.74 -72.15
N THR B 1097 5.04 22.06 -72.22
CA THR B 1097 5.54 22.88 -73.36
C THR B 1097 6.31 24.11 -72.92
N HIS B 1098 6.02 24.65 -71.74
CA HIS B 1098 6.61 25.86 -71.18
C HIS B 1098 7.15 25.56 -69.79
N TRP B 1099 8.14 26.35 -69.35
CA TRP B 1099 8.74 26.26 -68.00
C TRP B 1099 8.50 27.52 -67.17
N PHE B 1100 8.21 27.35 -65.90
CA PHE B 1100 7.80 28.38 -64.99
C PHE B 1100 8.42 28.21 -63.61
N VAL B 1101 8.49 29.27 -62.82
CA VAL B 1101 8.58 29.12 -61.36
C VAL B 1101 7.19 29.17 -60.77
N THR B 1102 6.95 28.40 -59.73
CA THR B 1102 5.76 28.51 -58.86
C THR B 1102 6.16 28.42 -57.41
N GLN B 1103 5.46 29.10 -56.50
CA GLN B 1103 5.65 28.84 -55.07
C GLN B 1103 5.31 27.39 -54.72
N ARG B 1104 5.96 26.80 -53.71
CA ARG B 1104 5.93 25.35 -53.50
C ARG B 1104 4.52 24.89 -53.16
N ASN B 1105 3.81 25.62 -52.27
CA ASN B 1105 2.58 25.15 -51.64
C ASN B 1105 1.27 25.50 -52.38
N PHE B 1106 1.33 26.13 -53.55
CA PHE B 1106 0.13 26.59 -54.24
C PHE B 1106 0.50 26.88 -55.69
N TYR B 1107 -0.13 26.25 -56.67
CA TYR B 1107 0.21 26.44 -58.09
C TYR B 1107 -0.16 27.84 -58.57
N GLU B 1108 0.85 28.63 -58.89
CA GLU B 1108 0.70 30.03 -59.33
C GLU B 1108 1.92 30.35 -60.19
N PRO B 1109 1.92 29.99 -61.48
CA PRO B 1109 3.11 29.99 -62.30
C PRO B 1109 3.52 31.39 -62.73
N GLN B 1110 4.81 31.58 -62.93
CA GLN B 1110 5.40 32.81 -63.45
C GLN B 1110 6.53 32.47 -64.41
N ILE B 1111 6.76 33.35 -65.38
CA ILE B 1111 7.91 33.27 -66.27
C ILE B 1111 9.21 33.18 -65.48
N ILE B 1112 10.14 32.36 -65.95
CA ILE B 1112 11.44 32.26 -65.29
C ILE B 1112 12.27 33.49 -65.60
N THR B 1113 12.74 34.19 -64.55
CA THR B 1113 13.47 35.44 -64.75
C THR B 1113 14.67 35.50 -63.88
N THR B 1114 15.53 36.47 -64.16
CA THR B 1114 16.67 36.85 -63.33
C THR B 1114 16.33 37.17 -61.86
N ASP B 1115 15.09 37.56 -61.57
CA ASP B 1115 14.59 37.83 -60.21
C ASP B 1115 13.84 36.62 -59.60
N ASN B 1116 13.23 35.78 -60.41
CA ASN B 1116 12.68 34.52 -59.94
C ASN B 1116 13.75 33.47 -59.58
N THR B 1117 15.02 33.76 -59.81
CA THR B 1117 16.09 32.78 -59.73
C THR B 1117 17.39 33.35 -59.21
N PHE B 1118 18.36 32.50 -58.85
CA PHE B 1118 19.74 32.90 -58.56
C PHE B 1118 20.67 31.91 -59.26
N VAL B 1119 21.95 32.23 -59.44
CA VAL B 1119 22.87 31.45 -60.30
C VAL B 1119 24.02 30.85 -59.50
N SER B 1120 24.44 29.63 -59.87
CA SER B 1120 25.75 29.13 -59.43
C SER B 1120 26.33 28.07 -60.38
N GLY B 1121 27.55 28.27 -60.89
CA GLY B 1121 28.27 27.28 -61.68
C GLY B 1121 27.69 27.00 -63.08
N ASN B 1122 28.45 26.27 -63.89
CA ASN B 1122 28.10 25.81 -65.21
C ASN B 1122 27.21 24.56 -65.16
N CYS B 1123 26.52 24.25 -66.25
CA CYS B 1123 25.40 23.29 -66.30
C CYS B 1123 25.83 21.80 -66.25
N ASP B 1124 27.10 21.50 -65.99
CA ASP B 1124 27.61 20.12 -65.98
C ASP B 1124 27.53 19.46 -64.58
N VAL B 1125 27.48 20.23 -63.48
CA VAL B 1125 27.55 19.63 -62.12
C VAL B 1125 26.20 19.03 -61.72
N VAL B 1126 25.10 19.72 -62.03
CA VAL B 1126 23.76 19.33 -61.62
C VAL B 1126 23.23 18.16 -62.44
N ILE B 1127 22.52 17.22 -61.82
CA ILE B 1127 21.95 16.05 -62.48
C ILE B 1127 20.49 16.34 -62.85
N GLY B 1128 20.08 16.12 -64.11
CA GLY B 1128 18.70 16.38 -64.54
C GLY B 1128 18.36 17.87 -64.82
N ILE B 1129 19.36 18.76 -64.90
CA ILE B 1129 19.19 20.15 -65.34
C ILE B 1129 18.65 20.22 -66.78
N VAL B 1130 17.76 21.15 -67.05
CA VAL B 1130 17.06 21.29 -68.34
C VAL B 1130 17.32 22.61 -69.01
N ASN B 1131 17.33 22.65 -70.34
CA ASN B 1131 17.54 23.87 -71.10
C ASN B 1131 16.25 24.69 -71.24
N ASN B 1132 16.30 25.93 -70.77
CA ASN B 1132 15.24 26.93 -71.05
C ASN B 1132 15.81 28.35 -71.05
N THR B 1133 15.20 29.29 -71.77
CA THR B 1133 15.51 30.70 -71.64
C THR B 1133 15.23 31.21 -70.22
N VAL B 1134 15.96 32.23 -69.78
CA VAL B 1134 15.63 33.00 -68.57
C VAL B 1134 15.48 34.46 -68.99
N TYR B 1135 14.29 35.01 -68.75
CA TYR B 1135 13.99 36.40 -69.13
C TYR B 1135 14.73 37.40 -68.21
N ASP B 1136 15.23 38.49 -68.77
CA ASP B 1136 15.84 39.59 -68.04
C ASP B 1136 14.94 40.84 -68.07
N PRO B 1137 14.23 41.18 -66.97
CA PRO B 1137 13.35 42.34 -66.91
C PRO B 1137 13.99 43.69 -67.25
N LEU B 1138 15.33 43.82 -67.17
CA LEU B 1138 16.01 45.03 -67.62
C LEU B 1138 16.15 45.09 -69.15
N GLN B 1139 16.37 43.96 -69.83
CA GLN B 1139 16.85 43.98 -71.21
C GLN B 1139 15.81 44.52 -72.21
N PRO B 1140 14.55 44.03 -72.30
CA PRO B 1140 13.60 44.64 -73.22
C PRO B 1140 13.31 46.12 -72.99
N GLU B 1141 13.42 46.58 -71.75
CA GLU B 1141 13.20 48.01 -71.42
C GLU B 1141 14.41 48.87 -71.79
N LEU B 1142 15.62 48.36 -71.56
CA LEU B 1142 16.87 48.91 -72.09
C LEU B 1142 16.86 48.91 -73.62
N ASP B 1143 16.21 47.93 -74.25
CA ASP B 1143 16.08 47.83 -75.70
C ASP B 1143 15.06 48.84 -76.24
N SER B 1144 13.98 49.08 -75.51
CA SER B 1144 13.09 50.19 -75.84
C SER B 1144 13.75 51.58 -75.72
N PHE B 1145 14.75 51.67 -74.83
CA PHE B 1145 15.66 52.83 -74.71
C PHE B 1145 16.74 52.87 -75.80
N LYS B 1146 17.17 51.71 -76.33
CA LYS B 1146 18.01 51.65 -77.55
C LYS B 1146 17.18 52.21 -78.71
N GLU B 1147 15.92 51.78 -78.88
CA GLU B 1147 15.09 52.27 -80.00
C GLU B 1147 14.72 53.75 -79.86
N GLU B 1148 14.61 54.27 -78.64
CA GLU B 1148 14.52 55.72 -78.38
C GLU B 1148 15.81 56.46 -78.80
N LEU B 1149 17.01 55.98 -78.45
CA LEU B 1149 18.32 56.47 -78.91
C LEU B 1149 18.47 56.38 -80.44
N ASP B 1150 18.03 55.28 -81.05
CA ASP B 1150 18.11 55.02 -82.49
C ASP B 1150 17.22 55.96 -83.32
N LYS B 1151 15.96 56.17 -82.91
CA LYS B 1151 15.09 57.19 -83.56
C LYS B 1151 15.66 58.61 -83.43
N TYR B 1152 16.30 58.93 -82.28
CA TYR B 1152 17.06 60.21 -82.20
C TYR B 1152 18.20 60.25 -83.25
N PHE B 1153 19.04 59.22 -83.36
CA PHE B 1153 20.11 59.19 -84.39
C PHE B 1153 19.60 59.35 -85.83
N LYS B 1154 18.52 58.65 -86.20
CA LYS B 1154 17.97 58.75 -87.54
C LYS B 1154 17.37 60.15 -87.81
N ASN B 1155 16.57 60.69 -86.91
CA ASN B 1155 16.08 62.05 -87.00
C ASN B 1155 17.19 63.11 -87.03
N HIS B 1156 18.24 62.90 -86.25
CA HIS B 1156 19.42 63.79 -86.19
C HIS B 1156 20.25 63.87 -87.50
N THR B 1157 19.99 63.00 -88.49
CA THR B 1157 20.48 63.18 -89.88
C THR B 1157 19.85 64.38 -90.63
N SER B 1158 18.71 64.91 -90.14
CA SER B 1158 18.01 66.05 -90.75
C SER B 1158 18.55 67.45 -90.38
N PRO B 1159 18.85 67.83 -89.13
CA PRO B 1159 19.43 69.15 -88.80
C PRO B 1159 20.84 69.34 -89.37
N GLN C 14 40.47 -54.75 28.35
CA GLN C 14 41.90 -54.34 28.22
C GLN C 14 42.03 -53.28 27.15
N CYS C 15 42.85 -52.26 27.41
CA CYS C 15 43.14 -51.17 26.51
C CYS C 15 44.65 -50.87 26.45
N VAL C 16 45.31 -51.50 25.48
CA VAL C 16 46.67 -51.14 25.06
C VAL C 16 46.62 -49.84 24.26
N ASN C 17 47.18 -48.77 24.78
CA ASN C 17 47.34 -47.52 24.05
C ASN C 17 48.38 -47.69 22.95
N LEU C 18 48.08 -47.25 21.73
CA LEU C 18 48.79 -47.65 20.51
C LEU C 18 48.93 -46.55 19.46
N ILE C 19 47.92 -45.72 19.22
CA ILE C 19 47.87 -44.75 18.14
C ILE C 19 48.37 -43.36 18.58
N THR C 20 49.33 -42.86 17.81
CA THR C 20 49.86 -41.53 18.01
C THR C 20 49.24 -40.69 16.91
N ARG C 21 48.94 -39.43 17.19
CA ARG C 21 48.33 -38.62 16.13
C ARG C 21 49.24 -37.51 15.63
N THR C 22 49.54 -37.55 14.35
CA THR C 22 50.37 -36.55 13.71
C THR C 22 49.45 -35.82 12.75
N GLN C 23 49.04 -34.63 13.15
CA GLN C 23 48.11 -33.83 12.34
C GLN C 23 48.73 -32.68 11.58
N SER C 24 48.05 -32.22 10.52
CA SER C 24 48.39 -31.07 9.67
C SER C 24 47.12 -30.36 9.19
N TYR C 25 47.23 -29.38 8.29
CA TYR C 25 46.13 -28.50 7.92
C TYR C 25 45.94 -28.40 6.40
N THR C 26 44.67 -28.19 5.98
CA THR C 26 44.28 -28.10 4.54
C THR C 26 42.99 -27.30 4.38
N ASN C 27 42.70 -26.79 3.19
CA ASN C 27 41.46 -26.05 2.90
C ASN C 27 40.38 -26.94 2.27
N SER C 28 39.18 -26.99 2.86
CA SER C 28 37.99 -27.61 2.25
C SER C 28 37.43 -26.71 1.15
N PHE C 29 37.91 -26.86 -0.08
CA PHE C 29 37.64 -25.91 -1.16
C PHE C 29 36.12 -25.65 -1.34
N THR C 30 35.38 -26.63 -1.86
CA THR C 30 33.94 -26.64 -2.10
C THR C 30 33.26 -27.86 -1.48
N ARG C 31 33.99 -28.69 -0.71
CA ARG C 31 33.47 -29.93 -0.13
C ARG C 31 32.42 -29.72 0.97
N GLY C 32 31.81 -30.80 1.46
CA GLY C 32 30.94 -30.71 2.65
C GLY C 32 29.58 -30.04 2.41
N VAL C 33 29.02 -30.22 1.22
CA VAL C 33 27.71 -29.76 0.75
C VAL C 33 26.74 -30.92 0.70
N TYR C 34 25.54 -30.75 1.21
CA TYR C 34 24.59 -31.86 1.35
C TYR C 34 23.16 -31.40 1.09
N TYR C 35 22.25 -32.30 0.72
CA TYR C 35 20.85 -31.95 0.47
C TYR C 35 20.17 -31.53 1.78
N PRO C 36 19.67 -30.28 1.91
CA PRO C 36 19.23 -29.74 3.20
C PRO C 36 17.87 -30.25 3.66
N ASP C 37 17.17 -30.93 2.75
CA ASP C 37 15.85 -31.51 3.02
C ASP C 37 15.56 -32.71 2.11
N LYS C 38 14.36 -33.28 2.25
CA LYS C 38 13.92 -34.44 1.48
C LYS C 38 13.02 -34.10 0.26
N VAL C 39 13.08 -32.88 -0.27
CA VAL C 39 12.21 -32.43 -1.35
C VAL C 39 12.99 -32.31 -2.66
N PHE C 40 12.47 -32.90 -3.73
CA PHE C 40 13.09 -32.79 -5.06
C PHE C 40 12.85 -31.38 -5.65
N ARG C 41 13.90 -30.87 -6.29
CA ARG C 41 13.91 -29.57 -6.97
C ARG C 41 14.87 -29.66 -8.17
N SER C 42 14.57 -28.98 -9.27
CA SER C 42 15.42 -29.02 -10.47
C SER C 42 15.41 -27.70 -11.25
N SER C 43 16.45 -27.46 -12.06
CA SER C 43 16.57 -26.23 -12.88
C SER C 43 16.42 -24.92 -12.08
N VAL C 44 16.94 -24.84 -10.84
CA VAL C 44 16.67 -23.72 -9.93
C VAL C 44 17.83 -23.44 -9.00
N LEU C 45 18.03 -22.15 -8.68
CA LEU C 45 18.97 -21.69 -7.67
C LEU C 45 18.17 -21.39 -6.40
N HIS C 46 18.52 -22.01 -5.28
CA HIS C 46 17.70 -22.06 -4.07
C HIS C 46 18.51 -21.72 -2.82
N SER C 47 17.98 -20.87 -1.96
CA SER C 47 18.62 -20.41 -0.73
C SER C 47 18.19 -21.24 0.46
N THR C 48 19.12 -21.61 1.34
CA THR C 48 18.78 -22.34 2.56
C THR C 48 19.71 -21.98 3.72
N GLN C 49 19.16 -21.99 4.93
CA GLN C 49 19.90 -21.71 6.17
C GLN C 49 20.05 -23.00 7.00
N ASP C 50 21.28 -23.49 7.15
CA ASP C 50 21.55 -24.71 7.88
C ASP C 50 23.02 -24.77 8.35
N LEU C 51 23.34 -25.76 9.17
CA LEU C 51 24.73 -26.03 9.53
C LEU C 51 25.48 -26.56 8.30
N PHE C 52 26.46 -25.81 7.78
CA PHE C 52 27.28 -26.24 6.66
C PHE C 52 28.78 -26.09 6.97
N LEU C 53 29.62 -26.76 6.20
CA LEU C 53 31.08 -26.57 6.23
C LEU C 53 31.42 -25.37 5.31
N PRO C 54 31.95 -24.25 5.81
CA PRO C 54 32.28 -23.08 5.00
C PRO C 54 33.21 -23.41 3.85
N PHE C 55 33.08 -22.68 2.75
CA PHE C 55 34.01 -22.84 1.62
C PHE C 55 35.38 -22.34 2.04
N PHE C 56 36.41 -23.01 1.56
CA PHE C 56 37.82 -22.82 1.93
C PHE C 56 38.04 -22.78 3.46
N SER C 57 37.22 -23.48 4.26
CA SER C 57 37.45 -23.64 5.69
C SER C 57 38.72 -24.43 5.99
N ASN C 58 39.35 -24.17 7.13
CA ASN C 58 40.63 -24.81 7.53
C ASN C 58 40.34 -26.17 8.22
N VAL C 59 40.32 -27.27 7.46
CA VAL C 59 40.21 -28.64 8.01
C VAL C 59 41.53 -29.11 8.59
N THR C 60 41.42 -29.90 9.67
CA THR C 60 42.55 -30.69 10.19
C THR C 60 42.66 -31.98 9.40
N TRP C 61 43.87 -32.41 9.08
CA TRP C 61 44.15 -33.72 8.50
C TRP C 61 44.94 -34.56 9.50
N PHE C 62 44.41 -35.70 9.89
CA PHE C 62 45.00 -36.61 10.89
C PHE C 62 45.66 -37.83 10.25
N HIS C 63 46.92 -38.09 10.60
CA HIS C 63 47.62 -39.36 10.34
C HIS C 63 47.67 -40.16 11.64
N ALA C 64 46.70 -41.08 11.85
CA ALA C 64 46.80 -42.15 12.86
C ALA C 64 47.80 -43.22 12.38
N ILE C 65 48.70 -43.69 13.23
CA ILE C 65 49.71 -44.70 12.88
C ILE C 65 50.02 -45.60 14.07
N HIS C 66 50.36 -46.87 13.78
CA HIS C 66 50.49 -48.02 14.68
C HIS C 66 51.73 -47.99 15.58
N VAL C 67 52.91 -47.72 15.03
CA VAL C 67 54.24 -47.73 15.71
C VAL C 67 54.71 -49.11 16.21
N SER C 68 53.79 -50.04 16.45
CA SER C 68 54.03 -51.40 16.99
C SER C 68 54.60 -51.39 18.43
N GLY C 69 53.72 -51.08 19.39
CA GLY C 69 54.08 -51.21 20.80
C GLY C 69 53.10 -50.49 21.73
N THR C 70 52.96 -51.04 22.93
CA THR C 70 52.11 -50.49 23.99
C THR C 70 52.63 -49.14 24.50
N ASP C 77 48.56 -39.24 23.67
CA ASP C 77 48.78 -38.82 22.28
C ASP C 77 47.59 -38.64 21.32
N ASN C 78 46.46 -39.26 21.63
CA ASN C 78 45.25 -39.07 20.82
C ASN C 78 44.08 -38.58 21.70
N PRO C 79 44.14 -37.31 22.16
CA PRO C 79 43.07 -36.79 22.99
C PRO C 79 41.76 -36.71 22.18
N VAL C 80 40.63 -36.96 22.87
CA VAL C 80 39.29 -36.98 22.24
C VAL C 80 38.99 -35.60 21.60
N LEU C 81 38.41 -35.59 20.40
CA LEU C 81 38.15 -34.36 19.64
C LEU C 81 36.90 -33.65 20.18
N PRO C 82 36.84 -32.31 20.22
CA PRO C 82 35.58 -31.66 20.49
C PRO C 82 34.62 -31.90 19.31
N PHE C 83 33.33 -31.71 19.55
CA PHE C 83 32.24 -31.72 18.58
C PHE C 83 31.35 -30.58 18.99
N ASN C 84 30.99 -29.69 18.07
CA ASN C 84 29.99 -28.66 18.32
C ASN C 84 29.25 -28.35 17.01
N ASP C 85 27.92 -28.14 17.09
CA ASP C 85 26.95 -28.04 15.97
C ASP C 85 26.90 -29.27 15.02
N GLY C 86 28.01 -29.66 14.45
CA GLY C 86 28.17 -30.85 13.62
C GLY C 86 29.60 -31.00 13.15
N VAL C 87 30.00 -32.24 12.87
CA VAL C 87 31.29 -32.63 12.29
C VAL C 87 31.13 -32.96 10.83
N TYR C 88 31.95 -32.33 10.00
CA TYR C 88 32.31 -32.92 8.73
C TYR C 88 33.46 -33.91 8.93
N PHE C 89 33.37 -35.11 8.36
CA PHE C 89 34.38 -36.16 8.41
C PHE C 89 34.59 -36.69 7.00
N ALA C 90 35.87 -36.89 6.61
CA ALA C 90 36.12 -37.56 5.36
C ALA C 90 37.43 -38.34 5.40
N SER C 91 37.55 -39.33 4.51
CA SER C 91 38.77 -40.13 4.38
C SER C 91 38.91 -40.64 2.96
N THR C 92 40.14 -40.98 2.62
CA THR C 92 40.56 -41.50 1.34
C THR C 92 41.23 -42.89 1.55
N GLU C 93 40.98 -43.51 2.72
CA GLU C 93 41.71 -44.68 3.18
C GLU C 93 41.32 -45.97 2.42
N LYS C 94 42.30 -46.84 2.20
CA LYS C 94 42.16 -48.10 1.44
C LYS C 94 41.95 -49.30 2.38
N SER C 95 41.56 -50.45 1.81
CA SER C 95 41.46 -51.76 2.48
C SER C 95 40.51 -51.84 3.68
N ASN C 96 39.73 -50.78 3.93
CA ASN C 96 38.89 -50.62 5.11
C ASN C 96 39.62 -50.95 6.43
N ILE C 97 40.66 -50.16 6.72
CA ILE C 97 41.26 -50.03 8.06
C ILE C 97 40.34 -49.25 9.01
N ILE C 98 39.68 -48.23 8.47
CA ILE C 98 38.77 -47.37 9.22
C ILE C 98 37.48 -48.13 9.61
N ARG C 99 36.90 -47.73 10.73
CA ARG C 99 35.69 -48.38 11.27
C ARG C 99 34.49 -47.49 11.63
N GLY C 100 34.34 -47.15 12.92
CA GLY C 100 33.18 -46.40 13.35
C GLY C 100 33.53 -45.10 14.03
N TRP C 101 32.66 -44.66 14.92
CA TRP C 101 32.76 -43.38 15.61
C TRP C 101 32.06 -43.47 16.95
N ILE C 102 32.46 -42.60 17.86
CA ILE C 102 31.92 -42.50 19.22
C ILE C 102 31.58 -41.04 19.50
N PHE C 103 30.45 -40.76 20.12
CA PHE C 103 30.01 -39.41 20.45
C PHE C 103 29.55 -39.34 21.89
N GLY C 104 29.81 -38.24 22.57
CA GLY C 104 29.30 -38.03 23.93
C GLY C 104 29.72 -36.72 24.56
N THR C 105 29.45 -36.59 25.84
CA THR C 105 29.86 -35.43 26.67
C THR C 105 30.93 -35.77 27.73
N THR C 106 31.03 -37.03 28.16
CA THR C 106 32.00 -37.46 29.20
C THR C 106 32.64 -38.86 28.94
N LEU C 107 32.00 -39.75 28.15
CA LEU C 107 32.60 -40.96 27.54
C LEU C 107 33.14 -42.02 28.52
N ASP C 108 32.83 -41.90 29.81
CA ASP C 108 33.29 -42.81 30.87
C ASP C 108 32.15 -43.49 31.60
N SER C 109 31.05 -43.82 30.91
CA SER C 109 29.80 -44.37 31.47
C SER C 109 29.07 -43.54 32.54
N LYS C 110 29.60 -42.38 32.93
CA LYS C 110 28.90 -41.48 33.87
C LYS C 110 27.62 -40.83 33.29
N THR C 111 27.48 -40.86 31.96
CA THR C 111 26.26 -40.48 31.20
C THR C 111 26.21 -41.34 29.92
N GLN C 112 25.06 -41.46 29.24
CA GLN C 112 24.99 -42.20 27.98
C GLN C 112 25.86 -41.56 26.89
N SER C 113 26.18 -42.36 25.89
CA SER C 113 27.09 -42.01 24.81
C SER C 113 26.76 -42.80 23.57
N LEU C 114 26.93 -42.21 22.40
CA LEU C 114 26.63 -42.85 21.14
C LEU C 114 27.84 -43.69 20.72
N LEU C 115 27.59 -44.83 20.07
CA LEU C 115 28.59 -45.72 19.59
C LEU C 115 28.16 -46.29 18.23
N ILE C 116 28.87 -45.91 17.19
CA ILE C 116 28.69 -46.43 15.83
C ILE C 116 29.78 -47.46 15.57
N VAL C 117 29.45 -48.62 15.01
CA VAL C 117 30.47 -49.48 14.36
C VAL C 117 30.01 -49.88 12.96
N ASN C 118 30.87 -49.69 11.95
CA ASN C 118 30.79 -50.50 10.73
C ASN C 118 31.38 -51.90 10.99
N ASN C 119 30.79 -52.94 10.40
CA ASN C 119 31.36 -54.28 10.28
C ASN C 119 31.15 -54.86 8.87
N ALA C 120 31.99 -55.80 8.42
CA ALA C 120 31.87 -56.37 7.06
C ALA C 120 30.56 -57.10 6.69
N THR C 121 29.42 -56.56 7.13
CA THR C 121 28.11 -57.15 6.83
C THR C 121 26.97 -56.18 7.15
N ASN C 122 27.11 -55.51 8.29
CA ASN C 122 26.14 -54.56 8.83
C ASN C 122 26.81 -53.39 9.60
N VAL C 123 26.14 -52.25 9.63
CA VAL C 123 26.38 -51.23 10.66
C VAL C 123 25.62 -51.65 11.92
N VAL C 124 26.20 -51.43 13.08
CA VAL C 124 25.48 -51.46 14.35
C VAL C 124 25.62 -50.10 15.02
N ILE C 125 24.55 -49.63 15.63
CA ILE C 125 24.43 -48.28 16.23
C ILE C 125 23.81 -48.44 17.61
N LYS C 126 24.38 -47.81 18.63
CA LYS C 126 23.94 -47.96 20.00
C LYS C 126 24.12 -46.68 20.80
N VAL C 127 23.29 -46.47 21.84
CA VAL C 127 23.51 -45.44 22.85
C VAL C 127 23.44 -46.07 24.23
N CYS C 128 24.53 -45.90 25.01
CA CYS C 128 24.60 -46.48 26.33
C CYS C 128 25.62 -45.74 27.18
N GLU C 129 25.53 -45.92 28.50
CA GLU C 129 26.65 -45.69 29.42
C GLU C 129 27.81 -46.69 29.14
N PHE C 130 28.44 -46.58 27.97
CA PHE C 130 29.66 -47.32 27.63
C PHE C 130 30.82 -46.76 28.48
N GLN C 131 31.57 -47.63 29.12
CA GLN C 131 32.83 -47.30 29.79
C GLN C 131 34.00 -47.40 28.78
N PHE C 132 34.12 -46.40 27.91
CA PHE C 132 35.27 -46.27 27.05
C PHE C 132 36.53 -45.96 27.84
N CYS C 133 37.66 -46.49 27.39
CA CYS C 133 38.99 -46.16 27.91
C CYS C 133 39.56 -44.88 27.24
N ASN C 134 40.70 -44.99 26.55
CA ASN C 134 41.41 -43.84 25.92
C ASN C 134 41.88 -44.13 24.49
N ASP C 135 41.96 -45.39 24.02
CA ASP C 135 42.36 -45.70 22.64
C ASP C 135 41.41 -46.80 22.05
N PRO C 136 40.18 -46.43 21.67
CA PRO C 136 39.06 -47.34 21.43
C PRO C 136 39.05 -48.03 20.04
N PHE C 137 40.15 -48.65 19.62
CA PHE C 137 40.23 -49.41 18.36
C PHE C 137 39.55 -50.79 18.43
N LEU C 138 39.44 -51.50 17.31
CA LEU C 138 38.90 -52.88 17.24
C LEU C 138 39.99 -53.91 16.98
N ASP C 139 39.93 -55.00 17.73
CA ASP C 139 40.65 -56.22 17.34
C ASP C 139 39.90 -56.97 16.20
N VAL C 140 40.66 -57.46 15.21
CA VAL C 140 40.20 -58.45 14.22
C VAL C 140 41.26 -59.51 13.97
N TYR C 141 40.94 -60.80 13.95
CA TYR C 141 41.91 -61.87 13.79
C TYR C 141 41.31 -63.15 13.19
N TYR C 142 42.18 -64.03 12.70
CA TYR C 142 41.84 -65.40 12.31
C TYR C 142 41.54 -66.22 13.57
N HIS C 143 40.27 -66.44 13.90
CA HIS C 143 39.89 -67.22 15.07
C HIS C 143 40.12 -68.69 14.77
N LYS C 144 41.06 -69.31 15.49
CA LYS C 144 41.48 -70.72 15.30
C LYS C 144 40.35 -71.78 15.28
N ASN C 145 39.37 -71.62 16.16
CA ASN C 145 38.21 -72.53 16.22
C ASN C 145 37.29 -72.36 15.02
N ASN C 146 37.14 -71.14 14.49
CA ASN C 146 36.29 -70.83 13.32
C ASN C 146 37.06 -70.81 11.97
N LYS C 147 38.39 -70.96 11.99
CA LYS C 147 39.28 -70.96 10.81
C LYS C 147 39.07 -69.74 9.88
N SER C 148 38.72 -68.59 10.45
CA SER C 148 38.30 -67.41 9.67
C SER C 148 38.41 -66.11 10.47
N TRP C 149 38.47 -65.00 9.72
CA TRP C 149 38.63 -63.66 10.25
C TRP C 149 37.37 -63.12 10.94
N MET C 150 37.51 -62.67 12.19
CA MET C 150 36.41 -62.12 13.00
C MET C 150 36.89 -61.14 14.09
N GLU C 151 35.98 -60.29 14.61
CA GLU C 151 36.24 -59.21 15.58
C GLU C 151 35.86 -59.63 17.01
N SER C 152 36.84 -60.23 17.68
CA SER C 152 36.62 -61.06 18.87
C SER C 152 36.18 -60.29 20.11
N GLU C 153 36.81 -59.13 20.38
CA GLU C 153 36.60 -58.40 21.62
C GLU C 153 36.66 -56.89 21.37
N PHE C 154 35.79 -56.14 22.05
CA PHE C 154 35.68 -54.68 21.88
C PHE C 154 36.57 -53.92 22.88
N ARG C 155 37.86 -53.87 22.52
CA ARG C 155 38.91 -53.06 23.19
C ARG C 155 38.41 -51.61 23.47
N VAL C 156 37.55 -51.08 22.58
CA VAL C 156 36.64 -49.95 22.71
C VAL C 156 36.20 -49.64 24.16
N TYR C 157 35.53 -50.55 24.87
CA TYR C 157 34.94 -50.32 26.17
C TYR C 157 35.04 -51.56 27.07
N SER C 158 35.07 -51.34 28.40
CA SER C 158 35.02 -52.44 29.40
C SER C 158 33.60 -52.85 29.82
N SER C 159 32.66 -51.92 29.84
CA SER C 159 31.29 -52.11 30.33
C SER C 159 30.28 -51.33 29.49
N ALA C 160 29.01 -51.76 29.49
CA ALA C 160 27.89 -51.07 28.91
C ALA C 160 26.73 -51.10 29.92
N ASN C 161 26.56 -50.00 30.67
CA ASN C 161 25.65 -49.94 31.83
C ASN C 161 24.21 -49.61 31.41
N ASN C 162 23.64 -48.46 31.77
CA ASN C 162 22.29 -48.10 31.29
C ASN C 162 22.27 -47.82 29.78
N CYS C 163 21.71 -48.72 28.98
CA CYS C 163 21.59 -48.60 27.53
C CYS C 163 20.15 -48.26 27.11
N THR C 164 19.91 -47.27 26.24
CA THR C 164 18.54 -46.80 25.91
C THR C 164 18.12 -47.08 24.47
N PHE C 165 19.02 -47.19 23.48
CA PHE C 165 18.67 -47.56 22.12
C PHE C 165 19.75 -48.38 21.39
N GLU C 166 19.34 -49.27 20.51
CA GLU C 166 20.18 -50.16 19.70
C GLU C 166 19.52 -50.46 18.33
N TYR C 167 20.34 -50.46 17.28
CA TYR C 167 19.86 -50.68 15.92
C TYR C 167 20.93 -51.22 14.97
N VAL C 168 20.51 -52.18 14.17
CA VAL C 168 21.32 -52.85 13.16
C VAL C 168 20.79 -52.50 11.78
N SER C 169 21.70 -52.23 10.85
CA SER C 169 21.39 -51.79 9.48
C SER C 169 22.08 -52.60 8.37
N GLN C 170 21.95 -52.14 7.12
CA GLN C 170 22.65 -52.57 5.92
C GLN C 170 24.19 -52.46 6.06
N PRO C 171 25.01 -53.07 5.18
CA PRO C 171 26.46 -53.07 5.34
C PRO C 171 27.10 -51.67 5.37
N PHE C 172 26.86 -50.83 4.36
CA PHE C 172 27.46 -49.48 4.25
C PHE C 172 29.01 -49.41 4.21
N LEU C 173 29.55 -48.28 3.71
CA LEU C 173 31.00 -47.99 3.69
C LEU C 173 31.87 -49.10 3.07
N MET C 174 31.30 -49.84 2.12
CA MET C 174 32.03 -50.85 1.36
C MET C 174 33.03 -50.25 0.37
N ASP C 175 34.06 -51.02 0.01
CA ASP C 175 34.84 -50.77 -1.20
C ASP C 175 33.96 -51.00 -2.44
N LEU C 176 34.06 -50.15 -3.45
CA LEU C 176 33.51 -50.40 -4.78
C LEU C 176 34.25 -51.53 -5.55
N GLU C 177 33.91 -51.73 -6.82
CA GLU C 177 34.69 -52.60 -7.73
C GLU C 177 36.21 -52.32 -7.72
N GLY C 178 36.99 -53.41 -7.61
CA GLY C 178 38.38 -53.34 -7.15
C GLY C 178 39.41 -52.94 -8.22
N LYS C 179 40.53 -52.32 -7.80
CA LYS C 179 41.83 -52.24 -8.54
C LYS C 179 41.76 -51.60 -9.96
N GLN C 180 41.00 -50.49 -10.09
CA GLN C 180 41.18 -49.50 -11.14
C GLN C 180 42.55 -48.78 -10.98
N GLY C 181 43.16 -48.39 -12.11
CA GLY C 181 44.42 -47.65 -12.12
C GLY C 181 44.32 -46.36 -11.33
N ASN C 182 45.16 -46.19 -10.31
CA ASN C 182 45.15 -45.04 -9.41
C ASN C 182 43.80 -44.80 -8.73
N PHE C 183 43.01 -45.86 -8.56
CA PHE C 183 41.62 -45.71 -8.09
C PHE C 183 41.27 -45.31 -6.65
N LYS C 184 42.07 -44.47 -5.99
CA LYS C 184 41.70 -44.10 -4.63
C LYS C 184 40.41 -43.29 -4.60
N ASN C 185 39.58 -43.54 -3.61
CA ASN C 185 38.31 -42.84 -3.50
C ASN C 185 38.20 -42.00 -2.25
N LEU C 186 37.33 -41.01 -2.29
CA LEU C 186 37.06 -40.18 -1.14
C LEU C 186 35.65 -40.48 -0.66
N ARG C 187 35.53 -40.65 0.65
CA ARG C 187 34.26 -40.90 1.34
C ARG C 187 34.04 -39.71 2.27
N GLU C 188 32.93 -39.01 2.08
CA GLU C 188 32.62 -37.81 2.85
C GLU C 188 31.36 -38.06 3.69
N PHE C 189 31.32 -37.50 4.88
CA PHE C 189 30.25 -37.69 5.83
C PHE C 189 29.95 -36.39 6.61
N VAL C 190 28.68 -36.17 6.97
CA VAL C 190 28.32 -35.17 7.95
C VAL C 190 27.58 -35.80 9.10
N PHE C 191 28.04 -35.50 10.31
CA PHE C 191 27.44 -35.90 11.58
C PHE C 191 26.84 -34.66 12.27
N LYS C 192 25.54 -34.41 12.09
CA LYS C 192 24.87 -33.23 12.64
C LYS C 192 23.94 -33.66 13.77
N ASN C 193 24.12 -33.09 14.96
CA ASN C 193 23.27 -33.32 16.12
C ASN C 193 22.57 -32.05 16.59
N ILE C 194 21.24 -32.03 16.47
CA ILE C 194 20.43 -30.89 16.93
C ILE C 194 19.01 -31.36 17.29
N ASP C 195 18.42 -30.70 18.29
CA ASP C 195 17.02 -30.95 18.70
C ASP C 195 16.77 -32.43 19.14
N GLY C 196 17.80 -33.07 19.71
CA GLY C 196 17.75 -34.50 20.14
C GLY C 196 17.82 -35.52 19.00
N TYR C 197 17.95 -35.07 17.76
CA TYR C 197 18.10 -35.88 16.56
C TYR C 197 19.55 -35.78 16.05
N PHE C 198 20.19 -36.92 15.88
CA PHE C 198 21.49 -37.07 15.25
C PHE C 198 21.30 -37.63 13.85
N LYS C 199 21.84 -36.93 12.84
CA LYS C 199 21.58 -37.17 11.40
C LYS C 199 22.87 -37.32 10.64
N ILE C 200 22.93 -38.37 9.85
CA ILE C 200 24.07 -38.79 9.05
C ILE C 200 23.72 -38.54 7.58
N TYR C 201 24.57 -37.77 6.90
CA TYR C 201 24.61 -37.61 5.44
C TYR C 201 25.95 -38.15 4.94
N SER C 202 25.98 -38.73 3.74
CA SER C 202 27.22 -39.29 3.18
C SER C 202 27.32 -39.19 1.63
N LYS C 203 28.55 -39.20 1.10
CA LYS C 203 28.81 -39.44 -0.31
C LYS C 203 30.04 -40.30 -0.49
N HIS C 204 29.95 -41.36 -1.29
CA HIS C 204 31.10 -41.92 -1.99
C HIS C 204 31.44 -41.11 -3.24
N THR C 205 32.71 -40.76 -3.43
CA THR C 205 33.21 -40.14 -4.66
C THR C 205 34.38 -40.94 -5.23
N PRO C 206 34.23 -41.49 -6.45
CA PRO C 206 35.35 -42.04 -7.21
C PRO C 206 36.24 -40.92 -7.79
N ILE C 207 37.08 -40.29 -6.95
CA ILE C 207 37.95 -39.22 -7.38
C ILE C 207 38.96 -39.66 -8.44
N ASN C 208 39.39 -38.75 -9.31
CA ASN C 208 40.45 -38.99 -10.27
C ASN C 208 41.85 -38.71 -9.69
N LEU C 209 42.73 -38.27 -10.59
CA LEU C 209 44.12 -37.89 -10.34
C LEU C 209 44.90 -38.42 -9.13
N GLY C 210 45.60 -37.52 -8.46
CA GLY C 210 46.37 -37.90 -7.30
C GLY C 210 46.28 -37.14 -5.98
N ARG C 211 45.67 -35.97 -5.92
CA ARG C 211 45.71 -35.25 -4.63
C ARG C 211 44.46 -34.78 -3.90
N ASP C 212 44.36 -35.25 -2.65
CA ASP C 212 43.32 -34.94 -1.64
C ASP C 212 41.85 -34.78 -2.01
N LEU C 213 41.13 -34.14 -1.10
CA LEU C 213 39.75 -33.77 -1.37
C LEU C 213 39.65 -32.66 -2.45
N PRO C 214 39.21 -33.01 -3.68
CA PRO C 214 39.66 -32.27 -4.88
C PRO C 214 38.79 -31.06 -5.24
N GLN C 215 39.35 -30.22 -6.13
CA GLN C 215 38.56 -29.20 -6.83
C GLN C 215 37.45 -29.85 -7.66
N GLY C 216 36.25 -29.28 -7.65
CA GLY C 216 35.09 -29.84 -8.32
C GLY C 216 33.81 -29.55 -7.54
N PHE C 217 32.81 -30.41 -7.66
CA PHE C 217 31.61 -30.35 -6.82
C PHE C 217 30.96 -31.75 -6.65
N SER C 218 30.36 -31.97 -5.48
CA SER C 218 29.54 -33.12 -5.15
C SER C 218 28.75 -32.85 -3.88
N ALA C 219 27.65 -33.60 -3.64
CA ALA C 219 26.85 -33.39 -2.44
C ALA C 219 26.48 -34.70 -1.73
N LEU C 220 26.39 -34.63 -0.40
CA LEU C 220 26.05 -35.75 0.48
C LEU C 220 24.52 -36.03 0.53
N GLU C 221 24.09 -37.20 0.07
CA GLU C 221 22.69 -37.62 0.33
C GLU C 221 22.44 -37.91 1.80
N PRO C 222 21.22 -37.74 2.32
CA PRO C 222 20.86 -38.23 3.63
C PRO C 222 20.97 -39.77 3.71
N LEU C 223 21.21 -40.28 4.93
CA LEU C 223 21.42 -41.72 5.15
C LEU C 223 20.63 -42.25 6.33
N VAL C 224 20.80 -41.67 7.51
CA VAL C 224 20.25 -42.21 8.77
C VAL C 224 19.89 -41.05 9.70
N ASP C 225 18.77 -41.23 10.40
CA ASP C 225 18.25 -40.30 11.42
C ASP C 225 18.01 -41.05 12.74
N LEU C 226 18.70 -40.64 13.80
CA LEU C 226 18.70 -41.30 15.11
C LEU C 226 18.07 -40.39 16.17
N PRO C 227 17.00 -40.81 16.87
CA PRO C 227 16.32 -39.97 17.86
C PRO C 227 16.98 -40.04 19.26
N ILE C 228 18.30 -39.92 19.32
CA ILE C 228 19.11 -40.29 20.49
C ILE C 228 18.75 -39.53 21.78
N GLY C 229 18.26 -38.28 21.67
CA GLY C 229 17.82 -37.43 22.77
C GLY C 229 18.91 -37.05 23.79
N ILE C 230 20.19 -37.19 23.47
CA ILE C 230 21.31 -36.97 24.42
C ILE C 230 22.28 -35.89 23.93
N ASN C 231 22.98 -35.27 24.89
CA ASN C 231 24.02 -34.27 24.69
C ASN C 231 25.25 -34.89 23.99
N ILE C 232 25.84 -34.18 23.00
CA ILE C 232 27.18 -34.46 22.48
C ILE C 232 28.02 -33.18 22.55
N THR C 233 29.28 -33.37 22.93
CA THR C 233 30.22 -32.28 23.14
C THR C 233 31.59 -32.64 22.59
N ARG C 234 31.79 -33.96 22.43
CA ARG C 234 33.03 -34.52 21.91
C ARG C 234 32.80 -35.79 21.08
N PHE C 235 33.80 -36.17 20.28
CA PHE C 235 33.73 -37.37 19.44
C PHE C 235 35.09 -37.99 19.17
N GLN C 236 35.05 -39.20 18.62
CA GLN C 236 36.26 -39.79 18.03
C GLN C 236 35.92 -40.82 16.97
N THR C 237 36.76 -41.01 15.96
CA THR C 237 36.69 -42.23 15.11
C THR C 237 37.36 -43.43 15.78
N LEU C 238 37.14 -44.61 15.23
CA LEU C 238 37.89 -45.80 15.52
C LEU C 238 38.19 -46.63 14.27
N LEU C 239 39.15 -47.54 14.40
CA LEU C 239 39.75 -48.32 13.33
C LEU C 239 40.04 -49.75 13.78
N ALA C 240 40.32 -50.64 12.84
CA ALA C 240 40.62 -52.04 13.17
C ALA C 240 42.10 -52.33 12.95
N LEU C 241 42.76 -53.01 13.90
CA LEU C 241 44.16 -53.47 13.76
C LEU C 241 44.19 -54.93 14.21
N HIS C 242 44.95 -55.74 13.49
CA HIS C 242 44.67 -57.18 13.46
C HIS C 242 45.77 -57.99 14.14
N ARG C 243 45.43 -58.73 15.21
CA ARG C 243 46.26 -59.77 15.85
C ARG C 243 46.40 -61.04 15.00
N SER C 244 46.88 -60.87 13.76
CA SER C 244 46.91 -61.92 12.69
C SER C 244 47.75 -63.15 13.17
N TYR C 245 48.94 -62.89 13.72
CA TYR C 245 49.75 -63.85 14.46
C TYR C 245 50.69 -63.07 15.38
N SER C 253 50.60 -63.27 16.69
CA SER C 253 51.10 -62.31 17.70
C SER C 253 50.47 -60.92 17.68
N GLY C 254 50.96 -60.00 18.51
CA GLY C 254 50.33 -58.71 18.77
C GLY C 254 50.31 -57.76 17.55
N TRP C 255 49.10 -57.34 17.15
CA TRP C 255 48.76 -56.22 16.22
C TRP C 255 49.66 -55.98 15.00
N THR C 256 49.16 -56.38 13.84
CA THR C 256 49.82 -56.19 12.54
C THR C 256 50.00 -54.72 12.20
N ALA C 257 51.03 -54.37 11.43
CA ALA C 257 51.28 -52.99 11.03
C ALA C 257 50.16 -52.28 10.26
N GLY C 258 50.02 -50.96 10.45
CA GLY C 258 49.05 -50.14 9.70
C GLY C 258 49.03 -48.65 10.03
N ALA C 259 48.14 -47.93 9.34
CA ALA C 259 47.86 -46.51 9.54
C ALA C 259 46.43 -46.15 9.12
N ALA C 260 45.92 -44.99 9.49
CA ALA C 260 44.67 -44.43 8.95
C ALA C 260 44.81 -42.91 8.74
N ALA C 261 44.42 -42.39 7.57
CA ALA C 261 44.42 -40.96 7.26
C ALA C 261 43.01 -40.43 7.01
N TYR C 262 42.63 -39.41 7.75
CA TYR C 262 41.28 -38.83 7.73
C TYR C 262 41.24 -37.33 8.06
N TYR C 263 40.25 -36.63 7.57
CA TYR C 263 40.06 -35.18 7.69
C TYR C 263 38.86 -34.83 8.56
N VAL C 264 38.90 -33.69 9.25
CA VAL C 264 37.81 -33.22 10.12
C VAL C 264 37.63 -31.72 9.99
N GLY C 265 36.39 -31.25 10.00
CA GLY C 265 36.05 -29.83 10.15
C GLY C 265 34.71 -29.63 10.83
N TYR C 266 34.52 -28.47 11.43
CA TYR C 266 33.31 -28.20 12.24
C TYR C 266 32.31 -27.33 11.47
N LEU C 267 31.06 -27.77 11.40
CA LEU C 267 30.01 -27.02 10.71
C LEU C 267 29.64 -25.73 11.41
N GLN C 268 29.07 -24.78 10.67
CA GLN C 268 28.69 -23.45 11.16
C GLN C 268 27.31 -23.09 10.57
N PRO C 269 26.50 -22.26 11.23
CA PRO C 269 25.22 -21.80 10.67
C PRO C 269 25.52 -20.91 9.47
N ARG C 270 25.06 -21.27 8.28
CA ARG C 270 25.53 -20.70 7.03
C ARG C 270 24.40 -20.59 6.00
N THR C 271 24.30 -19.46 5.32
CA THR C 271 23.14 -19.17 4.43
C THR C 271 23.41 -19.59 2.98
N PHE C 272 23.83 -20.84 2.75
CA PHE C 272 24.23 -21.28 1.42
C PHE C 272 23.08 -21.11 0.40
N LEU C 273 23.43 -20.78 -0.84
CA LEU C 273 22.58 -20.83 -2.01
C LEU C 273 23.10 -21.92 -2.96
N LEU C 274 22.23 -22.83 -3.43
CA LEU C 274 22.56 -24.07 -4.15
C LEU C 274 21.84 -24.17 -5.49
N LYS C 275 22.52 -24.61 -6.55
CA LYS C 275 21.96 -24.71 -7.90
C LYS C 275 21.69 -26.18 -8.19
N TYR C 276 20.43 -26.51 -8.33
CA TYR C 276 20.11 -27.85 -8.71
C TYR C 276 19.97 -27.79 -10.23
N ASN C 277 20.56 -28.76 -10.93
CA ASN C 277 20.46 -28.93 -12.36
C ASN C 277 19.09 -29.50 -12.77
N GLU C 278 18.90 -29.69 -14.07
CA GLU C 278 17.66 -30.25 -14.62
C GLU C 278 17.34 -31.71 -14.22
N ASN C 279 18.34 -32.51 -13.87
CA ASN C 279 18.18 -33.85 -13.31
C ASN C 279 17.90 -33.80 -11.81
N GLY C 280 17.99 -32.64 -11.18
CA GLY C 280 17.65 -32.39 -9.78
C GLY C 280 18.74 -32.73 -8.78
N THR C 281 19.98 -32.84 -9.27
CA THR C 281 21.19 -32.92 -8.44
C THR C 281 21.80 -31.53 -8.17
N ILE C 282 22.24 -31.29 -6.93
CA ILE C 282 22.96 -30.07 -6.55
C ILE C 282 24.31 -30.12 -7.26
N THR C 283 24.49 -29.34 -8.31
CA THR C 283 25.74 -29.32 -9.10
C THR C 283 26.71 -28.23 -8.66
N ASP C 284 26.25 -27.21 -7.92
CA ASP C 284 27.09 -26.09 -7.49
C ASP C 284 26.42 -25.24 -6.37
N ALA C 285 27.19 -24.40 -5.67
CA ALA C 285 26.68 -23.58 -4.57
C ALA C 285 27.54 -22.34 -4.28
N VAL C 286 26.95 -21.40 -3.55
CA VAL C 286 27.55 -20.15 -3.11
C VAL C 286 27.56 -20.07 -1.59
N ASP C 287 28.74 -20.01 -0.95
CA ASP C 287 28.84 -19.68 0.46
C ASP C 287 28.62 -18.17 0.66
N CYS C 288 27.40 -17.80 1.06
CA CYS C 288 26.88 -16.45 1.10
C CYS C 288 27.64 -15.50 2.04
N ALA C 289 28.54 -16.01 2.89
CA ALA C 289 29.34 -15.22 3.82
C ALA C 289 30.87 -15.29 3.53
N LEU C 290 31.30 -16.01 2.49
CA LEU C 290 32.72 -16.25 2.21
C LEU C 290 33.50 -14.97 1.95
N ASP C 291 32.97 -14.09 1.11
CA ASP C 291 33.64 -12.87 0.62
C ASP C 291 32.58 -11.94 -0.03
N PRO C 292 32.85 -10.66 -0.28
CA PRO C 292 31.79 -9.77 -0.70
C PRO C 292 31.25 -10.04 -2.10
N LEU C 293 32.02 -10.69 -2.97
CA LEU C 293 31.42 -11.15 -4.23
C LEU C 293 30.37 -12.25 -4.01
N SER C 294 30.70 -13.27 -3.24
CA SER C 294 29.84 -14.39 -2.89
C SER C 294 28.56 -13.91 -2.20
N GLU C 295 28.66 -12.85 -1.37
CA GLU C 295 27.49 -12.17 -0.81
C GLU C 295 26.59 -11.50 -1.87
N THR C 296 27.16 -10.82 -2.87
CA THR C 296 26.33 -10.28 -3.97
C THR C 296 25.69 -11.36 -4.82
N LYS C 297 26.40 -12.43 -5.20
CA LYS C 297 25.78 -13.59 -5.87
C LYS C 297 24.57 -14.10 -5.10
N CYS C 298 24.71 -14.24 -3.81
CA CYS C 298 23.67 -14.69 -2.90
C CYS C 298 22.49 -13.70 -2.79
N THR C 299 22.72 -12.42 -3.09
CA THR C 299 21.70 -11.36 -3.09
C THR C 299 20.97 -11.27 -4.43
N LEU C 300 21.68 -11.28 -5.55
CA LEU C 300 21.14 -11.24 -6.89
C LEU C 300 20.47 -12.52 -7.33
N LYS C 301 20.62 -13.61 -6.55
CA LYS C 301 20.12 -14.97 -6.83
C LYS C 301 20.72 -15.55 -8.10
N SER C 302 21.97 -15.23 -8.38
CA SER C 302 22.61 -15.61 -9.65
C SER C 302 24.07 -15.90 -9.43
N PHE C 303 24.61 -16.77 -10.29
CA PHE C 303 26.02 -17.10 -10.24
C PHE C 303 26.82 -15.98 -10.92
N THR C 304 26.24 -15.41 -11.97
CA THR C 304 26.83 -14.31 -12.74
C THR C 304 26.38 -12.96 -12.19
N VAL C 305 27.32 -12.05 -11.89
CA VAL C 305 27.02 -10.66 -11.56
C VAL C 305 27.55 -9.81 -12.69
N GLU C 306 26.74 -8.93 -13.25
CA GLU C 306 27.18 -7.95 -14.24
C GLU C 306 28.01 -6.83 -13.64
N LYS C 307 28.71 -6.07 -14.49
CA LYS C 307 29.45 -4.86 -14.07
C LYS C 307 28.52 -3.94 -13.28
N GLY C 308 28.97 -3.48 -12.12
CA GLY C 308 28.15 -2.55 -11.34
C GLY C 308 28.63 -2.31 -9.92
N ILE C 309 27.88 -1.48 -9.20
CA ILE C 309 27.97 -1.38 -7.74
C ILE C 309 26.63 -1.87 -7.18
N TYR C 310 26.68 -2.74 -6.19
CA TYR C 310 25.49 -3.40 -5.63
C TYR C 310 25.38 -3.19 -4.14
N GLN C 311 24.15 -3.10 -3.59
CA GLN C 311 23.94 -3.05 -2.14
C GLN C 311 24.05 -4.45 -1.52
N THR C 312 24.45 -4.53 -0.25
CA THR C 312 24.60 -5.79 0.51
C THR C 312 24.24 -5.57 1.98
N SER C 313 24.36 -6.56 2.88
CA SER C 313 24.05 -6.38 4.29
C SER C 313 24.90 -5.31 4.99
N ASN C 314 24.23 -4.32 5.60
CA ASN C 314 24.85 -3.26 6.37
C ASN C 314 25.75 -3.80 7.50
N PHE C 315 26.93 -3.21 7.68
CA PHE C 315 27.77 -3.56 8.80
C PHE C 315 27.27 -2.81 10.06
N ARG C 316 27.43 -3.46 11.21
CA ARG C 316 27.02 -2.93 12.50
C ARG C 316 27.96 -3.48 13.54
N VAL C 317 28.51 -2.61 14.37
CA VAL C 317 29.47 -3.02 15.40
C VAL C 317 28.74 -3.68 16.59
N GLN C 318 29.19 -4.88 16.97
CA GLN C 318 28.55 -5.66 18.05
C GLN C 318 28.99 -5.16 19.45
N PRO C 319 28.16 -5.35 20.50
CA PRO C 319 28.51 -4.97 21.86
C PRO C 319 29.58 -5.92 22.44
N THR C 320 30.55 -5.37 23.17
CA THR C 320 31.68 -6.15 23.71
C THR C 320 31.44 -6.69 25.10
N GLU C 321 30.53 -6.13 25.90
CA GLU C 321 30.14 -6.63 27.23
C GLU C 321 28.71 -6.20 27.62
N SER C 322 28.11 -6.85 28.61
CA SER C 322 26.87 -6.31 29.25
C SER C 322 27.22 -5.30 30.35
N ILE C 323 26.35 -4.34 30.57
CA ILE C 323 26.45 -3.32 31.61
C ILE C 323 25.06 -3.19 32.22
N VAL C 324 24.89 -3.82 33.37
CA VAL C 324 23.63 -3.87 34.12
C VAL C 324 23.76 -2.92 35.29
N ARG C 325 22.80 -1.99 35.41
CA ARG C 325 22.79 -0.95 36.45
C ARG C 325 21.45 -0.94 37.15
N PHE C 326 21.53 -0.78 38.45
CA PHE C 326 20.42 -0.62 39.38
C PHE C 326 20.92 0.27 40.53
N PRO C 327 20.04 0.98 41.28
CA PRO C 327 20.50 1.81 42.36
C PRO C 327 21.17 1.00 43.48
N ASN C 328 21.98 1.67 44.30
CA ASN C 328 22.45 1.06 45.56
C ASN C 328 21.22 0.81 46.45
N ILE C 329 21.30 -0.12 47.40
CA ILE C 329 20.17 -0.59 48.25
C ILE C 329 19.75 0.53 49.23
N THR C 330 18.94 1.47 48.72
CA THR C 330 18.68 2.79 49.31
C THR C 330 17.79 2.70 50.55
N ASN C 331 16.73 1.88 50.51
CA ASN C 331 16.10 1.39 51.73
C ASN C 331 15.60 -0.06 51.55
N LEU C 332 15.60 -0.83 52.64
CA LEU C 332 14.98 -2.16 52.70
C LEU C 332 13.51 -2.03 53.12
N CYS C 333 12.67 -2.98 52.67
CA CYS C 333 11.26 -3.00 53.06
C CYS C 333 11.05 -3.30 54.54
N PRO C 334 10.02 -2.71 55.17
CA PRO C 334 9.82 -2.77 56.62
C PRO C 334 9.29 -4.10 57.15
N PHE C 335 9.14 -5.15 56.32
CA PHE C 335 8.50 -6.42 56.79
C PHE C 335 9.32 -7.16 57.88
N ASP C 336 10.52 -6.70 58.24
CA ASP C 336 11.19 -7.05 59.51
C ASP C 336 10.25 -6.85 60.73
N GLU C 337 9.44 -5.78 60.75
CA GLU C 337 8.48 -5.52 61.84
C GLU C 337 7.19 -6.37 61.79
N VAL C 338 6.92 -7.05 60.67
CA VAL C 338 5.92 -8.13 60.59
C VAL C 338 6.51 -9.45 61.16
N PHE C 339 7.67 -9.91 60.64
CA PHE C 339 8.30 -11.18 61.07
C PHE C 339 8.71 -11.13 62.56
N ASN C 340 9.22 -9.98 63.02
CA ASN C 340 9.59 -9.75 64.42
C ASN C 340 8.45 -9.17 65.31
N ALA C 341 7.17 -9.29 64.90
CA ALA C 341 6.05 -8.83 65.71
C ALA C 341 5.97 -9.58 67.06
N THR C 342 5.33 -8.94 68.05
CA THR C 342 5.20 -9.56 69.40
C THR C 342 4.26 -10.77 69.38
N ARG C 343 3.12 -10.64 68.68
CA ARG C 343 2.18 -11.71 68.30
C ARG C 343 1.59 -11.41 66.91
N PHE C 344 1.10 -12.43 66.21
CA PHE C 344 0.38 -12.31 64.94
C PHE C 344 -1.16 -12.22 65.18
N ALA C 345 -1.94 -11.97 64.11
CA ALA C 345 -3.39 -11.72 64.19
C ALA C 345 -4.25 -12.99 64.37
N SER C 346 -5.44 -12.79 64.95
CA SER C 346 -6.61 -13.70 64.88
C SER C 346 -7.10 -13.86 63.43
N VAL C 347 -7.11 -15.08 62.90
CA VAL C 347 -7.20 -15.33 61.43
C VAL C 347 -8.56 -14.96 60.81
N TYR C 348 -9.67 -14.86 61.56
CA TYR C 348 -10.92 -14.25 60.98
C TYR C 348 -10.81 -12.75 60.66
N ALA C 349 -9.80 -12.11 61.24
CA ALA C 349 -9.53 -10.71 61.13
C ALA C 349 -8.01 -10.45 60.97
N TRP C 350 -7.42 -11.13 59.99
CA TRP C 350 -6.00 -11.16 59.65
C TRP C 350 -5.39 -9.76 59.44
N ASN C 351 -4.04 -9.67 59.51
CA ASN C 351 -3.31 -8.40 59.36
C ASN C 351 -2.61 -8.27 58.00
N ARG C 352 -2.99 -7.22 57.26
CA ARG C 352 -2.46 -6.91 55.95
C ARG C 352 -1.71 -5.57 56.01
N LYS C 353 -0.45 -5.57 55.56
CA LYS C 353 0.41 -4.39 55.40
C LYS C 353 0.84 -4.20 53.94
N ARG C 354 0.83 -2.96 53.44
CA ARG C 354 1.28 -2.68 52.08
C ARG C 354 2.81 -2.42 52.03
N ILE C 355 3.52 -3.20 51.21
CA ILE C 355 4.96 -3.09 51.03
C ILE C 355 5.30 -2.44 49.68
N SER C 356 5.93 -1.26 49.67
CA SER C 356 6.24 -0.47 48.47
C SER C 356 7.32 0.55 48.71
N ASN C 357 7.90 1.05 47.63
CA ASN C 357 8.99 2.03 47.57
C ASN C 357 10.26 1.63 48.37
N CYS C 358 10.62 0.34 48.28
CA CYS C 358 11.63 -0.30 49.13
C CYS C 358 12.20 -1.59 48.50
N VAL C 359 13.30 -2.13 49.03
CA VAL C 359 13.90 -3.43 48.58
C VAL C 359 13.55 -4.58 49.50
N ALA C 360 12.78 -5.57 49.01
CA ALA C 360 12.39 -6.75 49.80
C ALA C 360 13.54 -7.79 49.86
N ASP C 361 14.71 -7.43 50.39
CA ASP C 361 15.89 -8.29 50.48
C ASP C 361 15.57 -9.53 51.36
N TYR C 362 15.40 -10.68 50.73
CA TYR C 362 14.76 -11.84 51.35
C TYR C 362 15.70 -12.55 52.36
N SER C 363 16.95 -12.80 51.98
CA SER C 363 17.91 -13.60 52.77
C SER C 363 18.21 -12.98 54.15
N VAL C 364 18.46 -11.68 54.25
CA VAL C 364 18.88 -11.03 55.50
C VAL C 364 17.76 -11.04 56.58
N LEU C 365 16.48 -11.08 56.19
CA LEU C 365 15.37 -11.13 57.15
C LEU C 365 14.89 -12.56 57.39
N TYR C 366 14.85 -13.42 56.36
CA TYR C 366 14.45 -14.85 56.48
C TYR C 366 15.53 -15.73 57.13
N ASN C 367 16.82 -15.37 57.07
CA ASN C 367 17.87 -15.97 57.91
C ASN C 367 17.80 -15.55 59.41
N PHE C 368 17.25 -14.37 59.74
CA PHE C 368 17.17 -13.86 61.13
C PHE C 368 16.23 -14.68 62.01
N ALA C 369 14.98 -14.89 61.57
CA ALA C 369 14.00 -15.75 62.26
C ALA C 369 14.00 -17.19 61.65
N PRO C 370 14.25 -18.25 62.44
CA PRO C 370 14.11 -19.64 61.97
C PRO C 370 12.74 -19.90 61.36
N PHE C 371 12.69 -20.67 60.29
CA PHE C 371 11.45 -21.07 59.63
C PHE C 371 11.67 -22.36 58.81
N PHE C 372 10.60 -23.00 58.35
CA PHE C 372 10.68 -24.31 57.64
C PHE C 372 10.14 -24.25 56.19
N ALA C 373 8.93 -23.69 55.99
CA ALA C 373 8.29 -23.71 54.69
C ALA C 373 8.53 -22.40 53.93
N PHE C 374 8.97 -22.54 52.67
CA PHE C 374 9.03 -21.44 51.67
C PHE C 374 8.27 -21.84 50.39
N LYS C 375 6.99 -22.18 50.53
CA LYS C 375 6.19 -22.69 49.41
C LYS C 375 5.76 -21.58 48.45
N CYS C 376 6.58 -21.29 47.44
CA CYS C 376 6.24 -20.37 46.37
C CYS C 376 5.38 -20.93 45.23
N TYR C 377 4.48 -20.08 44.72
CA TYR C 377 3.57 -20.39 43.63
C TYR C 377 3.78 -19.40 42.50
N GLY C 378 4.03 -19.94 41.30
CA GLY C 378 4.22 -19.15 40.09
C GLY C 378 5.63 -18.57 39.84
N VAL C 379 6.46 -18.37 40.87
CA VAL C 379 7.84 -17.88 40.77
C VAL C 379 8.71 -18.73 41.68
N SER C 380 9.90 -19.13 41.24
CA SER C 380 10.81 -19.96 42.03
C SER C 380 11.58 -19.15 43.09
N PRO C 381 11.95 -19.77 44.23
CA PRO C 381 12.61 -19.07 45.34
C PRO C 381 13.89 -18.30 44.97
N THR C 382 14.79 -18.88 44.19
CA THR C 382 16.09 -18.29 43.81
C THR C 382 15.94 -17.05 42.94
N LYS C 383 14.94 -17.01 42.05
CA LYS C 383 14.79 -15.88 41.09
C LYS C 383 14.22 -14.60 41.74
N LEU C 384 13.74 -14.66 42.99
CA LEU C 384 13.28 -13.49 43.75
C LEU C 384 14.39 -12.46 44.03
N ASN C 385 15.67 -12.79 43.76
CA ASN C 385 16.86 -11.95 43.94
C ASN C 385 16.98 -10.80 42.90
N ASP C 386 16.44 -10.99 41.69
CA ASP C 386 16.56 -9.99 40.62
C ASP C 386 15.30 -9.83 39.73
N LEU C 387 14.18 -10.53 40.01
CA LEU C 387 12.89 -10.21 39.37
C LEU C 387 12.36 -8.84 39.85
N CYS C 388 11.69 -8.12 38.95
CA CYS C 388 11.16 -6.76 39.20
C CYS C 388 9.62 -6.79 39.34
N PHE C 389 9.14 -6.26 40.46
CA PHE C 389 7.73 -6.28 40.90
C PHE C 389 7.11 -4.87 41.03
N THR C 390 5.79 -4.79 41.35
CA THR C 390 5.00 -3.56 41.33
C THR C 390 4.30 -3.27 42.64
N ASN C 391 3.39 -4.13 43.05
CA ASN C 391 2.63 -4.08 44.29
C ASN C 391 3.05 -5.26 45.15
N VAL C 392 3.08 -5.08 46.46
CA VAL C 392 3.30 -6.17 47.43
C VAL C 392 2.42 -5.95 48.64
N TYR C 393 1.80 -7.02 49.14
CA TYR C 393 1.19 -7.01 50.47
C TYR C 393 1.81 -8.14 51.30
N ALA C 394 2.14 -7.85 52.56
CA ALA C 394 2.41 -8.84 53.58
C ALA C 394 1.13 -9.13 54.38
N ASP C 395 0.66 -10.39 54.31
CA ASP C 395 -0.65 -10.84 54.80
C ASP C 395 -0.50 -11.97 55.82
N SER C 396 -0.80 -11.70 57.10
CA SER C 396 -0.24 -12.43 58.25
C SER C 396 -1.24 -12.73 59.39
N PHE C 397 -1.11 -13.93 59.98
CA PHE C 397 -1.98 -14.47 61.05
C PHE C 397 -1.40 -15.79 61.65
N VAL C 398 -2.16 -16.44 62.53
CA VAL C 398 -1.77 -17.73 63.16
C VAL C 398 -2.70 -18.89 62.74
N ILE C 399 -2.13 -20.09 62.58
CA ILE C 399 -2.84 -21.33 62.19
C ILE C 399 -2.24 -22.60 62.83
N ARG C 400 -2.98 -23.71 62.79
CA ARG C 400 -2.49 -25.05 63.17
C ARG C 400 -1.64 -25.74 62.09
N GLY C 401 -0.83 -26.74 62.44
CA GLY C 401 -0.05 -27.52 61.44
C GLY C 401 -0.87 -28.19 60.36
N ASN C 402 -2.05 -28.71 60.70
CA ASN C 402 -3.03 -29.30 59.75
C ASN C 402 -3.72 -28.23 58.87
N GLU C 403 -3.59 -26.96 59.23
CA GLU C 403 -4.10 -25.81 58.48
C GLU C 403 -3.06 -25.23 57.47
N VAL C 404 -1.78 -25.58 57.59
CA VAL C 404 -0.71 -25.03 56.72
C VAL C 404 -0.96 -25.37 55.24
N SER C 405 -1.39 -26.58 54.93
CA SER C 405 -1.67 -26.99 53.54
C SER C 405 -2.89 -26.25 52.93
N GLN C 406 -3.81 -25.77 53.79
CA GLN C 406 -5.06 -25.14 53.36
C GLN C 406 -4.84 -23.75 52.70
N ILE C 407 -3.63 -23.18 52.82
CA ILE C 407 -3.20 -21.94 52.20
C ILE C 407 -3.04 -22.06 50.67
N ALA C 408 -2.81 -23.27 50.16
CA ALA C 408 -2.51 -23.51 48.76
C ALA C 408 -3.67 -23.05 47.83
N PRO C 409 -3.36 -22.64 46.58
CA PRO C 409 -4.34 -22.27 45.57
C PRO C 409 -5.46 -23.30 45.41
N GLY C 410 -6.71 -22.86 45.54
CA GLY C 410 -7.90 -23.73 45.30
C GLY C 410 -8.15 -24.81 46.37
N GLN C 411 -7.34 -24.94 47.43
CA GLN C 411 -7.55 -25.90 48.51
C GLN C 411 -8.71 -25.42 49.40
N THR C 412 -9.70 -26.29 49.66
CA THR C 412 -10.94 -26.02 50.39
C THR C 412 -11.03 -26.81 51.72
N GLY C 413 -11.34 -26.09 52.79
CA GLY C 413 -11.49 -26.57 54.19
C GLY C 413 -11.83 -25.39 55.10
N ASN C 414 -12.53 -25.60 56.21
CA ASN C 414 -13.21 -24.54 57.01
C ASN C 414 -12.42 -23.22 57.23
N ILE C 415 -11.12 -23.30 57.57
CA ILE C 415 -10.23 -22.15 57.67
C ILE C 415 -10.20 -21.30 56.39
N ALA C 416 -9.92 -21.94 55.27
CA ALA C 416 -9.82 -21.27 54.01
C ALA C 416 -11.19 -20.93 53.37
N ASP C 417 -12.22 -21.71 53.71
CA ASP C 417 -13.60 -21.53 53.21
C ASP C 417 -14.23 -20.20 53.71
N TYR C 418 -13.88 -19.77 54.94
CA TYR C 418 -14.54 -18.64 55.66
C TYR C 418 -13.61 -17.54 56.16
N ASN C 419 -12.33 -17.79 56.39
CA ASN C 419 -11.42 -16.82 56.98
C ASN C 419 -10.47 -16.25 55.94
N TYR C 420 -9.79 -17.12 55.18
CA TYR C 420 -8.72 -16.72 54.28
C TYR C 420 -8.55 -17.61 53.05
N LYS C 421 -8.97 -17.07 51.90
CA LYS C 421 -8.70 -17.61 50.56
C LYS C 421 -7.80 -16.67 49.74
N LEU C 422 -6.76 -17.20 49.12
CA LEU C 422 -6.08 -16.55 47.98
C LEU C 422 -6.64 -17.04 46.63
N PRO C 423 -6.55 -16.21 45.56
CA PRO C 423 -7.19 -16.53 44.28
C PRO C 423 -6.55 -17.69 43.54
N ASP C 424 -7.29 -18.38 42.66
CA ASP C 424 -6.77 -19.53 41.92
C ASP C 424 -5.54 -19.22 41.01
N ASP C 425 -5.39 -18.02 40.48
CA ASP C 425 -4.22 -17.57 39.69
C ASP C 425 -3.20 -16.80 40.55
N PHE C 426 -3.27 -16.96 41.88
CA PHE C 426 -2.31 -16.36 42.86
C PHE C 426 -0.87 -16.58 42.44
N THR C 427 -0.08 -15.51 42.48
CA THR C 427 1.36 -15.52 42.29
C THR C 427 2.00 -14.88 43.54
N GLY C 428 2.87 -15.62 44.23
CA GLY C 428 3.20 -15.29 45.62
C GLY C 428 3.87 -16.46 46.34
N CYS C 429 4.47 -16.19 47.49
CA CYS C 429 5.10 -17.18 48.33
C CYS C 429 4.46 -17.25 49.72
N VAL C 430 4.42 -18.47 50.29
CA VAL C 430 3.88 -18.81 51.61
C VAL C 430 5.04 -19.10 52.55
N ILE C 431 5.07 -18.44 53.70
CA ILE C 431 6.14 -18.59 54.71
C ILE C 431 5.48 -18.91 56.06
N ALA C 432 5.97 -19.93 56.77
CA ALA C 432 5.43 -20.33 58.06
C ALA C 432 6.54 -20.74 59.06
N TRP C 433 6.35 -20.45 60.35
CA TRP C 433 7.26 -20.88 61.42
C TRP C 433 6.53 -21.25 62.72
N ASN C 434 7.05 -22.30 63.37
CA ASN C 434 6.58 -22.79 64.65
C ASN C 434 6.76 -21.70 65.73
N SER C 435 5.75 -21.49 66.56
CA SER C 435 5.77 -20.50 67.64
C SER C 435 5.48 -21.07 69.03
N ASN C 436 5.44 -22.41 69.18
CA ASN C 436 5.16 -23.06 70.45
C ASN C 436 6.23 -22.82 71.56
N LYS C 437 7.34 -22.20 71.15
CA LYS C 437 8.43 -21.86 72.08
C LYS C 437 8.45 -20.34 72.41
N LEU C 438 7.34 -19.65 72.16
CA LEU C 438 7.20 -18.21 72.42
C LEU C 438 5.75 -17.75 72.67
N ASP C 439 4.81 -18.24 71.85
CA ASP C 439 3.40 -17.80 71.81
C ASP C 439 2.38 -18.76 72.43
N SER C 440 2.85 -19.84 73.06
CA SER C 440 2.07 -20.93 73.66
C SER C 440 2.30 -21.06 75.17
N LYS C 441 1.29 -21.52 75.91
CA LYS C 441 1.24 -21.53 77.39
C LYS C 441 0.50 -22.78 77.88
N VAL C 442 0.80 -23.32 79.07
CA VAL C 442 0.08 -24.53 79.54
C VAL C 442 -1.43 -24.28 79.73
N GLY C 443 -1.84 -23.05 80.06
CA GLY C 443 -3.25 -22.67 80.06
C GLY C 443 -3.91 -22.45 78.70
N GLY C 444 -3.16 -22.46 77.59
CA GLY C 444 -3.64 -22.08 76.23
C GLY C 444 -3.54 -20.59 75.92
N ASN C 445 -4.03 -20.15 74.76
CA ASN C 445 -3.98 -18.73 74.32
C ASN C 445 -5.23 -18.37 73.49
N TYR C 446 -6.36 -18.31 74.19
CA TYR C 446 -7.70 -18.16 73.60
C TYR C 446 -7.97 -16.82 72.89
N ASN C 447 -6.99 -15.92 72.75
CA ASN C 447 -7.15 -14.65 72.03
C ASN C 447 -7.06 -14.83 70.50
N TYR C 448 -6.59 -15.98 70.02
CA TYR C 448 -6.51 -16.27 68.56
C TYR C 448 -7.88 -16.76 68.04
N LEU C 449 -8.81 -15.82 67.84
CA LEU C 449 -10.18 -16.08 67.30
C LEU C 449 -10.14 -16.43 65.81
N TYR C 450 -11.00 -17.36 65.40
CA TYR C 450 -11.26 -17.70 64.01
C TYR C 450 -12.74 -18.06 63.75
N ARG C 451 -13.20 -17.86 62.52
CA ARG C 451 -14.61 -18.09 62.20
C ARG C 451 -14.99 -19.51 61.82
N LEU C 452 -16.02 -20.02 62.50
CA LEU C 452 -16.55 -21.36 62.19
C LEU C 452 -17.49 -21.39 60.99
N PHE C 453 -18.29 -20.33 60.84
CA PHE C 453 -19.35 -20.28 59.81
C PHE C 453 -19.39 -18.97 58.99
N ARG C 454 -19.76 -19.08 57.70
CA ARG C 454 -20.00 -17.92 56.75
C ARG C 454 -20.78 -18.32 55.47
N LYS C 455 -22.08 -18.53 55.68
CA LYS C 455 -23.13 -19.07 54.79
C LYS C 455 -22.65 -19.63 53.45
N SER C 456 -21.89 -18.82 52.76
CA SER C 456 -21.22 -19.17 51.49
C SER C 456 -19.75 -18.82 51.57
N ASN C 457 -18.92 -19.31 50.64
CA ASN C 457 -17.53 -18.86 50.55
C ASN C 457 -17.40 -17.35 50.24
N LEU C 458 -16.57 -16.67 51.03
CA LEU C 458 -16.22 -15.27 50.75
C LEU C 458 -15.14 -15.11 49.66
N LYS C 459 -15.09 -13.93 49.03
CA LYS C 459 -14.10 -13.63 47.96
C LYS C 459 -12.64 -13.59 48.49
N PRO C 460 -11.65 -13.82 47.64
CA PRO C 460 -10.24 -13.71 48.00
C PRO C 460 -9.89 -12.25 48.33
N PHE C 461 -9.06 -12.06 49.34
CA PHE C 461 -8.65 -10.76 49.91
C PHE C 461 -9.84 -9.85 50.33
N GLU C 462 -10.97 -10.43 50.74
CA GLU C 462 -12.10 -9.77 51.39
C GLU C 462 -12.35 -10.44 52.74
N ARG C 463 -12.85 -9.71 53.77
CA ARG C 463 -13.13 -10.32 55.07
C ARG C 463 -14.31 -9.78 55.90
N ASP C 464 -15.09 -10.72 56.45
CA ASP C 464 -16.22 -10.46 57.36
C ASP C 464 -15.80 -10.63 58.84
N ILE C 465 -15.82 -9.51 59.57
CA ILE C 465 -15.40 -9.39 60.99
C ILE C 465 -16.56 -9.02 61.93
N SER C 466 -17.76 -8.79 61.42
CA SER C 466 -18.98 -8.56 62.22
C SER C 466 -19.45 -9.88 62.88
N THR C 467 -20.03 -9.77 64.07
CA THR C 467 -20.25 -10.86 65.03
C THR C 467 -21.67 -11.50 65.02
N GLU C 468 -22.42 -11.46 63.91
CA GLU C 468 -23.77 -12.05 63.81
C GLU C 468 -23.78 -13.60 64.12
N ILE C 469 -24.78 -14.05 64.87
CA ILE C 469 -25.00 -15.48 65.11
C ILE C 469 -25.30 -16.24 63.80
N TYR C 470 -24.83 -17.50 63.70
CA TYR C 470 -25.11 -18.36 62.55
C TYR C 470 -26.12 -19.48 62.87
N GLN C 471 -27.06 -19.72 61.94
CA GLN C 471 -28.07 -20.76 61.99
C GLN C 471 -27.45 -22.12 61.56
N ALA C 472 -26.64 -22.70 62.46
CA ALA C 472 -26.01 -24.02 62.29
C ALA C 472 -26.99 -25.20 62.38
N GLY C 473 -28.04 -25.08 63.21
CA GLY C 473 -29.19 -25.98 63.22
C GLY C 473 -30.24 -25.63 62.15
N ASN C 474 -31.06 -26.59 61.77
CA ASN C 474 -32.00 -26.45 60.65
C ASN C 474 -33.11 -25.39 60.92
N LYS C 475 -33.59 -25.26 62.15
CA LYS C 475 -34.49 -24.18 62.59
C LYS C 475 -33.72 -22.88 62.86
N PRO C 476 -34.30 -21.69 62.66
CA PRO C 476 -33.61 -20.41 62.78
C PRO C 476 -33.24 -20.04 64.23
N CYS C 477 -31.96 -20.23 64.58
CA CYS C 477 -31.33 -19.64 65.75
C CYS C 477 -31.35 -18.10 65.68
N ASN C 478 -31.67 -17.44 66.81
CA ASN C 478 -31.80 -16.00 66.93
C ASN C 478 -31.22 -15.49 68.26
N GLY C 479 -30.65 -14.27 68.26
CA GLY C 479 -30.13 -13.64 69.49
C GLY C 479 -28.76 -14.18 69.91
N VAL C 480 -28.48 -14.17 71.22
CA VAL C 480 -27.17 -14.54 71.80
C VAL C 480 -26.81 -16.01 71.74
N ALA C 481 -27.79 -16.91 71.60
CA ALA C 481 -27.63 -18.36 71.62
C ALA C 481 -28.74 -19.13 70.89
N GLY C 482 -28.51 -20.40 70.57
CA GLY C 482 -29.50 -21.27 69.93
C GLY C 482 -28.99 -22.72 69.92
N PHE C 483 -29.88 -23.66 69.62
CA PHE C 483 -29.62 -25.09 69.67
C PHE C 483 -28.50 -25.48 68.69
N ASN C 484 -27.34 -25.95 69.22
CA ASN C 484 -26.10 -26.27 68.47
C ASN C 484 -25.56 -25.13 67.57
N CYS C 485 -25.93 -23.87 67.90
CA CYS C 485 -25.56 -22.67 67.13
C CYS C 485 -24.43 -21.90 67.82
N TYR C 486 -23.44 -21.48 67.01
CA TYR C 486 -22.20 -20.82 67.43
C TYR C 486 -21.71 -19.79 66.37
N PHE C 487 -20.78 -18.89 66.73
CA PHE C 487 -20.20 -17.88 65.83
C PHE C 487 -18.76 -18.18 65.40
N PRO C 488 -17.77 -18.17 66.32
CA PRO C 488 -16.37 -18.52 65.99
C PRO C 488 -16.11 -20.02 66.23
N LEU C 489 -14.89 -20.45 65.90
CA LEU C 489 -14.46 -21.80 66.19
C LEU C 489 -13.91 -21.78 67.63
N ARG C 490 -13.72 -22.94 68.24
CA ARG C 490 -13.21 -22.93 69.61
C ARG C 490 -11.83 -22.30 69.63
N SER C 491 -11.62 -21.36 70.54
CA SER C 491 -10.33 -20.69 70.66
C SER C 491 -9.39 -21.81 71.02
N TYR C 492 -8.42 -22.10 70.15
CA TYR C 492 -7.54 -23.24 70.46
C TYR C 492 -6.78 -23.03 71.79
N GLY C 493 -6.78 -24.08 72.63
CA GLY C 493 -5.89 -24.12 73.80
C GLY C 493 -4.47 -24.51 73.37
N PHE C 494 -3.78 -23.55 72.72
CA PHE C 494 -2.40 -23.68 72.26
C PHE C 494 -1.42 -23.96 73.42
N ARG C 495 -1.13 -25.22 73.68
CA ARG C 495 -0.28 -25.74 74.74
C ARG C 495 1.05 -26.28 74.14
N PRO C 496 2.22 -25.98 74.71
CA PRO C 496 3.52 -26.18 74.05
C PRO C 496 3.82 -27.64 73.64
N THR C 497 3.63 -28.62 74.56
CA THR C 497 4.09 -30.02 74.41
C THR C 497 2.97 -31.00 74.08
N TYR C 498 1.71 -30.58 74.25
CA TYR C 498 0.52 -31.45 74.15
C TYR C 498 0.15 -31.78 72.69
N GLY C 499 0.30 -30.84 71.76
CA GLY C 499 -0.15 -30.98 70.36
C GLY C 499 1.00 -30.89 69.31
N VAL C 500 0.92 -31.68 68.24
CA VAL C 500 1.73 -31.52 67.01
C VAL C 500 0.75 -31.64 65.82
N GLY C 501 0.92 -30.78 64.80
CA GLY C 501 -0.09 -30.55 63.77
C GLY C 501 -1.26 -29.68 64.30
N HIS C 502 -1.19 -29.22 65.56
CA HIS C 502 -2.22 -28.48 66.32
C HIS C 502 -1.66 -27.38 67.24
N GLN C 503 -0.34 -27.21 67.28
CA GLN C 503 0.36 -26.12 67.98
C GLN C 503 0.35 -24.83 67.11
N PRO C 504 0.70 -23.64 67.66
CA PRO C 504 0.58 -22.38 66.92
C PRO C 504 1.75 -22.21 65.94
N TYR C 505 1.42 -22.13 64.65
CA TYR C 505 2.32 -21.67 63.60
C TYR C 505 1.93 -20.26 63.17
N ARG C 506 2.95 -19.42 63.05
CA ARG C 506 2.78 -18.07 62.53
C ARG C 506 2.94 -18.20 61.00
N VAL C 507 2.02 -17.63 60.24
CA VAL C 507 2.02 -17.71 58.78
C VAL C 507 1.95 -16.31 58.19
N VAL C 508 2.63 -16.12 57.08
CA VAL C 508 2.53 -14.94 56.22
C VAL C 508 2.54 -15.37 54.75
N VAL C 509 1.82 -14.64 53.89
CA VAL C 509 2.05 -14.71 52.43
C VAL C 509 2.46 -13.36 51.87
N LEU C 510 3.21 -13.43 50.78
CA LEU C 510 3.45 -12.34 49.86
C LEU C 510 2.48 -12.51 48.68
N SER C 511 1.62 -11.53 48.44
CA SER C 511 0.87 -11.38 47.16
C SER C 511 1.41 -10.21 46.36
N PHE C 512 1.86 -10.46 45.11
CA PHE C 512 2.58 -9.48 44.30
C PHE C 512 2.45 -9.69 42.78
N GLU C 513 1.28 -9.45 42.23
CA GLU C 513 0.85 -9.88 40.87
C GLU C 513 1.57 -9.20 39.65
N LEU C 514 2.48 -8.26 39.91
CA LEU C 514 3.19 -7.42 38.92
C LEU C 514 2.23 -6.52 38.08
N LEU C 515 2.80 -5.72 37.18
CA LEU C 515 2.19 -5.27 35.93
C LEU C 515 1.08 -4.19 36.02
N HIS C 516 0.75 -3.69 37.19
CA HIS C 516 -0.18 -2.58 37.38
C HIS C 516 0.35 -1.26 36.80
N ALA C 517 1.53 -0.80 37.28
CA ALA C 517 2.26 0.32 36.68
C ALA C 517 3.74 0.41 37.11
N PRO C 518 4.10 0.84 38.33
CA PRO C 518 5.50 1.10 38.72
C PRO C 518 6.36 -0.16 38.83
N ALA C 519 7.68 0.03 38.89
CA ALA C 519 8.62 -0.95 39.45
C ALA C 519 9.12 -0.45 40.82
N THR C 520 9.02 -1.31 41.84
CA THR C 520 9.35 -0.96 43.24
C THR C 520 10.43 -1.91 43.77
N VAL C 521 10.05 -3.10 44.22
CA VAL C 521 10.95 -4.19 44.57
C VAL C 521 11.56 -4.66 43.23
N CYS C 522 12.88 -4.63 43.11
CA CYS C 522 13.64 -5.26 42.02
C CYS C 522 14.67 -6.26 42.62
N GLY C 523 14.35 -6.80 43.81
CA GLY C 523 15.28 -7.59 44.65
C GLY C 523 16.53 -6.82 45.06
N PRO C 524 17.51 -7.51 45.63
CA PRO C 524 18.85 -6.96 45.88
C PRO C 524 19.68 -6.47 44.65
N LYS C 525 19.12 -6.31 43.45
CA LYS C 525 19.57 -5.41 42.38
C LYS C 525 21.06 -5.60 41.97
N LYS C 526 21.45 -6.78 41.49
CA LYS C 526 22.86 -7.15 41.18
C LYS C 526 23.47 -6.42 39.97
N SER C 527 23.80 -5.13 40.14
CA SER C 527 24.43 -4.28 39.14
C SER C 527 25.91 -4.59 38.94
N THR C 528 26.52 -3.86 38.01
CA THR C 528 27.89 -4.04 37.49
C THR C 528 28.61 -2.71 37.30
N ASN C 529 29.94 -2.75 37.19
CA ASN C 529 30.79 -1.59 36.98
C ASN C 529 30.50 -0.92 35.63
N LEU C 530 30.10 0.35 35.66
CA LEU C 530 29.78 1.13 34.46
C LEU C 530 31.01 1.39 33.58
N VAL C 531 30.81 1.38 32.26
CA VAL C 531 31.84 1.67 31.25
C VAL C 531 31.36 2.73 30.25
N LYS C 532 32.30 3.45 29.65
CA LYS C 532 32.10 4.60 28.74
C LYS C 532 32.71 4.33 27.37
N ASN C 533 32.14 4.94 26.33
CA ASN C 533 32.63 4.92 24.94
C ASN C 533 32.71 3.58 24.19
N LYS C 534 32.56 2.45 24.88
CA LYS C 534 32.44 1.11 24.29
C LYS C 534 30.99 0.77 23.95
N CYS C 535 30.81 0.03 22.86
CA CYS C 535 29.52 -0.57 22.53
C CYS C 535 29.16 -1.73 23.49
N VAL C 536 27.99 -1.70 24.14
CA VAL C 536 27.64 -2.62 25.24
C VAL C 536 26.15 -2.97 25.25
N ASN C 537 25.84 -4.14 25.81
CA ASN C 537 24.50 -4.61 26.14
C ASN C 537 24.06 -3.89 27.43
N PHE C 538 23.67 -2.61 27.35
CA PHE C 538 23.26 -1.89 28.55
C PHE C 538 21.87 -2.31 29.06
N ASN C 539 21.66 -2.12 30.37
CA ASN C 539 20.38 -2.22 31.02
C ASN C 539 20.37 -1.26 32.23
N PHE C 540 19.40 -0.36 32.35
CA PHE C 540 19.19 0.47 33.54
C PHE C 540 17.82 0.17 34.12
N ASN C 541 17.74 -0.31 35.35
CA ASN C 541 16.51 -0.57 36.10
C ASN C 541 15.53 -1.56 35.45
N GLY C 542 15.89 -2.20 34.32
CA GLY C 542 15.01 -3.01 33.48
C GLY C 542 14.80 -2.48 32.05
N LEU C 543 15.19 -1.25 31.76
CA LEU C 543 15.28 -0.69 30.40
C LEU C 543 16.49 -1.32 29.64
N THR C 544 16.22 -2.49 29.06
CA THR C 544 17.16 -3.21 28.21
C THR C 544 17.50 -2.45 26.92
N GLY C 545 18.71 -2.62 26.40
CA GLY C 545 19.15 -1.99 25.14
C GLY C 545 20.53 -2.42 24.64
N THR C 546 21.07 -1.71 23.65
CA THR C 546 22.41 -1.92 23.10
C THR C 546 22.93 -0.59 22.53
N GLY C 547 24.10 -0.14 22.93
CA GLY C 547 24.58 1.18 22.54
C GLY C 547 25.92 1.52 23.15
N VAL C 548 26.40 2.72 22.86
CA VAL C 548 27.58 3.35 23.44
C VAL C 548 27.15 4.59 24.21
N LEU C 549 27.85 4.80 25.32
CA LEU C 549 27.45 5.75 26.37
C LEU C 549 28.56 6.79 26.59
N THR C 550 28.17 8.00 26.99
CA THR C 550 29.09 9.12 27.19
C THR C 550 28.56 9.96 28.35
N GLU C 551 29.36 10.74 29.05
CA GLU C 551 28.84 11.75 29.96
C GLU C 551 28.18 12.86 29.14
N SER C 552 26.84 12.98 29.24
CA SER C 552 26.07 14.03 28.53
C SER C 552 26.28 15.40 29.16
N ASN C 553 26.29 16.43 28.30
CA ASN C 553 26.29 17.84 28.75
C ASN C 553 24.87 18.30 29.26
N LYS C 554 23.82 17.50 29.01
CA LYS C 554 22.42 17.76 29.33
C LYS C 554 22.22 17.96 30.84
N LYS C 555 21.35 18.92 31.21
CA LYS C 555 20.99 19.18 32.63
C LYS C 555 19.52 18.75 32.87
N PHE C 556 19.30 17.55 33.38
CA PHE C 556 17.94 17.13 33.65
C PHE C 556 17.45 17.61 35.02
N LEU C 557 16.16 17.92 35.13
CA LEU C 557 15.54 18.31 36.37
C LEU C 557 15.46 17.08 37.31
N PRO C 558 15.49 17.25 38.65
CA PRO C 558 15.69 16.14 39.58
C PRO C 558 14.68 15.00 39.50
N PHE C 559 13.47 15.21 38.97
CA PHE C 559 12.45 14.17 38.92
C PHE C 559 12.54 13.28 37.67
N GLN C 560 13.32 13.71 36.66
CA GLN C 560 13.40 13.03 35.38
C GLN C 560 14.34 11.81 35.42
N GLN C 561 13.90 10.68 34.84
CA GLN C 561 14.69 9.41 34.82
C GLN C 561 15.47 9.21 33.54
N PHE C 562 14.89 9.51 32.39
CA PHE C 562 15.48 9.27 31.07
C PHE C 562 14.94 10.25 30.03
N GLY C 563 15.70 10.44 28.96
CA GLY C 563 15.42 11.43 27.95
C GLY C 563 14.67 10.89 26.73
N ARG C 564 14.49 11.79 25.75
CA ARG C 564 13.78 11.48 24.51
C ARG C 564 14.27 12.23 23.26
N ASP C 565 14.33 11.48 22.16
CA ASP C 565 14.67 11.94 20.83
C ASP C 565 13.47 11.64 19.91
N ILE C 566 13.28 12.42 18.84
CA ILE C 566 12.03 12.64 18.15
C ILE C 566 11.30 11.38 17.67
N ALA C 567 12.02 10.29 17.47
CA ALA C 567 11.48 8.96 17.17
C ALA C 567 10.73 8.28 18.37
N ASP C 568 10.50 9.05 19.43
CA ASP C 568 10.24 8.57 20.81
C ASP C 568 11.21 7.46 21.25
N THR C 569 12.50 7.77 21.13
CA THR C 569 13.59 6.86 21.49
C THR C 569 14.49 7.47 22.55
N THR C 570 14.97 6.67 23.50
CA THR C 570 15.87 7.13 24.56
C THR C 570 17.21 7.58 23.99
N ASP C 571 17.65 8.79 24.32
CA ASP C 571 18.98 9.29 23.96
C ASP C 571 19.83 9.77 25.14
N ALA C 572 19.31 9.69 26.35
CA ALA C 572 20.04 9.98 27.58
C ALA C 572 19.37 9.21 28.73
N VAL C 573 20.10 8.95 29.81
CA VAL C 573 19.59 8.33 31.03
C VAL C 573 20.30 8.84 32.27
N ARG C 574 19.67 8.70 33.42
CA ARG C 574 20.29 9.07 34.70
C ARG C 574 20.73 7.80 35.43
N ASP C 575 22.05 7.58 35.55
CA ASP C 575 22.59 6.37 36.20
C ASP C 575 22.06 6.29 37.66
N PRO C 576 21.52 5.13 38.06
CA PRO C 576 20.81 5.01 39.32
C PRO C 576 21.73 4.88 40.55
N GLN C 577 23.04 4.61 40.39
CA GLN C 577 24.01 4.64 41.48
C GLN C 577 24.64 6.00 41.67
N THR C 578 25.01 6.68 40.59
CA THR C 578 25.69 7.99 40.62
C THR C 578 25.07 8.99 39.66
N LEU C 579 24.77 10.21 40.13
CA LEU C 579 23.71 11.05 39.51
C LEU C 579 24.12 11.83 38.25
N GLU C 580 25.22 11.46 37.62
CA GLU C 580 25.53 11.86 36.24
C GLU C 580 24.48 11.40 35.23
N ILE C 581 24.26 12.21 34.18
CA ILE C 581 23.37 11.88 33.04
C ILE C 581 24.24 11.36 31.87
N LEU C 582 23.96 10.14 31.45
CA LEU C 582 24.60 9.53 30.30
C LEU C 582 23.92 9.87 28.98
N ASP C 583 24.66 10.00 27.89
CA ASP C 583 24.18 9.79 26.51
C ASP C 583 23.85 8.32 26.26
N ILE C 584 22.87 8.04 25.41
CA ILE C 584 22.68 6.76 24.72
C ILE C 584 22.75 6.98 23.19
N THR C 585 23.70 6.30 22.54
CA THR C 585 23.92 6.33 21.10
C THR C 585 24.01 4.91 20.59
N PRO C 586 23.37 4.52 19.48
CA PRO C 586 23.50 3.17 18.93
C PRO C 586 24.90 2.96 18.37
N CYS C 587 25.41 1.73 18.45
CA CYS C 587 26.78 1.45 17.98
C CYS C 587 26.96 1.74 16.48
N SER C 588 28.17 2.13 16.05
CA SER C 588 28.43 2.53 14.65
C SER C 588 28.03 1.44 13.63
N PHE C 589 27.45 1.86 12.51
CA PHE C 589 26.87 1.01 11.47
C PHE C 589 26.81 1.78 10.14
N GLY C 590 26.62 1.11 9.02
CA GLY C 590 26.38 1.76 7.72
C GLY C 590 26.09 0.77 6.59
N GLY C 591 25.56 1.26 5.47
CA GLY C 591 25.39 0.47 4.24
C GLY C 591 26.67 0.00 3.58
N VAL C 592 26.71 -1.22 3.05
CA VAL C 592 27.88 -1.81 2.42
C VAL C 592 27.53 -2.08 0.97
N SER C 593 28.22 -1.42 0.06
CA SER C 593 28.10 -1.61 -1.39
C SER C 593 29.33 -2.27 -1.98
N VAL C 594 29.13 -3.23 -2.88
CA VAL C 594 30.20 -4.00 -3.50
C VAL C 594 30.35 -3.61 -4.96
N ILE C 595 31.57 -3.28 -5.34
CA ILE C 595 31.88 -2.73 -6.66
C ILE C 595 32.61 -3.82 -7.48
N THR C 596 32.11 -4.19 -8.65
CA THR C 596 32.58 -5.32 -9.46
C THR C 596 32.57 -5.05 -10.94
N PRO C 597 33.55 -5.55 -11.71
CA PRO C 597 33.35 -5.77 -13.15
C PRO C 597 32.41 -6.93 -13.34
N GLY C 598 32.04 -7.22 -14.58
CA GLY C 598 31.30 -8.45 -14.84
C GLY C 598 32.06 -9.69 -14.39
N THR C 599 31.40 -10.70 -13.82
CA THR C 599 32.12 -11.85 -13.22
C THR C 599 33.13 -12.50 -14.17
N ASN C 600 32.82 -12.62 -15.46
CA ASN C 600 33.70 -13.25 -16.45
C ASN C 600 34.93 -12.39 -16.80
N THR C 601 34.91 -11.11 -16.41
CA THR C 601 35.99 -10.16 -16.59
C THR C 601 36.89 -10.12 -15.35
N SER C 602 36.32 -10.27 -14.16
CA SER C 602 37.11 -10.63 -12.94
C SER C 602 36.24 -11.12 -11.79
N ASN C 603 36.85 -11.86 -10.86
CA ASN C 603 36.31 -12.13 -9.56
C ASN C 603 36.74 -11.14 -8.48
N GLN C 604 37.71 -10.25 -8.72
CA GLN C 604 38.12 -9.29 -7.68
C GLN C 604 37.14 -8.11 -7.55
N VAL C 605 36.92 -7.63 -6.32
CA VAL C 605 35.91 -6.60 -6.03
C VAL C 605 36.45 -5.59 -5.04
N ALA C 606 35.89 -4.38 -5.09
CA ALA C 606 36.10 -3.37 -4.06
C ALA C 606 34.83 -3.21 -3.19
N VAL C 607 34.95 -2.54 -2.04
CA VAL C 607 33.82 -2.38 -1.10
C VAL C 607 33.75 -0.92 -0.67
N LEU C 608 32.56 -0.33 -0.72
CA LEU C 608 32.25 1.00 -0.23
C LEU C 608 31.42 0.87 1.04
N TYR C 609 31.89 1.39 2.14
CA TYR C 609 31.14 1.59 3.37
C TYR C 609 30.54 2.98 3.31
N GLN C 610 29.28 3.08 2.88
CA GLN C 610 28.68 4.39 2.58
C GLN C 610 28.33 5.12 3.89
N GLY C 611 28.62 6.41 3.95
CA GLY C 611 28.41 7.22 5.15
C GLY C 611 29.35 6.92 6.31
N VAL C 612 30.50 6.31 6.06
CA VAL C 612 31.48 5.87 7.05
C VAL C 612 32.82 6.56 6.86
N ASN C 613 33.42 7.02 7.98
CA ASN C 613 34.82 7.49 8.02
C ASN C 613 35.77 6.29 7.85
N CYS C 614 36.80 6.41 7.03
CA CYS C 614 37.74 5.27 6.90
C CYS C 614 38.42 4.89 8.23
N THR C 615 38.70 5.85 9.12
CA THR C 615 39.25 5.48 10.44
C THR C 615 38.38 4.47 11.19
N GLU C 616 37.12 4.29 10.80
CA GLU C 616 36.10 3.57 11.57
C GLU C 616 35.94 2.11 11.14
N VAL C 617 36.25 1.77 9.88
CA VAL C 617 36.25 0.38 9.40
C VAL C 617 37.39 -0.45 10.04
N PRO C 618 38.64 0.07 10.23
CA PRO C 618 39.67 -0.60 11.05
C PRO C 618 39.32 -0.75 12.54
N VAL C 619 38.55 0.17 13.11
CA VAL C 619 37.95 0.02 14.47
C VAL C 619 36.87 -1.05 14.47
N ALA C 620 36.14 -1.24 13.37
CA ALA C 620 35.25 -2.37 13.11
C ALA C 620 36.01 -3.65 12.64
N ILE C 621 37.27 -3.83 13.10
CA ILE C 621 37.97 -5.12 13.08
C ILE C 621 37.12 -6.19 13.80
N HIS C 622 37.05 -7.40 13.25
CA HIS C 622 36.21 -8.49 13.77
C HIS C 622 36.67 -9.04 15.11
N PRO C 628 28.88 -8.27 8.52
CA PRO C 628 29.71 -9.01 7.59
C PRO C 628 30.90 -9.72 8.27
N THR C 629 31.23 -10.91 7.76
CA THR C 629 32.23 -11.82 8.33
C THR C 629 33.58 -11.79 7.64
N TRP C 630 33.66 -11.35 6.37
CA TRP C 630 34.83 -11.34 5.48
C TRP C 630 35.88 -10.25 5.78
N ARG C 631 36.28 -10.19 7.06
CA ARG C 631 37.18 -9.22 7.65
C ARG C 631 38.38 -8.82 6.81
N VAL C 632 39.01 -9.73 6.09
CA VAL C 632 40.29 -9.56 5.38
C VAL C 632 40.44 -8.26 4.59
N TYR C 633 39.37 -7.79 3.99
CA TYR C 633 39.36 -6.50 3.28
C TYR C 633 39.77 -5.30 4.17
N SER C 634 39.46 -5.32 5.47
CA SER C 634 39.86 -4.34 6.48
C SER C 634 41.38 -4.20 6.66
N THR C 635 42.19 -5.14 6.14
CA THR C 635 43.68 -5.06 6.18
C THR C 635 44.19 -3.90 5.33
N GLY C 636 43.42 -3.50 4.31
CA GLY C 636 43.57 -2.21 3.66
C GLY C 636 44.81 -2.08 2.78
N SER C 637 45.68 -1.15 3.15
CA SER C 637 46.79 -0.56 2.36
C SER C 637 46.34 0.34 1.21
N ASN C 638 45.31 -0.10 0.47
CA ASN C 638 44.63 0.64 -0.61
C ASN C 638 43.22 1.06 -0.14
N VAL C 639 43.21 1.91 0.88
CA VAL C 639 42.00 2.47 1.51
C VAL C 639 41.86 3.95 1.14
N PHE C 640 40.68 4.36 0.70
CA PHE C 640 40.42 5.72 0.24
C PHE C 640 39.15 6.35 0.88
N GLN C 641 39.25 7.61 1.35
CA GLN C 641 38.07 8.34 1.79
C GLN C 641 37.44 9.14 0.64
N THR C 642 36.30 8.66 0.14
CA THR C 642 35.40 9.45 -0.67
C THR C 642 34.46 10.29 0.21
N ARG C 643 33.84 11.35 -0.30
CA ARG C 643 32.79 12.04 0.43
C ARG C 643 31.52 11.21 0.66
N ALA C 644 31.32 10.16 -0.14
CA ALA C 644 30.23 9.19 -0.04
C ALA C 644 30.46 8.14 1.04
N GLY C 645 31.70 7.96 1.51
CA GLY C 645 32.10 6.93 2.46
C GLY C 645 33.50 6.41 2.23
N CYS C 646 33.80 5.31 2.92
CA CYS C 646 35.09 4.64 2.85
C CYS C 646 35.12 3.59 1.74
N LEU C 647 36.12 3.70 0.88
CA LEU C 647 36.31 2.77 -0.23
C LEU C 647 37.56 1.91 -0.01
N ILE C 648 37.40 0.59 -0.06
CA ILE C 648 38.39 -0.44 0.21
C ILE C 648 38.69 -1.26 -1.03
N GLY C 649 39.94 -1.48 -1.34
CA GLY C 649 40.34 -2.44 -2.37
C GLY C 649 40.38 -1.89 -3.80
N ALA C 650 40.16 -0.58 -3.95
CA ALA C 650 40.35 0.14 -5.20
C ALA C 650 41.41 1.23 -5.00
N GLU C 651 42.32 1.36 -5.96
CA GLU C 651 43.39 2.34 -5.83
C GLU C 651 43.04 3.67 -6.48
N TYR C 652 43.25 4.78 -5.77
CA TYR C 652 42.94 6.09 -6.34
C TYR C 652 44.04 6.56 -7.30
N VAL C 653 43.67 7.09 -8.46
CA VAL C 653 44.62 7.58 -9.48
C VAL C 653 44.28 9.02 -9.87
N ASN C 654 45.29 9.87 -10.07
CA ASN C 654 45.13 11.32 -10.21
C ASN C 654 44.51 11.78 -11.52
N ASN C 655 44.71 11.06 -12.62
CA ASN C 655 44.09 11.36 -13.92
C ASN C 655 42.62 10.89 -14.00
N SER C 656 41.89 11.26 -15.06
CA SER C 656 40.44 11.11 -15.12
C SER C 656 39.98 10.44 -16.40
N TYR C 657 38.86 9.75 -16.29
CA TYR C 657 38.25 8.99 -17.38
C TYR C 657 36.75 9.26 -17.38
N GLU C 658 36.05 8.74 -18.38
CA GLU C 658 34.56 8.59 -18.34
C GLU C 658 34.14 7.78 -17.09
N CYS C 659 32.94 7.99 -16.54
CA CYS C 659 32.51 7.24 -15.38
C CYS C 659 32.08 5.84 -15.76
N ASP C 660 32.89 4.82 -15.43
CA ASP C 660 32.55 3.44 -15.77
C ASP C 660 31.55 2.80 -14.77
N ILE C 661 31.86 2.84 -13.47
CA ILE C 661 30.95 2.51 -12.38
C ILE C 661 30.87 3.72 -11.43
N PRO C 662 29.68 4.30 -11.16
CA PRO C 662 29.52 5.52 -10.35
C PRO C 662 29.64 5.21 -8.87
N ILE C 663 30.44 5.97 -8.12
CA ILE C 663 30.57 5.85 -6.66
C ILE C 663 29.79 6.95 -5.94
N GLY C 664 29.95 8.18 -6.39
CA GLY C 664 29.32 9.38 -5.78
C GLY C 664 30.28 10.52 -5.51
N ALA C 665 29.76 11.75 -5.35
CA ALA C 665 30.59 12.91 -5.04
C ALA C 665 31.79 13.05 -5.99
N GLY C 666 31.53 12.86 -7.28
CA GLY C 666 32.49 13.01 -8.35
C GLY C 666 33.39 11.78 -8.57
N ILE C 667 33.37 10.78 -7.68
CA ILE C 667 34.20 9.59 -7.81
C ILE C 667 33.51 8.53 -8.65
N CYS C 668 34.29 7.85 -9.48
CA CYS C 668 33.86 6.63 -10.20
C CYS C 668 34.96 5.59 -10.06
N ALA C 669 34.66 4.33 -10.36
CA ALA C 669 35.63 3.25 -10.39
C ALA C 669 35.55 2.47 -11.69
N SER C 670 36.64 1.80 -12.06
CA SER C 670 36.75 0.95 -13.25
C SER C 670 37.76 -0.18 -13.08
N TYR C 671 37.56 -1.29 -13.79
CA TYR C 671 38.54 -2.37 -13.85
C TYR C 671 39.46 -2.16 -15.08
N GLN C 672 40.75 -1.83 -14.88
CA GLN C 672 41.70 -1.55 -15.95
C GLN C 672 43.15 -1.84 -15.54
N THR C 673 44.00 -2.00 -16.53
CA THR C 673 45.40 -2.32 -16.30
C THR C 673 46.24 -1.07 -16.11
N GLN C 674 46.22 -0.52 -14.90
CA GLN C 674 47.02 0.66 -14.64
C GLN C 674 48.47 0.25 -14.83
N THR C 675 49.21 1.08 -15.56
CA THR C 675 50.61 0.81 -15.86
C THR C 675 51.21 2.08 -16.44
N LYS C 676 50.91 3.21 -15.81
CA LYS C 676 51.44 4.50 -16.28
C LYS C 676 52.96 4.50 -16.47
N SER C 677 53.70 3.93 -15.52
CA SER C 677 55.14 3.65 -15.62
C SER C 677 55.44 2.35 -16.38
N VAL C 684 55.88 -6.39 -16.98
CA VAL C 684 54.81 -6.99 -16.18
C VAL C 684 53.69 -5.97 -15.91
N ALA C 685 52.45 -6.36 -16.18
CA ALA C 685 51.31 -5.47 -15.97
C ALA C 685 50.10 -6.31 -15.61
N SER C 686 49.20 -5.74 -14.82
CA SER C 686 48.02 -6.49 -14.43
C SER C 686 46.81 -5.62 -14.09
N GLN C 687 45.64 -6.13 -14.47
CA GLN C 687 44.36 -5.50 -14.20
C GLN C 687 44.16 -5.19 -12.71
N SER C 688 43.41 -4.14 -12.39
CA SER C 688 42.98 -3.85 -11.02
C SER C 688 41.73 -2.97 -11.02
N ILE C 689 41.04 -2.87 -9.89
CA ILE C 689 40.01 -1.85 -9.67
C ILE C 689 40.71 -0.52 -9.37
N ILE C 690 40.59 0.47 -10.25
CA ILE C 690 40.95 1.85 -9.93
C ILE C 690 39.75 2.67 -9.49
N ALA C 691 40.01 3.79 -8.81
CA ALA C 691 39.06 4.86 -8.54
C ALA C 691 39.62 6.22 -8.94
N TYR C 692 38.76 7.10 -9.45
CA TYR C 692 39.21 8.37 -10.03
C TYR C 692 38.08 9.38 -9.94
N THR C 693 38.41 10.65 -9.88
CA THR C 693 37.42 11.75 -10.10
C THR C 693 37.09 11.76 -11.59
N MET C 694 35.82 11.56 -11.92
CA MET C 694 35.41 11.43 -13.32
C MET C 694 35.69 12.69 -14.11
N SER C 695 36.03 12.53 -15.39
CA SER C 695 36.21 13.65 -16.33
C SER C 695 34.84 14.16 -16.77
N LEU C 696 34.70 15.47 -16.98
CA LEU C 696 33.53 16.06 -17.62
C LEU C 696 33.65 16.11 -19.14
N GLY C 697 34.86 16.32 -19.66
CA GLY C 697 35.16 16.35 -21.09
C GLY C 697 36.51 17.03 -21.33
N ALA C 698 37.00 17.04 -22.57
CA ALA C 698 38.14 17.87 -22.91
C ALA C 698 37.86 19.36 -22.71
N GLU C 699 38.84 20.10 -22.24
CA GLU C 699 38.82 21.57 -22.18
C GLU C 699 38.96 22.17 -23.59
N ASN C 700 38.29 23.30 -23.86
CA ASN C 700 38.41 24.01 -25.14
C ASN C 700 38.21 25.53 -24.97
N SER C 701 39.29 26.29 -24.89
CA SER C 701 39.22 27.76 -25.00
C SER C 701 38.86 28.15 -26.42
N VAL C 702 37.70 28.77 -26.60
CA VAL C 702 37.17 29.13 -27.93
C VAL C 702 37.89 30.38 -28.44
N ALA C 703 38.29 30.39 -29.71
CA ALA C 703 39.14 31.40 -30.29
C ALA C 703 38.43 32.75 -30.57
N TYR C 704 37.58 33.22 -29.66
CA TYR C 704 36.80 34.44 -29.80
C TYR C 704 37.66 35.71 -29.94
N SER C 705 37.27 36.63 -30.82
CA SER C 705 37.91 37.95 -31.00
C SER C 705 36.90 38.90 -31.65
N ASN C 706 37.06 40.21 -31.42
CA ASN C 706 36.14 41.29 -31.81
C ASN C 706 35.67 41.23 -33.27
N ASN C 707 36.46 40.65 -34.16
CA ASN C 707 36.18 40.61 -35.59
C ASN C 707 36.61 39.29 -36.26
N SER C 708 36.63 38.18 -35.55
CA SER C 708 36.92 36.84 -36.09
C SER C 708 35.65 36.02 -36.18
N ILE C 709 35.45 35.33 -37.27
CA ILE C 709 34.40 34.35 -37.49
C ILE C 709 34.95 33.05 -38.04
N ALA C 710 34.44 31.90 -37.60
CA ALA C 710 34.71 30.61 -38.20
C ALA C 710 33.51 30.13 -39.02
N ILE C 711 33.75 29.66 -40.25
CA ILE C 711 32.68 29.19 -41.16
C ILE C 711 33.02 27.83 -41.73
N PRO C 712 32.11 26.88 -41.73
CA PRO C 712 32.33 25.52 -42.20
C PRO C 712 32.51 25.47 -43.71
N THR C 713 33.61 24.92 -44.22
CA THR C 713 33.84 24.76 -45.66
C THR C 713 33.26 23.48 -46.25
N ASN C 714 32.83 22.56 -45.42
CA ASN C 714 32.30 21.25 -45.78
C ASN C 714 31.24 20.79 -44.75
N PHE C 715 30.68 19.61 -44.91
CA PHE C 715 29.67 19.08 -44.01
C PHE C 715 29.78 17.55 -43.92
N THR C 716 29.37 16.97 -42.80
CA THR C 716 29.14 15.54 -42.63
C THR C 716 27.67 15.31 -42.45
N ILE C 717 27.06 14.47 -43.28
CA ILE C 717 25.70 13.92 -43.05
C ILE C 717 25.85 12.77 -42.06
N SER C 718 25.14 12.81 -40.95
CA SER C 718 25.17 11.74 -39.93
C SER C 718 23.80 11.20 -39.66
N VAL C 719 23.73 9.87 -39.54
CA VAL C 719 22.49 9.17 -39.15
C VAL C 719 22.67 8.67 -37.74
N THR C 720 21.70 8.91 -36.87
CA THR C 720 21.76 8.55 -35.46
C THR C 720 20.49 7.81 -35.04
N THR C 721 20.63 6.68 -34.32
CA THR C 721 19.48 6.00 -33.72
C THR C 721 19.05 6.73 -32.47
N GLU C 722 17.76 6.90 -32.28
CA GLU C 722 17.17 7.11 -30.95
C GLU C 722 16.09 6.07 -30.65
N ILE C 723 16.12 5.46 -29.48
CA ILE C 723 15.21 4.33 -29.16
C ILE C 723 14.29 4.78 -28.02
N LEU C 724 12.99 4.56 -28.15
CA LEU C 724 11.98 4.87 -27.16
C LEU C 724 11.07 3.68 -26.91
N PRO C 725 10.81 3.33 -25.65
CA PRO C 725 9.74 2.37 -25.36
C PRO C 725 8.37 3.01 -25.59
N VAL C 726 7.43 2.25 -26.16
CA VAL C 726 6.07 2.69 -26.52
C VAL C 726 5.01 2.04 -25.66
N SER C 727 5.20 0.79 -25.29
CA SER C 727 4.28 0.03 -24.46
C SER C 727 5.07 -0.94 -23.54
N MET C 728 4.34 -1.65 -22.68
CA MET C 728 4.83 -2.72 -21.81
C MET C 728 3.82 -3.89 -21.83
N THR C 729 4.18 -5.05 -21.30
CA THR C 729 3.36 -6.28 -21.42
C THR C 729 1.97 -6.07 -20.82
N LYS C 730 0.91 -6.47 -21.54
CA LYS C 730 -0.47 -6.33 -21.09
C LYS C 730 -0.79 -7.47 -20.14
N THR C 731 -0.41 -7.38 -18.88
CA THR C 731 -0.74 -8.43 -17.89
C THR C 731 -2.22 -8.40 -17.46
N SER C 732 -2.71 -9.54 -16.99
CA SER C 732 -3.95 -9.69 -16.27
C SER C 732 -3.77 -10.59 -15.07
N VAL C 733 -4.57 -10.41 -14.03
CA VAL C 733 -4.56 -11.23 -12.82
C VAL C 733 -5.98 -11.67 -12.48
N ASP C 734 -6.14 -12.93 -12.09
CA ASP C 734 -7.36 -13.44 -11.45
C ASP C 734 -7.13 -13.59 -9.93
N CYS C 735 -7.77 -12.75 -9.12
CA CYS C 735 -7.41 -12.69 -7.72
C CYS C 735 -7.77 -13.93 -6.93
N THR C 736 -8.88 -14.58 -7.25
CA THR C 736 -9.25 -15.85 -6.64
C THR C 736 -8.18 -16.92 -6.95
N MET C 737 -7.73 -17.11 -8.18
CA MET C 737 -6.69 -18.08 -8.49
C MET C 737 -5.35 -17.74 -7.85
N TYR C 738 -4.96 -16.47 -7.87
CA TYR C 738 -3.69 -16.06 -7.26
C TYR C 738 -3.73 -16.25 -5.75
N ILE C 739 -4.70 -15.65 -5.06
CA ILE C 739 -4.78 -15.63 -3.60
C ILE C 739 -5.08 -17.04 -3.07
N CYS C 740 -5.97 -17.81 -3.70
CA CYS C 740 -6.27 -19.18 -3.25
C CYS C 740 -7.05 -20.04 -4.26
N GLY C 741 -6.52 -20.27 -5.46
CA GLY C 741 -7.25 -20.97 -6.51
C GLY C 741 -7.79 -22.34 -6.10
N ASP C 742 -8.99 -22.67 -6.59
CA ASP C 742 -9.72 -23.93 -6.37
C ASP C 742 -9.93 -24.37 -4.92
N SER C 743 -9.97 -23.44 -3.96
CA SER C 743 -10.49 -23.70 -2.62
C SER C 743 -11.66 -22.78 -2.28
N THR C 744 -12.85 -23.37 -2.14
CA THR C 744 -14.08 -22.65 -1.75
C THR C 744 -13.93 -22.12 -0.32
N GLU C 745 -13.22 -22.86 0.55
CA GLU C 745 -13.01 -22.50 1.96
C GLU C 745 -12.25 -21.18 2.11
N CYS C 746 -11.44 -20.78 1.13
CA CYS C 746 -10.81 -19.46 1.09
C CYS C 746 -11.60 -18.45 0.26
N SER C 747 -12.26 -18.90 -0.80
CA SER C 747 -13.08 -18.02 -1.62
C SER C 747 -14.16 -17.33 -0.77
N ASN C 748 -14.80 -18.08 0.12
CA ASN C 748 -15.77 -17.54 1.07
C ASN C 748 -15.17 -16.54 2.08
N LEU C 749 -13.87 -16.49 2.33
CA LEU C 749 -13.23 -15.47 3.19
C LEU C 749 -12.76 -14.26 2.37
N LEU C 750 -12.37 -14.43 1.10
CA LEU C 750 -11.98 -13.30 0.26
C LEU C 750 -13.06 -12.21 0.19
N LEU C 751 -14.32 -12.63 0.08
CA LEU C 751 -15.47 -11.73 0.10
C LEU C 751 -15.59 -10.90 1.41
N GLN C 752 -14.94 -11.23 2.53
CA GLN C 752 -14.97 -10.36 3.70
C GLN C 752 -14.32 -8.99 3.45
N TYR C 753 -13.45 -8.88 2.44
CA TYR C 753 -12.71 -7.68 2.07
C TYR C 753 -13.45 -6.85 1.01
N GLY C 754 -14.41 -7.46 0.30
CA GLY C 754 -15.26 -6.79 -0.68
C GLY C 754 -14.58 -6.65 -2.04
N SER C 755 -14.61 -5.45 -2.60
CA SER C 755 -14.19 -5.12 -3.95
C SER C 755 -12.69 -4.92 -4.16
N PHE C 756 -11.83 -5.18 -3.16
CA PHE C 756 -10.37 -5.12 -3.33
C PHE C 756 -9.85 -5.97 -4.48
N CYS C 757 -10.51 -7.07 -4.88
CA CYS C 757 -10.14 -7.76 -6.11
C CYS C 757 -10.53 -6.95 -7.36
N THR C 758 -11.81 -6.60 -7.49
CA THR C 758 -12.28 -6.01 -8.75
C THR C 758 -11.66 -4.64 -8.99
N GLN C 759 -11.28 -3.87 -7.96
CA GLN C 759 -10.50 -2.64 -8.13
C GLN C 759 -9.12 -2.88 -8.79
N LEU C 760 -8.44 -3.97 -8.43
CA LEU C 760 -7.16 -4.36 -8.98
C LEU C 760 -7.32 -4.88 -10.43
N LYS C 761 -8.33 -5.73 -10.69
CA LYS C 761 -8.66 -6.17 -12.04
C LYS C 761 -9.03 -5.02 -12.96
N ARG C 762 -9.75 -4.05 -12.44
CA ARG C 762 -10.10 -2.83 -13.15
C ARG C 762 -8.89 -1.95 -13.42
N ALA C 763 -7.98 -1.80 -12.46
CA ALA C 763 -6.74 -1.06 -12.63
C ALA C 763 -5.83 -1.69 -13.68
N LEU C 764 -5.57 -3.00 -13.59
CA LEU C 764 -4.77 -3.72 -14.59
C LEU C 764 -5.42 -3.74 -15.97
N THR C 765 -6.76 -3.84 -16.06
CA THR C 765 -7.47 -3.70 -17.36
C THR C 765 -7.31 -2.27 -17.92
N GLY C 766 -7.29 -1.25 -17.04
CA GLY C 766 -7.06 0.13 -17.47
C GLY C 766 -5.71 0.29 -18.15
N ILE C 767 -4.68 -0.32 -17.59
CA ILE C 767 -3.34 -0.34 -18.14
C ILE C 767 -3.29 -1.14 -19.43
N ALA C 768 -3.87 -2.33 -19.45
CA ALA C 768 -3.82 -3.23 -20.58
C ALA C 768 -4.52 -2.65 -21.82
N VAL C 769 -5.62 -1.92 -21.66
CA VAL C 769 -6.28 -1.22 -22.77
C VAL C 769 -5.48 -0.02 -23.28
N GLU C 770 -4.72 0.63 -22.39
CA GLU C 770 -3.88 1.76 -22.73
C GLU C 770 -2.68 1.38 -23.57
N GLN C 771 -2.11 0.19 -23.44
CA GLN C 771 -0.95 -0.21 -24.25
C GLN C 771 -1.27 -0.20 -25.76
N ASP C 772 -2.49 -0.55 -26.14
CA ASP C 772 -2.93 -0.48 -27.53
C ASP C 772 -3.22 0.95 -27.98
N LYS C 773 -3.68 1.83 -27.07
CA LYS C 773 -3.76 3.27 -27.36
C LYS C 773 -2.39 3.84 -27.62
N ASN C 774 -1.38 3.59 -26.77
CA ASN C 774 -0.01 4.03 -27.00
C ASN C 774 0.56 3.54 -28.35
N THR C 775 0.29 2.30 -28.71
CA THR C 775 0.79 1.73 -29.97
C THR C 775 0.07 2.39 -31.14
N GLN C 776 -1.23 2.66 -31.02
CA GLN C 776 -1.99 3.37 -32.04
C GLN C 776 -1.51 4.81 -32.20
N GLU C 777 -1.27 5.56 -31.14
CA GLU C 777 -0.88 6.97 -31.24
C GLU C 777 0.55 7.19 -31.74
N VAL C 778 1.47 6.25 -31.52
CA VAL C 778 2.80 6.35 -32.08
C VAL C 778 2.81 5.95 -33.55
N PHE C 779 2.15 4.86 -33.98
CA PHE C 779 2.31 4.34 -35.36
C PHE C 779 1.18 4.69 -36.32
N ALA C 780 -0.06 4.78 -35.85
CA ALA C 780 -1.20 5.03 -36.74
C ALA C 780 -1.37 6.52 -37.08
N GLN C 781 -0.28 7.24 -37.26
CA GLN C 781 -0.24 8.67 -37.63
C GLN C 781 -0.57 8.95 -39.10
N VAL C 782 -0.62 7.91 -39.92
CA VAL C 782 -0.80 7.96 -41.38
C VAL C 782 -2.22 7.54 -41.78
N LYS C 783 -2.84 8.31 -42.67
CA LYS C 783 -4.21 8.07 -43.18
C LYS C 783 -4.34 6.82 -44.04
N GLN C 784 -3.34 6.52 -44.85
CA GLN C 784 -3.39 5.53 -45.90
C GLN C 784 -2.10 4.69 -45.89
N ILE C 785 -2.18 3.43 -46.27
CA ILE C 785 -1.03 2.56 -46.38
C ILE C 785 -0.32 2.77 -47.72
N TYR C 786 0.66 3.68 -47.71
CA TYR C 786 1.51 3.98 -48.83
C TYR C 786 2.48 2.87 -49.19
N LYS C 787 2.62 2.62 -50.48
CA LYS C 787 3.60 1.76 -51.12
C LYS C 787 4.62 2.55 -51.90
N THR C 788 5.88 2.16 -51.78
CA THR C 788 6.95 2.68 -52.65
C THR C 788 6.76 2.23 -54.11
N PRO C 789 7.35 2.95 -55.09
CA PRO C 789 7.25 2.59 -56.51
C PRO C 789 8.00 1.27 -56.83
N PRO C 790 7.80 0.68 -58.02
CA PRO C 790 8.51 -0.54 -58.42
C PRO C 790 10.01 -0.30 -58.64
N ILE C 791 10.39 0.81 -59.25
CA ILE C 791 11.78 1.22 -59.51
C ILE C 791 12.32 1.92 -58.25
N LYS C 792 13.27 1.28 -57.53
CA LYS C 792 13.76 1.76 -56.21
C LYS C 792 14.90 2.77 -56.31
N TYR C 793 14.82 3.74 -57.22
CA TYR C 793 15.86 4.76 -57.38
C TYR C 793 15.37 6.11 -56.83
N PHE C 794 16.08 6.61 -55.82
CA PHE C 794 15.76 7.87 -55.13
C PHE C 794 16.94 8.84 -55.15
N GLY C 795 17.34 9.31 -56.34
CA GLY C 795 18.39 10.31 -56.48
C GLY C 795 19.79 9.86 -56.01
N GLY C 796 19.98 8.55 -55.85
CA GLY C 796 21.22 7.96 -55.37
C GLY C 796 21.25 7.59 -53.90
N PHE C 797 20.23 7.98 -53.12
CA PHE C 797 20.10 7.60 -51.71
C PHE C 797 19.61 6.16 -51.65
N ASN C 798 20.21 5.33 -50.81
CA ASN C 798 20.00 3.90 -50.77
C ASN C 798 19.25 3.42 -49.52
N PHE C 799 17.93 3.46 -49.60
CA PHE C 799 17.03 3.01 -48.56
C PHE C 799 16.86 1.48 -48.43
N SER C 800 17.64 0.68 -49.17
CA SER C 800 17.43 -0.77 -49.29
C SER C 800 17.37 -1.53 -47.96
N GLN C 801 18.10 -1.10 -46.93
CA GLN C 801 18.03 -1.76 -45.62
C GLN C 801 16.99 -1.17 -44.65
N ILE C 802 16.33 -0.03 -44.92
CA ILE C 802 15.23 0.49 -44.08
C ILE C 802 13.85 0.20 -44.65
N LEU C 803 13.74 -0.04 -45.98
CA LEU C 803 12.50 -0.49 -46.62
C LEU C 803 12.24 -1.98 -46.43
N PRO C 804 10.98 -2.45 -46.51
CA PRO C 804 10.65 -3.85 -46.38
C PRO C 804 10.99 -4.63 -47.66
N ASP C 805 11.37 -5.90 -47.49
CA ASP C 805 11.61 -6.89 -48.55
C ASP C 805 10.52 -7.98 -48.56
N PRO C 806 9.93 -8.35 -49.72
CA PRO C 806 8.87 -9.37 -49.79
C PRO C 806 9.28 -10.78 -49.32
N SER C 807 10.59 -11.08 -49.35
CA SER C 807 11.11 -12.44 -49.15
C SER C 807 10.93 -13.02 -47.74
N LYS C 808 10.80 -12.19 -46.70
CA LYS C 808 10.64 -12.65 -45.31
C LYS C 808 9.17 -12.93 -44.98
N PRO C 809 8.85 -13.86 -44.06
CA PRO C 809 7.47 -14.17 -43.72
C PRO C 809 6.68 -12.97 -43.20
N SER C 810 7.26 -12.29 -42.21
CA SER C 810 6.87 -10.94 -41.76
C SER C 810 7.61 -9.88 -42.56
N LYS C 811 6.88 -8.94 -43.16
CA LYS C 811 7.48 -7.98 -44.10
C LYS C 811 8.19 -6.80 -43.39
N ARG C 812 9.10 -7.12 -42.47
CA ARG C 812 9.96 -6.17 -41.76
C ARG C 812 11.17 -5.78 -42.62
N SER C 813 11.75 -4.60 -42.41
CA SER C 813 12.99 -4.20 -43.05
C SER C 813 14.19 -5.03 -42.60
N PHE C 814 15.36 -4.82 -43.20
CA PHE C 814 16.58 -5.43 -42.72
C PHE C 814 16.95 -4.89 -41.33
N ILE C 815 16.90 -3.57 -41.10
CA ILE C 815 17.27 -3.03 -39.78
C ILE C 815 16.24 -3.37 -38.70
N GLU C 816 14.95 -3.45 -39.02
CA GLU C 816 13.92 -3.93 -38.08
C GLU C 816 14.19 -5.39 -37.65
N ASP C 817 14.69 -6.26 -38.54
CA ASP C 817 15.10 -7.61 -38.19
C ASP C 817 16.35 -7.71 -37.32
N LEU C 818 17.20 -6.70 -37.26
CA LEU C 818 18.21 -6.64 -36.24
C LEU C 818 17.53 -6.37 -34.89
N LEU C 819 16.77 -5.29 -34.80
CA LEU C 819 16.15 -4.82 -33.59
C LEU C 819 15.21 -5.89 -32.95
N PHE C 820 14.42 -6.57 -33.78
CA PHE C 820 13.53 -7.65 -33.36
C PHE C 820 14.28 -8.83 -32.74
N ASN C 821 15.56 -9.02 -33.05
CA ASN C 821 16.39 -10.06 -32.47
C ASN C 821 17.22 -9.56 -31.28
N LYS C 822 17.72 -8.32 -31.28
CA LYS C 822 18.51 -7.75 -30.14
C LYS C 822 17.69 -7.54 -28.85
N VAL C 823 16.37 -7.54 -28.91
CA VAL C 823 15.48 -7.63 -27.74
C VAL C 823 14.84 -9.02 -27.64
N THR C 824 15.04 -9.69 -26.50
CA THR C 824 14.51 -11.05 -26.27
C THR C 824 13.24 -10.97 -25.44
N LEU C 825 12.09 -11.36 -25.99
CA LEU C 825 10.83 -11.33 -25.26
C LEU C 825 10.70 -12.53 -24.32
N ALA C 826 10.73 -12.23 -23.01
CA ALA C 826 10.11 -13.12 -22.02
C ALA C 826 8.58 -13.06 -22.18
N ASP C 827 8.01 -14.11 -22.76
CA ASP C 827 6.60 -14.28 -23.07
C ASP C 827 5.98 -13.23 -24.01
N ALA C 828 5.69 -13.64 -25.25
CA ALA C 828 5.04 -12.79 -26.25
C ALA C 828 3.53 -12.59 -26.00
N GLY C 829 2.88 -13.44 -25.20
CA GLY C 829 1.44 -13.41 -24.92
C GLY C 829 0.54 -14.22 -25.84
N PHE C 830 1.08 -14.79 -26.93
CA PHE C 830 0.32 -15.72 -27.79
C PHE C 830 -0.05 -17.05 -27.14
N ILE C 831 -1.01 -17.74 -27.76
CA ILE C 831 -1.57 -19.02 -27.37
C ILE C 831 -0.55 -20.08 -26.89
N LYS C 832 -0.90 -20.81 -25.82
CA LYS C 832 -0.09 -21.86 -25.19
C LYS C 832 -0.97 -23.09 -25.01
N GLN C 833 -0.95 -24.03 -25.96
CA GLN C 833 -1.86 -25.18 -26.05
C GLN C 833 -1.71 -26.29 -24.97
N TYR C 834 -1.21 -25.99 -23.77
CA TYR C 834 -0.83 -26.94 -22.68
C TYR C 834 0.18 -28.03 -23.04
N GLY C 835 0.42 -28.38 -24.31
CA GLY C 835 1.43 -29.38 -24.71
C GLY C 835 2.87 -29.03 -24.26
N ASP C 836 3.15 -27.75 -23.97
CA ASP C 836 4.33 -27.27 -23.28
C ASP C 836 4.28 -27.47 -21.74
N CYS C 837 3.14 -27.14 -21.14
CA CYS C 837 2.93 -27.13 -19.70
C CYS C 837 2.65 -28.54 -19.11
N LEU C 838 2.28 -29.49 -19.96
CA LEU C 838 2.35 -30.93 -19.67
C LEU C 838 3.79 -31.45 -19.83
N GLY C 839 4.31 -32.16 -18.83
CA GLY C 839 5.65 -32.73 -18.83
C GLY C 839 6.74 -31.73 -18.40
N ASP C 840 7.99 -32.14 -18.66
CA ASP C 840 9.20 -31.64 -18.01
C ASP C 840 9.43 -30.14 -18.15
N ILE C 841 9.00 -29.56 -19.27
CA ILE C 841 9.21 -28.13 -19.55
C ILE C 841 8.58 -27.30 -18.45
N ALA C 842 7.45 -27.69 -17.86
CA ALA C 842 6.85 -26.94 -16.72
C ALA C 842 7.70 -26.92 -15.44
N ALA C 843 8.70 -27.79 -15.30
CA ALA C 843 9.69 -27.71 -14.19
C ALA C 843 10.84 -26.75 -14.58
N ARG C 844 11.20 -26.73 -15.85
CA ARG C 844 12.26 -25.86 -16.34
C ARG C 844 11.80 -24.46 -16.73
N ASP C 845 10.49 -24.22 -16.75
CA ASP C 845 9.96 -22.96 -17.21
C ASP C 845 9.17 -22.19 -16.17
N LEU C 846 9.56 -20.94 -15.88
CA LEU C 846 8.85 -20.08 -14.93
C LEU C 846 7.61 -19.40 -15.52
N ILE C 847 7.52 -19.26 -16.85
CA ILE C 847 6.34 -18.64 -17.53
C ILE C 847 5.12 -19.55 -17.38
N CYS C 848 5.31 -20.86 -17.56
CA CYS C 848 4.23 -21.81 -17.32
C CYS C 848 3.76 -21.79 -15.85
N ALA C 849 4.67 -21.62 -14.89
CA ALA C 849 4.34 -21.52 -13.47
C ALA C 849 3.64 -20.22 -13.08
N GLN C 850 3.90 -19.10 -13.77
CA GLN C 850 3.11 -17.88 -13.65
C GLN C 850 1.68 -18.15 -14.13
N LYS C 851 1.50 -18.77 -15.31
CA LYS C 851 0.16 -19.11 -15.82
C LYS C 851 -0.64 -19.94 -14.83
N PHE C 852 0.00 -20.91 -14.19
CA PHE C 852 -0.68 -21.74 -13.19
C PHE C 852 -1.19 -21.02 -11.93
N ASN C 853 -0.78 -19.76 -11.74
CA ASN C 853 -1.16 -18.93 -10.58
C ASN C 853 -2.00 -17.71 -10.97
N GLY C 854 -2.71 -17.82 -12.09
CA GLY C 854 -3.70 -16.83 -12.45
C GLY C 854 -3.10 -15.50 -12.93
N LEU C 855 -1.80 -15.46 -13.23
CA LEU C 855 -1.12 -14.33 -13.85
C LEU C 855 -0.95 -14.68 -15.32
N THR C 856 -1.34 -13.81 -16.25
CA THR C 856 -1.17 -14.03 -17.68
C THR C 856 -0.74 -12.72 -18.39
N VAL C 857 -0.11 -12.85 -19.55
CA VAL C 857 0.19 -11.75 -20.48
C VAL C 857 -0.74 -11.89 -21.68
N LEU C 858 -1.49 -10.83 -21.97
CA LEU C 858 -2.35 -10.68 -23.12
C LEU C 858 -1.52 -10.21 -24.36
N PRO C 859 -1.92 -10.58 -25.58
CA PRO C 859 -1.29 -10.05 -26.78
C PRO C 859 -1.70 -8.58 -27.04
N PRO C 860 -0.86 -7.79 -27.70
CA PRO C 860 -1.23 -6.48 -28.21
C PRO C 860 -2.31 -6.62 -29.29
N LEU C 861 -3.04 -5.54 -29.60
CA LEU C 861 -3.99 -5.51 -30.68
C LEU C 861 -3.31 -5.50 -32.04
N LEU C 862 -2.29 -4.67 -32.21
CA LEU C 862 -1.51 -4.59 -33.45
C LEU C 862 -0.34 -5.57 -33.39
N THR C 863 -0.32 -6.55 -34.29
CA THR C 863 0.78 -7.54 -34.36
C THR C 863 2.08 -6.87 -34.83
N ASP C 864 3.22 -7.54 -34.69
CA ASP C 864 4.50 -7.08 -35.23
C ASP C 864 4.51 -7.00 -36.78
N GLU C 865 3.61 -7.67 -37.50
CA GLU C 865 3.37 -7.41 -38.94
C GLU C 865 2.64 -6.08 -39.15
N MET C 866 1.60 -5.79 -38.36
CA MET C 866 0.82 -4.54 -38.52
C MET C 866 1.60 -3.28 -38.20
N ILE C 867 2.40 -3.33 -37.15
CA ILE C 867 3.24 -2.21 -36.75
C ILE C 867 4.31 -1.96 -37.81
N ALA C 868 4.86 -3.03 -38.37
CA ALA C 868 5.81 -2.96 -39.48
C ALA C 868 5.16 -2.46 -40.76
N GLN C 869 3.90 -2.78 -41.00
CA GLN C 869 3.14 -2.26 -42.13
C GLN C 869 2.84 -0.76 -41.98
N TYR C 870 2.35 -0.29 -40.84
CA TYR C 870 2.23 1.13 -40.53
C TYR C 870 3.55 1.84 -40.74
N THR C 871 4.64 1.24 -40.26
CA THR C 871 5.99 1.82 -40.40
C THR C 871 6.40 1.90 -41.84
N SER C 872 6.11 0.88 -42.67
CA SER C 872 6.42 0.94 -44.09
C SER C 872 5.62 2.01 -44.82
N ALA C 873 4.41 2.34 -44.37
CA ALA C 873 3.62 3.42 -44.95
C ALA C 873 4.14 4.81 -44.57
N LEU C 874 4.57 5.01 -43.33
CA LEU C 874 5.19 6.26 -42.84
C LEU C 874 6.52 6.48 -43.60
N LEU C 875 7.25 5.41 -43.86
CA LEU C 875 8.52 5.47 -44.56
C LEU C 875 8.35 5.67 -46.06
N ALA C 876 7.42 4.96 -46.70
CA ALA C 876 7.12 5.14 -48.11
C ALA C 876 6.60 6.54 -48.39
N GLY C 877 5.76 7.07 -47.50
CA GLY C 877 5.32 8.45 -47.64
C GLY C 877 6.48 9.42 -47.54
N THR C 878 7.34 9.22 -46.57
CA THR C 878 8.49 10.13 -46.36
C THR C 878 9.43 10.26 -47.54
N ILE C 879 9.82 9.15 -48.14
CA ILE C 879 10.74 9.21 -49.27
C ILE C 879 10.06 9.61 -50.58
N THR C 880 8.82 9.16 -50.82
CA THR C 880 8.14 9.51 -52.08
C THR C 880 7.46 10.88 -52.07
N SER C 881 7.25 11.51 -50.91
CA SER C 881 6.49 12.77 -50.79
C SER C 881 6.86 13.77 -49.68
N GLY C 882 7.92 13.54 -48.90
CA GLY C 882 8.39 14.47 -47.87
C GLY C 882 7.32 14.72 -46.82
N TRP C 883 7.20 15.96 -46.36
CA TRP C 883 6.20 16.29 -45.33
C TRP C 883 4.75 16.33 -45.83
N THR C 884 4.53 16.34 -47.16
CA THR C 884 3.22 16.69 -47.73
C THR C 884 2.14 15.68 -47.34
N PHE C 885 2.51 14.40 -47.19
CA PHE C 885 1.55 13.35 -46.76
C PHE C 885 1.10 13.52 -45.30
N GLY C 886 1.83 14.28 -44.52
CA GLY C 886 1.44 14.64 -43.18
C GLY C 886 0.40 15.77 -43.22
N ALA C 887 0.61 16.81 -44.02
CA ALA C 887 -0.30 17.95 -44.09
C ALA C 887 -1.60 17.77 -44.90
N GLY C 888 -1.61 16.85 -45.87
CA GLY C 888 -2.77 16.68 -46.77
C GLY C 888 -2.80 15.32 -47.48
N ALA C 889 -2.89 15.29 -48.80
CA ALA C 889 -2.63 14.12 -49.63
C ALA C 889 -1.12 13.96 -49.85
N ALA C 890 -0.60 12.74 -50.10
CA ALA C 890 0.81 12.61 -50.54
C ALA C 890 1.01 13.26 -51.90
N LEU C 891 1.97 14.18 -52.02
CA LEU C 891 2.32 14.80 -53.28
C LEU C 891 3.73 14.37 -53.69
N GLN C 892 3.89 13.69 -54.83
CA GLN C 892 5.22 13.22 -55.19
C GLN C 892 6.16 14.40 -55.50
N ILE C 893 7.43 14.25 -55.19
CA ILE C 893 8.51 15.17 -55.55
C ILE C 893 9.80 14.38 -55.68
N PRO C 894 10.72 14.65 -56.63
CA PRO C 894 11.92 13.87 -56.79
C PRO C 894 12.80 13.93 -55.55
N PHE C 895 13.37 12.82 -55.10
CA PHE C 895 14.05 12.81 -53.80
C PHE C 895 15.14 13.85 -53.67
N ALA C 896 15.96 14.07 -54.67
CA ALA C 896 17.01 15.07 -54.67
C ALA C 896 16.51 16.50 -54.53
N MET C 897 15.28 16.79 -54.93
CA MET C 897 14.60 18.07 -54.71
C MET C 897 13.96 18.18 -53.35
N GLN C 898 13.44 17.08 -52.83
CA GLN C 898 12.96 17.03 -51.46
C GLN C 898 14.11 17.30 -50.49
N MET C 899 15.25 16.66 -50.69
CA MET C 899 16.44 16.89 -49.87
C MET C 899 16.96 18.30 -50.05
N ALA C 900 16.86 18.87 -51.24
CA ALA C 900 17.15 20.28 -51.48
C ALA C 900 16.20 21.27 -50.76
N TYR C 901 14.93 20.90 -50.63
CA TYR C 901 13.97 21.72 -49.91
C TYR C 901 14.35 21.68 -48.43
N ARG C 902 14.94 20.56 -48.00
CA ARG C 902 15.38 20.38 -46.62
C ARG C 902 16.54 21.34 -46.35
N PHE C 903 17.59 21.21 -47.18
CA PHE C 903 18.76 22.08 -47.14
C PHE C 903 18.36 23.54 -47.03
N ASN C 904 17.42 24.04 -47.84
CA ASN C 904 16.87 25.39 -47.63
C ASN C 904 16.32 25.56 -46.21
N GLY C 905 15.63 24.56 -45.68
CA GLY C 905 15.06 24.62 -44.34
C GLY C 905 16.07 24.84 -43.22
N ILE C 906 17.27 24.27 -43.28
CA ILE C 906 18.35 24.49 -42.32
C ILE C 906 19.17 25.73 -42.65
N GLY C 907 18.82 26.49 -43.69
CA GLY C 907 19.52 27.73 -44.05
C GLY C 907 20.82 27.47 -44.78
N VAL C 908 20.92 26.38 -45.56
CA VAL C 908 21.99 26.13 -46.49
C VAL C 908 21.38 26.13 -47.87
N THR C 909 21.72 27.09 -48.72
CA THR C 909 20.97 27.29 -49.94
C THR C 909 21.06 26.07 -50.85
N GLN C 910 19.96 25.71 -51.49
CA GLN C 910 19.79 24.45 -52.20
C GLN C 910 20.82 24.16 -53.30
N ASN C 911 21.52 25.16 -53.84
CA ASN C 911 22.60 24.88 -54.80
C ASN C 911 23.73 24.05 -54.17
N VAL C 912 23.94 24.15 -52.86
CA VAL C 912 24.89 23.33 -52.12
C VAL C 912 24.53 21.85 -52.18
N LEU C 913 23.26 21.48 -52.25
CA LEU C 913 22.93 20.09 -52.45
C LEU C 913 23.26 19.62 -53.86
N TYR C 914 22.71 20.25 -54.90
CA TYR C 914 22.86 19.79 -56.29
C TYR C 914 24.31 19.74 -56.72
N GLU C 915 25.13 20.71 -56.30
CA GLU C 915 26.58 20.68 -56.53
C GLU C 915 27.33 19.59 -55.77
N ASN C 916 26.70 18.85 -54.86
CA ASN C 916 27.32 17.82 -54.02
C ASN C 916 26.50 16.54 -53.95
N GLN C 917 25.46 16.36 -54.78
CA GLN C 917 24.47 15.32 -54.57
C GLN C 917 25.09 13.94 -54.47
N LYS C 918 26.04 13.63 -55.35
CA LYS C 918 26.69 12.32 -55.36
C LYS C 918 27.59 12.07 -54.14
N LEU C 919 28.16 13.10 -53.53
CA LEU C 919 28.82 13.07 -52.24
C LEU C 919 27.82 12.90 -51.12
N ILE C 920 26.72 13.66 -51.10
CA ILE C 920 25.72 13.59 -50.05
C ILE C 920 25.10 12.21 -50.02
N ALA C 921 24.77 11.61 -51.16
CA ALA C 921 24.29 10.26 -51.25
C ALA C 921 25.29 9.24 -50.69
N ASN C 922 26.57 9.33 -51.08
CA ASN C 922 27.59 8.46 -50.51
C ASN C 922 27.75 8.58 -49.00
N GLN C 923 27.67 9.81 -48.48
CA GLN C 923 27.73 10.06 -47.05
C GLN C 923 26.56 9.40 -46.31
N PHE C 924 25.32 9.56 -46.81
CA PHE C 924 24.14 8.93 -46.24
C PHE C 924 24.22 7.40 -46.37
N ASN C 925 24.62 6.86 -47.53
CA ASN C 925 24.67 5.42 -47.77
C ASN C 925 25.70 4.75 -46.85
N SER C 926 26.83 5.41 -46.60
CA SER C 926 27.83 5.01 -45.62
C SER C 926 27.25 5.09 -44.20
N ALA C 927 26.52 6.16 -43.85
CA ALA C 927 26.04 6.30 -42.48
C ALA C 927 25.00 5.24 -42.16
N ILE C 928 24.09 4.93 -43.08
CA ILE C 928 23.17 3.80 -42.95
C ILE C 928 23.89 2.46 -42.80
N GLY C 929 25.01 2.25 -43.49
CA GLY C 929 25.85 1.05 -43.33
C GLY C 929 26.42 0.92 -41.93
N LYS C 930 26.85 2.02 -41.29
CA LYS C 930 27.39 2.01 -39.93
C LYS C 930 26.33 1.58 -38.92
N ILE C 931 25.04 1.86 -39.13
CA ILE C 931 23.96 1.48 -38.21
C ILE C 931 23.79 -0.04 -38.25
N GLN C 932 23.79 -0.67 -39.43
CA GLN C 932 23.65 -2.13 -39.52
C GLN C 932 24.74 -2.83 -38.74
N ASP C 933 25.97 -2.40 -38.92
CA ASP C 933 27.13 -2.96 -38.21
C ASP C 933 27.04 -2.70 -36.71
N SER C 934 26.66 -1.48 -36.28
CA SER C 934 26.53 -1.14 -34.85
C SER C 934 25.51 -2.03 -34.17
N LEU C 935 24.32 -2.18 -34.76
CA LEU C 935 23.25 -3.01 -34.22
C LEU C 935 23.52 -4.53 -34.28
N SER C 936 24.32 -4.96 -35.25
CA SER C 936 24.87 -6.31 -35.29
C SER C 936 26.00 -6.57 -34.28
N SER C 937 26.72 -5.55 -33.84
CA SER C 937 27.90 -5.63 -32.97
C SER C 937 27.64 -5.56 -31.46
N THR C 938 26.63 -4.80 -31.02
CA THR C 938 26.32 -4.69 -29.54
C THR C 938 24.83 -4.85 -29.27
N ALA C 939 24.47 -5.43 -28.14
CA ALA C 939 23.12 -5.50 -27.58
C ALA C 939 22.76 -4.31 -26.66
N SER C 940 23.77 -3.71 -25.99
CA SER C 940 23.57 -2.76 -24.88
C SER C 940 22.87 -1.47 -25.32
N ALA C 941 22.92 -1.13 -26.62
CA ALA C 941 22.27 0.03 -27.18
C ALA C 941 20.72 -0.07 -27.08
N LEU C 942 20.11 -1.27 -27.17
CA LEU C 942 18.65 -1.47 -27.00
C LEU C 942 18.23 -1.63 -25.53
N GLY C 943 19.09 -1.28 -24.56
CA GLY C 943 18.81 -1.40 -23.15
C GLY C 943 17.48 -0.80 -22.75
N LYS C 944 17.11 0.35 -23.32
CA LYS C 944 15.82 1.02 -22.99
C LYS C 944 14.60 0.16 -23.25
N LEU C 945 14.59 -0.72 -24.26
CA LEU C 945 13.52 -1.68 -24.55
C LEU C 945 13.68 -2.94 -23.70
N GLN C 946 14.89 -3.52 -23.60
CA GLN C 946 15.09 -4.75 -22.85
C GLN C 946 14.76 -4.55 -21.36
N ASP C 947 15.12 -3.40 -20.79
CA ASP C 947 14.82 -3.03 -19.42
C ASP C 947 13.32 -3.05 -19.11
N VAL C 948 12.47 -2.79 -20.09
CA VAL C 948 10.99 -2.81 -19.92
C VAL C 948 10.49 -4.25 -19.83
N VAL C 949 10.97 -5.12 -20.71
CA VAL C 949 10.69 -6.54 -20.65
C VAL C 949 11.19 -7.15 -19.34
N ASN C 950 12.41 -6.80 -18.94
CA ASN C 950 13.01 -7.24 -17.71
C ASN C 950 12.24 -6.79 -16.48
N HIS C 951 11.76 -5.55 -16.40
CA HIS C 951 10.99 -5.09 -15.26
C HIS C 951 9.58 -5.70 -15.20
N ASN C 952 8.93 -6.02 -16.32
CA ASN C 952 7.72 -6.80 -16.33
C ASN C 952 7.94 -8.24 -15.86
N ALA C 953 8.95 -8.91 -16.39
CA ALA C 953 9.28 -10.27 -16.00
C ALA C 953 9.71 -10.33 -14.52
N GLN C 954 10.51 -9.40 -14.01
CA GLN C 954 10.91 -9.31 -12.62
C GLN C 954 9.71 -9.13 -11.70
N ALA C 955 8.74 -8.33 -12.09
CA ALA C 955 7.52 -8.17 -11.31
C ALA C 955 6.65 -9.43 -11.25
N LEU C 956 6.41 -10.16 -12.34
CA LEU C 956 5.63 -11.40 -12.28
C LEU C 956 6.43 -12.52 -11.59
N ASN C 957 7.76 -12.55 -11.67
CA ASN C 957 8.57 -13.48 -10.91
C ASN C 957 8.49 -13.15 -9.41
N THR C 958 8.59 -11.88 -9.02
CA THR C 958 8.45 -11.52 -7.61
C THR C 958 7.06 -11.85 -7.07
N LEU C 959 6.01 -11.55 -7.84
CA LEU C 959 4.64 -11.83 -7.45
C LEU C 959 4.32 -13.32 -7.29
N VAL C 960 4.91 -14.21 -8.09
CA VAL C 960 4.74 -15.66 -7.89
C VAL C 960 5.61 -16.20 -6.76
N LYS C 961 6.81 -15.64 -6.51
CA LYS C 961 7.61 -16.00 -5.31
C LYS C 961 6.89 -15.62 -4.01
N GLN C 962 6.16 -14.52 -3.96
CA GLN C 962 5.36 -14.12 -2.81
C GLN C 962 4.27 -15.12 -2.35
N LEU C 963 3.98 -16.17 -3.11
CA LEU C 963 3.14 -17.29 -2.67
C LEU C 963 3.85 -18.21 -1.68
N SER C 964 5.19 -18.15 -1.66
CA SER C 964 5.99 -19.05 -0.83
C SER C 964 6.19 -18.50 0.59
N SER C 965 5.97 -17.21 0.83
CA SER C 965 5.97 -16.54 2.12
C SER C 965 4.84 -17.08 3.00
N LYS C 966 5.00 -16.93 4.32
CA LYS C 966 4.04 -17.45 5.32
C LYS C 966 3.23 -16.37 6.03
N PHE C 967 3.67 -15.11 6.12
CA PHE C 967 2.95 -14.02 6.78
C PHE C 967 2.57 -14.32 8.25
N GLY C 968 3.31 -15.19 8.91
CA GLY C 968 3.00 -15.62 10.27
C GLY C 968 2.01 -16.77 10.39
N ALA C 969 1.43 -17.26 9.31
CA ALA C 969 0.65 -18.51 9.28
C ALA C 969 1.55 -19.77 9.48
N ILE C 970 0.94 -20.90 9.83
CA ILE C 970 1.62 -22.18 10.06
C ILE C 970 2.27 -22.76 8.79
N SER C 971 1.82 -22.38 7.61
CA SER C 971 2.32 -22.87 6.31
C SER C 971 2.08 -21.83 5.22
N SER C 972 2.80 -21.89 4.11
CA SER C 972 2.52 -21.11 2.92
C SER C 972 1.56 -21.80 1.96
N VAL C 973 1.10 -23.03 2.21
CA VAL C 973 0.27 -23.78 1.25
C VAL C 973 -1.11 -24.10 1.82
N LEU C 974 -2.18 -23.61 1.20
CA LEU C 974 -3.55 -23.80 1.65
C LEU C 974 -4.01 -25.26 1.75
N ASN C 975 -3.58 -26.13 0.84
CA ASN C 975 -3.85 -27.54 0.94
C ASN C 975 -3.33 -28.09 2.25
N ASP C 976 -2.19 -27.66 2.78
CA ASP C 976 -1.72 -28.18 4.07
C ASP C 976 -2.64 -27.67 5.19
N ILE C 977 -2.97 -26.38 5.22
CA ILE C 977 -3.83 -25.77 6.25
C ILE C 977 -5.21 -26.42 6.28
N LEU C 978 -5.79 -26.76 5.13
CA LEU C 978 -7.09 -27.41 5.05
C LEU C 978 -7.02 -28.92 5.30
N SER C 979 -5.90 -29.56 5.03
CA SER C 979 -5.70 -30.98 5.37
C SER C 979 -5.39 -31.18 6.85
N ARG C 980 -4.66 -30.24 7.44
CA ARG C 980 -4.23 -30.34 8.83
C ARG C 980 -5.07 -29.70 9.94
N LEU C 981 -6.03 -28.84 9.62
CA LEU C 981 -6.86 -28.22 10.64
C LEU C 981 -8.38 -28.50 10.51
N ASP C 982 -9.20 -27.77 11.24
CA ASP C 982 -10.65 -27.66 11.05
C ASP C 982 -11.09 -26.19 11.10
N LYS C 983 -12.25 -25.91 10.53
CA LYS C 983 -12.70 -24.56 10.17
C LYS C 983 -12.45 -23.48 11.21
N VAL C 984 -12.65 -23.74 12.51
CA VAL C 984 -12.67 -22.68 13.52
C VAL C 984 -11.29 -22.03 13.71
N GLU C 985 -10.18 -22.79 13.58
CA GLU C 985 -8.84 -22.19 13.56
C GLU C 985 -8.17 -22.21 12.18
N ALA C 986 -8.60 -23.03 11.23
CA ALA C 986 -8.11 -22.94 9.86
C ALA C 986 -8.37 -21.54 9.30
N GLU C 987 -9.55 -20.97 9.52
CA GLU C 987 -9.88 -19.61 9.05
C GLU C 987 -9.00 -18.49 9.64
N VAL C 988 -8.32 -18.73 10.76
CA VAL C 988 -7.36 -17.81 11.37
C VAL C 988 -6.01 -17.85 10.66
N GLN C 989 -5.61 -19.00 10.14
CA GLN C 989 -4.41 -19.09 9.28
C GLN C 989 -4.72 -18.53 7.89
N ILE C 990 -5.88 -18.88 7.30
CA ILE C 990 -6.25 -18.38 5.99
C ILE C 990 -6.37 -16.85 5.96
N ASP C 991 -6.82 -16.18 7.02
CA ASP C 991 -6.92 -14.71 7.07
C ASP C 991 -5.54 -14.05 6.89
N ARG C 992 -4.50 -14.66 7.47
CA ARG C 992 -3.14 -14.16 7.34
C ARG C 992 -2.69 -14.27 5.88
N LEU C 993 -2.81 -15.45 5.28
CA LEU C 993 -2.42 -15.63 3.89
C LEU C 993 -3.22 -14.79 2.90
N ILE C 994 -4.54 -14.64 3.04
CA ILE C 994 -5.31 -13.70 2.24
C ILE C 994 -4.80 -12.28 2.46
N THR C 995 -4.60 -11.83 3.70
CA THR C 995 -4.16 -10.46 3.95
C THR C 995 -2.78 -10.16 3.37
N GLY C 996 -1.89 -11.15 3.39
CA GLY C 996 -0.53 -11.03 2.84
C GLY C 996 -0.55 -11.03 1.31
N ARG C 997 -1.24 -12.02 0.75
CA ARG C 997 -1.34 -12.15 -0.71
C ARG C 997 -2.04 -10.94 -1.33
N LEU C 998 -3.10 -10.46 -0.68
CA LEU C 998 -3.85 -9.32 -1.18
C LEU C 998 -2.98 -8.06 -1.13
N GLN C 999 -2.19 -7.85 -0.06
CA GLN C 999 -1.16 -6.82 -0.03
C GLN C 999 -0.09 -7.01 -1.11
N SER C 1000 0.24 -8.26 -1.44
CA SER C 1000 1.18 -8.56 -2.53
C SER C 1000 0.66 -8.17 -3.90
N LEU C 1001 -0.66 -8.16 -4.11
CA LEU C 1001 -1.27 -7.57 -5.31
C LEU C 1001 -1.37 -6.06 -5.25
N GLN C 1002 -1.80 -5.45 -4.13
CA GLN C 1002 -1.89 -3.99 -4.00
C GLN C 1002 -0.55 -3.33 -4.35
N THR C 1003 0.57 -3.94 -3.93
CA THR C 1003 1.89 -3.51 -4.31
C THR C 1003 2.15 -3.69 -5.81
N TYR C 1004 1.89 -4.87 -6.38
CA TYR C 1004 2.15 -5.09 -7.81
C TYR C 1004 1.40 -4.10 -8.71
N VAL C 1005 0.11 -3.90 -8.44
CA VAL C 1005 -0.72 -3.00 -9.20
C VAL C 1005 -0.27 -1.56 -9.03
N THR C 1006 0.20 -1.16 -7.86
CA THR C 1006 0.83 0.16 -7.68
C THR C 1006 2.12 0.31 -8.47
N GLN C 1007 3.00 -0.68 -8.48
CA GLN C 1007 4.18 -0.62 -9.33
C GLN C 1007 3.81 -0.56 -10.83
N GLN C 1008 2.80 -1.31 -11.26
CA GLN C 1008 2.40 -1.30 -12.67
C GLN C 1008 1.75 0.00 -13.11
N LEU C 1009 0.94 0.62 -12.25
CA LEU C 1009 0.32 1.92 -12.53
C LEU C 1009 1.38 3.01 -12.69
N ILE C 1010 2.42 2.95 -11.86
CA ILE C 1010 3.51 3.92 -11.87
C ILE C 1010 4.41 3.68 -13.09
N ARG C 1011 4.55 2.42 -13.49
CA ARG C 1011 5.30 2.07 -14.69
C ARG C 1011 4.48 2.48 -15.94
N ALA C 1012 3.17 2.23 -15.91
CA ALA C 1012 2.30 2.57 -17.01
C ALA C 1012 2.36 4.08 -17.31
N ALA C 1013 2.38 4.94 -16.28
CA ALA C 1013 2.47 6.39 -16.45
C ALA C 1013 3.84 6.79 -17.02
N GLU C 1014 4.93 6.15 -16.60
CA GLU C 1014 6.29 6.36 -17.11
C GLU C 1014 6.48 5.95 -18.56
N ILE C 1015 5.80 4.88 -18.97
CA ILE C 1015 5.75 4.44 -20.38
C ILE C 1015 4.89 5.36 -21.23
N ARG C 1016 3.77 5.84 -20.71
CA ARG C 1016 2.94 6.73 -21.49
C ARG C 1016 3.71 7.98 -21.77
N ALA C 1017 4.32 8.54 -20.76
CA ALA C 1017 5.12 9.76 -20.93
C ALA C 1017 6.23 9.59 -22.02
N SER C 1018 6.64 8.34 -22.31
CA SER C 1018 7.49 7.96 -23.41
C SER C 1018 6.72 7.75 -24.72
N ALA C 1019 5.55 7.13 -24.73
CA ALA C 1019 4.76 6.97 -25.95
C ALA C 1019 4.23 8.29 -26.49
N ASN C 1020 3.85 9.23 -25.65
CA ASN C 1020 3.52 10.58 -26.06
C ASN C 1020 4.77 11.31 -26.60
N LEU C 1021 5.96 11.11 -26.04
CA LEU C 1021 7.17 11.68 -26.64
C LEU C 1021 7.45 11.06 -28.01
N ALA C 1022 7.31 9.74 -28.14
CA ALA C 1022 7.52 9.02 -29.39
C ALA C 1022 6.54 9.39 -30.48
N ALA C 1023 5.29 9.59 -30.16
CA ALA C 1023 4.29 10.14 -31.08
C ALA C 1023 4.64 11.58 -31.49
N THR C 1024 5.19 12.39 -30.57
CA THR C 1024 5.56 13.78 -30.84
C THR C 1024 6.75 13.83 -31.76
N LYS C 1025 7.71 12.92 -31.57
CA LYS C 1025 8.82 12.77 -32.54
C LYS C 1025 8.34 12.19 -33.85
N MET C 1026 7.37 11.30 -33.85
CA MET C 1026 6.80 10.79 -35.11
C MET C 1026 6.21 11.93 -35.93
N SER C 1027 5.38 12.79 -35.33
CA SER C 1027 4.82 13.93 -36.05
C SER C 1027 5.89 14.94 -36.45
N GLU C 1028 6.79 15.33 -35.54
CA GLU C 1028 7.65 16.49 -35.77
C GLU C 1028 8.99 16.13 -36.41
N CYS C 1029 9.42 14.87 -36.38
CA CYS C 1029 10.63 14.41 -37.05
C CYS C 1029 10.38 13.58 -38.31
N VAL C 1030 9.36 12.73 -38.37
CA VAL C 1030 9.14 11.90 -39.57
C VAL C 1030 8.23 12.62 -40.57
N LEU C 1031 7.09 13.12 -40.11
CA LEU C 1031 6.09 13.83 -40.97
C LEU C 1031 6.47 15.27 -41.33
N GLY C 1032 7.62 15.75 -40.84
CA GLY C 1032 8.05 17.14 -40.98
C GLY C 1032 9.55 17.35 -41.04
N GLN C 1033 10.02 18.53 -40.66
CA GLN C 1033 11.43 18.87 -40.40
C GLN C 1033 11.44 19.76 -39.20
N SER C 1034 12.38 19.57 -38.28
CA SER C 1034 12.33 20.23 -37.00
C SER C 1034 13.33 21.36 -36.83
N LYS C 1035 12.87 22.52 -36.37
CA LYS C 1035 13.75 23.61 -35.90
C LYS C 1035 14.21 23.43 -34.47
N ARG C 1036 13.58 22.50 -33.74
CA ARG C 1036 13.92 22.27 -32.34
C ARG C 1036 15.35 21.77 -32.25
N VAL C 1037 16.19 22.47 -31.50
CA VAL C 1037 17.58 22.01 -31.41
C VAL C 1037 17.68 20.73 -30.59
N ASP C 1038 18.49 19.78 -31.02
CA ASP C 1038 18.67 18.43 -30.45
C ASP C 1038 17.41 17.59 -30.23
N PHE C 1039 16.24 17.98 -30.74
CA PHE C 1039 15.03 17.18 -30.65
C PHE C 1039 15.08 15.98 -31.60
N CYS C 1040 15.25 16.21 -32.90
CA CYS C 1040 15.32 15.15 -33.91
C CYS C 1040 16.78 14.79 -34.27
N GLY C 1041 17.47 14.06 -33.38
CA GLY C 1041 18.89 13.75 -33.48
C GLY C 1041 19.77 14.98 -33.18
N LYS C 1042 21.10 14.83 -33.32
CA LYS C 1042 22.16 15.86 -33.05
C LYS C 1042 22.65 16.45 -34.36
N GLY C 1043 22.71 17.77 -34.48
CA GLY C 1043 22.96 18.50 -35.71
C GLY C 1043 21.76 19.33 -36.15
N TYR C 1044 21.79 19.85 -37.37
CA TYR C 1044 20.64 20.49 -38.01
C TYR C 1044 19.80 19.42 -38.68
N HIS C 1045 18.53 19.28 -38.28
CA HIS C 1045 17.72 18.14 -38.75
C HIS C 1045 17.39 18.22 -40.25
N LEU C 1046 17.60 17.14 -40.99
CA LEU C 1046 17.13 17.04 -42.35
C LEU C 1046 15.82 16.27 -42.42
N MET C 1047 15.81 15.03 -41.94
CA MET C 1047 14.65 14.14 -41.94
C MET C 1047 14.87 12.93 -41.04
N SER C 1048 13.86 12.12 -40.71
CA SER C 1048 14.03 10.91 -39.88
C SER C 1048 13.19 9.77 -40.41
N PHE C 1049 13.67 8.54 -40.21
CA PHE C 1049 12.96 7.31 -40.58
C PHE C 1049 12.60 6.47 -39.36
N PRO C 1050 11.34 6.08 -39.18
CA PRO C 1050 10.92 5.25 -38.07
C PRO C 1050 11.20 3.79 -38.40
N GLN C 1051 11.53 2.99 -37.41
CA GLN C 1051 11.65 1.52 -37.50
C GLN C 1051 10.96 0.94 -36.26
N SER C 1052 10.22 -0.15 -36.41
CA SER C 1052 9.58 -0.77 -35.26
C SER C 1052 10.55 -1.64 -34.47
N ALA C 1053 10.36 -1.73 -33.16
CA ALA C 1053 11.11 -2.66 -32.32
C ALA C 1053 10.12 -3.29 -31.34
N PRO C 1054 10.42 -4.44 -30.71
CA PRO C 1054 9.55 -5.02 -29.72
C PRO C 1054 9.21 -4.00 -28.61
N HIS C 1055 7.92 -3.70 -28.42
CA HIS C 1055 7.43 -2.72 -27.44
C HIS C 1055 7.97 -1.30 -27.62
N GLY C 1056 8.49 -0.94 -28.79
CA GLY C 1056 9.10 0.37 -28.96
C GLY C 1056 9.26 0.80 -30.41
N VAL C 1057 9.89 1.95 -30.56
CA VAL C 1057 10.25 2.56 -31.85
C VAL C 1057 11.68 3.04 -31.84
N VAL C 1058 12.37 2.88 -32.97
CA VAL C 1058 13.72 3.39 -33.24
C VAL C 1058 13.61 4.42 -34.33
N PHE C 1059 14.05 5.65 -34.10
CA PHE C 1059 14.12 6.67 -35.12
C PHE C 1059 15.56 6.74 -35.64
N LEU C 1060 15.76 6.69 -36.96
CA LEU C 1060 17.01 6.98 -37.65
C LEU C 1060 16.97 8.46 -38.03
N HIS C 1061 17.42 9.32 -37.13
CA HIS C 1061 17.45 10.77 -37.41
C HIS C 1061 18.63 11.10 -38.29
N VAL C 1062 18.38 11.77 -39.42
CA VAL C 1062 19.39 12.22 -40.40
C VAL C 1062 19.62 13.71 -40.22
N THR C 1063 20.88 14.11 -40.09
CA THR C 1063 21.21 15.52 -39.79
C THR C 1063 22.44 16.00 -40.54
N TYR C 1064 22.45 17.27 -40.83
CA TYR C 1064 23.58 17.99 -41.43
C TYR C 1064 24.45 18.54 -40.31
N VAL C 1065 25.67 18.05 -40.20
CA VAL C 1065 26.68 18.50 -39.23
C VAL C 1065 27.77 19.28 -39.94
N PRO C 1066 28.04 20.55 -39.60
CA PRO C 1066 29.07 21.32 -40.28
C PRO C 1066 30.48 20.77 -40.03
N ALA C 1067 31.39 20.89 -40.98
CA ALA C 1067 32.73 20.31 -40.89
C ALA C 1067 33.79 21.18 -41.59
N GLN C 1068 35.05 20.97 -41.24
CA GLN C 1068 36.20 21.65 -41.83
C GLN C 1068 36.07 23.18 -41.90
N GLU C 1069 35.88 23.84 -40.76
CA GLU C 1069 35.86 25.28 -40.69
C GLU C 1069 37.22 25.95 -40.95
N LYS C 1070 37.13 27.18 -41.47
CA LYS C 1070 38.23 28.11 -41.63
C LYS C 1070 37.94 29.34 -40.80
N ASN C 1071 38.97 29.98 -40.27
CA ASN C 1071 38.84 31.31 -39.76
C ASN C 1071 38.75 32.33 -40.90
N PHE C 1072 37.96 33.36 -40.67
CA PHE C 1072 37.87 34.55 -41.51
C PHE C 1072 37.83 35.80 -40.62
N THR C 1073 38.36 36.92 -41.10
CA THR C 1073 38.03 38.23 -40.52
C THR C 1073 36.61 38.59 -40.96
N THR C 1074 35.88 39.37 -40.16
CA THR C 1074 34.50 39.76 -40.41
C THR C 1074 34.24 41.20 -39.96
N ALA C 1075 33.12 41.78 -40.41
CA ALA C 1075 32.66 43.09 -39.99
C ALA C 1075 31.12 43.12 -40.06
N PRO C 1076 30.46 43.99 -39.29
CA PRO C 1076 29.00 44.01 -39.26
C PRO C 1076 28.38 44.66 -40.49
N ALA C 1077 29.11 45.55 -41.15
CA ALA C 1077 28.64 46.36 -42.26
C ALA C 1077 29.78 46.83 -43.14
N ILE C 1078 29.51 47.16 -44.39
CA ILE C 1078 30.42 47.77 -45.32
C ILE C 1078 30.01 49.22 -45.54
N CYS C 1079 30.92 50.15 -45.29
CA CYS C 1079 30.75 51.54 -45.72
C CYS C 1079 31.27 51.68 -47.14
N HIS C 1080 30.43 52.12 -48.09
CA HIS C 1080 30.86 52.29 -49.49
C HIS C 1080 31.00 53.76 -49.85
N ASP C 1081 29.94 54.55 -49.70
CA ASP C 1081 29.83 55.89 -50.24
C ASP C 1081 29.13 56.80 -49.24
N GLY C 1082 29.60 56.81 -47.99
CA GLY C 1082 28.92 57.47 -46.84
C GLY C 1082 27.66 56.75 -46.35
N LYS C 1083 27.44 55.52 -46.84
CA LYS C 1083 26.25 54.68 -46.58
C LYS C 1083 26.67 53.30 -46.08
N ALA C 1084 25.98 52.77 -45.07
CA ALA C 1084 26.31 51.49 -44.47
C ALA C 1084 25.51 50.33 -45.04
N HIS C 1085 26.16 49.27 -45.49
CA HIS C 1085 25.52 48.15 -46.15
C HIS C 1085 25.56 46.88 -45.28
N PHE C 1086 24.45 46.15 -45.18
CA PHE C 1086 24.34 44.92 -44.40
C PHE C 1086 23.99 43.76 -45.34
N PRO C 1087 24.38 42.50 -45.06
CA PRO C 1087 24.01 41.35 -45.90
C PRO C 1087 22.48 41.11 -45.90
N ARG C 1088 21.89 40.68 -47.03
CA ARG C 1088 20.47 40.21 -47.01
C ARG C 1088 20.38 38.84 -46.34
N GLU C 1089 21.14 37.88 -46.84
CA GLU C 1089 21.34 36.58 -46.20
C GLU C 1089 22.86 36.40 -46.05
N GLY C 1090 23.32 35.71 -45.02
CA GLY C 1090 24.75 35.51 -44.85
C GLY C 1090 25.44 36.63 -44.09
N VAL C 1091 26.77 36.66 -44.19
CA VAL C 1091 27.67 37.40 -43.32
C VAL C 1091 28.85 37.88 -44.13
N PHE C 1092 29.41 39.05 -43.79
CA PHE C 1092 30.60 39.50 -44.49
C PHE C 1092 31.84 38.76 -44.01
N VAL C 1093 32.76 38.45 -44.92
CA VAL C 1093 34.04 37.83 -44.59
C VAL C 1093 35.18 38.37 -45.43
N SER C 1094 36.38 38.29 -44.90
CA SER C 1094 37.60 38.66 -45.59
C SER C 1094 38.58 37.53 -45.43
N ASN C 1095 39.27 37.17 -46.49
CA ASN C 1095 40.45 36.31 -46.48
C ASN C 1095 41.73 37.07 -46.04
N GLY C 1096 41.62 38.37 -45.76
CA GLY C 1096 42.72 39.23 -45.33
C GLY C 1096 43.09 40.33 -46.31
N THR C 1097 42.62 40.24 -47.57
CA THR C 1097 42.84 41.28 -48.60
C THR C 1097 41.52 41.70 -49.26
N HIS C 1098 40.61 40.76 -49.56
CA HIS C 1098 39.35 41.03 -50.25
C HIS C 1098 38.20 40.93 -49.27
N TRP C 1099 37.01 41.36 -49.66
CA TRP C 1099 35.80 41.19 -48.87
C TRP C 1099 34.72 40.50 -49.71
N PHE C 1100 33.95 39.64 -49.10
CA PHE C 1100 32.84 38.88 -49.66
C PHE C 1100 31.63 38.80 -48.78
N VAL C 1101 30.48 38.41 -49.33
CA VAL C 1101 29.36 37.86 -48.55
C VAL C 1101 29.32 36.35 -48.72
N THR C 1102 29.08 35.61 -47.64
CA THR C 1102 28.91 34.16 -47.64
C THR C 1102 27.70 33.79 -46.84
N GLN C 1103 27.06 32.68 -47.19
CA GLN C 1103 25.97 32.21 -46.38
C GLN C 1103 26.55 31.76 -45.07
N ARG C 1104 25.79 31.94 -44.03
CA ARG C 1104 26.27 31.68 -42.69
C ARG C 1104 26.69 30.25 -42.36
N ASN C 1105 25.94 29.25 -42.80
CA ASN C 1105 26.24 27.86 -42.46
C ASN C 1105 27.18 27.10 -43.37
N PHE C 1106 27.63 27.71 -44.44
CA PHE C 1106 28.49 27.05 -45.41
C PHE C 1106 29.32 28.10 -46.17
N TYR C 1107 30.64 27.97 -46.20
CA TYR C 1107 31.49 28.91 -46.91
C TYR C 1107 31.30 28.84 -48.42
N GLU C 1108 30.75 29.91 -49.01
CA GLU C 1108 30.49 30.04 -50.46
C GLU C 1108 30.56 31.53 -50.84
N PRO C 1109 31.77 32.11 -50.98
CA PRO C 1109 31.93 33.55 -51.02
C PRO C 1109 31.47 34.14 -52.37
N GLN C 1110 30.92 35.34 -52.33
CA GLN C 1110 30.49 36.14 -53.46
C GLN C 1110 30.93 37.60 -53.36
N ILE C 1111 31.04 38.31 -54.48
CA ILE C 1111 31.34 39.71 -54.50
C ILE C 1111 30.29 40.51 -53.76
N ILE C 1112 30.65 41.58 -53.11
CA ILE C 1112 29.69 42.41 -52.37
C ILE C 1112 29.00 43.32 -53.39
N THR C 1113 27.90 42.83 -53.93
CA THR C 1113 27.04 43.57 -54.87
C THR C 1113 25.89 44.29 -54.12
N THR C 1114 25.27 45.23 -54.83
CA THR C 1114 24.02 45.88 -54.38
C THR C 1114 22.83 44.92 -54.42
N ASP C 1115 22.98 43.68 -54.92
CA ASP C 1115 21.97 42.61 -54.78
C ASP C 1115 22.13 41.83 -53.47
N ASN C 1116 23.38 41.55 -53.05
CA ASN C 1116 23.71 40.76 -51.87
C ASN C 1116 23.41 41.51 -50.55
N THR C 1117 23.30 42.83 -50.60
CA THR C 1117 23.29 43.71 -49.44
C THR C 1117 22.14 44.70 -49.51
N PHE C 1118 21.74 45.25 -48.37
CA PHE C 1118 20.80 46.36 -48.22
C PHE C 1118 21.37 47.50 -47.43
N VAL C 1119 20.95 48.73 -47.70
CA VAL C 1119 21.51 49.94 -47.09
C VAL C 1119 20.71 50.32 -45.85
N SER C 1120 21.35 50.85 -44.81
CA SER C 1120 20.71 51.74 -43.84
C SER C 1120 21.66 52.75 -43.22
N GLY C 1121 21.18 53.97 -42.96
CA GLY C 1121 21.96 54.98 -42.24
C GLY C 1121 23.27 55.36 -42.95
N ASN C 1122 24.24 55.74 -42.15
CA ASN C 1122 25.54 56.26 -42.57
C ASN C 1122 26.69 55.74 -41.69
N CYS C 1123 27.94 55.86 -42.12
CA CYS C 1123 29.05 55.07 -41.55
C CYS C 1123 29.49 55.42 -40.10
N ASP C 1124 28.87 56.43 -39.47
CA ASP C 1124 29.23 56.91 -38.15
C ASP C 1124 28.41 56.30 -37.00
N VAL C 1125 27.30 55.62 -37.27
CA VAL C 1125 26.46 55.00 -36.22
C VAL C 1125 26.83 53.57 -35.85
N VAL C 1126 27.34 52.75 -36.78
CA VAL C 1126 27.74 51.36 -36.58
C VAL C 1126 29.11 51.31 -35.93
N ILE C 1127 29.35 50.35 -35.03
CA ILE C 1127 30.63 50.10 -34.37
C ILE C 1127 31.39 49.00 -35.13
N GLY C 1128 32.66 49.23 -35.48
CA GLY C 1128 33.50 48.27 -36.19
C GLY C 1128 33.18 48.08 -37.69
N ILE C 1129 32.44 48.98 -38.33
CA ILE C 1129 32.18 48.99 -39.78
C ILE C 1129 33.48 49.22 -40.57
N VAL C 1130 33.63 48.59 -41.73
CA VAL C 1130 34.85 48.68 -42.55
C VAL C 1130 34.57 49.20 -43.94
N ASN C 1131 35.53 49.85 -44.57
CA ASN C 1131 35.36 50.33 -45.93
C ASN C 1131 35.63 49.24 -46.94
N ASN C 1132 34.88 49.24 -48.03
CA ASN C 1132 35.10 48.41 -49.21
C ASN C 1132 34.33 48.97 -50.39
N THR C 1133 34.66 48.57 -51.60
CA THR C 1133 33.78 48.80 -52.75
C THR C 1133 32.48 48.03 -52.56
N VAL C 1134 31.36 48.51 -53.09
CA VAL C 1134 30.16 47.70 -53.31
C VAL C 1134 29.80 47.80 -54.78
N TYR C 1135 29.78 46.67 -55.47
CA TYR C 1135 29.57 46.58 -56.90
C TYR C 1135 28.10 46.79 -57.28
N ASP C 1136 27.83 47.26 -58.49
CA ASP C 1136 26.47 47.51 -59.01
C ASP C 1136 26.27 46.80 -60.34
N PRO C 1137 25.55 45.67 -60.39
CA PRO C 1137 25.38 44.88 -61.60
C PRO C 1137 24.77 45.62 -62.80
N LEU C 1138 24.05 46.72 -62.57
CA LEU C 1138 23.45 47.52 -63.63
C LEU C 1138 24.51 48.34 -64.39
N GLN C 1139 25.54 48.84 -63.68
CA GLN C 1139 26.52 49.78 -64.25
C GLN C 1139 27.31 49.20 -65.42
N PRO C 1140 27.96 48.04 -65.32
CA PRO C 1140 28.73 47.54 -66.45
C PRO C 1140 27.98 47.40 -67.78
N GLU C 1141 26.72 46.98 -67.76
CA GLU C 1141 25.92 46.89 -68.97
C GLU C 1141 25.30 48.24 -69.39
N LEU C 1142 24.95 49.14 -68.46
CA LEU C 1142 24.59 50.54 -68.76
C LEU C 1142 25.79 51.28 -69.34
N ASP C 1143 27.00 50.95 -68.93
CA ASP C 1143 28.22 51.51 -69.50
C ASP C 1143 28.55 50.87 -70.85
N SER C 1144 28.27 49.59 -71.03
CA SER C 1144 28.27 49.01 -72.41
C SER C 1144 27.23 49.70 -73.34
N PHE C 1145 26.10 50.15 -72.75
CA PHE C 1145 25.09 50.95 -73.44
C PHE C 1145 25.56 52.40 -73.71
N LYS C 1146 26.54 52.92 -72.94
CA LYS C 1146 27.31 54.12 -73.29
C LYS C 1146 28.30 53.89 -74.44
N GLU C 1147 29.07 52.82 -74.44
CA GLU C 1147 29.94 52.45 -75.57
C GLU C 1147 29.17 52.21 -76.89
N GLU C 1148 27.96 51.64 -76.79
CA GLU C 1148 26.97 51.52 -77.88
C GLU C 1148 26.49 52.89 -78.39
N LEU C 1149 26.17 53.81 -77.49
CA LEU C 1149 25.79 55.22 -77.82
C LEU C 1149 26.98 55.99 -78.44
N ASP C 1150 28.18 55.89 -77.85
CA ASP C 1150 29.37 56.65 -78.22
C ASP C 1150 29.87 56.26 -79.61
N LYS C 1151 30.01 54.94 -79.89
CA LYS C 1151 30.29 54.46 -81.28
C LYS C 1151 29.30 54.97 -82.31
N TYR C 1152 28.01 54.98 -81.98
CA TYR C 1152 27.01 55.52 -82.90
C TYR C 1152 27.22 57.02 -83.15
N PHE C 1153 27.53 57.84 -82.14
CA PHE C 1153 27.83 59.27 -82.33
C PHE C 1153 29.08 59.52 -83.17
N LYS C 1154 30.17 58.80 -82.88
CA LYS C 1154 31.45 58.90 -83.64
C LYS C 1154 31.21 58.53 -85.10
N ASN C 1155 30.49 57.43 -85.38
CA ASN C 1155 30.10 57.08 -86.76
C ASN C 1155 29.18 58.11 -87.44
N HIS C 1156 28.22 58.63 -86.67
CA HIS C 1156 27.22 59.61 -87.17
C HIS C 1156 27.81 61.00 -87.56
N THR C 1157 29.09 61.25 -87.27
CA THR C 1157 29.86 62.35 -87.86
C THR C 1157 29.96 62.24 -89.41
N SER C 1158 29.86 61.03 -89.98
CA SER C 1158 30.08 60.80 -91.41
C SER C 1158 28.85 61.04 -92.32
N PRO C 1159 27.58 60.66 -92.00
CA PRO C 1159 26.44 60.99 -92.83
C PRO C 1159 26.11 62.49 -92.81
C1 NAG D . 4.71 18.39 62.43
C2 NAG D . 5.83 18.00 63.40
C3 NAG D . 6.41 16.64 63.01
C4 NAG D . 5.30 15.60 62.92
C5 NAG D . 4.21 16.09 61.97
C6 NAG D . 3.02 15.15 61.91
C7 NAG D . 6.74 20.17 64.10
C8 NAG D . 7.93 21.09 64.04
N2 NAG D . 6.87 19.02 63.43
O3 NAG D . 7.38 16.25 63.98
O4 NAG D . 5.82 14.36 62.47
O5 NAG D . 3.72 17.36 62.40
O6 NAG D . 1.84 15.85 61.55
O7 NAG D . 5.73 20.44 64.73
C1 NAG D . 5.88 13.48 63.62
C2 NAG D . 5.45 12.08 63.22
C3 NAG D . 5.49 11.15 64.44
C4 NAG D . 6.91 11.16 65.01
C5 NAG D . 7.37 12.57 65.36
C6 NAG D . 8.87 12.58 65.81
C7 NAG D . 3.86 11.92 61.32
C8 NAG D . 2.39 12.04 60.88
N2 NAG D . 4.09 12.12 62.63
O3 NAG D . 5.16 9.80 64.07
O4 NAG D . 6.99 10.31 66.22
O5 NAG D . 7.20 13.45 64.16
O6 NAG D . 9.71 11.86 64.91
O7 NAG D . 4.77 11.64 60.54
C1 MAN D . 7.66 9.04 65.95
C2 MAN D . 7.46 8.08 67.15
C3 MAN D . 8.80 7.67 67.75
C4 MAN D . 9.74 7.11 66.66
C5 MAN D . 9.89 8.06 65.44
C6 MAN D . 9.45 7.38 64.09
O2 MAN D . 6.73 6.87 66.73
O3 MAN D . 8.56 6.59 68.72
O4 MAN D . 11.01 6.93 67.30
O5 MAN D . 9.08 9.30 65.64
O6 MAN D . 10.38 6.35 63.76
C1 NAG E . -18.06 8.96 44.69
C2 NAG E . -19.09 7.97 44.08
C3 NAG E . -20.38 8.76 43.73
C4 NAG E . -20.91 9.60 44.89
C5 NAG E . -19.82 10.47 45.49
C6 NAG E . -20.29 11.20 46.78
C7 NAG E . -17.88 6.19 42.85
C8 NAG E . -17.32 5.79 41.47
N2 NAG E . -18.55 7.33 42.87
O3 NAG E . -21.43 7.85 43.26
O4 NAG E . -21.95 10.51 44.35
O5 NAG E . -18.62 9.65 45.81
O6 NAG E . -20.50 10.27 47.86
O7 NAG E . -17.71 5.52 43.85
C1 NAG E . -23.33 10.22 44.68
C2 NAG E . -24.18 11.48 44.41
C3 NAG E . -25.68 11.24 44.63
C4 NAG E . -26.13 10.08 43.74
C5 NAG E . -25.28 8.82 43.96
C6 NAG E . -25.68 7.68 43.00
C7 NAG E . -22.97 13.59 44.63
C8 NAG E . -22.43 14.67 45.58
N2 NAG E . -23.72 12.64 45.19
O3 NAG E . -26.46 12.44 44.33
O4 NAG E . -27.56 9.77 43.99
O5 NAG E . -23.83 9.11 43.84
O6 NAG E . -25.55 8.13 41.62
O7 NAG E . -22.70 13.61 43.43
C1 NAG F . 20.07 26.92 29.69
C2 NAG F . 19.58 28.34 29.34
C3 NAG F . 20.77 29.32 29.45
C4 NAG F . 21.42 29.28 30.84
C5 NAG F . 21.73 27.84 31.27
C6 NAG F . 22.19 27.74 32.71
C7 NAG F . 18.10 29.21 27.55
C8 NAG F . 17.58 29.09 26.14
N2 NAG F . 19.05 28.38 27.96
O3 NAG F . 20.36 30.71 29.18
O4 NAG F . 22.69 30.01 30.80
O5 NAG F . 20.57 26.93 31.06
O6 NAG F . 21.22 28.29 33.61
O7 NAG F . 17.71 30.09 28.31
C1 NAG F . 22.84 31.13 31.77
C2 NAG F . 24.33 31.37 32.10
C3 NAG F . 24.45 32.51 33.11
C4 NAG F . 23.89 33.77 32.43
C5 NAG F . 22.40 33.54 32.09
C6 NAG F . 21.74 34.76 31.41
C7 NAG F . 25.88 29.46 32.03
C8 NAG F . 26.38 28.21 32.75
N2 NAG F . 24.93 30.14 32.65
O3 NAG F . 25.83 32.70 33.52
O4 NAG F . 23.98 34.95 33.32
O5 NAG F . 22.26 32.36 31.19
O6 NAG F . 22.47 35.10 30.19
O7 NAG F . 26.39 29.83 30.97
C1 MAN F . 25.21 35.77 33.19
C2 MAN F . 25.18 36.88 34.30
C3 MAN F . 25.33 38.30 33.67
C4 MAN F . 26.53 38.36 32.71
C5 MAN F . 26.47 37.23 31.64
C6 MAN F . 27.79 36.43 31.58
O2 MAN F . 26.30 36.66 35.23
O3 MAN F . 25.52 39.28 34.75
O4 MAN F . 26.53 39.63 32.02
O5 MAN F . 25.30 36.36 31.85
O6 MAN F . 27.74 35.40 30.57
C1 NAG G . -30.38 28.34 3.47
C2 NAG G . -30.59 28.67 1.98
C3 NAG G . -31.86 29.50 1.82
C4 NAG G . -33.05 28.74 2.41
C5 NAG G . -32.80 28.43 3.87
C6 NAG G . -33.92 27.61 4.50
C7 NAG G . -28.67 28.87 0.52
C8 NAG G . -27.47 29.75 0.11
N2 NAG G . -29.44 29.40 1.46
O3 NAG G . -32.07 29.75 0.40
O4 NAG G . -34.25 29.57 2.35
O5 NAG G . -31.52 27.69 4.03
O6 NAG G . -33.65 27.49 5.90
O7 NAG G . -28.86 27.78 -0.02
C1 NAG G . -35.23 29.25 1.33
C2 NAG G . -36.60 29.93 1.61
C3 NAG G . -37.56 29.64 0.45
C4 NAG G . -36.96 30.12 -0.89
C5 NAG G . -35.59 29.47 -1.15
C6 NAG G . -34.85 29.98 -2.39
C7 NAG G . -37.05 30.14 4.01
C8 NAG G . -37.75 29.51 5.22
N2 NAG G . -37.19 29.48 2.88
O3 NAG G . -38.88 30.28 0.63
O4 NAG G . -37.87 29.71 -1.93
O5 NAG G . -34.69 29.68 0.03
O6 NAG G . -34.49 31.37 -2.24
O7 NAG G . -36.43 31.20 4.10
C1 NAG H . 13.80 53.78 -26.63
C2 NAG H . 14.12 55.28 -26.87
C3 NAG H . 15.27 55.76 -25.98
C4 NAG H . 15.10 55.35 -24.53
C5 NAG H . 14.81 53.86 -24.40
C6 NAG H . 14.59 53.45 -22.93
C7 NAG H . 13.67 56.13 -29.14
C8 NAG H . 14.18 56.24 -30.59
N2 NAG H . 14.46 55.50 -28.28
O3 NAG H . 15.38 57.21 -26.04
O4 NAG H . 16.39 55.60 -23.85
O5 NAG H . 13.60 53.55 -25.20
O6 NAG H . 14.66 52.02 -22.84
O7 NAG H . 12.58 56.58 -28.81
C1 NAG H . 16.36 56.69 -22.88
C2 NAG H . 17.58 56.66 -21.95
C3 NAG H . 17.37 57.73 -20.87
C4 NAG H . 17.18 59.12 -21.51
C5 NAG H . 16.20 59.12 -22.69
C6 NAG H . 16.25 60.41 -23.52
C7 NAG H . 18.64 54.44 -21.75
C8 NAG H . 18.50 53.00 -21.18
N2 NAG H . 17.72 55.32 -21.35
O3 NAG H . 18.52 57.74 -19.96
O4 NAG H . 16.70 60.08 -20.51
O5 NAG H . 16.39 57.96 -23.59
O6 NAG H . 15.28 60.33 -24.59
O7 NAG H . 19.54 54.72 -22.56
C1 MAN H . 17.69 60.79 -19.67
C2 MAN H . 16.90 61.63 -18.64
C3 MAN H . 16.94 63.13 -18.99
C4 MAN H . 18.39 63.69 -19.10
C5 MAN H . 19.32 62.72 -19.89
C6 MAN H . 20.41 62.10 -18.97
O2 MAN H . 17.54 61.48 -17.34
O3 MAN H . 16.18 63.86 -18.00
O4 MAN H . 18.34 64.96 -19.82
O5 MAN H . 18.54 61.63 -20.54
O6 MAN H . 21.37 61.38 -19.76
C1 NAG I . 30.02 44.78 -15.39
C2 NAG I . 31.03 45.91 -15.30
C3 NAG I . 31.71 45.89 -13.91
C4 NAG I . 30.69 45.91 -12.81
C5 NAG I . 29.62 44.84 -12.99
C6 NAG I . 28.53 44.92 -11.94
C7 NAG I . 32.39 46.74 -17.15
C8 NAG I . 33.41 46.41 -18.20
N2 NAG I . 32.04 45.75 -16.36
O3 NAG I . 32.56 47.04 -13.75
O4 NAG I . 31.35 45.65 -11.54
O5 NAG I . 29.01 44.94 -14.33
O6 NAG I . 27.90 46.20 -11.96
O7 NAG I . 31.91 47.85 -17.04
C1 NAG I . 31.29 46.72 -10.55
C2 NAG I . 31.79 46.20 -9.19
C3 NAG I . 31.72 47.37 -8.22
C4 NAG I . 32.66 48.50 -8.71
C5 NAG I . 32.23 48.99 -10.09
C6 NAG I . 33.15 50.04 -10.69
C7 NAG I . 31.32 43.80 -8.87
C8 NAG I . 30.37 42.74 -8.30
N2 NAG I . 30.95 45.08 -8.76
O3 NAG I . 32.09 46.92 -6.89
O4 NAG I . 32.62 49.64 -7.76
O5 NAG I . 32.15 47.83 -11.00
O6 NAG I . 34.44 49.44 -10.94
O7 NAG I . 32.42 43.48 -9.37
C1 MAN I . 33.70 49.59 -6.77
C2 MAN I . 33.38 50.49 -5.57
C3 MAN I . 34.61 51.23 -5.03
C4 MAN I . 35.88 50.37 -5.10
C5 MAN I . 36.16 49.89 -6.53
C6 MAN I . 36.59 48.44 -6.67
O2 MAN I . 32.80 49.70 -4.50
O3 MAN I . 34.36 51.64 -3.67
O4 MAN I . 36.99 51.15 -4.61
O5 MAN I . 34.95 50.03 -7.39
O6 MAN I . 37.93 48.30 -6.13
C1 NAG J . -4.87 54.42 -31.43
C2 NAG J . -4.42 55.06 -30.10
C3 NAG J . -5.46 54.83 -28.99
C4 NAG J . -6.86 55.32 -29.43
C5 NAG J . -7.28 54.71 -30.77
C6 NAG J . -8.65 55.18 -31.29
C7 NAG J . -1.97 55.07 -29.84
C8 NAG J . -0.72 54.28 -29.37
N2 NAG J . -3.14 54.48 -29.67
O3 NAG J . -5.07 55.57 -27.80
O4 NAG J . -7.87 54.85 -28.44
O5 NAG J . -6.21 54.93 -31.76
O6 NAG J . -8.57 55.86 -32.59
O7 NAG J . -1.88 56.20 -30.34
C1 NAG J . -8.45 55.90 -27.60
C2 NAG J . -9.74 55.34 -26.94
C3 NAG J . -10.30 56.33 -25.91
C4 NAG J . -9.22 56.71 -24.88
C5 NAG J . -7.97 57.27 -25.55
C6 NAG J . -6.81 57.57 -24.56
C7 NAG J . -10.95 53.75 -28.37
C8 NAG J . -12.04 53.55 -29.45
N2 NAG J . -10.74 55.01 -27.97
O3 NAG J . -11.48 55.83 -25.23
O4 NAG J . -9.75 57.70 -23.99
O5 NAG J . -7.49 56.27 -26.54
O6 NAG J . -5.65 58.05 -25.30
O7 NAG J . -10.34 52.78 -27.89
C1 FUC J . -8.00 57.21 -32.45
C2 FUC J . -7.23 57.60 -33.76
C3 FUC J . -7.31 59.09 -34.09
C4 FUC J . -7.32 59.93 -32.79
C5 FUC J . -8.64 59.62 -32.06
C6 FUC J . -8.62 60.03 -30.60
O2 FUC J . -7.81 56.86 -34.88
O3 FUC J . -6.18 59.45 -34.93
O4 FUC J . -6.21 59.50 -31.97
O5 FUC J . -9.07 58.21 -32.17
C1 NAG K . 4.56 61.98 -43.35
C2 NAG K . 4.58 63.39 -42.76
C3 NAG K . 5.07 64.38 -43.82
C4 NAG K . 6.44 63.97 -44.32
C5 NAG K . 6.52 62.48 -44.72
C6 NAG K . 7.97 62.03 -44.96
C7 NAG K . 2.90 64.01 -41.04
C8 NAG K . 1.44 64.34 -40.76
N2 NAG K . 3.24 63.77 -42.29
O3 NAG K . 5.13 65.72 -43.30
O4 NAG K . 6.68 64.78 -45.50
O5 NAG K . 5.90 61.61 -43.70
O6 NAG K . 8.73 62.05 -43.74
O7 NAG K . 3.73 63.96 -40.15
C1 NAG K . 7.90 65.55 -45.49
C2 NAG K . 8.34 65.91 -46.93
C3 NAG K . 9.69 66.68 -46.85
C4 NAG K . 9.47 67.94 -46.01
C5 NAG K . 8.94 67.61 -44.62
C6 NAG K . 8.60 68.86 -43.81
C7 NAG K . 7.68 64.45 -48.79
C8 NAG K . 7.95 63.12 -49.52
N2 NAG K . 8.47 64.73 -47.78
O3 NAG K . 10.15 66.98 -48.21
O4 NAG K . 10.76 68.64 -45.84
O5 NAG K . 7.70 66.79 -44.73
O6 NAG K . 8.25 68.47 -42.48
O7 NAG K . 6.76 65.21 -49.13
C1 MAN K . 11.14 69.46 -46.98
C2 MAN K . 12.63 69.20 -47.33
C3 MAN K . 13.34 70.45 -47.87
C4 MAN K . 12.40 71.35 -48.69
C5 MAN K . 11.16 71.79 -47.84
C6 MAN K . 9.89 71.92 -48.72
O2 MAN K . 12.65 68.22 -48.38
O3 MAN K . 14.47 70.04 -48.68
O4 MAN K . 13.11 72.54 -49.12
O5 MAN K . 10.92 70.87 -46.70
O6 MAN K . 10.14 72.87 -49.75
C1 NAG L . -7.87 54.62 -57.65
C2 NAG L . -9.29 55.21 -57.49
C3 NAG L . -10.11 54.71 -58.68
C4 NAG L . -9.46 55.12 -60.01
C5 NAG L . -7.99 54.68 -60.10
C6 NAG L . -7.27 55.31 -61.31
C7 NAG L . -9.68 55.39 -55.09
C8 NAG L . -10.41 54.88 -53.86
N2 NAG L . -9.92 54.77 -56.24
O3 NAG L . -11.46 55.26 -58.64
O4 NAG L . -10.17 54.41 -61.07
O5 NAG L . -7.28 55.10 -58.87
O6 NAG L . -7.31 56.73 -61.23
O7 NAG L . -8.88 56.32 -55.01
C1 NAG L . -10.95 55.29 -61.97
C2 NAG L . -11.24 54.54 -63.28
C3 NAG L . -12.07 55.46 -64.16
C4 NAG L . -13.42 55.81 -63.50
C5 NAG L . -13.19 56.43 -62.12
C6 NAG L . -14.51 56.54 -61.34
C7 NAG L . -9.55 52.90 -63.86
C8 NAG L . -8.21 52.65 -64.57
N2 NAG L . -10.00 54.15 -63.94
O3 NAG L . -12.31 54.85 -65.47
O4 NAG L . -14.12 56.80 -64.33
O5 NAG L . -12.22 55.64 -61.30
O6 NAG L . -15.02 55.26 -60.96
O7 NAG L . -10.11 52.00 -63.22
C1 MAN L . -15.03 56.27 -65.34
C2 MAN L . -15.20 57.34 -66.45
C3 MAN L . -16.72 57.64 -66.69
C4 MAN L . -17.54 56.36 -66.86
C5 MAN L . -17.39 55.43 -65.65
C6 MAN L . -17.10 54.03 -66.14
O2 MAN L . -14.59 56.78 -67.65
O3 MAN L . -16.88 58.49 -67.86
O4 MAN L . -18.90 56.78 -67.01
O5 MAN L . -16.32 55.91 -64.73
O6 MAN L . -17.02 53.12 -65.04
C1 NAG M . -59.87 -26.29 10.13
C2 NAG M . -61.20 -26.05 10.88
C3 NAG M . -60.87 -25.51 12.27
C4 NAG M . -59.97 -26.52 13.03
C5 NAG M . -58.71 -26.93 12.24
C6 NAG M . -58.04 -28.17 12.88
C7 NAG M . -62.98 -25.58 9.28
C8 NAG M . -63.81 -24.52 8.54
N2 NAG M . -62.09 -25.14 10.15
O3 NAG M . -62.10 -25.31 13.01
O4 NAG M . -59.48 -25.89 14.24
O5 NAG M . -59.11 -27.31 10.88
O6 NAG M . -57.00 -28.67 11.99
O7 NAG M . -63.11 -26.76 9.02
C1 NAG M . -60.22 -26.15 15.46
C2 NAG M . -59.25 -25.96 16.65
C3 NAG M . -60.04 -26.21 17.96
C4 NAG M . -61.20 -25.18 18.09
C5 NAG M . -62.13 -25.28 16.88
C6 NAG M . -63.20 -24.18 16.90
C7 NAG M . -56.83 -26.41 16.56
C8 NAG M . -55.75 -27.47 16.46
N2 NAG M . -58.08 -26.85 16.54
O3 NAG M . -59.12 -26.15 19.08
O4 NAG M . -62.02 -25.46 19.28
O5 NAG M . -61.35 -25.21 15.59
O6 NAG M . -62.57 -22.88 16.81
O7 NAG M . -56.59 -25.22 16.73
C1 MAN M . -61.51 -24.86 20.52
C2 MAN M . -62.24 -25.47 21.75
C3 MAN M . -62.80 -24.38 22.69
C4 MAN M . -61.72 -23.34 23.04
C5 MAN M . -61.14 -22.68 21.74
C6 MAN M . -59.61 -22.62 21.67
O2 MAN M . -61.28 -26.26 22.49
O3 MAN M . -63.36 -24.98 23.91
O4 MAN M . -62.30 -22.33 23.88
O5 MAN M . -61.65 -23.37 20.52
O6 MAN M . -59.10 -21.75 22.73
C1 NAG N . -41.92 -42.36 20.82
C2 NAG N . -41.23 -41.94 22.14
C3 NAG N . -40.81 -43.23 22.86
C4 NAG N . -42.02 -44.14 23.11
C5 NAG N . -42.83 -44.43 21.85
C6 NAG N . -44.14 -45.17 22.14
C7 NAG N . -39.77 -40.00 22.60
C8 NAG N . -38.42 -39.29 22.31
N2 NAG N . -40.05 -41.10 21.89
O3 NAG N . -40.13 -42.93 24.13
O4 NAG N . -41.51 -45.41 23.63
O5 NAG N . -43.09 -43.20 21.08
O6 NAG N . -44.98 -44.42 23.03
O7 NAG N . -40.54 -39.58 23.45
C1 NAG N . -41.85 -45.73 25.05
C2 NAG N . -41.88 -47.25 25.22
C3 NAG N . -42.23 -47.55 26.68
C4 NAG N . -41.21 -46.89 27.62
C5 NAG N . -41.06 -45.37 27.36
C6 NAG N . -39.94 -44.71 28.18
C7 NAG N . -42.53 -48.38 23.12
C8 NAG N . -43.72 -49.00 22.34
N2 NAG N . -42.84 -47.85 24.30
O3 NAG N . -42.27 -48.98 26.93
O4 NAG N . -41.72 -47.09 28.96
O5 NAG N . -40.84 -45.14 25.93
O6 NAG N . -38.65 -45.26 27.77
O7 NAG N . -41.38 -48.40 22.67
C1 NAG O . -31.52 -37.25 5.87
C2 NAG O . -30.14 -37.82 6.29
C3 NAG O . -29.48 -38.43 5.04
C4 NAG O . -30.40 -39.55 4.51
C5 NAG O . -31.81 -39.06 4.20
C6 NAG O . -32.76 -40.20 3.83
C7 NAG O . -28.89 -36.76 8.12
C8 NAG O . -27.93 -35.61 8.49
N2 NAG O . -29.29 -36.77 6.85
O3 NAG O . -28.15 -38.94 5.35
O4 NAG O . -29.81 -40.04 3.23
O5 NAG O . -32.37 -38.33 5.35
O6 NAG O . -32.74 -41.23 4.84
O7 NAG O . -29.29 -37.61 8.93
C1 NAG O . -29.32 -41.40 3.35
C2 NAG O . -29.06 -42.00 1.95
C3 NAG O . -28.54 -43.42 2.14
C4 NAG O . -27.24 -43.42 2.96
C5 NAG O . -27.40 -42.68 4.30
C6 NAG O . -26.09 -42.47 5.03
C7 NAG O . -30.60 -40.96 0.35
C8 NAG O . -31.99 -41.02 -0.34
N2 NAG O . -30.31 -41.97 1.18
O3 NAG O . -28.42 -44.08 0.86
O4 NAG O . -26.81 -44.81 3.27
O5 NAG O . -28.05 -41.37 4.10
O6 NAG O . -25.29 -41.56 4.28
O7 NAG O . -29.81 -40.04 0.13
C1 NAG P . -45.09 3.94 -6.47
C2 NAG P . -45.42 4.05 -7.96
C3 NAG P . -46.31 5.26 -8.21
C4 NAG P . -47.55 5.22 -7.31
C5 NAG P . -47.12 5.07 -5.86
C6 NAG P . -48.27 4.91 -4.91
C7 NAG P . -43.57 3.05 -9.22
C8 NAG P . -42.33 3.33 -10.02
N2 NAG P . -44.21 4.13 -8.75
O3 NAG P . -46.71 5.26 -9.59
O4 NAG P . -48.30 6.40 -7.48
O5 NAG P . -46.30 3.90 -5.71
O6 NAG P . -48.53 3.54 -4.62
O7 NAG P . -43.98 1.92 -9.02
C1 NAG P . -49.59 6.02 -8.02
C2 NAG P . -50.62 7.05 -7.56
C3 NAG P . -52.00 6.71 -8.14
C4 NAG P . -51.90 6.73 -9.67
C5 NAG P . -50.88 5.69 -10.13
C6 NAG P . -50.70 5.65 -11.66
C7 NAG P . -50.07 7.95 -5.34
C8 NAG P . -50.34 7.86 -3.84
N2 NAG P . -50.68 7.06 -6.10
O3 NAG P . -53.03 7.63 -7.64
O4 NAG P . -53.23 6.41 -10.25
O5 NAG P . -49.56 5.97 -9.44
O6 NAG P . -50.11 6.87 -12.10
O7 NAG P . -49.35 8.82 -5.84
C1 MAN P . -54.03 7.57 -10.65
C2 MAN P . -55.44 7.06 -10.99
C3 MAN P . -55.69 7.24 -12.50
C4 MAN P . -55.58 8.70 -12.95
C5 MAN P . -54.25 9.32 -12.45
C6 MAN P . -54.51 10.53 -11.51
O2 MAN P . -56.39 7.88 -10.23
O3 MAN P . -57.00 6.70 -12.89
O4 MAN P . -55.57 8.73 -14.40
O5 MAN P . -53.43 8.26 -11.78
O6 MAN P . -53.27 11.06 -11.00
C1 NAG Q . -4.14 -27.02 -30.90
C2 NAG Q . -3.12 -26.38 -31.85
C3 NAG Q . -2.95 -27.30 -33.10
C4 NAG Q . -2.50 -28.69 -32.63
C5 NAG Q . -3.50 -29.30 -31.62
C6 NAG Q . -3.04 -30.61 -31.01
C7 NAG Q . -2.76 -24.04 -32.57
C8 NAG Q . -3.43 -22.66 -32.81
N2 NAG Q . -3.57 -25.03 -32.21
O3 NAG Q . -1.98 -26.73 -34.00
O4 NAG Q . -2.41 -29.60 -33.78
O5 NAG Q . -3.70 -28.35 -30.49
O6 NAG Q . -3.99 -31.09 -30.05
O7 NAG Q . -1.56 -24.23 -32.81
C1 NAG Q . -1.06 -30.06 -34.06
C2 NAG Q . -1.07 -31.37 -34.89
C3 NAG Q . 0.39 -31.79 -35.22
C4 NAG Q . 1.11 -30.65 -35.99
C5 NAG Q . 1.06 -29.34 -35.19
C6 NAG Q . 1.58 -28.13 -36.00
C7 NAG Q . -2.95 -32.92 -34.52
C8 NAG Q . -3.52 -34.06 -33.69
N2 NAG Q . -1.75 -32.46 -34.18
O3 NAG Q . 0.40 -32.99 -36.04
O4 NAG Q . 2.48 -31.07 -36.18
O5 NAG Q . -0.33 -29.04 -34.82
O6 NAG Q . 0.76 -27.92 -37.17
O7 NAG Q . -3.56 -32.41 -35.45
C1 NAG R . -11.42 25.94 -54.92
C2 NAG R . -12.05 26.39 -56.27
C3 NAG R . -13.40 27.05 -56.03
C4 NAG R . -14.31 26.21 -55.16
C5 NAG R . -13.65 25.72 -53.85
C6 NAG R . -14.53 24.71 -53.13
C7 NAG R . -10.38 26.97 -57.96
C8 NAG R . -9.47 28.07 -58.53
N2 NAG R . -11.13 27.34 -56.92
O3 NAG R . -14.07 27.33 -57.29
O4 NAG R . -15.44 27.04 -54.78
O5 NAG R . -12.34 25.12 -54.14
O6 NAG R . -13.85 24.21 -51.98
O7 NAG R . -10.44 25.86 -58.47
C1 NAG R . -16.74 26.60 -55.25
C2 NAG R . -17.87 27.36 -54.51
C3 NAG R . -19.20 26.73 -54.99
C4 NAG R . -19.31 26.72 -56.51
C5 NAG R . -18.05 26.26 -57.28
C6 NAG R . -18.17 26.65 -58.77
C7 NAG R . -17.29 28.30 -52.31
C8 NAG R . -17.22 28.11 -50.78
N2 NAG R . -17.70 27.28 -53.05
O3 NAG R . -20.29 27.48 -54.44
O4 NAG R . -20.36 25.76 -56.92
O5 NAG R . -16.83 26.87 -56.68
O6 NAG R . -16.97 26.24 -59.47
O7 NAG R . -17.03 29.40 -52.82
C1 MAN R . -21.66 26.30 -57.20
C2 MAN R . -22.62 25.11 -57.53
C3 MAN R . -22.96 25.13 -59.03
C4 MAN R . -23.64 26.43 -59.46
C5 MAN R . -22.87 27.67 -58.94
C6 MAN R . -23.70 28.49 -57.92
O2 MAN R . -23.85 25.23 -56.74
O3 MAN R . -23.84 23.98 -59.29
O4 MAN R . -23.70 26.46 -60.91
O5 MAN R . -21.57 27.24 -58.33
O6 MAN R . -22.97 29.61 -57.46
C1 NAG S . -22.66 34.40 -38.61
C2 NAG S . -23.72 35.22 -39.37
C3 NAG S . -25.03 35.07 -38.63
C4 NAG S . -25.38 33.58 -38.47
C5 NAG S . -24.27 32.76 -37.82
C6 NAG S . -24.57 31.25 -37.75
C7 NAG S . -23.44 37.30 -40.61
C8 NAG S . -22.93 38.74 -40.57
N2 NAG S . -23.32 36.63 -39.46
O3 NAG S . -26.12 35.71 -39.36
O4 NAG S . -26.57 33.53 -37.59
O5 NAG S . -23.04 32.98 -38.59
O6 NAG S . -24.94 30.73 -39.02
O7 NAG S . -23.93 36.83 -41.63
C1 NAG S . -27.67 32.70 -38.14
C2 NAG S . -28.73 32.43 -37.04
C3 NAG S . -29.84 31.59 -37.69
C4 NAG S . -30.51 32.41 -38.75
C5 NAG S . -29.48 32.76 -39.86
C6 NAG S . -30.05 33.72 -40.92
C7 NAG S . -27.83 32.41 -34.79
C8 NAG S . -27.11 31.62 -33.68
N2 NAG S . -28.13 31.73 -35.90
O3 NAG S . -30.80 31.14 -36.69
O4 NAG S . -31.60 31.64 -39.34
O5 NAG S . -28.30 33.39 -39.26
O6 NAG S . -30.40 35.01 -40.32
O7 NAG S . -28.11 33.59 -34.64
C1 MAN S . -32.91 31.98 -38.78
C2 MAN S . -33.95 30.91 -39.20
C3 MAN S . -35.32 31.55 -39.45
C4 MAN S . -35.63 32.64 -38.40
C5 MAN S . -34.59 33.77 -38.52
C6 MAN S . -34.21 34.39 -37.18
O2 MAN S . -34.06 29.92 -38.15
O3 MAN S . -36.33 30.50 -39.41
O4 MAN S . -36.98 33.15 -38.65
O5 MAN S . -33.35 33.31 -39.19
O6 MAN S . -35.33 35.03 -36.56
C1 NAG T . -0.27 11.73 -61.89
C2 NAG T . -1.66 11.45 -61.30
C3 NAG T . -1.73 9.99 -60.85
C4 NAG T . -1.40 9.07 -62.03
C5 NAG T . -0.05 9.39 -62.67
C6 NAG T . 0.24 8.54 -63.92
C7 NAG T . -2.86 13.26 -60.11
C8 NAG T . -2.84 14.18 -58.90
N2 NAG T . -1.88 12.36 -60.16
O3 NAG T . -3.05 9.66 -60.35
O4 NAG T . -1.28 7.72 -61.50
O5 NAG T . -0.03 10.84 -63.01
O6 NAG T . 1.24 9.18 -64.80
O7 NAG T . -3.69 13.40 -61.01
C1 NAG T . -2.23 6.76 -62.08
C2 NAG T . -1.87 5.32 -61.70
C3 NAG T . -2.89 4.33 -62.27
C4 NAG T . -4.30 4.76 -61.86
C5 NAG T . -4.62 6.22 -62.19
C6 NAG T . -5.96 6.66 -61.60
C7 NAG T . 0.55 5.11 -61.36
C8 NAG T . 1.92 4.85 -62.02
N2 NAG T . -0.52 5.00 -62.17
O3 NAG T . -2.64 2.97 -61.79
O4 NAG T . -5.24 3.89 -62.54
O5 NAG T . -3.56 7.09 -61.57
O6 NAG T . -6.21 8.03 -61.95
O7 NAG T . 0.44 5.37 -60.16
C1 FUC T . 0.64 10.10 -65.78
C2 FUC T . 1.52 11.38 -66.04
C3 FUC T . 1.18 12.02 -67.40
C4 FUC T . -0.28 11.73 -67.83
C5 FUC T . -0.48 10.20 -68.02
C6 FUC T . -1.92 9.72 -68.01
O2 FUC T . 2.92 11.02 -66.05
O3 FUC T . 1.42 13.47 -67.33
O4 FUC T . -1.19 12.29 -66.87
O5 FUC T . 0.29 9.40 -67.02
C1 NAG U . 1.56 25.83 -71.11
C2 NAG U . 0.49 25.51 -72.17
C3 NAG U . 0.66 26.53 -73.28
C4 NAG U . 0.55 27.98 -72.77
C5 NAG U . 1.47 28.26 -71.59
C6 NAG U . 1.16 29.62 -70.94
C7 NAG U . -0.14 23.15 -72.42
C8 NAG U . 0.24 21.77 -73.00
N2 NAG U . 0.69 24.15 -72.71
O3 NAG U . -0.36 26.38 -74.33
O4 NAG U . 1.02 28.83 -73.88
O5 NAG U . 1.33 27.17 -70.59
O6 NAG U . -0.15 29.59 -70.36
O7 NAG U . -1.18 23.29 -71.77
C1 NAG U . 0.14 29.92 -74.28
C2 NAG U . 0.97 31.02 -75.00
C3 NAG U . 0.06 32.13 -75.53
C4 NAG U . -0.98 31.51 -76.47
C5 NAG U . -1.75 30.40 -75.78
C6 NAG U . -2.75 29.68 -76.70
C7 NAG U . 3.28 31.60 -74.42
C8 NAG U . 4.22 32.28 -73.43
N2 NAG U . 1.98 31.61 -74.12
O3 NAG U . 0.85 33.17 -76.17
O4 NAG U . -1.95 32.53 -76.87
O5 NAG U . -0.84 29.40 -75.23
O6 NAG U . -3.48 28.73 -75.91
O7 NAG U . 3.73 31.11 -75.45
C1 MAN U . -1.47 33.41 -77.97
C2 MAN U . -1.76 34.89 -77.57
C3 MAN U . -2.19 35.69 -78.78
C4 MAN U . -1.46 35.29 -80.08
C5 MAN U . -1.61 33.77 -80.40
C6 MAN U . -0.32 33.09 -80.89
O2 MAN U . -0.49 35.44 -77.09
O3 MAN U . -1.95 37.09 -78.49
O4 MAN U . -2.04 36.05 -81.18
O5 MAN U . -2.14 33.06 -79.22
O6 MAN U . 0.06 33.61 -82.17
C1 NAG V . 21.23 21.77 -73.56
C2 NAG V . 21.47 20.50 -74.39
C3 NAG V . 22.99 20.39 -74.61
C4 NAG V . 23.54 21.68 -75.26
C5 NAG V . 23.18 22.91 -74.46
C6 NAG V . 23.61 24.22 -75.10
C7 NAG V . 19.69 18.93 -73.79
C8 NAG V . 19.28 17.59 -73.16
N2 NAG V . 20.98 19.30 -73.71
O3 NAG V . 23.34 19.23 -75.40
O4 NAG V . 25.01 21.57 -75.30
O5 NAG V . 21.71 22.93 -74.30
O6 NAG V . 23.07 24.31 -76.42
O7 NAG V . 18.87 19.65 -74.37
C1 NAG V . 25.60 21.27 -76.61
C2 NAG V . 26.96 21.97 -76.69
C3 NAG V . 27.66 21.58 -78.00
C4 NAG V . 27.77 20.06 -78.14
C5 NAG V . 26.40 19.38 -77.97
C6 NAG V . 26.48 17.85 -77.99
C7 NAG V . 27.72 24.27 -76.19
C8 NAG V . 27.38 25.76 -76.13
N2 NAG V . 26.78 23.45 -76.64
O3 NAG V . 28.98 22.18 -78.02
O4 NAG V . 28.23 19.77 -79.49
O5 NAG V . 25.74 19.81 -76.72
O6 NAG V . 27.07 17.36 -76.78
O7 NAG V . 28.80 23.84 -75.80
C1 MAN V . 29.70 19.60 -79.59
C2 MAN V . 30.14 19.85 -81.07
C3 MAN V . 30.63 18.54 -81.74
C4 MAN V . 31.77 17.86 -80.95
C5 MAN V . 31.51 17.86 -79.42
C6 MAN V . 32.51 18.76 -78.67
O2 MAN V . 31.21 20.84 -81.10
O3 MAN V . 31.05 18.87 -83.09
O4 MAN V . 31.89 16.48 -81.42
O5 MAN V . 30.10 18.25 -79.11
O6 MAN V . 32.24 18.80 -77.24
C1 NAG W . 29.51 -57.86 12.33
C2 NAG W . 29.17 -59.31 11.88
C3 NAG W . 27.65 -59.55 12.09
C4 NAG W . 27.30 -59.34 13.58
C5 NAG W . 27.65 -57.90 14.02
C6 NAG W . 27.39 -57.65 15.53
C7 NAG W . 30.78 -59.94 10.17
C8 NAG W . 31.01 -60.45 8.71
N2 NAG W . 29.54 -59.56 10.49
O3 NAG W . 27.31 -60.92 11.74
O4 NAG W . 25.85 -59.54 13.81
O5 NAG W . 29.08 -57.63 13.73
O6 NAG W . 27.83 -56.31 15.89
O7 NAG W . 31.69 -59.96 11.01
C1 NAG W . 25.51 -60.79 14.48
C2 NAG W . 24.14 -60.65 15.21
C3 NAG W . 23.82 -62.00 15.91
C4 NAG W . 23.75 -63.11 14.87
C5 NAG W . 25.10 -63.18 14.14
C6 NAG W . 25.15 -64.28 13.05
C7 NAG W . 23.24 -58.51 16.03
C8 NAG W . 23.38 -57.41 17.11
N2 NAG W . 24.12 -59.52 16.14
O3 NAG W . 22.55 -61.91 16.60
O4 NAG W . 23.51 -64.41 15.50
O5 NAG W . 25.39 -61.88 13.53
O6 NAG W . 23.96 -64.20 12.22
O7 NAG W . 22.38 -58.45 15.15
C1 MAN W . 22.14 -64.84 15.40
C2 MAN W . 21.87 -66.04 16.31
C3 MAN W . 21.40 -67.26 15.53
C4 MAN W . 20.19 -66.94 14.63
C5 MAN W . 20.43 -65.68 13.77
C6 MAN W . 19.45 -64.54 14.10
O2 MAN W . 20.88 -65.71 17.32
O3 MAN W . 21.08 -68.33 16.48
O4 MAN W . 19.96 -68.08 13.76
O5 MAN W . 21.82 -65.17 13.99
O6 MAN W . 18.15 -64.79 13.57
C1 NAG X . 22.06 -46.82 35.88
C2 NAG X . 20.84 -46.38 36.73
C3 NAG X . 21.28 -46.33 38.20
C4 NAG X . 21.87 -47.66 38.63
C5 NAG X . 23.02 -48.12 37.73
C6 NAG X . 23.48 -49.55 38.05
C7 NAG X . 19.10 -44.86 35.95
C8 NAG X . 18.69 -43.39 35.82
N2 NAG X . 20.35 -45.06 36.35
O3 NAG X . 20.16 -46.02 39.06
O4 NAG X . 22.36 -47.50 40.00
O5 NAG X . 22.57 -48.11 36.33
O6 NAG X . 22.50 -50.49 37.56
O7 NAG X . 18.31 -45.78 35.72
C1 NAG X . 21.66 -48.32 40.99
C2 NAG X . 22.55 -48.40 42.26
C3 NAG X . 21.80 -49.22 43.35
C4 NAG X . 20.40 -48.62 43.61
C5 NAG X . 19.59 -48.51 42.29
C6 NAG X . 18.20 -47.85 42.52
C7 NAG X . 24.94 -48.20 41.69
C8 NAG X . 26.20 -48.94 41.27
N2 NAG X . 23.87 -48.96 41.95
O3 NAG X . 22.55 -49.29 44.61
O4 NAG X . 19.71 -49.46 44.56
O5 NAG X . 20.37 -47.68 41.34
O6 NAG X . 18.30 -46.48 42.99
O7 NAG X . 24.90 -46.98 41.75
C1 NAG Y . 26.27 -30.83 27.51
C2 NAG Y . 25.50 -29.85 28.47
C3 NAG Y . 26.34 -28.57 28.64
C4 NAG Y . 27.66 -28.95 29.28
C5 NAG Y . 28.42 -30.03 28.49
C6 NAG Y . 29.63 -30.55 29.27
C7 NAG Y . 23.11 -30.40 28.19
C8 NAG Y . 21.77 -30.04 27.59
N2 NAG Y . 24.12 -29.55 28.01
O3 NAG Y . 25.68 -27.56 29.44
O4 NAG Y . 28.50 -27.76 29.27
O5 NAG Y . 27.54 -31.18 28.15
O6 NAG Y . 29.17 -31.18 30.51
O7 NAG Y . 23.28 -31.48 28.76
C1 NAG Y . 28.98 -27.36 30.60
C2 NAG Y . 30.23 -26.47 30.45
C3 NAG Y . 30.67 -25.93 31.82
C4 NAG Y . 29.53 -25.26 32.60
C5 NAG Y . 28.20 -26.09 32.57
C6 NAG Y . 26.95 -25.30 33.07
C7 NAG Y . 31.50 -27.31 28.52
C8 NAG Y . 32.61 -28.27 28.02
N2 NAG Y . 31.33 -27.21 29.84
O3 NAG Y . 31.83 -25.05 31.64
O4 NAG Y . 29.87 -25.13 34.05
O5 NAG Y . 27.90 -26.60 31.22
O6 NAG Y . 26.74 -24.16 32.19
O7 NAG Y . 30.80 -26.70 27.72
C1 NAG Z . 20.83 -35.79 -17.05
C2 NAG Z . 22.19 -35.41 -17.67
C3 NAG Z . 22.27 -35.99 -19.10
C4 NAG Z . 22.04 -37.51 -19.05
C5 NAG Z . 20.74 -37.88 -18.32
C6 NAG Z . 20.51 -39.39 -18.21
C7 NAG Z . 22.98 -33.31 -16.74
C8 NAG Z . 23.08 -31.80 -16.88
N2 NAG Z . 22.32 -33.94 -17.70
O3 NAG Z . 23.59 -35.74 -19.70
O4 NAG Z . 21.92 -38.01 -20.44
O5 NAG Z . 20.69 -37.24 -17.00
O6 NAG Z . 21.51 -39.98 -17.33
O7 NAG Z . 23.43 -33.90 -15.75
C1 NAG Z . 22.97 -38.88 -20.91
C2 NAG Z . 22.45 -39.74 -22.09
C3 NAG Z . 23.60 -40.61 -22.62
C4 NAG Z . 24.81 -39.73 -23.05
C5 NAG Z . 25.27 -38.84 -21.88
C6 NAG Z . 26.43 -37.94 -22.29
C7 NAG Z . 20.05 -40.29 -22.05
C8 NAG Z . 18.98 -41.29 -21.58
N2 NAG Z . 21.31 -40.54 -21.69
O3 NAG Z . 23.11 -41.44 -23.70
O4 NAG Z . 25.94 -40.59 -23.48
O5 NAG Z . 24.13 -38.05 -21.32
O6 NAG Z . 25.97 -36.95 -23.25
O7 NAG Z . 19.74 -39.33 -22.76
C1 MAN Z . 25.94 -40.97 -24.89
C2 MAN Z . 27.06 -42.02 -25.13
C3 MAN Z . 28.12 -41.48 -26.11
C4 MAN Z . 27.48 -41.03 -27.43
C5 MAN Z . 26.24 -40.11 -27.23
C6 MAN Z . 24.95 -40.78 -27.73
O2 MAN Z . 26.43 -43.23 -25.67
O3 MAN Z . 29.19 -42.47 -26.37
O4 MAN Z . 28.49 -40.24 -28.17
O5 MAN Z . 26.13 -39.79 -25.76
O6 MAN Z . 23.83 -39.88 -27.50
C1 NAG AA . 37.81 10.59 10.54
C2 NAG AA . 37.78 12.10 10.19
C3 NAG AA . 39.05 12.78 10.73
C4 NAG AA . 39.16 12.59 12.22
C5 NAG AA . 39.16 11.09 12.60
C6 NAG AA . 39.08 10.94 14.11
C7 NAG AA . 36.49 12.37 8.13
C8 NAG AA . 36.50 12.69 6.63
N2 NAG AA . 37.68 12.32 8.73
O3 NAG AA . 39.02 14.20 10.41
O4 NAG AA . 40.43 13.18 12.66
O5 NAG AA . 38.00 10.39 11.98
O6 NAG AA . 39.18 9.53 14.43
O7 NAG AA . 35.43 12.15 8.72
C1 NAG AA . 40.38 14.51 13.32
C2 NAG AA . 41.61 14.72 14.25
C3 NAG AA . 41.45 16.11 14.89
C4 NAG AA . 41.50 17.18 13.79
C5 NAG AA . 40.38 16.94 12.77
C6 NAG AA . 40.40 17.90 11.57
C7 NAG AA . 42.54 12.72 15.30
C8 NAG AA . 42.52 11.72 16.48
N2 NAG AA . 41.64 13.70 15.31
O3 NAG AA . 42.55 16.36 15.85
O4 NAG AA . 41.29 18.45 14.45
O5 NAG AA . 40.41 15.55 12.27
O6 NAG AA . 41.64 17.64 10.82
O7 NAG AA . 43.33 12.57 14.37
C1 NAG BA . 34.26 17.23 -47.99
C2 NAG BA . 35.35 17.21 -49.08
C3 NAG BA . 35.23 15.88 -49.84
C4 NAG BA . 35.34 14.70 -48.88
C5 NAG BA . 34.33 14.79 -47.75
C6 NAG BA . 34.51 13.66 -46.75
C7 NAG BA . 35.89 19.50 -49.76
C8 NAG BA . 35.71 20.58 -50.84
N2 NAG BA . 35.25 18.35 -49.99
O3 NAG BA . 36.20 15.70 -50.88
O4 NAG BA . 35.03 13.49 -49.68
O5 NAG BA . 34.47 16.12 -47.08
O6 NAG BA . 33.57 13.73 -45.67
O7 NAG BA . 36.60 19.66 -48.75
C1 NAG BA . 36.13 12.56 -49.78
C2 NAG BA . 35.66 11.23 -50.40
C3 NAG BA . 36.84 10.25 -50.39
C4 NAG BA . 38.01 10.86 -51.15
C5 NAG BA . 38.38 12.26 -50.65
C6 NAG BA . 39.39 12.92 -51.61
C7 NAG BA . 33.32 10.60 -50.15
C8 NAG BA . 32.25 10.04 -49.19
N2 NAG BA . 34.54 10.66 -49.66
O3 NAG BA . 36.46 8.96 -50.97
O4 NAG BA . 39.23 10.02 -50.97
O5 NAG BA . 37.16 13.11 -50.62
O6 NAG BA . 39.68 14.24 -51.13
O7 NAG BA . 33.05 10.95 -51.30
C1 MAN BA . 39.48 9.05 -52.02
C2 MAN BA . 40.61 8.10 -51.54
C3 MAN BA . 41.95 8.38 -52.27
C4 MAN BA . 41.83 8.25 -53.80
C5 MAN BA . 40.54 8.90 -54.33
C6 MAN BA . 39.56 7.87 -54.87
O2 MAN BA . 40.23 6.73 -51.79
O3 MAN BA . 42.97 7.48 -51.79
O4 MAN BA . 42.97 8.86 -54.42
O5 MAN BA . 39.90 9.75 -53.26
O6 MAN BA . 38.40 8.53 -55.45
C1 NAG CA . 22.21 -0.45 -51.34
C2 NAG CA . 22.61 -0.99 -52.74
C3 NAG CA . 22.54 -2.52 -52.68
C4 NAG CA . 23.45 -3.06 -51.59
C5 NAG CA . 23.16 -2.42 -50.21
C6 NAG CA . 24.16 -2.79 -49.13
C7 NAG CA . 22.24 0.04 -54.95
C8 NAG CA . 21.17 0.54 -55.91
N2 NAG CA . 21.76 -0.45 -53.80
O3 NAG CA . 22.98 -3.10 -53.94
O4 NAG CA . 23.27 -4.49 -51.53
O5 NAG CA . 23.13 -0.94 -50.31
O6 NAG CA . 25.47 -2.38 -49.52
O7 NAG CA . 23.44 0.07 -55.21
C1 NAG CA . 24.51 -5.24 -51.55
C2 NAG CA . 24.26 -6.66 -51.00
C3 NAG CA . 25.56 -7.47 -51.09
C4 NAG CA . 25.97 -7.54 -52.57
C5 NAG CA . 26.24 -6.14 -53.12
C6 NAG CA . 26.66 -6.09 -54.59
C7 NAG CA . 22.52 -6.71 -49.23
C8 NAG CA . 22.26 -6.48 -47.74
N2 NAG CA . 23.78 -6.58 -49.60
O3 NAG CA . 25.39 -8.79 -50.54
O4 NAG CA . 27.20 -8.34 -52.69
O5 NAG CA . 25.04 -5.30 -52.93
O6 NAG CA . 25.61 -6.60 -55.45
O7 NAG CA . 21.64 -6.97 -50.02
C1 MAN CA . 26.91 -9.74 -53.06
C2 MAN CA . 28.18 -10.58 -52.84
C3 MAN CA . 28.43 -11.53 -54.05
C4 MAN CA . 27.15 -12.20 -54.60
C5 MAN CA . 26.05 -11.15 -54.89
C6 MAN CA . 24.71 -11.51 -54.21
O2 MAN CA . 27.97 -11.40 -51.65
O3 MAN CA . 29.40 -12.53 -53.67
O4 MAN CA . 27.53 -12.89 -55.81
O5 MAN CA . 26.48 -9.80 -54.46
O6 MAN CA . 24.15 -12.68 -54.80
C1 NAG DA . 41.65 30.27 -35.77
C2 NAG DA . 42.04 28.79 -35.64
C3 NAG DA . 42.46 28.51 -34.18
C4 NAG DA . 43.62 29.43 -33.78
C5 NAG DA . 43.23 30.90 -33.95
C6 NAG DA . 44.42 31.78 -33.56
C7 NAG DA . 40.96 27.06 -37.02
C8 NAG DA . 39.65 26.36 -37.36
N2 NAG DA . 40.90 27.96 -36.03
O3 NAG DA . 42.82 27.12 -33.95
O4 NAG DA . 43.85 29.19 -32.36
O5 NAG DA . 42.78 31.13 -35.36
O6 NAG DA . 44.37 33.06 -34.30
O7 NAG DA . 41.99 26.81 -37.63
C1 NAG DA . 45.15 28.60 -32.02
C2 NAG DA . 45.37 28.66 -30.50
C3 NAG DA . 46.72 28.07 -30.13
C4 NAG DA . 46.82 26.64 -30.69
C5 NAG DA . 46.54 26.58 -32.19
C6 NAG DA . 46.56 25.16 -32.76
C7 NAG DA . 44.18 30.59 -29.54
C8 NAG DA . 44.32 32.07 -29.16
N2 NAG DA . 45.29 30.05 -30.03
O3 NAG DA . 46.96 28.11 -28.68
O4 NAG DA . 48.15 26.14 -30.39
O5 NAG DA . 45.22 27.21 -32.46
O6 NAG DA . 46.36 25.24 -34.19
O7 NAG DA . 43.14 29.95 -29.34
C1 FUC DA . 45.06 32.96 -35.59
C2 FUC DA . 44.42 33.82 -36.69
C3 FUC DA . 45.42 34.14 -37.83
C4 FUC DA . 46.52 33.09 -37.96
C5 FUC DA . 47.34 33.05 -36.65
C6 FUC DA . 48.20 31.81 -36.42
O2 FUC DA . 43.93 35.09 -36.18
O3 FUC DA . 44.66 34.31 -39.08
O4 FUC DA . 45.88 31.79 -38.20
O5 FUC DA . 46.49 33.29 -35.44
C1 NAG EA . 41.61 36.64 -51.34
C2 NAG EA . 42.99 36.23 -51.84
C3 NAG EA . 43.16 36.74 -53.28
C4 NAG EA . 42.02 36.29 -54.19
C5 NAG EA . 40.62 36.54 -53.58
C6 NAG EA . 39.47 35.80 -54.34
C7 NAG EA . 44.94 35.99 -50.35
C8 NAG EA . 45.91 36.73 -49.40
N2 NAG EA . 44.06 36.74 -50.97
O3 NAG EA . 44.43 36.31 -53.84
O4 NAG EA . 42.08 37.06 -55.44
O5 NAG EA . 40.58 36.07 -52.17
O6 NAG EA . 39.64 34.37 -54.38
O7 NAG EA . 45.01 34.79 -50.59
C1 NAG EA . 42.01 36.27 -56.68
C2 NAG EA . 41.60 37.18 -57.85
C3 NAG EA . 41.58 36.41 -59.13
C4 NAG EA . 42.97 35.80 -59.39
C5 NAG EA . 43.37 34.86 -58.24
C6 NAG EA . 44.81 34.40 -58.43
C7 NAG EA . 40.13 39.09 -57.38
C8 NAG EA . 38.71 39.58 -57.11
N2 NAG EA . 40.30 37.79 -57.57
O3 NAG EA . 41.17 37.26 -60.25
O4 NAG EA . 42.93 35.04 -60.62
O5 NAG EA . 43.28 35.64 -56.96
O6 NAG EA . 45.17 33.54 -57.32
O7 NAG EA . 41.08 39.88 -57.40
C1 MAN EA . 43.19 35.81 -61.83
C2 MAN EA . 42.20 35.36 -62.93
C3 MAN EA . 42.84 35.37 -64.34
C4 MAN EA . 43.82 36.56 -64.50
C5 MAN EA . 44.92 36.60 -63.40
C6 MAN EA . 45.17 38.02 -62.90
O2 MAN EA . 41.07 36.30 -62.94
O3 MAN EA . 41.79 35.38 -65.35
O4 MAN EA . 44.46 36.40 -65.80
O5 MAN EA . 44.58 35.68 -62.28
O6 MAN EA . 45.67 38.83 -64.00
C1 NAG FA . 36.76 54.76 -44.44
C2 NAG FA . 37.92 55.22 -43.54
C3 NAG FA . 37.62 56.65 -43.10
C4 NAG FA . 37.49 57.56 -44.33
C5 NAG FA . 36.45 57.05 -45.32
C6 NAG FA . 36.43 57.83 -46.62
C7 NAG FA . 38.70 53.22 -42.33
C8 NAG FA . 38.74 52.48 -40.99
N2 NAG FA . 38.04 54.37 -42.34
O3 NAG FA . 38.67 57.18 -42.25
O4 NAG FA . 37.00 58.87 -43.84
O5 NAG FA . 36.69 55.63 -45.60
O6 NAG FA . 37.69 57.68 -47.30
O7 NAG FA . 39.25 52.74 -43.32
C1 NAG FA . 37.99 59.93 -43.93
C2 NAG FA . 37.30 61.29 -44.03
C3 NAG FA . 38.38 62.38 -44.09
C4 NAG FA . 39.33 62.30 -42.88
C5 NAG FA . 39.87 60.87 -42.65
C6 NAG FA . 40.65 60.73 -41.32
C7 NAG FA . 35.13 61.27 -45.16
C8 NAG FA . 34.46 61.41 -46.52
N2 NAG FA . 36.43 61.37 -45.21
O3 NAG FA . 37.76 63.69 -44.17
O4 NAG FA . 40.52 63.17 -43.14
O5 NAG FA . 38.79 59.89 -42.70
O6 NAG FA . 39.70 60.78 -40.24
O7 NAG FA . 34.52 61.14 -44.11
C1 MAN FA . 40.40 64.53 -42.62
C2 MAN FA . 41.38 65.46 -43.39
C3 MAN FA . 42.48 65.88 -42.43
C4 MAN FA . 41.95 66.62 -41.19
C5 MAN FA . 40.77 65.87 -40.54
C6 MAN FA . 39.45 66.68 -40.65
O2 MAN FA . 40.71 66.62 -43.91
O3 MAN FA . 43.48 66.74 -43.07
O4 MAN FA . 43.05 66.71 -40.24
O5 MAN FA . 40.64 64.53 -41.16
O6 MAN FA . 38.33 65.93 -40.19
C1 NAG GA . -17.42 31.44 34.96
C2 NAG GA . -17.90 32.19 33.72
C3 NAG GA . -19.41 32.38 33.78
C4 NAG GA . -20.11 31.05 33.99
C5 NAG GA . -19.53 30.34 35.21
C6 NAG GA . -20.09 28.95 35.42
C7 NAG GA . -16.27 33.73 32.72
C8 NAG GA . -15.69 35.10 32.73
N2 NAG GA . -17.23 33.48 33.61
O3 NAG GA . -19.86 32.98 32.56
O4 NAG GA . -21.50 31.25 34.18
O5 NAG GA . -18.12 30.19 35.06
O6 NAG GA . -19.68 28.39 36.65
O7 NAG GA . -15.89 32.87 31.92
C1 NAG HA . -47.77 0.48 23.47
C2 NAG HA . -48.47 -0.57 22.60
C3 NAG HA . -49.43 0.09 21.60
C4 NAG HA . -50.33 1.14 22.28
C5 NAG HA . -49.53 2.11 23.12
C6 NAG HA . -50.36 3.20 23.84
C7 NAG HA . -47.71 -2.69 21.65
C8 NAG HA . -46.48 -3.54 21.27
N2 NAG HA . -47.49 -1.43 21.95
O3 NAG HA . -50.25 -0.91 20.93
O4 NAG HA . -51.06 1.85 21.25
O5 NAG HA . -48.72 1.36 24.12
O6 NAG HA . -49.43 4.11 24.48
O7 NAG HA . -48.83 -3.18 21.75
C1 NAG IA . -38.49 -23.86 42.44
C2 NAG IA . -39.40 -22.82 43.15
C3 NAG IA . -39.69 -23.27 44.59
C4 NAG IA . -40.25 -24.69 44.59
C5 NAG IA . -39.41 -25.69 43.80
C6 NAG IA . -40.04 -27.09 43.67
C7 NAG IA . -39.50 -20.38 42.76
C8 NAG IA . -38.68 -19.07 42.67
N2 NAG IA . -38.82 -21.46 43.15
O3 NAG IA . -40.63 -22.36 45.26
O4 NAG IA . -40.32 -25.15 45.95
O5 NAG IA . -39.15 -25.15 42.45
O6 NAG IA . -39.18 -27.93 42.90
O7 NAG IA . -40.70 -20.41 42.46
C1 NAG JA . 6.88 39.79 10.61
C2 NAG JA . 8.33 39.37 10.44
C3 NAG JA . 9.15 40.52 9.84
C4 NAG JA . 8.50 40.99 8.55
C5 NAG JA . 7.03 41.34 8.78
C6 NAG JA . 6.30 41.70 7.51
C7 NAG JA . 8.80 37.71 12.19
C8 NAG JA . 9.44 37.46 13.52
N2 NAG JA . 8.90 38.95 11.71
O3 NAG JA . 10.47 40.07 9.59
O4 NAG JA . 9.18 42.15 8.07
O5 NAG JA . 6.36 40.20 9.34
O6 NAG JA . 4.90 41.78 7.72
O7 NAG JA . 8.20 36.83 11.57
C1 NAG KA . -22.30 45.66 -3.25
C2 NAG KA . -22.64 46.05 -1.79
C3 NAG KA . -24.15 46.32 -1.67
C4 NAG KA . -24.64 47.33 -2.72
C5 NAG KA . -24.26 46.94 -4.14
C6 NAG KA . -24.60 48.01 -5.15
C7 NAG KA . -21.93 45.20 0.41
C8 NAG KA . -21.42 44.01 1.21
N2 NAG KA . -22.21 44.99 -0.87
O3 NAG KA . -24.47 46.84 -0.35
O4 NAG KA . -26.09 47.44 -2.61
O5 NAG KA . -22.79 46.70 -4.19
O6 NAG KA . -24.30 47.56 -6.50
O7 NAG KA . -22.04 46.33 0.91
C1 NAG LA . -15.28 47.32 -41.89
C2 NAG LA . -15.84 48.61 -41.25
C3 NAG LA . -17.37 48.57 -41.28
C4 NAG LA . -17.96 48.15 -42.63
C5 NAG LA . -17.33 46.88 -43.14
C6 NAG LA . -17.85 46.41 -44.51
C7 NAG LA . -15.32 49.87 -39.23
C8 NAG LA . -14.79 49.80 -37.79
N2 NAG LA . -15.42 48.70 -39.84
O3 NAG LA . -17.96 49.88 -40.97
O4 NAG LA . -19.37 48.00 -42.43
O5 NAG LA . -15.88 47.10 -43.21
O6 NAG LA . -17.63 47.43 -45.52
O7 NAG LA . -15.64 50.93 -39.78
C1 NAG MA . 30.80 68.93 -77.03
C2 NAG MA . 31.29 69.04 -75.56
C3 NAG MA . 32.77 69.46 -75.58
C4 NAG MA . 33.62 68.49 -76.43
C5 NAG MA . 33.05 68.30 -77.85
C6 NAG MA . 33.81 67.19 -78.61
C7 NAG MA . 29.33 69.65 -74.24
C8 NAG MA . 28.57 70.72 -73.42
N2 NAG MA . 30.48 69.99 -74.79
O3 NAG MA . 33.35 69.55 -74.24
O4 NAG MA . 34.96 69.04 -76.53
O5 NAG MA . 31.62 67.94 -77.75
O6 NAG MA . 33.21 66.99 -79.90
O7 NAG MA . 28.87 68.51 -74.36
C1 NAG NA . -35.94 -30.15 -19.74
C2 NAG NA . -34.48 -30.52 -20.07
C3 NAG NA . -34.42 -31.22 -21.42
C4 NAG NA . -35.31 -32.45 -21.38
C5 NAG NA . -36.76 -32.12 -21.01
C6 NAG NA . -37.55 -33.41 -20.83
C7 NAG NA . -32.91 -28.98 -18.98
C8 NAG NA . -31.90 -27.83 -19.20
N2 NAG NA . -33.58 -29.38 -20.05
O3 NAG NA . -33.09 -31.62 -21.81
O4 NAG NA . -35.27 -33.07 -22.68
O5 NAG NA . -36.77 -31.36 -19.72
O6 NAG NA . -38.91 -33.08 -20.52
O7 NAG NA . -33.13 -29.46 -17.87
C1 NAG OA . 1.42 -53.96 -1.44
C2 NAG OA . 2.58 -54.16 -2.40
C3 NAG OA . 2.70 -55.63 -2.78
C4 NAG OA . 2.79 -56.50 -1.54
C5 NAG OA . 1.64 -56.20 -0.60
C6 NAG OA . 1.74 -56.93 0.72
C7 NAG OA . 3.43 -52.65 -4.14
C8 NAG OA . 3.09 -51.85 -5.36
N2 NAG OA . 2.42 -53.33 -3.59
O3 NAG OA . 3.85 -55.82 -3.60
O4 NAG OA . 2.77 -57.87 -1.90
O5 NAG OA . 1.61 -54.79 -0.29
O6 NAG OA . 2.50 -56.19 1.67
O7 NAG OA . 4.57 -52.69 -3.69
C1 NAG PA . -3.50 -53.42 30.20
C2 NAG PA . -4.84 -54.16 29.96
C3 NAG PA . -4.80 -55.58 30.56
C4 NAG PA . -3.53 -56.33 30.15
C5 NAG PA . -2.24 -55.54 30.49
C6 NAG PA . -0.96 -56.25 30.02
C7 NAG PA . -7.20 -53.40 30.22
C8 NAG PA . -8.14 -52.38 30.88
N2 NAG PA . -5.93 -53.38 30.60
O3 NAG PA . -5.96 -56.38 30.15
O4 NAG PA . -3.50 -57.60 30.83
O5 NAG PA . -2.33 -54.21 29.85
O6 NAG PA . 0.19 -55.48 30.44
O7 NAG PA . -7.60 -54.23 29.41
C1 NAG QA . -30.23 2.00 -27.72
C2 NAG QA . -30.02 3.33 -28.47
C3 NAG QA . -31.39 3.98 -28.75
C4 NAG QA . -32.33 3.03 -29.52
C5 NAG QA . -32.47 1.69 -28.74
C6 NAG QA . -33.36 0.66 -29.46
C7 NAG QA . -27.89 4.37 -27.86
C8 NAG QA . -27.23 5.43 -26.98
N2 NAG QA . -29.21 4.26 -27.70
O3 NAG QA . -31.24 5.20 -29.53
O4 NAG QA . -33.63 3.61 -29.68
O5 NAG QA . -31.12 1.14 -28.53
O6 NAG QA . -33.44 -0.51 -28.63
O7 NAG QA . -27.26 3.65 -28.65
C1 NAG RA . -11.14 -16.86 -47.10
C2 NAG RA . -12.27 -17.84 -46.67
C3 NAG RA . -11.98 -19.26 -47.20
C4 NAG RA . -11.64 -19.24 -48.70
C5 NAG RA . -10.49 -18.31 -49.00
C6 NAG RA . -10.18 -18.27 -50.49
C7 NAG RA . -13.58 -18.10 -44.58
C8 NAG RA . -13.60 -17.89 -43.08
N2 NAG RA . -12.44 -17.83 -45.23
O3 NAG RA . -13.13 -20.13 -47.04
O4 NAG RA . -11.24 -20.58 -49.04
O5 NAG RA . -10.92 -16.96 -48.54
O6 NAG RA . -9.05 -17.41 -50.73
O7 NAG RA . -14.59 -18.51 -45.19
C1 NAG SA . 15.61 7.67 -62.43
C2 NAG SA . 14.76 6.85 -63.46
C3 NAG SA . 15.44 5.49 -63.77
C4 NAG SA . 16.94 5.67 -64.05
C5 NAG SA . 17.68 6.46 -62.97
C6 NAG SA . 19.16 6.72 -63.34
C7 NAG SA . 12.37 6.38 -63.59
C8 NAG SA . 11.05 6.29 -62.81
N2 NAG SA . 13.46 6.55 -62.88
O3 NAG SA . 14.81 4.86 -64.92
O4 NAG SA . 17.51 4.33 -64.12
O5 NAG SA . 16.99 7.75 -62.86
O6 NAG SA . 19.24 7.47 -64.59
O7 NAG SA . 12.39 6.30 -64.82
C1 NAG TA . 12.97 65.27 -84.81
C2 NAG TA . 11.75 65.06 -83.87
C3 NAG TA . 10.95 66.35 -83.85
C4 NAG TA . 11.85 67.49 -83.35
C5 NAG TA . 13.17 67.66 -84.16
C6 NAG TA . 14.14 68.68 -83.57
C7 NAG TA . 11.16 62.68 -84.03
C8 NAG TA . 10.25 61.62 -84.67
N2 NAG TA . 10.93 63.97 -84.33
O3 NAG TA . 9.76 66.28 -83.01
O4 NAG TA . 11.09 68.71 -83.50
O5 NAG TA . 13.84 66.33 -84.23
O6 NAG TA . 15.38 68.74 -84.32
O7 NAG TA . 12.09 62.35 -83.30
C1 NAG UA . 44.66 -23.90 10.27
C2 NAG UA . 45.83 -23.03 9.72
C3 NAG UA . 47.10 -23.20 10.54
C4 NAG UA . 46.82 -23.02 12.02
C5 NAG UA . 45.78 -24.05 12.48
C6 NAG UA . 45.42 -23.99 13.97
C7 NAG UA . 46.47 -22.56 7.40
C8 NAG UA . 46.42 -23.09 5.94
N2 NAG UA . 46.09 -23.42 8.33
O3 NAG UA . 48.07 -22.21 10.13
O4 NAG UA . 48.05 -23.26 12.76
O5 NAG UA . 44.53 -23.74 11.72
O6 NAG UA . 44.46 -25.01 14.31
O7 NAG UA . 46.81 -21.41 7.69
C1 NAG VA . 26.18 3.41 47.14
C2 NAG VA . 26.86 4.77 47.44
C3 NAG VA . 27.26 4.87 48.93
C4 NAG VA . 26.16 4.48 49.88
C5 NAG VA . 25.69 3.06 49.61
C6 NAG VA . 24.54 2.59 50.51
C7 NAG VA . 28.71 6.00 46.33
C8 NAG VA . 29.90 5.95 45.37
N2 NAG VA . 28.06 4.87 46.59
O3 NAG VA . 27.66 6.23 49.26
O4 NAG VA . 26.68 4.58 51.24
O5 NAG VA . 25.27 2.95 48.19
O6 NAG VA . 23.36 3.45 50.36
O7 NAG VA . 28.34 7.05 46.84
C1 NAG WA . 31.83 -14.04 -20.42
C2 NAG WA . 30.98 -14.00 -21.73
C3 NAG WA . 30.80 -15.46 -22.21
C4 NAG WA . 32.17 -16.11 -22.44
C5 NAG WA . 33.06 -16.02 -21.20
C6 NAG WA . 34.48 -16.54 -21.43
C7 NAG WA . 29.44 -12.08 -21.50
C8 NAG WA . 28.00 -11.66 -21.30
N2 NAG WA . 29.67 -13.40 -21.48
O3 NAG WA . 30.05 -15.51 -23.48
O4 NAG WA . 31.97 -17.50 -22.76
O5 NAG WA . 33.13 -14.62 -20.73
O6 NAG WA . 35.23 -16.48 -20.20
O7 NAG WA . 30.34 -11.26 -21.67
C1 NAG XA . 48.65 12.92 -7.04
C2 NAG XA . 49.25 11.81 -6.16
C3 NAG XA . 50.01 12.40 -4.95
C4 NAG XA . 51.01 13.47 -5.40
C5 NAG XA . 50.31 14.54 -6.24
C6 NAG XA . 51.25 15.65 -6.76
C7 NAG XA . 48.40 9.63 -5.38
C8 NAG XA . 47.13 8.83 -5.05
N2 NAG XA . 48.21 10.89 -5.73
O3 NAG XA . 50.78 11.36 -4.28
O4 NAG XA . 51.57 14.11 -4.22
O5 NAG XA . 49.65 13.90 -7.41
O6 NAG XA . 50.46 16.68 -7.38
O7 NAG XA . 49.53 9.16 -5.29
C1 NAG YA . 37.73 44.71 -28.47
C2 NAG YA . 39.17 44.65 -27.93
C3 NAG YA . 39.23 45.39 -26.59
C4 NAG YA . 38.68 46.79 -26.68
C5 NAG YA . 37.28 46.82 -27.26
C6 NAG YA . 36.69 48.21 -27.43
C7 NAG YA . 40.27 42.63 -28.72
C8 NAG YA . 40.53 41.15 -28.47
N2 NAG YA . 39.64 43.28 -27.74
O3 NAG YA . 40.61 45.43 -26.11
O4 NAG YA . 38.69 47.38 -25.37
O5 NAG YA . 37.25 46.09 -28.55
O6 NAG YA . 37.55 48.98 -28.28
O7 NAG YA . 40.64 43.18 -29.75
C1 NAG ZA . 28.20 53.41 -89.52
C2 NAG ZA . 28.43 51.89 -89.29
C3 NAG ZA . 28.27 51.20 -90.64
C4 NAG ZA . 26.87 51.44 -91.24
C5 NAG ZA . 26.55 52.95 -91.32
C6 NAG ZA . 25.10 53.27 -91.73
C7 NAG ZA . 30.01 51.68 -87.42
C8 NAG ZA . 31.47 51.44 -87.02
N2 NAG ZA . 29.77 51.68 -88.73
O3 NAG ZA . 28.57 49.77 -90.56
O4 NAG ZA . 26.88 50.88 -92.57
O5 NAG ZA . 26.84 53.63 -90.02
O6 NAG ZA . 24.95 54.69 -91.84
O7 NAG ZA . 29.13 51.87 -86.59
#